data_9CTO
#
_entry.id   9CTO
#
_cell.length_a   1.00
_cell.length_b   1.00
_cell.length_c   1.00
_cell.angle_alpha   90.00
_cell.angle_beta   90.00
_cell.angle_gamma   90.00
#
_symmetry.space_group_name_H-M   'P 1'
#
loop_
_entity.id
_entity.type
_entity.pdbx_description
1 polymer 'Polyketide synthase 2'
2 non-polymer 'NADPH DIHYDRO-NICOTINAMIDE-ADENINE-DINUCLEOTIDE PHOSPHATE'
3 non-polymer '~{S}-[2-[3-[[(2~{R})-3,3-dimethyl-2-oxidanyl-4-phosphonooxy-butanoyl]amino]propanoylamino]ethyl] ethanethioate'
#
_entity_poly.entity_id   1
_entity_poly.type   'polypeptide(L)'
_entity_poly.pdbx_seq_one_letter_code
;MAPQEQASSSQQDDAPPKTPNVVEPYKGEVAICGLSGRYPESANVGELEYNLFNKIDMVTIDNRRWEPGYLGTPERMGKV
KTITDFDAEFFGVHTKGAQTMDPMLRNLLEVVYEAIVDAGESLESMKGTRTGVYIGVSNNEVDTAYMKNWTDDDAYMVQG
CHHSMYPNWISFFFDFSGPSTAYNTA(SCY)STSLVCLDAAERHLRMGVIDNAIVGGSNFIYRPATTKLFMGMNFLGSST
CKAFDESGDGFVRGEVASAILLKKADTAKRVYCTLVGSMLNNDGNQTNGILYPNSEAQEQLMTDIYSTHKIDANEVKYFE
CHGTGTQAGDPNETRAICNAVCKGKKDPLLIGSIKSNLGHGETASGINGISKVIITMHSRQIPPNLHFKNPNPKIPGLFD
GRLKVVTETTPFDGGLIAINSFGMGGTNAHAIFRSFDKRAEPHPASDKPRLFTYCARTEEGLQKIFEEAHKHASNVEFHA
LCQESANTKPKSLPYRGATILNAEGEYTEIQKCPSKAREVWFVYSGMGSQWVGMGRSLMALDVFRQSIEETAAILSPFGV
DLMSLLMDGTEDKLKEIMPPFICINAIQLALTDLLNSMGIVPDGLVGHSLGEVGCAYADGCLTRREAILSAFWRAKAVID
CEVKPGKMAAVELTWEEAKRLCPPGVVAACHNSQDSVTISGGAQEMTKFMAELSAQGVTVKEVNSNNISYHSSFMTEPAA
YLKKGLEKEIVPKPRSKKWISTSIPEERWGNPEAQTADASYQANNLLSSVLFYEGLQKIPSNAIAIEIAPAGLLQSVIKK
SLGQDCTIVALQKRKSPNNLEVFFSALGKCYSHGVPMNPLGLYPAVQFPVSIDTPMLSSMVSEAWDHSAKWRVPLVEEFE
YGSGSSSDNVIDIDLSEDSPENYLLEHAVDGRMLFPATGTLVLAWKTLAKLKGVEFEQLGVQMTNVQIHQALFLNPGGKT
TVSVSVMPITGEFQVRDGESLISSGVITSSEGRLLETDQHMKKGSVLDGKPDKELLFTKEIYREFLLRGYEYGAAFQGIQ
RASLDATDTDIRWDGRWISYLDTVLQMYLLSKPGTHQALPTLLESVTIDPRVHPAQPPEGTTEFQVLPGKWDPVLQIAAA
GGVEIRSCHSIRASRRLNHDPPILEDFAFAPYVDPRPSDRSAAAVTPALRDYADACFEFSRQGMKRWLENDKNNVLPNKE
EIKEALAMANKHASTPQAASNFASAKATLEALVNNKNGHRLPNHGLFEMLDIAFSEPLEGDYWDRLRMKLHDVRTYLWDD
PIIAALESPDIVKLVMETVSDNVNQQVMEILEVGAARGPYYRQAIPKALEYFSIKDWQYTVADQGFVEDAAEFPVKMMQF
DPLDPANFPAELTESCDLLVLKWNLQMQVDLDAAITEFSKMIKPGGFLLVLENGTRLSTFFPIKAIVSASLGGKGGPEGD
RAMGCFYTDAQWSALFARHGFEQIMHIPDGIAVSMFLLRKPFEPSVAPIIINVDDLECSWLEEVQARCAELQDSHKDSRL
WLVANTELSGVLGFLRSLVWEFGSEKLRCIQIDDATAGPNPPKISADSADFKELVRKDLAYNVFKNGKWGTYRGFVISDA
DRQKERPSEYVYADWLSAGDMSSLRWFDSPLKTGHNNGMLGSKMAHKLETETCSVYYAGLNLRDIILANGTIQRDILPEE
TFFKEGVLGVEFSGRNSSGKRVMGLCPPPALATTVKCPVSSLWSVPDQWTLEEAATVPLAYATAYYCLVSEGGVQKGATV
FIHAGASVVGQASIAVALSYNCEIFTLTKNSDETALLKSMYPQLNDRNFCSSEDCSFEKYIRKETKGSGVDVVINTLRGK
FLKASRRLLSKKGKFVDIGFKVDSNTQIAYYTREHPDLRFQLDALLESQGPEWTRLFDLVQAGIHSGVVKPLKRAVYSMD
KIVDAFKTVEAEREAGKIVIKIRDEERQKVCPTPRTSFPAIHRTCFHPDKSHILVGGMGGMGLETAHWMVLRGAKKLILT
SRYGITTGYQARKIAFFKQLGVEVEVLALSVNTRKAADKVFEHALKMGPVGGIFNMAMVLYNDDFLKMNREQFLKPLESK
ITMTMLLDDKSREKPVRDTLDHFVMFSSLIVSGGHLGQANYAFGSTVLEKICERRKRDGLPVTTPQWASIADVGTVALMG
TGNETIICRKYPQRFFNVLSVFDFMMSSDNVVTISYVLVEKSMGVAAGEESMVDQVLRAVGKVLGIKDVSSVDGDKEFID
MGVDSLMSVEIKQALERDAGLVISTKDTQLMTFNTLRSMVKGSHVHHHHHH
;
_entity_poly.pdbx_strand_id   A,B
#
loop_
_chem_comp.id
_chem_comp.type
_chem_comp.name
_chem_comp.formula
6VG non-polymer '~{S}-[2-[3-[[(2~{R})-3,3-dimethyl-2-oxidanyl-4-phosphonooxy-butanoyl]amino]propanoylamino]ethyl] ethanethioate' 'C13 H25 N2 O8 P S'
NDP non-polymer 'NADPH DIHYDRO-NICOTINAMIDE-ADENINE-DINUCLEOTIDE PHOSPHATE' 'C21 H30 N7 O17 P3'
#
# COMPACT_ATOMS: atom_id res chain seq x y z
N PRO A 16 -62.73 2.46 16.54
CA PRO A 16 -61.83 2.33 15.39
C PRO A 16 -61.58 3.65 14.66
N PRO A 17 -62.62 4.47 14.45
CA PRO A 17 -62.40 5.78 13.82
C PRO A 17 -61.43 6.62 14.62
N LYS A 18 -60.60 7.39 13.91
CA LYS A 18 -59.59 8.24 14.52
C LYS A 18 -60.06 9.69 14.52
N THR A 19 -59.93 10.35 15.66
CA THR A 19 -60.34 11.74 15.77
C THR A 19 -59.32 12.63 15.05
N PRO A 20 -59.74 13.42 14.05
CA PRO A 20 -58.78 14.28 13.36
C PRO A 20 -58.13 15.27 14.32
N ASN A 21 -56.84 15.52 14.10
CA ASN A 21 -56.12 16.54 14.87
C ASN A 21 -56.49 17.92 14.37
N VAL A 22 -56.60 18.87 15.29
CA VAL A 22 -56.99 20.24 14.96
C VAL A 22 -55.73 20.99 14.54
N VAL A 23 -55.54 21.15 13.24
CA VAL A 23 -54.40 21.87 12.68
C VAL A 23 -54.89 23.29 12.38
N GLU A 24 -54.53 24.23 13.26
CA GLU A 24 -54.93 25.62 13.11
C GLU A 24 -53.72 26.52 13.28
N PRO A 25 -53.72 27.71 12.65
CA PRO A 25 -52.59 28.61 12.81
C PRO A 25 -52.39 29.01 14.26
N TYR A 26 -51.12 29.17 14.65
CA TYR A 26 -50.74 29.62 15.98
C TYR A 26 -50.24 31.05 15.90
N LYS A 27 -50.79 31.92 16.75
CA LYS A 27 -50.46 33.33 16.75
C LYS A 27 -49.73 33.77 18.01
N GLY A 28 -49.38 32.83 18.89
CA GLY A 28 -48.70 33.14 20.12
C GLY A 28 -47.19 33.23 19.95
N GLU A 29 -46.49 33.22 21.08
CA GLU A 29 -45.04 33.33 21.10
C GLU A 29 -44.40 31.95 21.14
N VAL A 30 -43.19 31.88 20.58
CA VAL A 30 -42.38 30.67 20.58
C VAL A 30 -41.13 30.93 21.41
N ALA A 31 -40.90 30.08 22.40
CA ALA A 31 -39.82 30.27 23.37
C ALA A 31 -38.86 29.10 23.34
N ILE A 32 -37.57 29.41 23.43
CA ILE A 32 -36.53 28.38 23.58
C ILE A 32 -36.42 28.05 25.06
N CYS A 33 -36.65 26.78 25.39
CA CYS A 33 -36.74 26.35 26.78
C CYS A 33 -35.51 25.59 27.26
N GLY A 34 -34.96 24.71 26.43
CA GLY A 34 -33.84 23.88 26.81
C GLY A 34 -32.65 24.06 25.89
N LEU A 35 -31.45 23.90 26.46
CA LEU A 35 -30.22 23.99 25.69
C LEU A 35 -29.21 23.02 26.29
N SER A 36 -28.52 22.29 25.43
CA SER A 36 -27.46 21.39 25.84
C SER A 36 -26.58 21.09 24.64
N GLY A 37 -25.37 20.63 24.90
CA GLY A 37 -24.45 20.29 23.83
C GLY A 37 -23.02 20.10 24.26
N ARG A 38 -22.23 19.48 23.39
CA ARG A 38 -20.80 19.31 23.60
C ARG A 38 -20.06 20.28 22.68
N TYR A 39 -19.17 21.07 23.26
CA TYR A 39 -18.42 22.09 22.54
C TYR A 39 -16.92 21.88 22.77
N PRO A 40 -16.08 22.41 21.90
CA PRO A 40 -14.63 22.17 22.03
C PRO A 40 -14.14 22.53 23.43
N GLU A 41 -13.42 21.59 24.05
CA GLU A 41 -12.92 21.78 25.41
C GLU A 41 -14.05 22.13 26.37
N SER A 42 -15.20 21.50 26.17
CA SER A 42 -16.37 21.74 27.01
C SER A 42 -17.31 20.56 26.90
N ALA A 43 -17.53 19.85 28.01
CA ALA A 43 -18.42 18.71 28.04
C ALA A 43 -19.86 19.08 28.33
N ASN A 44 -20.14 20.35 28.62
CA ASN A 44 -21.49 20.79 28.93
C ASN A 44 -21.58 22.29 28.70
N VAL A 45 -22.79 22.84 28.85
CA VAL A 45 -23.00 24.26 28.62
C VAL A 45 -22.26 25.09 29.67
N GLY A 46 -22.19 24.59 30.90
CA GLY A 46 -21.49 25.32 31.94
C GLY A 46 -20.02 25.53 31.64
N GLU A 47 -19.36 24.49 31.14
CA GLU A 47 -17.95 24.61 30.77
C GLU A 47 -17.77 25.60 29.63
N LEU A 48 -18.67 25.56 28.64
CA LEU A 48 -18.60 26.52 27.55
C LEU A 48 -18.75 27.94 28.05
N GLU A 49 -19.71 28.17 28.97
CA GLU A 49 -19.90 29.50 29.52
C GLU A 49 -18.67 29.96 30.29
N TYR A 50 -18.09 29.07 31.10
CA TYR A 50 -16.89 29.43 31.85
C TYR A 50 -15.74 29.79 30.92
N ASN A 51 -15.54 28.99 29.86
CA ASN A 51 -14.47 29.28 28.90
C ASN A 51 -14.72 30.60 28.20
N LEU A 52 -15.96 30.86 27.78
CA LEU A 52 -16.27 32.09 27.07
C LEU A 52 -16.04 33.31 27.95
N PHE A 53 -16.46 33.24 29.21
CA PHE A 53 -16.36 34.39 30.10
C PHE A 53 -14.98 34.55 30.73
N ASN A 54 -14.09 33.59 30.55
CA ASN A 54 -12.73 33.66 31.06
C ASN A 54 -11.69 33.85 29.98
N LYS A 55 -12.10 34.15 28.75
CA LYS A 55 -11.19 34.37 27.63
C LYS A 55 -10.22 33.20 27.46
N ILE A 56 -10.78 31.99 27.50
CA ILE A 56 -10.01 30.76 27.34
C ILE A 56 -10.22 30.24 25.92
N ASP A 57 -9.13 30.03 25.20
CA ASP A 57 -9.20 29.53 23.83
C ASP A 57 -9.55 28.04 23.85
N MET A 58 -10.63 27.68 23.16
CA MET A 58 -11.12 26.31 23.13
C MET A 58 -10.55 25.50 21.96
N VAL A 59 -9.72 26.10 21.13
CA VAL A 59 -9.03 25.39 20.05
C VAL A 59 -7.62 25.08 20.52
N THR A 60 -7.24 23.80 20.46
CA THR A 60 -5.99 23.33 21.02
C THR A 60 -5.26 22.49 19.98
N ILE A 61 -4.00 22.19 20.29
CA ILE A 61 -3.13 21.38 19.45
C ILE A 61 -2.81 20.09 20.19
N ASP A 62 -3.25 18.97 19.62
CA ASP A 62 -3.03 17.65 20.21
C ASP A 62 -3.36 16.61 19.14
N ASN A 63 -3.38 15.35 19.55
CA ASN A 63 -3.58 14.21 18.63
C ASN A 63 -4.86 13.45 18.97
N ARG A 64 -5.91 14.17 19.37
CA ARG A 64 -7.18 13.50 19.66
C ARG A 64 -7.74 12.85 18.40
N ARG A 65 -7.68 13.55 17.27
CA ARG A 65 -8.15 13.01 15.99
C ARG A 65 -7.00 12.52 15.12
N TRP A 66 -5.97 13.33 14.93
CA TRP A 66 -4.78 12.93 14.19
C TRP A 66 -3.61 13.79 14.65
N GLU A 67 -2.41 13.37 14.27
CA GLU A 67 -1.22 14.04 14.73
C GLU A 67 -1.23 15.51 14.31
N PRO A 68 -0.68 16.42 15.14
CA PRO A 68 -0.71 17.84 14.79
C PRO A 68 0.20 18.16 13.61
N GLY A 69 -0.26 17.84 12.40
CA GLY A 69 0.52 18.07 11.21
C GLY A 69 0.43 16.92 10.21
N TYR A 70 -0.36 15.90 10.55
CA TYR A 70 -0.53 14.77 9.66
C TYR A 70 -1.07 15.23 8.32
N LEU A 71 -0.43 14.78 7.24
CA LEU A 71 -0.79 15.16 5.88
C LEU A 71 -0.70 16.67 5.66
N GLY A 72 -0.01 17.39 6.54
CA GLY A 72 0.14 18.82 6.41
C GLY A 72 -1.05 19.64 6.86
N THR A 73 -2.04 19.02 7.51
CA THR A 73 -3.20 19.74 7.97
C THR A 73 -2.84 20.71 9.10
N PRO A 74 -3.63 21.75 9.31
CA PRO A 74 -3.33 22.68 10.40
C PRO A 74 -3.29 21.98 11.75
N GLU A 75 -2.35 22.41 12.59
CA GLU A 75 -2.14 21.74 13.87
C GLU A 75 -3.31 21.97 14.82
N ARG A 76 -3.75 23.23 14.96
CA ARG A 76 -4.79 23.55 15.92
C ARG A 76 -6.17 23.23 15.36
N MET A 77 -7.08 22.85 16.25
CA MET A 77 -8.43 22.47 15.86
C MET A 77 -9.32 22.56 17.09
N GLY A 78 -10.63 22.65 16.84
CA GLY A 78 -11.61 22.61 17.90
C GLY A 78 -12.24 21.24 18.05
N LYS A 79 -11.87 20.52 19.11
CA LYS A 79 -12.28 19.14 19.31
C LYS A 79 -12.99 18.99 20.65
N VAL A 80 -14.06 18.20 20.67
CA VAL A 80 -14.79 17.91 21.90
C VAL A 80 -13.96 16.97 22.76
N LYS A 81 -14.32 16.83 24.03
CA LYS A 81 -13.51 16.05 24.95
C LYS A 81 -13.47 14.58 24.56
N THR A 82 -14.64 13.97 24.37
CA THR A 82 -14.71 12.54 24.06
C THR A 82 -15.89 12.28 23.14
N ILE A 83 -15.72 11.32 22.23
CA ILE A 83 -16.78 10.93 21.31
C ILE A 83 -16.94 9.41 21.32
N THR A 84 -16.50 8.76 22.40
CA THR A 84 -16.49 7.30 22.47
C THR A 84 -17.43 6.75 23.54
N ASP A 85 -18.25 7.60 24.16
CA ASP A 85 -19.14 7.18 25.24
C ASP A 85 -20.59 7.35 24.81
N PHE A 86 -21.43 6.40 25.23
CA PHE A 86 -22.85 6.44 24.92
C PHE A 86 -23.59 5.49 25.84
N ASP A 87 -24.62 6.00 26.52
CA ASP A 87 -25.45 5.18 27.42
C ASP A 87 -26.47 4.44 26.58
N ALA A 88 -26.01 3.35 25.96
CA ALA A 88 -26.85 2.64 24.99
C ALA A 88 -28.08 2.04 25.65
N GLU A 89 -27.89 1.34 26.77
CA GLU A 89 -29.01 0.67 27.42
C GLU A 89 -30.11 1.65 27.80
N PHE A 90 -29.76 2.91 28.06
CA PHE A 90 -30.78 3.91 28.37
C PHE A 90 -31.72 4.12 27.19
N PHE A 91 -31.17 4.16 25.98
CA PHE A 91 -31.95 4.42 24.77
C PHE A 91 -32.44 3.14 24.11
N GLY A 92 -32.23 1.99 24.74
CA GLY A 92 -32.67 0.73 24.18
C GLY A 92 -31.97 0.34 22.89
N VAL A 93 -30.67 0.59 22.80
CA VAL A 93 -29.86 0.23 21.64
C VAL A 93 -28.92 -0.89 22.06
N HIS A 94 -29.04 -2.04 21.40
CA HIS A 94 -28.19 -3.17 21.74
C HIS A 94 -26.76 -2.90 21.28
N THR A 95 -25.83 -3.69 21.83
CA THR A 95 -24.41 -3.44 21.58
C THR A 95 -24.10 -3.48 20.08
N LYS A 96 -24.72 -4.40 19.35
CA LYS A 96 -24.46 -4.48 17.90
C LYS A 96 -24.88 -3.20 17.20
N GLY A 97 -26.07 -2.69 17.53
CA GLY A 97 -26.51 -1.44 16.91
C GLY A 97 -25.68 -0.26 17.33
N ALA A 98 -25.33 -0.19 18.62
CA ALA A 98 -24.54 0.94 19.12
C ALA A 98 -23.17 0.98 18.48
N GLN A 99 -22.54 -0.19 18.29
CA GLN A 99 -21.22 -0.22 17.67
C GLN A 99 -21.26 0.33 16.25
N THR A 100 -22.27 -0.06 15.48
CA THR A 100 -22.48 0.49 14.13
C THR A 100 -23.37 1.72 14.18
N MET A 101 -23.00 2.67 15.04
CA MET A 101 -23.76 3.90 15.25
C MET A 101 -22.81 5.08 15.21
N ASP A 102 -23.20 6.12 14.49
CA ASP A 102 -22.34 7.29 14.37
C ASP A 102 -22.16 7.95 15.74
N PRO A 103 -20.94 8.29 16.13
CA PRO A 103 -20.78 9.03 17.41
C PRO A 103 -21.56 10.33 17.44
N MET A 104 -21.69 11.00 16.28
CA MET A 104 -22.49 12.21 16.24
C MET A 104 -23.93 11.95 16.69
N LEU A 105 -24.54 10.86 16.20
CA LEU A 105 -25.92 10.58 16.57
C LEU A 105 -26.05 10.24 18.05
N ARG A 106 -25.09 9.49 18.60
CA ARG A 106 -25.13 9.16 20.01
C ARG A 106 -25.03 10.41 20.88
N ASN A 107 -24.06 11.27 20.57
CA ASN A 107 -23.91 12.51 21.31
C ASN A 107 -25.16 13.38 21.15
N LEU A 108 -25.75 13.39 19.96
CA LEU A 108 -26.96 14.18 19.73
C LEU A 108 -28.12 13.66 20.55
N LEU A 109 -28.25 12.33 20.67
CA LEU A 109 -29.31 11.76 21.50
C LEU A 109 -29.12 12.16 22.96
N GLU A 110 -27.89 12.03 23.46
CA GLU A 110 -27.63 12.41 24.85
C GLU A 110 -27.91 13.90 25.06
N VAL A 111 -27.49 14.74 24.13
CA VAL A 111 -27.69 16.18 24.26
C VAL A 111 -29.17 16.53 24.17
N VAL A 112 -29.92 15.81 23.33
CA VAL A 112 -31.36 16.06 23.22
C VAL A 112 -32.05 15.71 24.55
N TYR A 113 -31.68 14.59 25.16
CA TYR A 113 -32.25 14.25 26.45
C TYR A 113 -31.89 15.31 27.50
N GLU A 114 -30.63 15.76 27.49
CA GLU A 114 -30.21 16.78 28.46
C GLU A 114 -30.98 18.07 28.26
N ALA A 115 -31.19 18.48 27.00
CA ALA A 115 -31.95 19.69 26.73
C ALA A 115 -33.40 19.54 27.16
N ILE A 116 -33.99 18.37 26.92
CA ILE A 116 -35.37 18.12 27.34
C ILE A 116 -35.48 18.25 28.85
N VAL A 117 -34.51 17.69 29.58
CA VAL A 117 -34.54 17.80 31.03
C VAL A 117 -34.33 19.25 31.46
N ASP A 118 -33.50 19.99 30.72
CA ASP A 118 -33.19 21.37 31.10
C ASP A 118 -34.44 22.24 31.05
N ALA A 119 -35.31 22.02 30.06
CA ALA A 119 -36.53 22.81 29.90
C ALA A 119 -37.60 22.45 30.90
N GLY A 120 -37.31 21.66 31.93
CA GLY A 120 -38.33 21.28 32.89
C GLY A 120 -39.22 20.13 32.47
N GLU A 121 -38.93 19.50 31.34
CA GLU A 121 -39.72 18.37 30.85
C GLU A 121 -39.06 17.05 31.27
N SER A 122 -39.76 15.96 30.98
CA SER A 122 -39.30 14.62 31.35
C SER A 122 -39.70 13.64 30.26
N LEU A 123 -39.26 12.39 30.42
CA LEU A 123 -39.58 11.36 29.43
C LEU A 123 -41.09 11.13 29.35
N GLU A 124 -41.76 11.06 30.49
CA GLU A 124 -43.20 10.82 30.50
C GLU A 124 -43.98 12.02 29.99
N SER A 125 -43.52 13.24 30.28
CA SER A 125 -44.23 14.42 29.84
C SER A 125 -44.06 14.67 28.35
N MET A 126 -42.88 14.36 27.79
CA MET A 126 -42.62 14.60 26.38
C MET A 126 -43.08 13.46 25.48
N LYS A 127 -43.53 12.34 26.04
CA LYS A 127 -43.95 11.20 25.25
C LYS A 127 -45.35 11.44 24.69
N GLY A 128 -45.53 11.14 23.40
CA GLY A 128 -46.82 11.27 22.76
C GLY A 128 -47.17 12.67 22.32
N THR A 129 -46.31 13.66 22.54
CA THR A 129 -46.59 15.02 22.14
C THR A 129 -46.35 15.21 20.65
N ARG A 130 -46.96 16.26 20.10
CA ARG A 130 -46.79 16.62 18.69
C ARG A 130 -45.52 17.47 18.54
N THR A 131 -44.38 16.80 18.66
CA THR A 131 -43.08 17.43 18.58
C THR A 131 -42.37 17.00 17.30
N GLY A 132 -41.71 17.94 16.64
CA GLY A 132 -40.99 17.69 15.41
C GLY A 132 -39.49 17.83 15.63
N VAL A 133 -38.73 16.99 14.94
CA VAL A 133 -37.27 16.99 15.01
C VAL A 133 -36.73 17.52 13.68
N TYR A 134 -35.76 18.41 13.76
CA TYR A 134 -35.24 19.15 12.60
C TYR A 134 -33.72 19.12 12.60
N ILE A 135 -33.15 17.91 12.70
CA ILE A 135 -31.71 17.80 12.89
C ILE A 135 -30.97 18.35 11.68
N GLY A 136 -29.78 18.89 11.93
CA GLY A 136 -28.91 19.35 10.86
C GLY A 136 -27.58 18.63 10.88
N VAL A 137 -27.33 17.82 9.86
CA VAL A 137 -26.13 16.99 9.80
C VAL A 137 -25.71 16.83 8.34
N SER A 138 -24.41 16.92 8.10
CA SER A 138 -23.86 16.76 6.75
C SER A 138 -22.64 15.86 6.68
N ASN A 139 -21.96 15.58 7.79
CA ASN A 139 -20.71 14.83 7.76
C ASN A 139 -21.02 13.35 7.64
N ASN A 140 -20.61 12.74 6.53
CA ASN A 140 -20.84 11.32 6.25
C ASN A 140 -19.54 10.57 6.03
N GLU A 141 -18.50 10.93 6.79
CA GLU A 141 -17.23 10.21 6.69
C GLU A 141 -17.24 8.88 7.41
N VAL A 142 -18.19 8.67 8.34
CA VAL A 142 -18.27 7.40 9.05
C VAL A 142 -18.60 6.26 8.09
N ASP A 143 -19.41 6.54 7.07
CA ASP A 143 -19.74 5.52 6.08
C ASP A 143 -18.48 4.94 5.46
N THR A 144 -17.58 5.80 5.00
CA THR A 144 -16.33 5.33 4.39
C THR A 144 -15.48 4.57 5.40
N ALA A 145 -15.39 5.08 6.62
CA ALA A 145 -14.57 4.42 7.63
C ALA A 145 -15.06 3.00 7.92
N TYR A 146 -16.37 2.84 8.07
CA TYR A 146 -16.94 1.55 8.42
C TYR A 146 -17.07 0.62 7.21
N MET A 147 -17.06 1.16 6.00
CA MET A 147 -17.19 0.35 4.79
C MET A 147 -15.87 -0.06 4.18
N LYS A 148 -14.74 0.43 4.69
CA LYS A 148 -13.46 0.06 4.12
C LYS A 148 -13.23 -1.45 4.29
N ASN A 149 -13.56 -1.99 5.46
CA ASN A 149 -13.39 -3.41 5.74
C ASN A 149 -14.75 -4.02 6.09
N TRP A 150 -15.77 -3.69 5.31
CA TRP A 150 -17.12 -4.13 5.62
C TRP A 150 -17.20 -5.65 5.73
N THR A 151 -17.91 -6.13 6.75
CA THR A 151 -18.19 -7.53 6.93
C THR A 151 -19.63 -7.68 7.40
N ASP A 152 -20.09 -8.93 7.52
CA ASP A 152 -21.42 -9.17 8.01
C ASP A 152 -21.58 -8.61 9.42
N ASP A 153 -22.84 -8.50 9.86
CA ASP A 153 -23.26 -7.92 11.12
C ASP A 153 -23.18 -6.40 11.10
N ASP A 154 -22.69 -5.79 10.01
CA ASP A 154 -22.65 -4.35 9.87
C ASP A 154 -23.87 -3.79 9.15
N ALA A 155 -24.87 -4.64 8.87
CA ALA A 155 -26.06 -4.17 8.17
C ALA A 155 -26.77 -3.07 8.95
N TYR A 156 -26.82 -3.21 10.28
CA TYR A 156 -27.52 -2.26 11.13
C TYR A 156 -27.10 -0.83 10.88
N MET A 157 -26.00 -0.64 10.14
CA MET A 157 -25.56 0.71 9.78
C MET A 157 -26.68 1.51 9.13
N VAL A 158 -27.57 0.84 8.38
CA VAL A 158 -28.66 1.57 7.73
C VAL A 158 -29.44 2.38 8.77
N GLN A 159 -29.70 1.78 9.92
CA GLN A 159 -30.45 2.42 11.00
C GLN A 159 -29.54 3.11 12.01
N GLY A 160 -28.23 3.12 11.79
CA GLY A 160 -27.31 3.70 12.75
C GLY A 160 -26.44 4.79 12.17
N CYS A 161 -26.22 4.76 10.85
CA CYS A 161 -25.33 5.71 10.19
C CYS A 161 -26.02 6.64 9.20
N HIS A 162 -27.17 6.25 8.66
CA HIS A 162 -27.85 7.11 7.70
C HIS A 162 -28.26 8.43 8.35
N HIS A 163 -28.11 9.52 7.60
CA HIS A 163 -28.40 10.84 8.13
C HIS A 163 -29.88 11.08 8.35
N SER A 164 -30.75 10.33 7.66
CA SER A 164 -32.19 10.47 7.89
C SER A 164 -32.60 9.86 9.23
N MET A 165 -31.79 8.96 9.79
CA MET A 165 -32.11 8.33 11.06
C MET A 165 -31.74 9.19 12.25
N TYR A 166 -30.95 10.26 12.05
CA TYR A 166 -30.61 11.13 13.17
C TYR A 166 -31.85 11.72 13.83
N PRO A 167 -32.78 12.34 13.10
CA PRO A 167 -34.02 12.80 13.76
C PRO A 167 -34.96 11.67 14.11
N ASN A 168 -35.12 10.69 13.21
CA ASN A 168 -36.08 9.62 13.43
C ASN A 168 -35.80 8.91 14.75
N TRP A 169 -34.54 8.56 15.00
CA TRP A 169 -34.18 7.94 16.27
C TRP A 169 -34.67 8.78 17.44
N ILE A 170 -34.42 10.09 17.39
CA ILE A 170 -34.90 10.98 18.44
C ILE A 170 -36.42 10.89 18.55
N SER A 171 -37.11 10.87 17.40
CA SER A 171 -38.55 10.71 17.42
C SER A 171 -38.95 9.32 17.92
N PHE A 172 -38.13 8.31 17.64
CA PHE A 172 -38.49 6.94 18.03
C PHE A 172 -38.34 6.74 19.53
N PHE A 173 -37.24 7.23 20.12
CA PHE A 173 -37.01 7.01 21.55
C PHE A 173 -38.00 7.80 22.39
N PHE A 174 -38.19 9.08 22.07
CA PHE A 174 -39.07 9.95 22.84
C PHE A 174 -40.53 9.86 22.41
N ASP A 175 -40.84 9.04 21.39
CA ASP A 175 -42.22 8.82 20.96
C ASP A 175 -42.85 10.09 20.40
N PHE A 176 -42.05 10.93 19.74
CA PHE A 176 -42.60 12.11 19.08
C PHE A 176 -43.39 11.70 17.84
N SER A 177 -44.44 12.46 17.55
CA SER A 177 -45.33 12.21 16.42
C SER A 177 -45.43 13.44 15.53
N GLY A 178 -44.28 14.04 15.23
CA GLY A 178 -44.23 15.20 14.38
C GLY A 178 -43.23 15.03 13.26
N PRO A 179 -43.20 15.99 12.33
CA PRO A 179 -42.27 15.90 11.20
C PRO A 179 -40.82 15.78 11.67
N SER A 180 -40.20 14.64 11.34
CA SER A 180 -38.80 14.39 11.64
C SER A 180 -38.01 14.50 10.34
N THR A 181 -37.01 15.38 10.32
CA THR A 181 -36.28 15.68 9.09
C THR A 181 -34.83 16.00 9.41
N ALA A 182 -33.98 15.76 8.42
CA ALA A 182 -32.56 16.10 8.46
C ALA A 182 -32.25 17.07 7.33
N TYR A 183 -31.57 18.16 7.66
CA TYR A 183 -31.31 19.23 6.71
C TYR A 183 -29.82 19.32 6.40
N ASN A 184 -29.51 19.79 5.20
CA ASN A 184 -28.14 20.10 4.82
C ASN A 184 -28.16 21.33 3.93
N THR A 185 -27.95 22.50 4.54
CA THR A 185 -27.76 23.74 3.81
C THR A 185 -26.35 24.29 3.96
N ALA A 186 -25.48 23.59 4.68
CA ALA A 186 -24.08 23.99 4.86
C ALA A 186 -23.96 25.32 5.57
N SCY A 187 -23.35 25.29 6.76
CA SCY A 187 -23.06 26.48 7.54
CB SCY A 187 -22.23 27.47 6.71
SG SCY A 187 -20.46 27.12 6.92
CD SCY A 187 -19.97 25.66 5.96
OCD SCY A 187 -19.31 25.79 4.99
CE SCY A 187 -20.42 24.27 6.41
C SCY A 187 -24.33 27.18 8.05
O SCY A 187 -24.37 27.59 9.25
H SCY A 187 -23.09 24.59 7.17
HA SCY A 187 -22.53 26.22 8.31
HB2 SCY A 187 -22.41 28.37 7.01
HB3 SCY A 187 -22.45 27.39 5.78
HE1 SCY A 187 -19.64 23.72 6.57
HE2 SCY A 187 -20.96 23.86 5.72
HE3 SCY A 187 -20.93 24.34 7.23
N SER A 188 -25.33 27.35 7.20
CA SER A 188 -26.59 27.97 7.61
C SER A 188 -27.65 26.92 7.94
N THR A 189 -27.22 25.67 8.07
CA THR A 189 -28.18 24.58 8.22
C THR A 189 -28.96 24.68 9.52
N SER A 190 -28.30 25.03 10.63
CA SER A 190 -29.00 25.06 11.91
C SER A 190 -30.10 26.12 11.95
N LEU A 191 -29.82 27.33 11.44
CA LEU A 191 -30.87 28.34 11.37
C LEU A 191 -31.94 27.96 10.36
N VAL A 192 -31.58 27.19 9.33
CA VAL A 192 -32.59 26.67 8.41
C VAL A 192 -33.53 25.73 9.14
N CYS A 193 -32.98 24.86 9.99
CA CYS A 193 -33.82 23.98 10.80
C CYS A 193 -34.69 24.78 11.76
N LEU A 194 -34.14 25.84 12.34
CA LEU A 194 -34.93 26.72 13.20
C LEU A 194 -36.09 27.34 12.42
N ASP A 195 -35.82 27.79 11.19
CA ASP A 195 -36.88 28.35 10.36
C ASP A 195 -37.95 27.32 10.05
N ALA A 196 -37.54 26.09 9.73
CA ALA A 196 -38.52 25.04 9.46
C ALA A 196 -39.36 24.75 10.70
N ALA A 197 -38.73 24.73 11.87
CA ALA A 197 -39.48 24.52 13.11
C ALA A 197 -40.48 25.65 13.34
N GLU A 198 -40.07 26.89 13.09
CA GLU A 198 -40.99 28.00 13.23
C GLU A 198 -42.16 27.88 12.25
N ARG A 199 -41.87 27.50 11.00
CA ARG A 199 -42.92 27.34 10.01
C ARG A 199 -43.93 26.28 10.44
N HIS A 200 -43.44 25.15 10.93
CA HIS A 200 -44.35 24.07 11.35
C HIS A 200 -45.11 24.46 12.63
N LEU A 201 -44.47 25.23 13.51
CA LEU A 201 -45.13 25.62 14.75
C LEU A 201 -46.29 26.58 14.48
N ARG A 202 -46.12 27.50 13.55
CA ARG A 202 -47.12 28.52 13.29
C ARG A 202 -48.29 28.02 12.45
N MET A 203 -48.17 26.84 11.83
CA MET A 203 -49.27 26.27 11.05
C MET A 203 -50.15 25.35 11.88
N GLY A 204 -49.69 24.94 13.06
CA GLY A 204 -50.46 24.07 13.93
C GLY A 204 -50.09 22.61 13.88
N VAL A 205 -49.02 22.24 13.17
CA VAL A 205 -48.64 20.83 13.08
C VAL A 205 -48.10 20.35 14.42
N ILE A 206 -47.25 21.14 15.05
CA ILE A 206 -46.52 20.73 16.24
C ILE A 206 -46.65 21.80 17.31
N ASP A 207 -46.42 21.40 18.56
CA ASP A 207 -46.36 22.32 19.68
C ASP A 207 -44.94 22.50 20.20
N ASN A 208 -43.99 21.65 19.79
CA ASN A 208 -42.62 21.72 20.26
C ASN A 208 -41.70 21.35 19.11
N ALA A 209 -40.43 21.74 19.24
CA ALA A 209 -39.41 21.43 18.24
C ALA A 209 -38.11 21.07 18.93
N ILE A 210 -37.33 20.21 18.28
CA ILE A 210 -36.08 19.69 18.84
C ILE A 210 -34.92 20.13 17.95
N VAL A 211 -35.03 21.32 17.38
CA VAL A 211 -34.02 21.87 16.48
C VAL A 211 -32.62 21.65 17.06
N GLY A 212 -31.72 21.12 16.26
CA GLY A 212 -30.36 20.86 16.70
C GLY A 212 -29.45 20.59 15.54
N GLY A 213 -28.23 20.16 15.86
CA GLY A 213 -27.24 19.87 14.84
C GLY A 213 -25.99 19.30 15.45
N SER A 214 -25.20 18.64 14.60
CA SER A 214 -23.96 17.99 15.02
C SER A 214 -22.91 18.16 13.94
N ASN A 215 -21.65 18.08 14.35
CA ASN A 215 -20.54 18.10 13.41
C ASN A 215 -19.29 17.57 14.12
N PHE A 216 -18.79 16.42 13.66
CA PHE A 216 -17.57 15.82 14.19
C PHE A 216 -16.57 15.63 13.05
N ILE A 217 -15.30 15.80 13.35
CA ILE A 217 -14.22 15.67 12.37
C ILE A 217 -13.59 14.29 12.51
N TYR A 218 -13.49 13.57 11.41
CA TYR A 218 -12.89 12.24 11.38
C TYR A 218 -11.80 12.10 10.33
N ARG A 219 -11.96 12.74 9.17
CA ARG A 219 -11.09 12.49 8.02
C ARG A 219 -10.10 13.64 7.83
N PRO A 220 -8.80 13.43 8.05
CA PRO A 220 -7.85 14.51 7.75
C PRO A 220 -7.83 14.91 6.29
N ALA A 221 -8.09 13.98 5.38
CA ALA A 221 -8.14 14.33 3.96
C ALA A 221 -9.23 15.35 3.69
N THR A 222 -10.31 15.34 4.48
CA THR A 222 -11.32 16.38 4.36
C THR A 222 -10.73 17.75 4.70
N THR A 223 -9.90 17.81 5.75
CA THR A 223 -9.25 19.07 6.09
C THR A 223 -8.30 19.51 4.98
N LYS A 224 -7.55 18.56 4.40
CA LYS A 224 -6.67 18.89 3.28
C LYS A 224 -7.47 19.44 2.10
N LEU A 225 -8.61 18.80 1.80
CA LEU A 225 -9.45 19.22 0.69
C LEU A 225 -10.02 20.61 0.94
N PHE A 226 -10.42 20.89 2.19
CA PHE A 226 -10.88 22.22 2.53
C PHE A 226 -9.75 23.25 2.37
N MET A 227 -8.54 22.91 2.82
CA MET A 227 -7.41 23.81 2.67
C MET A 227 -7.11 24.08 1.20
N GLY A 228 -7.33 23.09 0.34
CA GLY A 228 -7.09 23.28 -1.08
C GLY A 228 -7.90 24.42 -1.69
N MET A 229 -8.99 24.81 -1.04
CA MET A 229 -9.81 25.93 -1.48
C MET A 229 -9.52 27.21 -0.70
N ASN A 230 -8.43 27.24 0.07
CA ASN A 230 -8.03 28.42 0.85
C ASN A 230 -9.06 28.75 1.94
N PHE A 231 -9.93 27.80 2.28
CA PHE A 231 -10.91 28.05 3.34
C PHE A 231 -10.23 28.27 4.68
N LEU A 232 -9.26 27.43 5.03
CA LEU A 232 -8.63 27.48 6.33
C LEU A 232 -7.45 28.45 6.32
N GLY A 233 -7.25 29.10 7.47
CA GLY A 233 -6.14 30.01 7.67
C GLY A 233 -5.00 29.36 8.43
N SER A 234 -4.11 30.21 8.96
CA SER A 234 -2.97 29.73 9.73
C SER A 234 -3.29 29.70 11.22
N SER A 235 -3.62 30.84 11.80
CA SER A 235 -3.94 30.94 13.21
C SER A 235 -5.45 30.79 13.42
N THR A 236 -5.91 31.10 14.64
CA THR A 236 -7.32 30.96 14.97
C THR A 236 -8.16 31.93 14.14
N CYS A 237 -9.48 31.85 14.32
CA CYS A 237 -10.41 32.71 13.61
C CYS A 237 -10.36 34.12 14.16
N LYS A 238 -9.54 34.98 13.55
CA LYS A 238 -9.38 36.37 13.99
C LYS A 238 -10.49 37.22 13.38
N ALA A 239 -11.70 37.02 13.89
CA ALA A 239 -12.86 37.73 13.38
C ALA A 239 -12.69 39.24 13.55
N PHE A 240 -13.02 39.99 12.51
CA PHE A 240 -12.94 41.44 12.51
C PHE A 240 -11.51 41.94 12.71
N ASP A 241 -10.53 41.12 12.37
CA ASP A 241 -9.13 41.48 12.50
C ASP A 241 -8.51 41.63 11.13
N GLU A 242 -7.63 42.63 10.98
CA GLU A 242 -6.99 42.87 9.68
C GLU A 242 -6.12 41.70 9.24
N SER A 243 -5.69 40.85 10.15
CA SER A 243 -4.83 39.72 9.83
C SER A 243 -5.62 38.45 9.52
N GLY A 244 -6.95 38.51 9.53
CA GLY A 244 -7.76 37.35 9.26
C GLY A 244 -7.50 36.75 7.89
N ASP A 245 -7.29 35.43 7.84
CA ASP A 245 -7.02 34.76 6.58
C ASP A 245 -7.75 33.42 6.46
N GLY A 246 -8.65 33.11 7.38
CA GLY A 246 -9.38 31.85 7.31
C GLY A 246 -9.97 31.51 8.67
N PHE A 247 -10.47 30.29 8.76
CA PHE A 247 -11.10 29.77 9.98
C PHE A 247 -10.49 28.43 10.33
N VAL A 248 -10.82 27.96 11.53
CA VAL A 248 -10.35 26.67 12.03
C VAL A 248 -11.56 25.78 12.30
N ARG A 249 -11.47 24.52 11.89
CA ARG A 249 -12.57 23.59 12.03
C ARG A 249 -12.88 23.33 13.51
N GLY A 250 -14.17 23.11 13.80
CA GLY A 250 -14.60 22.83 15.14
C GLY A 250 -15.64 21.73 15.16
N GLU A 251 -15.94 21.26 16.37
CA GLU A 251 -16.89 20.17 16.58
C GLU A 251 -17.99 20.61 17.54
N VAL A 252 -19.22 20.27 17.21
CA VAL A 252 -20.38 20.63 18.01
C VAL A 252 -21.41 19.50 17.94
N ALA A 253 -22.12 19.30 19.05
CA ALA A 253 -23.22 18.34 19.11
C ALA A 253 -24.37 18.92 19.90
N SER A 254 -24.68 20.19 19.67
CA SER A 254 -25.66 20.90 20.48
C SER A 254 -27.06 20.80 19.89
N ALA A 255 -28.06 20.99 20.74
CA ALA A 255 -29.45 20.97 20.35
C ALA A 255 -30.25 21.85 21.31
N ILE A 256 -31.42 22.29 20.86
CA ILE A 256 -32.29 23.14 21.66
C ILE A 256 -33.72 22.63 21.55
N LEU A 257 -34.55 23.07 22.50
CA LEU A 257 -35.96 22.73 22.53
C LEU A 257 -36.78 24.01 22.43
N LEU A 258 -37.80 24.00 21.58
CA LEU A 258 -38.70 25.12 21.40
C LEU A 258 -40.12 24.70 21.81
N LYS A 259 -40.87 25.66 22.34
CA LYS A 259 -42.22 25.38 22.81
C LYS A 259 -43.07 26.63 22.67
N LYS A 260 -44.38 26.45 22.85
CA LYS A 260 -45.29 27.58 22.93
C LYS A 260 -45.11 28.27 24.28
N ALA A 261 -45.00 29.60 24.25
CA ALA A 261 -44.66 30.35 25.47
C ALA A 261 -45.72 30.19 26.54
N ASP A 262 -46.94 29.82 26.19
CA ASP A 262 -48.01 29.68 27.17
C ASP A 262 -47.95 28.36 27.93
N THR A 263 -47.11 27.42 27.52
CA THR A 263 -46.98 26.13 28.20
C THR A 263 -45.56 25.83 28.63
N ALA A 264 -44.61 26.74 28.40
CA ALA A 264 -43.22 26.50 28.75
C ALA A 264 -42.99 26.73 30.24
N LYS A 265 -42.21 25.86 30.86
CA LYS A 265 -41.83 26.00 32.26
C LYS A 265 -40.54 26.77 32.44
N ARG A 266 -39.83 27.09 31.35
CA ARG A 266 -38.62 27.88 31.42
C ARG A 266 -38.41 28.52 30.05
N VAL A 267 -38.12 29.82 30.03
CA VAL A 267 -38.01 30.59 28.80
C VAL A 267 -36.70 31.36 28.84
N TYR A 268 -35.69 30.87 28.13
CA TYR A 268 -34.46 31.64 27.98
C TYR A 268 -34.71 32.92 27.20
N CYS A 269 -35.49 32.84 26.14
CA CYS A 269 -35.80 33.99 25.29
C CYS A 269 -36.99 33.62 24.42
N THR A 270 -37.37 34.56 23.55
CA THR A 270 -38.48 34.37 22.63
C THR A 270 -37.99 34.54 21.20
N LEU A 271 -38.44 33.64 20.31
CA LEU A 271 -38.05 33.68 18.91
C LEU A 271 -38.94 34.67 18.18
N VAL A 272 -38.44 35.89 17.99
CA VAL A 272 -39.21 36.91 17.29
C VAL A 272 -39.49 36.47 15.85
N GLY A 273 -38.47 35.96 15.17
CA GLY A 273 -38.63 35.50 13.81
C GLY A 273 -37.33 35.15 13.12
N SER A 274 -37.41 34.22 12.17
CA SER A 274 -36.25 33.82 11.38
C SER A 274 -36.64 33.79 9.90
N MET A 275 -35.65 34.04 9.05
CA MET A 275 -35.88 34.12 7.61
C MET A 275 -34.67 33.57 6.87
N LEU A 276 -34.91 33.14 5.64
CA LEU A 276 -33.90 32.57 4.77
C LEU A 276 -34.02 33.17 3.38
N ASN A 277 -32.91 33.12 2.64
CA ASN A 277 -32.89 33.56 1.25
C ASN A 277 -31.63 33.01 0.59
N ASN A 278 -31.45 33.34 -0.68
CA ASN A 278 -30.29 32.92 -1.45
C ASN A 278 -29.71 34.12 -2.18
N ASP A 279 -28.37 34.16 -2.27
CA ASP A 279 -27.72 35.24 -2.98
C ASP A 279 -28.06 35.20 -4.46
N GLY A 280 -28.13 34.01 -5.04
CA GLY A 280 -28.51 33.86 -6.43
C GLY A 280 -27.29 33.81 -7.34
N ASN A 281 -27.31 34.61 -8.40
CA ASN A 281 -26.24 34.62 -9.39
C ASN A 281 -25.39 35.87 -9.21
N GLN A 282 -24.08 35.67 -9.10
CA GLN A 282 -23.14 36.78 -8.96
C GLN A 282 -21.92 36.49 -9.82
N THR A 283 -21.21 37.55 -10.20
CA THR A 283 -20.05 37.44 -11.07
C THR A 283 -18.77 37.08 -10.31
N ASN A 284 -18.81 37.05 -8.98
CA ASN A 284 -17.62 36.75 -8.19
C ASN A 284 -17.49 35.27 -7.85
N GLY A 285 -18.37 34.42 -8.36
CA GLY A 285 -18.31 33.00 -8.12
C GLY A 285 -19.39 32.55 -7.14
N ILE A 286 -19.65 31.25 -7.16
CA ILE A 286 -20.69 30.69 -6.29
C ILE A 286 -20.26 30.75 -4.84
N LEU A 287 -18.97 30.53 -4.56
CA LEU A 287 -18.45 30.58 -3.19
C LEU A 287 -17.94 31.98 -2.86
N TYR A 288 -18.84 32.95 -2.93
CA TYR A 288 -18.53 34.32 -2.58
C TYR A 288 -19.74 34.98 -1.91
N PRO A 289 -19.60 35.52 -0.70
CA PRO A 289 -20.74 36.16 -0.05
C PRO A 289 -21.23 37.36 -0.83
N ASN A 290 -22.55 37.57 -0.80
CA ASN A 290 -23.20 38.70 -1.46
C ASN A 290 -23.76 39.62 -0.39
N SER A 291 -23.13 40.80 -0.24
CA SER A 291 -23.60 41.74 0.77
C SER A 291 -25.01 42.22 0.48
N GLU A 292 -25.34 42.43 -0.79
CA GLU A 292 -26.66 42.94 -1.15
C GLU A 292 -27.75 41.96 -0.72
N ALA A 293 -27.54 40.66 -0.97
CA ALA A 293 -28.54 39.68 -0.60
C ALA A 293 -28.72 39.61 0.91
N GLN A 294 -27.62 39.67 1.67
CA GLN A 294 -27.72 39.64 3.12
C GLN A 294 -28.45 40.87 3.64
N GLU A 295 -28.14 42.04 3.09
CA GLU A 295 -28.84 43.25 3.49
C GLU A 295 -30.33 43.15 3.18
N GLN A 296 -30.69 42.62 2.01
CA GLN A 296 -32.09 42.45 1.67
C GLN A 296 -32.78 41.49 2.63
N LEU A 297 -32.12 40.40 2.98
CA LEU A 297 -32.69 39.44 3.92
C LEU A 297 -32.96 40.09 5.27
N MET A 298 -31.97 40.83 5.78
CA MET A 298 -32.14 41.48 7.08
C MET A 298 -33.23 42.53 7.03
N THR A 299 -33.30 43.30 5.93
CA THR A 299 -34.36 44.28 5.80
C THR A 299 -35.73 43.60 5.78
N ASP A 300 -35.85 42.48 5.05
CA ASP A 300 -37.12 41.78 4.97
C ASP A 300 -37.55 41.28 6.34
N ILE A 301 -36.63 40.65 7.07
CA ILE A 301 -36.99 40.12 8.39
C ILE A 301 -37.36 41.25 9.35
N TYR A 302 -36.61 42.36 9.31
CA TYR A 302 -36.89 43.45 10.25
C TYR A 302 -38.14 44.24 9.87
N SER A 303 -38.57 44.18 8.61
CA SER A 303 -39.78 44.87 8.19
C SER A 303 -41.02 44.01 8.34
N THR A 304 -40.92 42.70 8.13
CA THR A 304 -42.09 41.83 8.25
C THR A 304 -42.62 41.83 9.67
N HIS A 305 -41.75 41.77 10.66
CA HIS A 305 -42.14 41.72 12.07
C HIS A 305 -42.24 43.10 12.70
N LYS A 306 -42.04 44.16 11.95
CA LYS A 306 -42.12 45.53 12.44
C LYS A 306 -41.11 45.80 13.56
N ILE A 307 -40.04 45.02 13.62
CA ILE A 307 -39.01 45.20 14.63
C ILE A 307 -38.15 46.39 14.23
N ASP A 308 -38.07 47.39 15.13
CA ASP A 308 -37.21 48.53 14.89
C ASP A 308 -35.75 48.09 15.00
N ALA A 309 -35.01 48.21 13.88
CA ALA A 309 -33.64 47.71 13.85
C ALA A 309 -32.73 48.45 14.81
N ASN A 310 -33.15 49.61 15.31
CA ASN A 310 -32.32 50.39 16.23
C ASN A 310 -32.37 49.86 17.65
N GLU A 311 -33.22 48.89 17.94
CA GLU A 311 -33.36 48.33 19.29
C GLU A 311 -32.45 47.13 19.54
N VAL A 312 -31.67 46.71 18.54
CA VAL A 312 -30.80 45.56 18.72
C VAL A 312 -29.62 45.96 19.59
N LYS A 313 -29.38 45.18 20.65
CA LYS A 313 -28.29 45.47 21.58
C LYS A 313 -27.02 44.71 21.22
N TYR A 314 -27.14 43.44 20.83
CA TYR A 314 -26.00 42.62 20.47
C TYR A 314 -26.27 41.92 19.15
N PHE A 315 -25.21 41.72 18.37
CA PHE A 315 -25.31 41.10 17.05
C PHE A 315 -24.26 39.98 16.95
N GLU A 316 -24.72 38.74 16.96
CA GLU A 316 -23.84 37.59 16.78
C GLU A 316 -23.63 37.39 15.27
N CYS A 317 -22.50 37.89 14.77
CA CYS A 317 -22.23 37.86 13.35
C CYS A 317 -21.64 36.51 12.94
N HIS A 318 -21.66 36.27 11.62
CA HIS A 318 -21.02 35.11 11.03
C HIS A 318 -19.54 35.42 10.74
N GLY A 319 -18.83 35.76 11.80
CA GLY A 319 -17.45 36.21 11.68
C GLY A 319 -16.45 35.09 11.50
N THR A 320 -16.43 34.51 10.30
CA THR A 320 -15.48 33.44 10.00
C THR A 320 -14.03 33.93 10.04
N GLY A 321 -13.82 35.23 9.97
CA GLY A 321 -12.48 35.79 9.93
C GLY A 321 -11.87 35.90 8.55
N THR A 322 -12.56 35.42 7.52
CA THR A 322 -12.05 35.52 6.16
C THR A 322 -12.01 36.96 5.70
N GLN A 323 -11.02 37.27 4.85
CA GLN A 323 -10.86 38.64 4.39
C GLN A 323 -12.05 39.09 3.54
N ALA A 324 -12.59 38.19 2.71
CA ALA A 324 -13.70 38.52 1.83
C ALA A 324 -15.07 38.32 2.47
N GLY A 325 -15.14 37.76 3.67
CA GLY A 325 -16.41 37.50 4.32
C GLY A 325 -16.81 38.55 5.32
N ASP A 326 -15.88 38.94 6.19
CA ASP A 326 -16.20 39.91 7.23
C ASP A 326 -16.62 41.26 6.66
N PRO A 327 -15.93 41.83 5.66
CA PRO A 327 -16.36 43.13 5.15
C PRO A 327 -17.79 43.15 4.63
N ASN A 328 -18.22 42.11 3.94
CA ASN A 328 -19.58 42.08 3.39
C ASN A 328 -20.62 41.99 4.50
N GLU A 329 -20.39 41.11 5.47
CA GLU A 329 -21.30 41.00 6.60
C GLU A 329 -21.40 42.33 7.35
N THR A 330 -20.25 42.97 7.58
CA THR A 330 -20.24 44.25 8.29
C THR A 330 -20.98 45.32 7.49
N ARG A 331 -20.77 45.36 6.17
CA ARG A 331 -21.45 46.34 5.34
C ARG A 331 -22.95 46.14 5.38
N ALA A 332 -23.41 44.90 5.28
CA ALA A 332 -24.83 44.62 5.37
C ALA A 332 -25.38 45.05 6.73
N ILE A 333 -24.66 44.73 7.82
CA ILE A 333 -25.12 45.10 9.15
C ILE A 333 -25.25 46.62 9.26
N CYS A 334 -24.23 47.34 8.79
CA CYS A 334 -24.26 48.80 8.89
C CYS A 334 -25.39 49.39 8.05
N ASN A 335 -25.59 48.86 6.84
CA ASN A 335 -26.60 49.43 5.96
C ASN A 335 -28.02 49.13 6.43
N ALA A 336 -28.23 48.00 7.10
CA ALA A 336 -29.58 47.58 7.47
C ALA A 336 -29.92 47.82 8.93
N VAL A 337 -28.97 47.67 9.85
CA VAL A 337 -29.24 47.73 11.27
C VAL A 337 -28.74 49.02 11.91
N CYS A 338 -27.56 49.48 11.51
CA CYS A 338 -26.97 50.67 12.12
C CYS A 338 -27.55 51.98 11.61
N LYS A 339 -28.40 51.93 10.58
CA LYS A 339 -29.00 53.15 10.04
C LYS A 339 -29.92 53.76 11.08
N GLY A 340 -29.57 54.94 11.58
CA GLY A 340 -30.35 55.63 12.57
C GLY A 340 -29.97 55.31 14.01
N LYS A 341 -29.10 54.34 14.24
CA LYS A 341 -28.68 54.02 15.60
C LYS A 341 -27.93 55.19 16.21
N LYS A 342 -28.19 55.45 17.49
CA LYS A 342 -27.58 56.56 18.21
C LYS A 342 -26.35 56.15 19.00
N ASP A 343 -26.06 54.86 19.10
CA ASP A 343 -24.90 54.36 19.82
C ASP A 343 -24.30 53.22 19.02
N PRO A 344 -23.01 52.92 19.24
CA PRO A 344 -22.39 51.82 18.50
C PRO A 344 -23.11 50.50 18.78
N LEU A 345 -23.21 49.68 17.74
CA LEU A 345 -23.84 48.36 17.85
C LEU A 345 -22.77 47.35 18.25
N LEU A 346 -23.01 46.64 19.34
CA LEU A 346 -22.05 45.65 19.85
C LEU A 346 -22.16 44.39 19.00
N ILE A 347 -21.10 44.07 18.27
CA ILE A 347 -21.07 42.90 17.40
C ILE A 347 -20.06 41.90 17.95
N GLY A 348 -20.28 40.63 17.61
CA GLY A 348 -19.37 39.59 18.05
C GLY A 348 -19.63 38.30 17.31
N SER A 349 -18.80 37.31 17.59
CA SER A 349 -18.91 36.01 16.96
C SER A 349 -18.23 34.97 17.85
N ILE A 350 -18.86 33.80 17.99
CA ILE A 350 -18.28 32.73 18.80
C ILE A 350 -17.23 31.93 18.05
N LYS A 351 -17.05 32.17 16.75
CA LYS A 351 -16.05 31.43 15.99
C LYS A 351 -14.65 31.73 16.50
N SER A 352 -14.37 32.99 16.86
CA SER A 352 -13.06 33.34 17.38
C SER A 352 -12.76 32.65 18.69
N ASN A 353 -13.78 32.12 19.37
CA ASN A 353 -13.60 31.46 20.66
C ASN A 353 -13.35 29.96 20.50
N LEU A 354 -14.27 29.26 19.83
CA LEU A 354 -14.20 27.81 19.69
C LEU A 354 -14.10 27.37 18.23
N GLY A 355 -13.73 28.28 17.34
CA GLY A 355 -13.54 27.93 15.94
C GLY A 355 -14.86 27.79 15.20
N HIS A 356 -14.74 27.27 13.98
CA HIS A 356 -15.87 27.15 13.06
C HIS A 356 -16.49 25.76 13.20
N GLY A 357 -17.80 25.72 13.47
CA GLY A 357 -18.53 24.48 13.62
C GLY A 357 -19.03 23.85 12.35
N GLU A 358 -18.80 24.50 11.20
CA GLU A 358 -19.20 23.96 9.89
C GLU A 358 -20.73 23.89 9.87
N THR A 359 -21.33 22.72 9.58
CA THR A 359 -22.78 22.65 9.46
C THR A 359 -23.46 22.99 10.79
N ALA A 360 -22.81 22.70 11.90
CA ALA A 360 -23.35 23.01 13.23
C ALA A 360 -23.07 24.44 13.65
N SER A 361 -22.35 25.22 12.84
CA SER A 361 -21.99 26.58 13.24
C SER A 361 -23.21 27.37 13.69
N GLY A 362 -24.33 27.22 12.99
CA GLY A 362 -25.51 28.00 13.33
C GLY A 362 -25.96 27.78 14.76
N ILE A 363 -25.84 26.54 15.26
CA ILE A 363 -26.23 26.27 16.63
C ILE A 363 -25.29 26.98 17.60
N ASN A 364 -23.99 27.03 17.28
CA ASN A 364 -23.02 27.59 18.20
C ASN A 364 -23.43 29.00 18.62
N GLY A 365 -23.65 29.88 17.65
CA GLY A 365 -24.09 31.23 17.99
C GLY A 365 -25.34 31.22 18.84
N ILE A 366 -26.31 30.38 18.48
CA ILE A 366 -27.54 30.29 19.27
C ILE A 366 -27.19 29.99 20.72
N SER A 367 -26.32 29.01 20.93
CA SER A 367 -25.89 28.70 22.29
C SER A 367 -25.36 29.96 22.98
N LYS A 368 -24.43 30.65 22.32
CA LYS A 368 -23.90 31.88 22.88
C LYS A 368 -25.03 32.84 23.22
N VAL A 369 -25.98 33.01 22.30
CA VAL A 369 -27.09 33.91 22.54
C VAL A 369 -27.79 33.54 23.83
N ILE A 370 -28.09 32.25 24.00
CA ILE A 370 -28.77 31.81 25.22
C ILE A 370 -27.93 32.20 26.43
N ILE A 371 -26.62 31.95 26.37
CA ILE A 371 -25.73 32.38 27.45
C ILE A 371 -25.84 33.89 27.64
N THR A 372 -25.73 34.64 26.54
CA THR A 372 -25.85 36.10 26.64
C THR A 372 -27.23 36.51 27.14
N MET A 373 -28.23 35.64 26.98
CA MET A 373 -29.58 35.93 27.45
C MET A 373 -29.90 35.24 28.76
N HIS A 374 -28.94 34.55 29.37
CA HIS A 374 -29.13 33.91 30.67
C HIS A 374 -28.28 34.56 31.75
N SER A 375 -26.98 34.73 31.50
CA SER A 375 -26.11 35.41 32.45
C SER A 375 -26.20 36.92 32.37
N ARG A 376 -26.92 37.46 31.39
CA ARG A 376 -27.09 38.90 31.20
C ARG A 376 -25.76 39.60 30.92
N GLN A 377 -24.78 38.85 30.41
CA GLN A 377 -23.48 39.42 30.06
C GLN A 377 -23.08 38.89 28.69
N ILE A 378 -22.40 39.74 27.91
CA ILE A 378 -21.96 39.39 26.56
C ILE A 378 -20.54 38.85 26.66
N PRO A 379 -20.29 37.60 26.26
CA PRO A 379 -18.94 37.07 26.35
C PRO A 379 -17.98 37.88 25.48
N PRO A 380 -16.72 38.00 25.89
CA PRO A 380 -15.75 38.72 25.06
C PRO A 380 -15.46 37.99 23.75
N ASN A 381 -14.89 38.75 22.81
CA ASN A 381 -14.44 38.21 21.54
C ASN A 381 -12.92 38.15 21.54
N LEU A 382 -12.36 37.01 21.18
CA LEU A 382 -10.92 36.79 21.22
C LEU A 382 -10.28 37.12 19.88
N HIS A 383 -8.98 37.44 19.93
CA HIS A 383 -8.13 37.64 18.77
C HIS A 383 -8.46 38.91 17.99
N PHE A 384 -9.13 39.87 18.62
CA PHE A 384 -9.41 41.16 18.00
C PHE A 384 -8.40 42.17 18.55
N LYS A 385 -7.31 42.37 17.81
CA LYS A 385 -6.26 43.30 18.19
C LYS A 385 -6.27 44.58 17.36
N ASN A 386 -6.25 44.45 16.03
CA ASN A 386 -6.23 45.60 15.14
C ASN A 386 -7.46 45.56 14.26
N PRO A 387 -8.31 46.60 14.23
CA PRO A 387 -9.50 46.56 13.39
C PRO A 387 -9.13 46.47 11.91
N ASN A 388 -9.98 45.78 11.17
CA ASN A 388 -9.77 45.62 9.73
C ASN A 388 -9.95 46.95 9.01
N PRO A 389 -8.94 47.44 8.27
CA PRO A 389 -9.13 48.73 7.57
C PRO A 389 -10.23 48.70 6.54
N LYS A 390 -10.56 47.53 6.00
CA LYS A 390 -11.67 47.41 5.06
C LYS A 390 -13.02 47.57 5.74
N ILE A 391 -13.06 47.61 7.06
CA ILE A 391 -14.30 47.77 7.81
C ILE A 391 -14.43 49.23 8.26
N PRO A 392 -15.06 50.10 7.47
CA PRO A 392 -15.19 51.51 7.90
C PRO A 392 -15.98 51.67 9.20
N GLY A 393 -16.97 50.81 9.44
CA GLY A 393 -17.82 51.00 10.60
C GLY A 393 -17.05 51.04 11.91
N LEU A 394 -16.08 50.14 12.07
CA LEU A 394 -15.31 50.09 13.30
C LEU A 394 -14.60 51.40 13.59
N PHE A 395 -14.37 52.23 12.56
CA PHE A 395 -13.75 53.54 12.76
C PHE A 395 -14.77 54.66 12.79
N ASP A 396 -15.98 54.46 12.28
CA ASP A 396 -17.01 55.48 12.26
C ASP A 396 -17.84 55.51 13.52
N GLY A 397 -17.63 54.58 14.45
CA GLY A 397 -18.41 54.50 15.66
C GLY A 397 -19.74 53.79 15.52
N ARG A 398 -20.07 53.27 14.33
CA ARG A 398 -21.32 52.54 14.16
C ARG A 398 -21.23 51.14 14.76
N LEU A 399 -20.05 50.53 14.75
CA LEU A 399 -19.85 49.18 15.25
C LEU A 399 -18.77 49.17 16.31
N LYS A 400 -18.83 48.15 17.17
CA LYS A 400 -17.87 48.02 18.26
C LYS A 400 -17.80 46.56 18.66
N VAL A 401 -16.68 45.90 18.34
CA VAL A 401 -16.50 44.50 18.69
C VAL A 401 -16.35 44.39 20.21
N VAL A 402 -17.08 43.45 20.80
CA VAL A 402 -17.07 43.25 22.25
C VAL A 402 -15.79 42.47 22.59
N THR A 403 -14.78 43.18 23.07
CA THR A 403 -13.52 42.56 23.46
C THR A 403 -13.48 42.18 24.94
N GLU A 404 -14.50 42.55 25.71
CA GLU A 404 -14.56 42.22 27.13
C GLU A 404 -16.01 42.13 27.56
N THR A 405 -16.23 41.53 28.72
CA THR A 405 -17.59 41.29 29.20
C THR A 405 -18.36 42.60 29.26
N THR A 406 -19.60 42.57 28.75
CA THR A 406 -20.44 43.75 28.68
C THR A 406 -21.79 43.44 29.32
N PRO A 407 -22.34 44.37 30.12
CA PRO A 407 -23.62 44.09 30.80
C PRO A 407 -24.86 44.27 29.92
N PHE A 408 -25.18 43.23 29.16
CA PHE A 408 -26.40 43.24 28.35
C PHE A 408 -27.61 43.23 29.27
N ASP A 409 -28.30 44.37 29.34
CA ASP A 409 -29.45 44.48 30.25
C ASP A 409 -30.69 43.81 29.67
N GLY A 410 -30.95 44.01 28.38
CA GLY A 410 -32.12 43.42 27.76
C GLY A 410 -32.37 44.04 26.40
N GLY A 411 -33.23 43.37 25.64
CA GLY A 411 -33.56 43.83 24.30
C GLY A 411 -33.61 42.69 23.30
N LEU A 412 -33.19 42.96 22.06
CA LEU A 412 -33.20 41.99 20.99
C LEU A 412 -31.76 41.64 20.58
N ILE A 413 -31.57 40.37 20.22
CA ILE A 413 -30.28 39.87 19.74
C ILE A 413 -30.51 39.24 18.37
N ALA A 414 -29.70 39.64 17.39
CA ALA A 414 -29.82 39.18 16.02
C ALA A 414 -28.64 38.28 15.67
N ILE A 415 -28.91 37.19 14.96
CA ILE A 415 -27.89 36.22 14.58
C ILE A 415 -27.95 36.02 13.07
N ASN A 416 -26.77 36.08 12.44
CA ASN A 416 -26.59 35.78 11.03
C ASN A 416 -25.76 34.51 10.89
N SER A 417 -26.17 33.62 10.00
CA SER A 417 -25.52 32.34 9.78
C SER A 417 -25.33 32.07 8.29
N PHE A 418 -24.79 33.06 7.59
CA PHE A 418 -24.55 32.91 6.15
C PHE A 418 -23.73 31.65 5.89
N GLY A 419 -24.07 30.96 4.80
CA GLY A 419 -23.46 29.67 4.54
C GLY A 419 -22.72 29.53 3.23
N MET A 420 -21.85 28.54 3.15
CA MET A 420 -21.11 28.28 1.92
C MET A 420 -22.07 27.81 0.85
N GLY A 421 -21.94 28.37 -0.35
CA GLY A 421 -22.82 28.10 -1.46
C GLY A 421 -23.89 29.16 -1.68
N GLY A 422 -24.17 29.97 -0.66
CA GLY A 422 -25.03 31.13 -0.85
C GLY A 422 -26.45 30.99 -0.35
N THR A 423 -26.64 30.40 0.82
CA THR A 423 -27.94 30.32 1.47
C THR A 423 -27.85 31.07 2.80
N ASN A 424 -28.21 32.36 2.77
CA ASN A 424 -28.17 33.18 3.96
C ASN A 424 -29.36 32.88 4.88
N ALA A 425 -29.17 33.15 6.17
CA ALA A 425 -30.21 32.95 7.16
C ALA A 425 -30.04 33.98 8.26
N HIS A 426 -31.16 34.47 8.78
CA HIS A 426 -31.17 35.46 9.85
C HIS A 426 -32.20 35.05 10.90
N ALA A 427 -31.93 35.39 12.15
CA ALA A 427 -32.90 35.14 13.21
C ALA A 427 -32.80 36.24 14.27
N ILE A 428 -33.90 36.47 14.97
CA ILE A 428 -33.99 37.49 16.00
C ILE A 428 -34.59 36.86 17.26
N PHE A 429 -34.03 37.20 18.41
CA PHE A 429 -34.50 36.69 19.70
C PHE A 429 -34.75 37.85 20.64
N ARG A 430 -35.86 37.79 21.37
CA ARG A 430 -36.24 38.79 22.34
C ARG A 430 -36.00 38.26 23.75
N SER A 431 -35.37 39.07 24.59
CA SER A 431 -35.03 38.64 25.95
C SER A 431 -36.29 38.45 26.79
N PHE A 432 -36.18 37.56 27.77
CA PHE A 432 -37.25 37.28 28.72
C PHE A 432 -36.85 37.88 30.06
N ASP A 433 -37.58 38.89 30.51
CA ASP A 433 -37.26 39.64 31.73
C ASP A 433 -38.28 39.27 32.80
N LYS A 434 -37.95 38.26 33.60
CA LYS A 434 -38.78 37.82 34.72
C LYS A 434 -37.90 37.59 35.94
N ARG A 435 -37.06 38.57 36.26
CA ARG A 435 -36.11 38.45 37.37
C ARG A 435 -36.77 37.82 38.59
N ALA A 436 -36.04 36.93 39.25
CA ALA A 436 -36.62 36.13 40.32
C ALA A 436 -37.03 36.99 41.51
N GLU A 437 -38.03 36.51 42.24
CA GLU A 437 -38.51 37.13 43.46
C GLU A 437 -38.48 36.11 44.58
N PRO A 438 -38.37 36.56 45.84
CA PRO A 438 -38.24 35.60 46.94
C PRO A 438 -39.49 34.76 47.13
N HIS A 439 -39.27 33.52 47.59
CA HIS A 439 -40.31 32.57 47.91
C HIS A 439 -40.38 32.38 49.43
N PRO A 440 -41.55 32.02 49.98
CA PRO A 440 -41.59 31.71 51.42
C PRO A 440 -40.60 30.64 51.82
N ALA A 441 -40.33 29.67 50.94
CA ALA A 441 -39.30 28.68 51.14
C ALA A 441 -37.94 29.27 50.76
N SER A 442 -36.92 28.42 50.62
CA SER A 442 -35.53 28.77 50.32
C SER A 442 -34.79 29.21 51.58
N ASP A 443 -35.45 29.26 52.74
CA ASP A 443 -34.79 29.47 54.01
C ASP A 443 -35.14 28.41 55.04
N LYS A 444 -36.05 27.50 54.71
CA LYS A 444 -36.45 26.39 55.56
C LYS A 444 -36.00 25.07 54.94
N PRO A 445 -35.87 24.02 55.75
CA PRO A 445 -35.44 22.73 55.19
C PRO A 445 -36.40 22.25 54.11
N ARG A 446 -35.83 21.68 53.05
CA ARG A 446 -36.62 21.16 51.94
C ARG A 446 -36.08 19.80 51.55
N LEU A 447 -36.95 18.97 50.97
CA LEU A 447 -36.58 17.63 50.52
C LEU A 447 -36.38 17.64 49.01
N PHE A 448 -35.15 17.36 48.57
CA PHE A 448 -34.80 17.32 47.16
C PHE A 448 -34.64 15.85 46.76
N THR A 449 -35.53 15.38 45.90
CA THR A 449 -35.53 14.00 45.43
C THR A 449 -35.25 13.99 43.93
N TYR A 450 -34.41 13.05 43.49
CA TYR A 450 -34.04 12.98 42.08
C TYR A 450 -33.65 11.55 41.72
N CYS A 451 -33.41 11.34 40.43
CA CYS A 451 -32.97 10.06 39.90
C CYS A 451 -31.90 10.30 38.85
N ALA A 452 -31.03 9.30 38.69
CA ALA A 452 -29.91 9.40 37.78
C ALA A 452 -29.48 8.00 37.36
N ARG A 453 -28.54 7.95 36.42
CA ARG A 453 -28.02 6.70 35.89
C ARG A 453 -26.89 6.11 36.73
N THR A 454 -26.12 6.95 37.40
CA THR A 454 -24.96 6.51 38.16
C THR A 454 -24.94 7.20 39.52
N GLU A 455 -24.32 6.52 40.49
CA GLU A 455 -24.23 7.06 41.84
C GLU A 455 -23.43 8.37 41.86
N GLU A 456 -22.32 8.41 41.12
CA GLU A 456 -21.51 9.63 41.07
C GLU A 456 -22.29 10.78 40.47
N GLY A 457 -23.06 10.53 39.40
CA GLY A 457 -23.87 11.58 38.82
C GLY A 457 -24.92 12.11 39.78
N LEU A 458 -25.56 11.20 40.53
CA LEU A 458 -26.55 11.63 41.51
C LEU A 458 -25.90 12.44 42.63
N GLN A 459 -24.71 12.04 43.07
CA GLN A 459 -24.00 12.81 44.08
C GLN A 459 -23.66 14.21 43.56
N LYS A 460 -23.21 14.30 42.31
CA LYS A 460 -22.93 15.60 41.72
C LYS A 460 -24.20 16.45 41.63
N ILE A 461 -25.32 15.83 41.27
CA ILE A 461 -26.59 16.55 41.20
C ILE A 461 -26.96 17.08 42.58
N PHE A 462 -26.78 16.27 43.62
CA PHE A 462 -27.09 16.72 44.98
C PHE A 462 -26.16 17.86 45.39
N GLU A 463 -24.88 17.77 45.04
CA GLU A 463 -23.97 18.87 45.34
C GLU A 463 -24.41 20.16 44.66
N GLU A 464 -24.81 20.07 43.40
CA GLU A 464 -25.29 21.25 42.68
C GLU A 464 -26.55 21.79 43.33
N ALA A 465 -27.47 20.92 43.74
CA ALA A 465 -28.69 21.36 44.39
C ALA A 465 -28.37 22.08 45.70
N HIS A 466 -27.44 21.54 46.48
CA HIS A 466 -27.02 22.21 47.70
C HIS A 466 -26.41 23.57 47.38
N LYS A 467 -25.68 23.67 46.27
CA LYS A 467 -25.13 24.94 45.86
C LYS A 467 -26.22 25.97 45.61
N HIS A 468 -27.40 25.52 45.16
CA HIS A 468 -28.55 26.39 44.89
C HIS A 468 -29.67 26.12 45.88
N ALA A 469 -29.32 25.89 47.14
CA ALA A 469 -30.33 25.60 48.15
C ALA A 469 -31.29 26.75 48.38
N SER A 470 -30.91 27.98 48.00
CA SER A 470 -31.74 29.15 48.21
C SER A 470 -32.65 29.45 47.02
N ASN A 471 -32.67 28.59 46.00
CA ASN A 471 -33.51 28.78 44.82
C ASN A 471 -34.61 27.72 44.83
N VAL A 472 -35.85 28.18 44.74
CA VAL A 472 -36.99 27.25 44.68
C VAL A 472 -37.39 26.96 43.24
N GLU A 473 -37.14 27.88 42.31
CA GLU A 473 -37.43 27.62 40.90
C GLU A 473 -36.57 26.48 40.37
N PHE A 474 -35.29 26.45 40.76
CA PHE A 474 -34.43 25.34 40.38
C PHE A 474 -34.95 24.02 40.94
N HIS A 475 -35.42 24.04 42.20
CA HIS A 475 -35.99 22.83 42.79
C HIS A 475 -37.22 22.37 42.03
N ALA A 476 -38.08 23.32 41.62
CA ALA A 476 -39.26 22.95 40.84
C ALA A 476 -38.87 22.35 39.50
N LEU A 477 -37.88 22.95 38.83
CA LEU A 477 -37.43 22.40 37.55
C LEU A 477 -36.87 21.00 37.72
N CYS A 478 -36.09 20.77 38.78
CA CYS A 478 -35.56 19.43 39.03
C CYS A 478 -36.68 18.45 39.33
N GLN A 479 -37.66 18.86 40.14
CA GLN A 479 -38.74 17.97 40.52
C GLN A 479 -39.63 17.62 39.32
N GLU A 480 -39.75 18.53 38.36
CA GLU A 480 -40.59 18.26 37.20
C GLU A 480 -40.14 17.02 36.44
N SER A 481 -38.88 16.61 36.59
CA SER A 481 -38.36 15.41 35.95
C SER A 481 -37.75 14.44 36.96
N ALA A 482 -38.16 14.52 38.22
CA ALA A 482 -37.61 13.67 39.28
C ALA A 482 -38.47 12.43 39.54
N ASN A 483 -39.54 12.23 38.77
CA ASN A 483 -40.44 11.10 38.96
C ASN A 483 -40.33 10.07 37.84
N THR A 484 -39.23 10.10 37.08
CA THR A 484 -39.05 9.12 36.01
C THR A 484 -39.00 7.71 36.59
N LYS A 485 -39.53 6.75 35.84
CA LYS A 485 -39.63 5.39 36.32
C LYS A 485 -38.24 4.80 36.56
N PRO A 486 -38.10 3.86 37.50
CA PRO A 486 -36.77 3.28 37.75
C PRO A 486 -36.17 2.58 36.53
N LYS A 487 -37.00 2.15 35.58
CA LYS A 487 -36.47 1.48 34.40
C LYS A 487 -35.50 2.38 33.64
N SER A 488 -35.85 3.66 33.49
CA SER A 488 -34.99 4.58 32.77
C SER A 488 -33.83 5.06 33.64
N LEU A 489 -34.13 5.64 34.79
CA LEU A 489 -33.12 6.11 35.73
C LEU A 489 -33.18 5.28 37.00
N PRO A 490 -32.26 4.33 37.20
CA PRO A 490 -32.39 3.40 38.33
C PRO A 490 -31.90 3.95 39.66
N TYR A 491 -30.92 4.86 39.65
CA TYR A 491 -30.34 5.35 40.89
C TYR A 491 -31.22 6.46 41.44
N ARG A 492 -32.03 6.12 42.45
CA ARG A 492 -32.93 7.09 43.08
C ARG A 492 -32.29 7.61 44.36
N GLY A 493 -32.39 8.92 44.57
CA GLY A 493 -31.74 9.54 45.71
C GLY A 493 -32.57 10.68 46.27
N ALA A 494 -32.30 10.99 47.54
CA ALA A 494 -32.98 12.05 48.27
C ALA A 494 -32.02 12.71 49.23
N THR A 495 -32.16 14.02 49.39
CA THR A 495 -31.35 14.80 50.32
C THR A 495 -32.21 15.91 50.90
N ILE A 496 -31.67 16.61 51.89
CA ILE A 496 -32.35 17.73 52.53
C ILE A 496 -31.50 18.97 52.33
N LEU A 497 -32.09 19.99 51.70
CA LEU A 497 -31.46 21.29 51.55
C LEU A 497 -31.83 22.19 52.71
N ASN A 498 -30.88 23.04 53.12
CA ASN A 498 -31.05 23.90 54.29
C ASN A 498 -31.34 23.06 55.54
N ALA A 499 -30.55 22.00 55.71
CA ALA A 499 -30.74 21.06 56.80
C ALA A 499 -29.70 21.30 57.89
N GLU A 500 -30.15 21.24 59.14
CA GLU A 500 -29.21 21.35 60.26
C GLU A 500 -28.22 20.19 60.28
N GLY A 501 -28.71 18.99 60.02
CA GLY A 501 -27.87 17.80 59.94
C GLY A 501 -27.86 17.24 58.53
N GLU A 502 -26.66 16.94 58.04
CA GLU A 502 -26.51 16.45 56.68
C GLU A 502 -27.22 15.11 56.51
N TYR A 503 -27.98 14.99 55.42
CA TYR A 503 -28.66 13.75 55.09
C TYR A 503 -28.57 13.52 53.59
N THR A 504 -28.34 12.27 53.19
CA THR A 504 -28.26 11.92 51.79
C THR A 504 -28.41 10.41 51.66
N GLU A 505 -29.36 9.98 50.84
CA GLU A 505 -29.61 8.56 50.60
C GLU A 505 -29.65 8.33 49.10
N ILE A 506 -28.95 7.30 48.63
CA ILE A 506 -28.93 6.92 47.23
C ILE A 506 -29.00 5.41 47.13
N GLN A 507 -29.84 4.91 46.23
CA GLN A 507 -29.95 3.47 46.07
C GLN A 507 -30.43 3.12 44.66
N LYS A 508 -30.03 1.94 44.20
CA LYS A 508 -30.48 1.43 42.91
C LYS A 508 -31.83 0.74 43.10
N CYS A 509 -32.84 1.21 42.35
CA CYS A 509 -34.19 0.71 42.50
C CYS A 509 -34.54 -0.26 41.37
N PRO A 510 -35.07 -1.45 41.65
CA PRO A 510 -35.39 -2.37 40.57
C PRO A 510 -36.48 -1.84 39.66
N SER A 511 -36.52 -2.36 38.44
CA SER A 511 -37.51 -1.89 37.46
C SER A 511 -38.92 -2.15 37.96
N LYS A 512 -39.17 -3.31 38.55
CA LYS A 512 -40.50 -3.62 39.06
C LYS A 512 -40.89 -2.62 40.14
N ALA A 513 -42.15 -2.19 40.11
CA ALA A 513 -42.67 -1.21 41.06
C ALA A 513 -43.28 -1.94 42.25
N ARG A 514 -42.90 -1.52 43.44
CA ARG A 514 -43.40 -2.13 44.68
C ARG A 514 -44.68 -1.43 45.13
N GLU A 515 -45.39 -2.08 46.05
CA GLU A 515 -46.66 -1.57 46.54
C GLU A 515 -46.47 -0.77 47.82
N VAL A 516 -47.20 0.33 47.93
CA VAL A 516 -47.13 1.22 49.09
C VAL A 516 -48.31 0.90 49.99
N TRP A 517 -48.03 0.68 51.28
CA TRP A 517 -49.04 0.30 52.26
C TRP A 517 -48.93 1.22 53.47
N PHE A 518 -49.85 2.16 53.60
CA PHE A 518 -49.93 2.98 54.79
C PHE A 518 -50.32 2.12 55.98
N VAL A 519 -49.63 2.33 57.10
CA VAL A 519 -49.90 1.63 58.35
C VAL A 519 -50.12 2.67 59.43
N TYR A 520 -51.28 2.62 60.07
CA TYR A 520 -51.64 3.57 61.12
C TYR A 520 -51.54 2.89 62.48
N SER A 521 -50.82 3.52 63.39
CA SER A 521 -50.63 2.98 64.74
C SER A 521 -51.77 3.41 65.65
N GLY A 522 -51.91 2.68 66.74
CA GLY A 522 -52.94 2.93 67.74
C GLY A 522 -52.39 3.68 68.94
N MET A 523 -52.81 3.25 70.13
CA MET A 523 -52.35 3.86 71.35
C MET A 523 -50.91 3.43 71.66
N GLY A 524 -50.29 4.13 72.61
CA GLY A 524 -48.92 3.87 73.00
C GLY A 524 -47.89 4.74 72.30
N SER A 525 -48.29 5.49 71.27
CA SER A 525 -47.39 6.39 70.56
C SER A 525 -47.40 7.80 71.14
N GLN A 526 -48.14 8.03 72.22
CA GLN A 526 -48.23 9.37 72.78
C GLN A 526 -46.95 9.74 73.52
N TRP A 527 -46.62 11.03 73.48
CA TRP A 527 -45.47 11.56 74.18
C TRP A 527 -45.58 13.09 74.21
N VAL A 528 -44.77 13.70 75.05
CA VAL A 528 -44.79 15.16 75.21
C VAL A 528 -44.00 15.79 74.08
N GLY A 529 -44.60 16.76 73.41
CA GLY A 529 -43.98 17.42 72.27
C GLY A 529 -44.25 16.77 70.94
N MET A 530 -45.25 15.89 70.85
CA MET A 530 -45.56 15.23 69.59
C MET A 530 -45.95 16.24 68.52
N GLY A 531 -45.33 16.12 67.35
CA GLY A 531 -45.66 16.95 66.21
C GLY A 531 -45.34 18.42 66.42
N ARG A 532 -44.61 18.74 67.49
CA ARG A 532 -44.28 20.14 67.75
C ARG A 532 -43.35 20.70 66.68
N SER A 533 -42.36 19.91 66.27
CA SER A 533 -41.47 20.36 65.19
C SER A 533 -42.23 20.46 63.87
N LEU A 534 -43.04 19.44 63.56
CA LEU A 534 -43.79 19.44 62.31
C LEU A 534 -44.72 20.63 62.17
N MET A 535 -44.92 21.41 63.24
CA MET A 535 -45.71 22.63 63.14
C MET A 535 -45.07 23.64 62.19
N ALA A 536 -43.78 23.47 61.87
CA ALA A 536 -43.14 24.38 60.93
C ALA A 536 -43.82 24.32 59.57
N LEU A 537 -44.18 23.13 59.11
CA LEU A 537 -44.86 23.00 57.83
C LEU A 537 -46.23 23.66 57.89
N ASP A 538 -46.56 24.41 56.83
CA ASP A 538 -47.83 25.12 56.80
C ASP A 538 -49.01 24.16 56.76
N VAL A 539 -48.90 23.09 55.97
CA VAL A 539 -50.03 22.16 55.81
C VAL A 539 -50.33 21.48 57.15
N PHE A 540 -49.30 21.04 57.86
CA PHE A 540 -49.49 20.37 59.14
C PHE A 540 -50.20 21.31 60.13
N ARG A 541 -49.71 22.54 60.23
CA ARG A 541 -50.32 23.49 61.16
C ARG A 541 -51.76 23.79 60.76
N GLN A 542 -52.03 23.94 59.47
CA GLN A 542 -53.39 24.21 59.02
C GLN A 542 -54.32 23.05 59.36
N SER A 543 -53.86 21.82 59.13
CA SER A 543 -54.69 20.66 59.45
C SER A 543 -54.97 20.59 60.95
N ILE A 544 -53.95 20.82 61.77
CA ILE A 544 -54.15 20.76 63.22
C ILE A 544 -55.09 21.87 63.67
N GLU A 545 -54.97 23.06 63.08
CA GLU A 545 -55.87 24.16 63.42
C GLU A 545 -57.30 23.84 63.04
N GLU A 546 -57.50 23.23 61.88
CA GLU A 546 -58.85 22.83 61.47
C GLU A 546 -59.43 21.81 62.44
N THR A 547 -58.62 20.80 62.83
CA THR A 547 -59.10 19.81 63.77
C THR A 547 -59.44 20.44 65.12
N ALA A 548 -58.60 21.36 65.59
CA ALA A 548 -58.85 22.04 66.86
C ALA A 548 -60.13 22.86 66.79
N ALA A 549 -60.35 23.57 65.68
CA ALA A 549 -61.57 24.34 65.51
C ALA A 549 -62.79 23.43 65.52
N ILE A 550 -62.68 22.27 64.85
CA ILE A 550 -63.81 21.33 64.82
C ILE A 550 -64.12 20.82 66.22
N LEU A 551 -63.07 20.50 66.99
CA LEU A 551 -63.27 19.91 68.32
C LEU A 551 -63.58 20.95 69.40
N SER A 552 -63.35 22.24 69.13
CA SER A 552 -63.59 23.26 70.14
C SER A 552 -65.02 23.26 70.66
N PRO A 553 -66.06 23.18 69.81
CA PRO A 553 -67.43 23.22 70.34
C PRO A 553 -67.70 22.18 71.42
N PHE A 554 -66.88 21.13 71.47
CA PHE A 554 -67.02 20.08 72.46
C PHE A 554 -66.18 20.32 73.70
N GLY A 555 -65.64 21.53 73.87
CA GLY A 555 -64.87 21.84 75.06
C GLY A 555 -63.48 21.24 75.09
N VAL A 556 -62.90 20.97 73.92
CA VAL A 556 -61.56 20.40 73.81
C VAL A 556 -60.68 21.40 73.07
N ASP A 557 -59.54 21.75 73.65
CA ASP A 557 -58.61 22.72 73.08
C ASP A 557 -57.38 21.91 72.64
N LEU A 558 -57.44 21.42 71.40
CA LEU A 558 -56.36 20.58 70.88
C LEU A 558 -55.04 21.36 70.84
N MET A 559 -55.10 22.65 70.49
CA MET A 559 -53.88 23.44 70.37
C MET A 559 -53.09 23.44 71.67
N SER A 560 -53.77 23.68 72.79
CA SER A 560 -53.08 23.72 74.08
C SER A 560 -52.47 22.38 74.43
N LEU A 561 -53.23 21.29 74.24
CA LEU A 561 -52.71 19.96 74.56
C LEU A 561 -51.48 19.64 73.72
N LEU A 562 -51.49 20.04 72.44
CA LEU A 562 -50.38 19.69 71.57
C LEU A 562 -49.15 20.57 71.85
N MET A 563 -49.35 21.85 72.15
CA MET A 563 -48.23 22.77 72.31
C MET A 563 -47.71 22.82 73.75
N ASP A 564 -48.58 23.21 74.69
CA ASP A 564 -48.20 23.37 76.09
C ASP A 564 -48.59 22.17 76.94
N GLY A 565 -49.05 21.08 76.33
CA GLY A 565 -49.45 19.92 77.11
C GLY A 565 -48.27 19.31 77.84
N THR A 566 -48.57 18.72 79.00
CA THR A 566 -47.58 18.10 79.87
C THR A 566 -47.88 16.61 80.01
N GLU A 567 -46.99 15.91 80.70
CA GLU A 567 -47.17 14.47 80.90
C GLU A 567 -48.45 14.17 81.68
N ASP A 568 -48.74 14.96 82.70
CA ASP A 568 -49.93 14.72 83.51
C ASP A 568 -51.19 14.82 82.67
N LYS A 569 -51.26 15.80 81.77
CA LYS A 569 -52.41 15.91 80.88
C LYS A 569 -52.52 14.68 79.98
N LEU A 570 -51.39 14.22 79.43
CA LEU A 570 -51.42 13.04 78.58
C LEU A 570 -51.80 11.78 79.35
N LYS A 571 -51.60 11.76 80.67
CA LYS A 571 -51.99 10.59 81.44
C LYS A 571 -53.49 10.34 81.36
N GLU A 572 -54.28 11.39 81.15
CA GLU A 572 -55.73 11.24 81.06
C GLU A 572 -56.09 10.43 79.82
N ILE A 573 -57.38 10.12 79.69
CA ILE A 573 -57.84 9.23 78.62
C ILE A 573 -58.04 10.01 77.32
N MET A 574 -58.79 11.10 77.38
CA MET A 574 -59.14 11.82 76.16
C MET A 574 -57.93 12.37 75.41
N PRO A 575 -57.02 13.10 76.04
CA PRO A 575 -55.97 13.80 75.29
C PRO A 575 -55.14 12.85 74.44
N PRO A 576 -54.81 11.66 74.95
CA PRO A 576 -54.12 10.69 74.08
C PRO A 576 -54.85 10.42 72.77
N PHE A 577 -56.12 10.03 72.84
CA PHE A 577 -56.87 9.75 71.62
C PHE A 577 -56.92 10.98 70.73
N ILE A 578 -57.24 12.14 71.31
CA ILE A 578 -57.42 13.35 70.51
C ILE A 578 -56.13 13.69 69.78
N CYS A 579 -55.01 13.73 70.51
CA CYS A 579 -53.74 14.11 69.90
C CYS A 579 -53.27 13.08 68.88
N ILE A 580 -53.42 11.79 69.18
CA ILE A 580 -52.99 10.77 68.23
C ILE A 580 -53.78 10.88 66.94
N ASN A 581 -55.11 11.03 67.04
CA ASN A 581 -55.92 11.16 65.85
C ASN A 581 -55.57 12.42 65.07
N ALA A 582 -55.37 13.53 65.78
CA ALA A 582 -55.03 14.77 65.09
C ALA A 582 -53.71 14.67 64.36
N ILE A 583 -52.70 14.07 64.98
CA ILE A 583 -51.40 13.91 64.34
C ILE A 583 -51.50 12.99 63.14
N GLN A 584 -52.27 11.90 63.27
CA GLN A 584 -52.45 10.99 62.14
C GLN A 584 -53.13 11.71 60.97
N LEU A 585 -54.17 12.50 61.26
CA LEU A 585 -54.84 13.23 60.20
C LEU A 585 -53.92 14.24 59.55
N ALA A 586 -53.10 14.94 60.35
CA ALA A 586 -52.17 15.91 59.79
C ALA A 586 -51.13 15.24 58.90
N LEU A 587 -50.61 14.10 59.33
CA LEU A 587 -49.64 13.38 58.51
C LEU A 587 -50.29 12.88 57.22
N THR A 588 -51.53 12.39 57.30
CA THR A 588 -52.23 11.97 56.09
C THR A 588 -52.44 13.14 55.15
N ASP A 589 -52.78 14.31 55.68
CA ASP A 589 -52.95 15.50 54.84
C ASP A 589 -51.64 15.88 54.17
N LEU A 590 -50.53 15.81 54.92
CA LEU A 590 -49.23 16.11 54.34
C LEU A 590 -48.91 15.16 53.20
N LEU A 591 -49.14 13.86 53.42
CA LEU A 591 -48.85 12.88 52.38
C LEU A 591 -49.72 13.09 51.16
N ASN A 592 -51.01 13.39 51.37
CA ASN A 592 -51.91 13.63 50.24
C ASN A 592 -51.48 14.87 49.47
N SER A 593 -51.11 15.94 50.17
CA SER A 593 -50.64 17.14 49.50
C SER A 593 -49.39 16.85 48.68
N MET A 594 -48.47 16.05 49.23
CA MET A 594 -47.28 15.70 48.48
C MET A 594 -47.63 14.87 47.24
N GLY A 595 -48.73 14.14 47.29
CA GLY A 595 -49.15 13.31 46.17
C GLY A 595 -48.81 11.85 46.29
N ILE A 596 -48.74 11.30 47.49
CA ILE A 596 -48.47 9.88 47.70
C ILE A 596 -49.81 9.15 47.74
N VAL A 597 -49.99 8.21 46.82
CA VAL A 597 -51.23 7.44 46.70
C VAL A 597 -50.99 6.08 47.36
N PRO A 598 -51.64 5.78 48.48
CA PRO A 598 -51.39 4.49 49.15
C PRO A 598 -52.11 3.35 48.41
N ASP A 599 -51.32 2.40 47.91
CA ASP A 599 -51.90 1.22 47.28
C ASP A 599 -52.64 0.34 48.27
N GLY A 600 -52.35 0.48 49.56
CA GLY A 600 -53.07 -0.26 50.58
C GLY A 600 -53.07 0.51 51.89
N LEU A 601 -54.05 0.20 52.73
CA LEU A 601 -54.21 0.86 54.02
C LEU A 601 -54.50 -0.18 55.09
N VAL A 602 -53.75 -0.12 56.19
CA VAL A 602 -54.01 -0.96 57.36
C VAL A 602 -53.80 -0.11 58.61
N GLY A 603 -54.46 -0.50 59.68
CA GLY A 603 -54.38 0.27 60.91
C GLY A 603 -54.65 -0.58 62.13
N HIS A 604 -54.06 -0.19 63.26
CA HIS A 604 -54.28 -0.84 64.53
C HIS A 604 -55.52 -0.22 65.18
N SER A 605 -55.80 -0.59 66.43
CA SER A 605 -56.91 0.01 67.16
C SER A 605 -56.72 1.52 67.24
N LEU A 606 -57.79 2.25 66.97
CA LEU A 606 -57.79 3.72 66.94
C LEU A 606 -57.07 4.24 65.70
N GLY A 607 -56.46 3.34 64.93
CA GLY A 607 -55.84 3.72 63.67
C GLY A 607 -56.77 3.47 62.50
N GLU A 608 -57.83 2.68 62.74
CA GLU A 608 -58.80 2.41 61.69
C GLU A 608 -59.53 3.69 61.28
N VAL A 609 -59.71 4.63 62.22
CA VAL A 609 -60.31 5.91 61.88
C VAL A 609 -59.41 6.66 60.89
N GLY A 610 -58.10 6.66 61.15
CA GLY A 610 -57.18 7.28 60.20
C GLY A 610 -57.19 6.59 58.85
N CYS A 611 -57.28 5.26 58.85
CA CYS A 611 -57.37 4.54 57.59
C CYS A 611 -58.63 4.92 56.82
N ALA A 612 -59.76 5.04 57.52
CA ALA A 612 -60.99 5.47 56.87
C ALA A 612 -60.85 6.88 56.31
N TYR A 613 -60.23 7.78 57.07
CA TYR A 613 -60.06 9.15 56.59
C TYR A 613 -59.18 9.18 55.35
N ALA A 614 -58.08 8.41 55.34
CA ALA A 614 -57.20 8.38 54.18
C ALA A 614 -57.88 7.75 52.98
N ASP A 615 -58.68 6.71 53.20
CA ASP A 615 -59.34 6.00 52.12
C ASP A 615 -60.42 6.84 51.44
N GLY A 616 -60.87 7.91 52.08
CA GLY A 616 -61.94 8.74 51.56
C GLY A 616 -63.32 8.33 52.01
N CYS A 617 -63.46 7.19 52.69
CA CYS A 617 -64.76 6.80 53.22
C CYS A 617 -65.18 7.64 54.40
N LEU A 618 -64.24 8.30 55.07
CA LEU A 618 -64.50 9.16 56.21
C LEU A 618 -63.98 10.56 55.92
N THR A 619 -64.37 11.51 56.77
CA THR A 619 -63.98 12.90 56.64
C THR A 619 -63.28 13.35 57.93
N ARG A 620 -62.62 14.51 57.84
CA ARG A 620 -61.88 15.02 58.99
C ARG A 620 -62.79 15.17 60.20
N ARG A 621 -63.92 15.86 60.03
CA ARG A 621 -64.83 16.06 61.16
C ARG A 621 -65.34 14.74 61.68
N GLU A 622 -65.74 13.83 60.79
CA GLU A 622 -66.28 12.55 61.23
C GLU A 622 -65.21 11.73 61.94
N ALA A 623 -63.97 11.74 61.43
CA ALA A 623 -62.90 10.98 62.07
C ALA A 623 -62.59 11.51 63.46
N ILE A 624 -62.44 12.83 63.58
CA ILE A 624 -62.10 13.41 64.88
C ILE A 624 -63.25 13.19 65.86
N LEU A 625 -64.50 13.29 65.38
CA LEU A 625 -65.63 13.03 66.26
C LEU A 625 -65.71 11.57 66.67
N SER A 626 -65.33 10.65 65.78
CA SER A 626 -65.29 9.24 66.15
C SER A 626 -64.26 9.01 67.25
N ALA A 627 -63.07 9.59 67.12
CA ALA A 627 -62.07 9.45 68.18
C ALA A 627 -62.56 10.07 69.48
N PHE A 628 -63.15 11.26 69.40
CA PHE A 628 -63.65 11.92 70.61
C PHE A 628 -64.75 11.11 71.26
N TRP A 629 -65.63 10.50 70.46
CA TRP A 629 -66.71 9.68 71.00
C TRP A 629 -66.17 8.41 71.63
N ARG A 630 -65.13 7.82 71.03
CA ARG A 630 -64.48 6.68 71.67
C ARG A 630 -63.95 7.06 73.04
N ALA A 631 -63.22 8.17 73.12
CA ALA A 631 -62.68 8.62 74.41
C ALA A 631 -63.80 8.91 75.40
N LYS A 632 -64.87 9.57 74.94
CA LYS A 632 -65.98 9.92 75.82
C LYS A 632 -66.69 8.68 76.35
N ALA A 633 -66.90 7.68 75.48
CA ALA A 633 -67.52 6.44 75.93
C ALA A 633 -66.62 5.71 76.93
N VAL A 634 -65.31 5.74 76.70
CA VAL A 634 -64.40 5.07 77.63
C VAL A 634 -64.43 5.76 79.00
N ILE A 635 -64.41 7.09 79.01
CA ILE A 635 -64.32 7.81 80.29
C ILE A 635 -65.66 7.80 81.02
N ASP A 636 -66.75 8.11 80.32
CA ASP A 636 -68.04 8.29 80.99
C ASP A 636 -68.49 6.99 81.67
N CYS A 637 -68.40 5.88 80.95
CA CYS A 637 -68.78 4.60 81.54
C CYS A 637 -67.85 4.27 82.69
N GLU A 638 -68.41 3.66 83.73
CA GLU A 638 -67.63 3.22 84.89
C GLU A 638 -67.06 1.82 84.65
N VAL A 639 -66.36 1.66 83.51
CA VAL A 639 -65.76 0.38 83.20
C VAL A 639 -64.89 -0.05 84.37
N LYS A 640 -65.01 -1.31 84.75
CA LYS A 640 -64.43 -1.79 85.99
C LYS A 640 -62.91 -1.75 85.90
N PRO A 641 -62.22 -1.72 87.06
CA PRO A 641 -60.75 -1.74 87.02
C PRO A 641 -60.24 -2.85 86.13
N GLY A 642 -59.66 -2.48 84.99
CA GLY A 642 -59.27 -3.42 83.96
C GLY A 642 -57.77 -3.45 83.77
N LYS A 643 -57.32 -4.42 82.97
CA LYS A 643 -55.90 -4.63 82.74
C LYS A 643 -55.73 -5.20 81.34
N MET A 644 -54.66 -4.76 80.67
CA MET A 644 -54.25 -5.32 79.40
C MET A 644 -52.77 -5.66 79.49
N ALA A 645 -52.36 -6.76 78.86
CA ALA A 645 -50.97 -7.19 78.95
C ALA A 645 -50.54 -7.88 77.67
N ALA A 646 -49.35 -7.53 77.20
CA ALA A 646 -48.75 -8.12 76.01
C ALA A 646 -48.04 -9.40 76.44
N VAL A 647 -48.77 -10.51 76.38
CA VAL A 647 -48.18 -11.82 76.66
C VAL A 647 -47.26 -12.18 75.51
N GLU A 648 -46.41 -13.18 75.72
CA GLU A 648 -45.54 -13.71 74.67
C GLU A 648 -46.06 -15.02 74.10
N LEU A 649 -47.36 -15.27 74.24
CA LEU A 649 -47.96 -16.51 73.79
C LEU A 649 -48.45 -16.37 72.35
N THR A 650 -48.71 -17.52 71.72
CA THR A 650 -49.31 -17.52 70.38
C THR A 650 -50.81 -17.27 70.48
N TRP A 651 -51.40 -16.90 69.34
CA TRP A 651 -52.82 -16.54 69.33
C TRP A 651 -53.68 -17.66 69.91
N GLU A 652 -53.54 -18.88 69.38
CA GLU A 652 -54.32 -20.00 69.91
C GLU A 652 -53.93 -20.34 71.33
N GLU A 653 -52.63 -20.32 71.63
CA GLU A 653 -52.19 -20.64 72.97
C GLU A 653 -52.71 -19.63 73.98
N ALA A 654 -52.70 -18.35 73.63
CA ALA A 654 -53.27 -17.33 74.51
C ALA A 654 -54.79 -17.46 74.60
N LYS A 655 -55.43 -17.90 73.51
CA LYS A 655 -56.87 -18.12 73.52
C LYS A 655 -57.27 -19.36 74.31
N ARG A 656 -56.34 -20.24 74.63
CA ARG A 656 -56.60 -21.36 75.52
C ARG A 656 -56.18 -21.10 76.96
N LEU A 657 -55.06 -20.39 77.17
CA LEU A 657 -54.65 -20.03 78.52
C LEU A 657 -55.54 -18.97 79.13
N CYS A 658 -56.29 -18.22 78.32
CA CYS A 658 -57.12 -17.12 78.81
C CYS A 658 -58.10 -17.62 79.87
N PRO A 659 -57.96 -17.20 81.12
CA PRO A 659 -58.89 -17.64 82.16
C PRO A 659 -60.19 -16.85 82.11
N PRO A 660 -61.09 -17.07 83.06
CA PRO A 660 -62.34 -16.30 83.09
C PRO A 660 -62.06 -14.82 83.33
N GLY A 661 -62.96 -13.97 82.81
CA GLY A 661 -62.75 -12.55 82.90
C GLY A 661 -61.51 -12.08 82.18
N VAL A 662 -61.09 -12.82 81.16
CA VAL A 662 -59.85 -12.54 80.43
C VAL A 662 -60.01 -13.06 79.01
N VAL A 663 -59.76 -12.19 78.02
CA VAL A 663 -59.97 -12.50 76.62
C VAL A 663 -58.84 -11.87 75.81
N ALA A 664 -58.40 -12.58 74.78
CA ALA A 664 -57.30 -12.09 73.94
C ALA A 664 -57.82 -10.98 73.04
N ALA A 665 -57.17 -9.82 73.09
CA ALA A 665 -57.68 -8.61 72.45
C ALA A 665 -57.02 -8.32 71.11
N CYS A 666 -55.69 -8.18 71.09
CA CYS A 666 -54.97 -7.73 69.91
C CYS A 666 -53.94 -8.78 69.51
N HIS A 667 -54.13 -9.36 68.33
CA HIS A 667 -53.16 -10.28 67.74
C HIS A 667 -52.14 -9.45 66.96
N ASN A 668 -51.16 -8.92 67.68
CA ASN A 668 -50.24 -7.93 67.10
C ASN A 668 -49.26 -8.60 66.14
N SER A 669 -48.42 -9.49 66.64
CA SER A 669 -47.48 -10.25 65.84
C SER A 669 -47.81 -11.73 65.99
N GLN A 670 -47.01 -12.57 65.33
CA GLN A 670 -47.19 -14.01 65.49
C GLN A 670 -46.78 -14.49 66.88
N ASP A 671 -46.06 -13.66 67.64
CA ASP A 671 -45.62 -14.00 68.98
C ASP A 671 -46.00 -12.91 69.98
N SER A 672 -47.11 -12.23 69.73
CA SER A 672 -47.57 -11.16 70.62
C SER A 672 -49.09 -11.16 70.68
N VAL A 673 -49.63 -11.11 71.89
CA VAL A 673 -51.06 -11.04 72.13
C VAL A 673 -51.28 -10.03 73.25
N THR A 674 -52.45 -9.38 73.24
CA THR A 674 -52.72 -8.28 74.15
C THR A 674 -53.80 -8.73 75.12
N ILE A 675 -53.59 -9.89 75.73
CA ILE A 675 -54.59 -10.53 76.59
C ILE A 675 -55.05 -9.52 77.64
N SER A 676 -56.37 -9.27 77.71
CA SER A 676 -56.89 -8.24 78.58
C SER A 676 -58.14 -8.73 79.29
N GLY A 677 -58.38 -8.17 80.48
CA GLY A 677 -59.53 -8.56 81.25
C GLY A 677 -59.67 -7.76 82.51
N GLY A 678 -60.37 -8.34 83.48
CA GLY A 678 -60.52 -7.69 84.77
C GLY A 678 -59.21 -7.63 85.53
N ALA A 679 -59.07 -6.58 86.34
CA ALA A 679 -57.80 -6.35 87.02
C ALA A 679 -57.38 -7.54 87.87
N GLN A 680 -58.32 -8.11 88.64
CA GLN A 680 -57.99 -9.26 89.47
C GLN A 680 -57.63 -10.48 88.61
N GLU A 681 -58.50 -10.81 87.66
CA GLU A 681 -58.26 -11.95 86.80
C GLU A 681 -56.98 -11.76 85.99
N MET A 682 -56.79 -10.55 85.46
CA MET A 682 -55.57 -10.26 84.72
C MET A 682 -54.34 -10.41 85.60
N THR A 683 -54.41 -9.95 86.85
CA THR A 683 -53.27 -10.07 87.75
C THR A 683 -52.89 -11.53 87.97
N LYS A 684 -53.87 -12.35 88.36
CA LYS A 684 -53.54 -13.74 88.65
C LYS A 684 -53.11 -14.47 87.38
N PHE A 685 -53.72 -14.15 86.24
CA PHE A 685 -53.29 -14.77 84.99
C PHE A 685 -51.89 -14.33 84.60
N MET A 686 -51.53 -13.08 84.89
CA MET A 686 -50.18 -12.61 84.61
C MET A 686 -49.17 -13.42 85.42
N ALA A 687 -49.43 -13.56 86.72
CA ALA A 687 -48.51 -14.31 87.56
C ALA A 687 -48.46 -15.78 87.15
N GLU A 688 -49.58 -16.34 86.69
CA GLU A 688 -49.59 -17.74 86.26
C GLU A 688 -48.83 -17.92 84.96
N LEU A 689 -48.99 -17.00 84.01
CA LEU A 689 -48.23 -17.06 82.77
C LEU A 689 -46.75 -16.92 83.04
N SER A 690 -46.37 -16.02 83.96
CA SER A 690 -44.98 -15.91 84.36
C SER A 690 -44.50 -17.10 85.19
N ALA A 691 -45.42 -17.89 85.74
CA ALA A 691 -45.03 -19.11 86.43
C ALA A 691 -44.60 -20.19 85.43
N GLN A 692 -45.46 -20.52 84.47
CA GLN A 692 -45.02 -21.32 83.33
C GLN A 692 -43.84 -20.65 82.64
N GLY A 693 -43.86 -19.32 82.58
CA GLY A 693 -42.74 -18.55 82.07
C GLY A 693 -42.96 -18.04 80.67
N VAL A 694 -43.42 -16.79 80.57
CA VAL A 694 -43.54 -16.06 79.32
C VAL A 694 -43.45 -14.57 79.64
N THR A 695 -43.00 -13.80 78.66
CA THR A 695 -42.77 -12.38 78.86
C THR A 695 -44.09 -11.64 78.79
N VAL A 696 -44.80 -11.58 79.91
CA VAL A 696 -46.05 -10.85 80.00
C VAL A 696 -45.78 -9.46 80.56
N LYS A 697 -45.44 -8.53 79.66
CA LYS A 697 -45.27 -7.13 80.06
C LYS A 697 -46.63 -6.46 80.18
N GLU A 698 -46.75 -5.55 81.14
CA GLU A 698 -47.97 -4.79 81.30
C GLU A 698 -48.00 -3.63 80.31
N VAL A 699 -49.08 -3.54 79.55
CA VAL A 699 -49.32 -2.39 78.68
C VAL A 699 -50.28 -1.48 79.44
N ASN A 700 -49.79 -0.33 79.89
CA ASN A 700 -50.66 0.61 80.58
C ASN A 700 -51.67 1.15 79.57
N SER A 701 -52.94 0.77 79.73
CA SER A 701 -54.00 1.14 78.82
C SER A 701 -54.93 2.15 79.48
N ASN A 702 -54.34 3.06 80.27
CA ASN A 702 -55.11 3.94 81.14
C ASN A 702 -55.97 3.11 82.09
N ASN A 703 -55.49 1.91 82.43
CA ASN A 703 -56.20 1.00 83.34
C ASN A 703 -57.57 0.65 82.81
N ILE A 704 -57.67 0.39 81.50
CA ILE A 704 -58.91 0.01 80.85
C ILE A 704 -58.62 -1.15 79.91
N SER A 705 -59.55 -2.10 79.83
CA SER A 705 -59.41 -3.28 78.99
C SER A 705 -60.22 -3.07 77.71
N TYR A 706 -59.52 -2.78 76.62
CA TYR A 706 -60.18 -2.58 75.33
C TYR A 706 -60.33 -3.91 74.59
N HIS A 707 -61.25 -3.91 73.63
CA HIS A 707 -61.46 -5.06 72.74
C HIS A 707 -61.71 -6.33 73.55
N SER A 708 -62.52 -6.22 74.60
CA SER A 708 -62.88 -7.35 75.44
C SER A 708 -64.37 -7.25 75.76
N SER A 709 -64.87 -8.21 76.54
CA SER A 709 -66.27 -8.16 76.95
C SER A 709 -66.58 -6.89 77.73
N PHE A 710 -65.58 -6.33 78.41
CA PHE A 710 -65.78 -5.09 79.17
C PHE A 710 -66.18 -3.94 78.26
N MET A 711 -65.92 -4.04 76.96
CA MET A 711 -66.30 -3.01 76.00
C MET A 711 -67.70 -3.21 75.44
N THR A 712 -68.44 -4.20 75.94
CA THR A 712 -69.79 -4.43 75.44
C THR A 712 -70.68 -3.21 75.67
N GLU A 713 -70.58 -2.60 76.86
CA GLU A 713 -71.39 -1.41 77.14
C GLU A 713 -70.93 -0.22 76.32
N PRO A 714 -69.68 0.24 76.44
CA PRO A 714 -69.28 1.43 75.67
C PRO A 714 -69.52 1.32 74.18
N ALA A 715 -69.24 0.16 73.59
CA ALA A 715 -69.38 0.02 72.14
C ALA A 715 -70.79 0.40 71.70
N ALA A 716 -71.80 -0.20 72.34
CA ALA A 716 -73.17 0.17 72.03
C ALA A 716 -73.36 1.67 72.20
N TYR A 717 -72.91 2.22 73.33
CA TYR A 717 -72.96 3.66 73.52
C TYR A 717 -72.33 4.36 72.33
N LEU A 718 -71.12 3.95 71.96
CA LEU A 718 -70.46 4.54 70.81
C LEU A 718 -71.37 4.53 69.60
N LYS A 719 -71.99 3.38 69.33
CA LYS A 719 -72.92 3.28 68.21
C LYS A 719 -73.99 4.37 68.34
N LYS A 720 -74.65 4.43 69.50
CA LYS A 720 -75.68 5.45 69.70
C LYS A 720 -75.10 6.85 69.49
N GLY A 721 -73.84 7.05 69.90
CA GLY A 721 -73.22 8.34 69.68
C GLY A 721 -72.94 8.62 68.22
N LEU A 722 -72.55 7.59 67.46
CA LEU A 722 -72.07 7.78 66.10
C LEU A 722 -73.12 7.49 65.04
N GLU A 723 -74.28 6.95 65.42
CA GLU A 723 -75.31 6.65 64.43
C GLU A 723 -75.83 7.91 63.76
N LYS A 724 -75.82 9.03 64.48
CA LYS A 724 -76.36 10.30 63.97
C LYS A 724 -75.31 11.15 63.28
N GLU A 725 -74.05 10.74 63.27
CA GLU A 725 -72.98 11.55 62.70
C GLU A 725 -72.32 10.90 61.50
N ILE A 726 -71.88 9.65 61.62
CA ILE A 726 -71.14 8.99 60.54
C ILE A 726 -72.13 8.60 59.45
N VAL A 727 -71.96 9.18 58.27
CA VAL A 727 -72.78 8.85 57.11
C VAL A 727 -72.20 7.59 56.46
N PRO A 728 -72.97 6.52 56.29
CA PRO A 728 -72.40 5.31 55.68
C PRO A 728 -71.81 5.62 54.31
N LYS A 729 -70.62 5.05 54.06
CA LYS A 729 -69.94 5.18 52.78
C LYS A 729 -69.21 3.88 52.48
N PRO A 730 -69.03 3.55 51.20
CA PRO A 730 -68.38 2.28 50.86
C PRO A 730 -66.91 2.27 51.27
N ARG A 731 -66.41 1.07 51.55
CA ARG A 731 -65.00 0.87 51.88
C ARG A 731 -64.28 0.30 50.67
N SER A 732 -63.21 0.97 50.25
CA SER A 732 -62.47 0.53 49.08
C SER A 732 -61.66 -0.72 49.40
N LYS A 733 -61.34 -1.47 48.35
CA LYS A 733 -60.56 -2.69 48.51
C LYS A 733 -59.16 -2.40 49.05
N LYS A 734 -58.67 -1.18 48.90
CA LYS A 734 -57.34 -0.84 49.41
C LYS A 734 -57.29 -0.98 50.93
N TRP A 735 -58.33 -0.51 51.61
CA TRP A 735 -58.37 -0.59 53.08
C TRP A 735 -58.64 -2.03 53.50
N ILE A 736 -57.75 -2.56 54.33
CA ILE A 736 -57.85 -3.93 54.83
C ILE A 736 -58.33 -3.86 56.27
N SER A 737 -59.53 -4.38 56.52
CA SER A 737 -60.10 -4.35 57.86
C SER A 737 -59.30 -5.23 58.81
N THR A 738 -59.09 -4.73 60.03
CA THR A 738 -58.35 -5.46 61.06
C THR A 738 -59.25 -5.83 62.24
N SER A 739 -60.57 -5.79 62.06
CA SER A 739 -61.50 -6.08 63.14
C SER A 739 -62.50 -7.15 62.72
N ILE A 740 -62.84 -7.21 61.44
CA ILE A 740 -63.80 -8.17 60.91
C ILE A 740 -63.02 -9.29 60.24
N PRO A 741 -63.22 -10.55 60.63
CA PRO A 741 -62.46 -11.64 60.00
C PRO A 741 -62.73 -11.73 58.51
N GLU A 742 -61.72 -12.21 57.79
CA GLU A 742 -61.84 -12.36 56.34
C GLU A 742 -63.08 -13.13 55.96
N GLU A 743 -63.40 -14.20 56.71
CA GLU A 743 -64.57 -15.01 56.39
C GLU A 743 -65.86 -14.22 56.46
N ARG A 744 -65.87 -13.08 57.15
CA ARG A 744 -67.06 -12.23 57.25
C ARG A 744 -66.92 -10.94 56.46
N TRP A 745 -65.87 -10.80 55.65
CA TRP A 745 -65.71 -9.58 54.85
C TRP A 745 -66.83 -9.43 53.84
N GLY A 746 -67.24 -10.54 53.20
CA GLY A 746 -68.28 -10.46 52.19
C GLY A 746 -69.62 -10.05 52.72
N ASN A 747 -69.84 -10.14 54.03
CA ASN A 747 -71.11 -9.78 54.62
C ASN A 747 -71.30 -8.26 54.61
N PRO A 748 -72.55 -7.79 54.68
CA PRO A 748 -72.78 -6.34 54.58
C PRO A 748 -72.07 -5.52 55.64
N GLU A 749 -71.94 -6.05 56.86
CA GLU A 749 -71.32 -5.28 57.93
C GLU A 749 -69.95 -4.76 57.52
N ALA A 750 -69.22 -5.55 56.74
CA ALA A 750 -67.91 -5.15 56.23
C ALA A 750 -68.01 -4.52 54.84
N GLN A 751 -68.89 -3.52 54.68
CA GLN A 751 -68.92 -2.71 53.47
C GLN A 751 -68.89 -1.22 53.73
N THR A 752 -69.27 -0.75 54.92
CA THR A 752 -69.25 0.66 55.24
C THR A 752 -68.68 0.86 56.63
N ALA A 753 -67.97 1.98 56.82
CA ALA A 753 -67.38 2.33 58.11
C ALA A 753 -68.32 3.26 58.89
N ASP A 754 -69.53 2.77 59.12
CA ASP A 754 -70.53 3.52 59.86
C ASP A 754 -70.29 3.33 61.36
N ALA A 755 -71.26 3.77 62.17
CA ALA A 755 -71.13 3.60 63.62
C ALA A 755 -70.98 2.14 64.00
N SER A 756 -71.64 1.24 63.25
CA SER A 756 -71.51 -0.19 63.55
C SER A 756 -70.07 -0.65 63.40
N TYR A 757 -69.37 -0.18 62.37
CA TYR A 757 -67.97 -0.56 62.19
C TYR A 757 -67.11 -0.06 63.34
N GLN A 758 -67.33 1.19 63.77
CA GLN A 758 -66.56 1.72 64.89
C GLN A 758 -66.81 0.92 66.16
N ALA A 759 -68.08 0.61 66.44
CA ALA A 759 -68.40 -0.19 67.62
C ALA A 759 -67.74 -1.57 67.54
N ASN A 760 -67.79 -2.19 66.36
CA ASN A 760 -67.21 -3.52 66.20
C ASN A 760 -65.70 -3.49 66.42
N ASN A 761 -65.01 -2.49 65.87
CA ASN A 761 -63.57 -2.43 66.03
C ASN A 761 -63.17 -2.08 67.46
N LEU A 762 -63.98 -1.27 68.14
CA LEU A 762 -63.73 -0.99 69.56
C LEU A 762 -64.07 -2.19 70.44
N LEU A 763 -64.91 -3.10 69.95
CA LEU A 763 -65.34 -4.27 70.71
C LEU A 763 -64.58 -5.53 70.34
N SER A 764 -64.57 -5.88 69.05
CA SER A 764 -63.94 -7.12 68.62
C SER A 764 -62.42 -7.01 68.69
N SER A 765 -61.76 -8.17 68.63
CA SER A 765 -60.31 -8.21 68.67
C SER A 765 -59.72 -7.60 67.40
N VAL A 766 -58.47 -7.18 67.51
CA VAL A 766 -57.73 -6.57 66.40
C VAL A 766 -56.90 -7.66 65.74
N LEU A 767 -57.23 -7.99 64.50
CA LEU A 767 -56.49 -9.01 63.74
C LEU A 767 -55.39 -8.35 62.91
N PHE A 768 -54.43 -7.75 63.61
CA PHE A 768 -53.36 -7.03 62.93
C PHE A 768 -52.52 -7.97 62.07
N TYR A 769 -52.21 -9.16 62.60
CA TYR A 769 -51.40 -10.11 61.83
C TYR A 769 -52.13 -10.55 60.57
N GLU A 770 -53.43 -10.79 60.65
CA GLU A 770 -54.18 -11.19 59.48
C GLU A 770 -54.14 -10.12 58.40
N GLY A 771 -54.30 -8.85 58.80
CA GLY A 771 -54.20 -7.77 57.82
C GLY A 771 -52.81 -7.64 57.23
N LEU A 772 -51.77 -7.77 58.07
CA LEU A 772 -50.41 -7.66 57.57
C LEU A 772 -50.07 -8.80 56.62
N GLN A 773 -50.68 -9.97 56.82
CA GLN A 773 -50.42 -11.10 55.91
C GLN A 773 -50.78 -10.75 54.48
N LYS A 774 -51.81 -9.92 54.28
CA LYS A 774 -52.20 -9.52 52.93
C LYS A 774 -51.14 -8.66 52.25
N ILE A 775 -50.26 -8.04 53.02
CA ILE A 775 -49.23 -7.17 52.42
C ILE A 775 -48.29 -8.03 51.58
N PRO A 776 -47.83 -7.55 50.42
CA PRO A 776 -46.89 -8.35 49.61
C PRO A 776 -45.56 -8.58 50.32
N SER A 777 -44.66 -9.32 49.68
CA SER A 777 -43.37 -9.64 50.26
C SER A 777 -42.32 -8.55 50.03
N ASN A 778 -42.61 -7.55 49.21
CA ASN A 778 -41.66 -6.47 48.92
C ASN A 778 -42.36 -5.12 48.91
N ALA A 779 -43.32 -4.93 49.80
CA ALA A 779 -44.08 -3.69 49.84
C ALA A 779 -43.43 -2.69 50.78
N ILE A 780 -43.56 -1.41 50.45
CA ILE A 780 -43.07 -0.32 51.28
C ILE A 780 -44.20 0.08 52.23
N ALA A 781 -44.02 -0.23 53.51
CA ALA A 781 -45.01 0.09 54.54
C ALA A 781 -44.57 1.35 55.27
N ILE A 782 -45.41 2.39 55.20
CA ILE A 782 -45.14 3.66 55.86
C ILE A 782 -45.92 3.69 57.17
N GLU A 783 -45.21 3.81 58.28
CA GLU A 783 -45.82 3.81 59.60
C GLU A 783 -46.20 5.24 59.95
N ILE A 784 -47.48 5.57 59.82
CA ILE A 784 -47.98 6.91 60.08
C ILE A 784 -48.48 6.96 61.52
N ALA A 785 -47.77 7.69 62.38
CA ALA A 785 -48.14 7.81 63.78
C ALA A 785 -47.22 8.82 64.45
N PRO A 786 -47.57 9.29 65.67
CA PRO A 786 -46.67 10.19 66.38
C PRO A 786 -45.29 9.60 66.62
N ALA A 787 -45.19 8.29 66.73
CA ALA A 787 -43.90 7.63 66.93
C ALA A 787 -43.96 6.24 66.32
N GLY A 788 -42.78 5.70 66.01
CA GLY A 788 -42.69 4.37 65.43
C GLY A 788 -42.88 3.27 66.45
N LEU A 789 -44.09 3.16 66.99
CA LEU A 789 -44.36 2.18 68.03
C LEU A 789 -44.31 0.76 67.47
N LEU A 790 -44.84 0.55 66.27
CA LEU A 790 -45.02 -0.78 65.70
C LEU A 790 -43.89 -1.16 64.74
N GLN A 791 -42.74 -0.50 64.83
CA GLN A 791 -41.65 -0.80 63.90
C GLN A 791 -41.23 -2.25 63.99
N SER A 792 -40.93 -2.73 65.20
CA SER A 792 -40.47 -4.10 65.36
C SER A 792 -41.56 -5.10 64.98
N VAL A 793 -42.80 -4.83 65.38
CA VAL A 793 -43.91 -5.75 65.07
C VAL A 793 -44.06 -5.88 63.56
N ILE A 794 -44.07 -4.75 62.85
CA ILE A 794 -44.24 -4.80 61.40
C ILE A 794 -43.06 -5.49 60.73
N LYS A 795 -41.84 -5.20 61.20
CA LYS A 795 -40.67 -5.84 60.62
C LYS A 795 -40.72 -7.35 60.79
N LYS A 796 -41.11 -7.82 61.98
CA LYS A 796 -41.23 -9.26 62.20
C LYS A 796 -42.36 -9.86 61.38
N SER A 797 -43.44 -9.10 61.17
CA SER A 797 -44.60 -9.64 60.46
C SER A 797 -44.34 -9.76 58.97
N LEU A 798 -44.01 -8.65 58.31
CA LEU A 798 -43.90 -8.66 56.86
C LEU A 798 -42.81 -9.61 56.39
N GLY A 799 -41.57 -9.34 56.76
CA GLY A 799 -40.45 -10.17 56.36
C GLY A 799 -39.20 -9.33 56.17
N GLN A 800 -38.32 -9.82 55.30
CA GLN A 800 -37.03 -9.18 55.07
C GLN A 800 -37.01 -8.28 53.84
N ASP A 801 -37.84 -8.58 52.83
CA ASP A 801 -37.81 -7.84 51.58
C ASP A 801 -38.71 -6.61 51.59
N CYS A 802 -39.41 -6.34 52.69
CA CYS A 802 -40.30 -5.20 52.79
C CYS A 802 -39.60 -4.07 53.51
N THR A 803 -39.67 -2.88 52.93
CA THR A 803 -39.10 -1.69 53.54
C THR A 803 -40.05 -1.12 54.59
N ILE A 804 -39.50 -0.80 55.76
CA ILE A 804 -40.27 -0.25 56.87
C ILE A 804 -39.66 1.09 57.25
N VAL A 805 -40.51 2.13 57.32
CA VAL A 805 -40.08 3.45 57.70
C VAL A 805 -41.06 4.00 58.74
N ALA A 806 -40.59 4.98 59.51
CA ALA A 806 -41.40 5.68 60.49
C ALA A 806 -41.28 7.17 60.25
N LEU A 807 -42.42 7.86 60.16
CA LEU A 807 -42.41 9.29 59.88
C LEU A 807 -42.01 10.13 61.09
N GLN A 808 -41.99 9.54 62.29
CA GLN A 808 -41.63 10.27 63.49
C GLN A 808 -40.82 9.38 64.41
N LYS A 809 -40.04 10.01 65.28
CA LYS A 809 -39.24 9.30 66.28
C LYS A 809 -39.53 9.88 67.65
N ARG A 810 -39.62 8.99 68.64
CA ARG A 810 -39.97 9.42 70.00
C ARG A 810 -38.87 10.32 70.57
N LYS A 811 -39.28 11.45 71.14
CA LYS A 811 -38.39 12.36 71.83
C LYS A 811 -37.23 12.80 70.94
N SER A 812 -37.44 12.85 69.63
CA SER A 812 -36.41 13.32 68.73
C SER A 812 -36.22 14.83 68.89
N PRO A 813 -34.99 15.33 68.70
CA PRO A 813 -34.77 16.78 68.84
C PRO A 813 -35.26 17.58 67.65
N ASN A 814 -35.49 16.94 66.49
CA ASN A 814 -36.01 17.64 65.32
C ASN A 814 -36.77 16.62 64.49
N ASN A 815 -38.10 16.61 64.64
CA ASN A 815 -38.94 15.64 63.94
C ASN A 815 -39.13 15.98 62.47
N LEU A 816 -38.97 17.24 62.09
CA LEU A 816 -39.07 17.59 60.68
C LEU A 816 -37.99 16.89 59.86
N GLU A 817 -36.75 16.85 60.40
CA GLU A 817 -35.68 16.15 59.71
C GLU A 817 -35.95 14.66 59.61
N VAL A 818 -36.52 14.06 60.67
CA VAL A 818 -36.87 12.65 60.62
C VAL A 818 -37.92 12.39 59.55
N PHE A 819 -38.94 13.25 59.49
CA PHE A 819 -39.99 13.11 58.48
C PHE A 819 -39.39 13.19 57.07
N PHE A 820 -38.52 14.18 56.84
CA PHE A 820 -37.92 14.32 55.52
C PHE A 820 -37.01 13.14 55.18
N SER A 821 -36.27 12.63 56.17
CA SER A 821 -35.39 11.50 55.92
C SER A 821 -36.18 10.24 55.59
N ALA A 822 -37.27 9.99 56.32
CA ALA A 822 -38.11 8.84 56.03
C ALA A 822 -38.71 8.94 54.64
N LEU A 823 -39.18 10.15 54.27
CA LEU A 823 -39.74 10.33 52.94
C LEU A 823 -38.69 10.15 51.86
N GLY A 824 -37.47 10.64 52.11
CA GLY A 824 -36.40 10.44 51.15
C GLY A 824 -36.06 8.98 50.97
N LYS A 825 -36.04 8.22 52.07
CA LYS A 825 -35.83 6.79 51.96
C LYS A 825 -36.95 6.14 51.14
N CYS A 826 -38.20 6.52 51.43
CA CYS A 826 -39.32 5.96 50.68
C CYS A 826 -39.18 6.23 49.19
N TYR A 827 -38.81 7.45 48.82
CA TYR A 827 -38.59 7.76 47.40
C TYR A 827 -37.44 6.93 46.84
N SER A 828 -36.35 6.79 47.61
CA SER A 828 -35.19 6.02 47.14
C SER A 828 -35.58 4.57 46.86
N HIS A 829 -36.55 4.05 47.59
CA HIS A 829 -37.08 2.70 47.37
C HIS A 829 -38.09 2.62 46.23
N GLY A 830 -38.43 3.74 45.60
CA GLY A 830 -39.23 3.71 44.39
C GLY A 830 -40.71 3.99 44.56
N VAL A 831 -41.05 5.06 45.27
CA VAL A 831 -42.43 5.51 45.41
C VAL A 831 -42.50 6.97 44.94
N PRO A 832 -43.32 7.31 43.95
CA PRO A 832 -43.37 8.70 43.49
C PRO A 832 -43.93 9.64 44.56
N MET A 833 -43.45 10.88 44.53
CA MET A 833 -43.92 11.90 45.44
C MET A 833 -43.51 13.26 44.92
N ASN A 834 -44.13 14.31 45.47
CA ASN A 834 -43.86 15.70 45.10
C ASN A 834 -43.43 16.46 46.35
N PRO A 835 -42.13 16.55 46.62
CA PRO A 835 -41.67 17.25 47.83
C PRO A 835 -42.08 18.71 47.89
N LEU A 836 -42.36 19.34 46.75
CA LEU A 836 -42.72 20.76 46.71
C LEU A 836 -44.21 21.01 46.91
N GLY A 837 -45.00 19.96 47.16
CA GLY A 837 -46.42 20.13 47.41
C GLY A 837 -46.75 20.72 48.76
N LEU A 838 -45.77 20.81 49.65
CA LEU A 838 -45.97 21.40 50.98
C LEU A 838 -45.87 22.92 50.98
N TYR A 839 -45.52 23.52 49.85
CA TYR A 839 -45.33 24.95 49.73
C TYR A 839 -46.12 25.47 48.53
N PRO A 840 -46.38 26.77 48.47
CA PRO A 840 -47.14 27.31 47.34
C PRO A 840 -46.47 26.98 46.01
N ALA A 841 -47.29 26.67 45.01
CA ALA A 841 -46.76 26.25 43.72
C ALA A 841 -45.96 27.37 43.07
N VAL A 842 -44.87 27.00 42.41
CA VAL A 842 -44.03 27.96 41.71
C VAL A 842 -44.71 28.35 40.40
N GLN A 843 -44.75 29.65 40.13
CA GLN A 843 -45.37 30.14 38.91
C GLN A 843 -44.44 29.94 37.73
N PHE A 844 -44.96 29.30 36.66
CA PHE A 844 -44.17 29.06 35.46
C PHE A 844 -44.56 30.06 34.36
N PRO A 845 -43.63 30.43 33.47
CA PRO A 845 -42.21 30.00 33.40
C PRO A 845 -41.37 30.59 34.53
N VAL A 846 -40.32 29.89 34.94
CA VAL A 846 -39.48 30.31 36.06
C VAL A 846 -38.70 31.56 35.67
N SER A 847 -38.12 32.22 36.67
CA SER A 847 -37.32 33.41 36.41
C SER A 847 -36.08 33.07 35.60
N ILE A 848 -35.60 34.05 34.83
CA ILE A 848 -34.43 33.84 33.98
C ILE A 848 -33.15 33.60 34.78
N ASP A 849 -33.19 33.85 36.09
CA ASP A 849 -32.01 33.64 36.93
C ASP A 849 -31.82 32.19 37.33
N THR A 850 -32.76 31.31 37.01
CA THR A 850 -32.64 29.91 37.40
C THR A 850 -31.44 29.29 36.70
N PRO A 851 -30.57 28.55 37.43
CA PRO A 851 -29.42 27.91 36.76
C PRO A 851 -29.84 26.88 35.71
N MET A 852 -28.86 26.32 35.02
CA MET A 852 -29.11 25.33 33.97
C MET A 852 -29.04 23.92 34.52
N LEU A 853 -30.03 23.11 34.18
CA LEU A 853 -30.08 21.71 34.60
C LEU A 853 -29.42 20.76 33.61
N SER A 854 -29.03 21.25 32.43
CA SER A 854 -28.45 20.37 31.42
C SER A 854 -27.10 19.82 31.88
N SER A 855 -26.28 20.66 32.54
CA SER A 855 -24.96 20.22 32.95
C SER A 855 -25.03 18.96 33.81
N MET A 856 -25.85 19.00 34.86
CA MET A 856 -25.89 17.89 35.81
C MET A 856 -26.17 16.57 35.09
N VAL A 857 -27.15 16.56 34.18
CA VAL A 857 -27.45 15.35 33.44
C VAL A 857 -26.29 14.98 32.53
N SER A 858 -25.61 15.99 31.96
CA SER A 858 -24.49 15.69 31.08
C SER A 858 -23.36 14.98 31.81
N GLU A 859 -23.08 15.39 33.05
CA GLU A 859 -22.03 14.76 33.85
C GLU A 859 -22.55 13.63 34.71
N ALA A 860 -23.82 13.26 34.58
CA ALA A 860 -24.44 12.19 35.37
C ALA A 860 -24.87 11.04 34.47
N TRP A 861 -24.07 10.74 33.44
CA TRP A 861 -24.34 9.65 32.52
C TRP A 861 -23.55 8.41 32.92
N ASP A 862 -23.97 7.26 32.38
CA ASP A 862 -23.27 5.99 32.58
C ASP A 862 -22.42 5.75 31.33
N HIS A 863 -21.13 6.05 31.45
CA HIS A 863 -20.19 6.00 30.33
C HIS A 863 -19.09 4.98 30.59
N SER A 864 -19.43 3.85 31.22
CA SER A 864 -18.44 2.83 31.52
C SER A 864 -17.89 2.21 30.23
N ALA A 865 -18.76 1.92 29.28
CA ALA A 865 -18.36 1.24 28.04
C ALA A 865 -17.85 2.23 27.01
N LYS A 866 -16.96 1.74 26.14
CA LYS A 866 -16.40 2.52 25.06
C LYS A 866 -16.79 1.87 23.74
N TRP A 867 -17.29 2.68 22.80
CA TRP A 867 -17.77 2.21 21.52
C TRP A 867 -16.79 2.57 20.41
N ARG A 868 -17.02 1.97 19.24
CA ARG A 868 -16.13 2.19 18.11
C ARG A 868 -16.20 3.63 17.63
N VAL A 869 -15.05 4.16 17.21
CA VAL A 869 -14.97 5.49 16.62
C VAL A 869 -14.16 5.36 15.33
N PRO A 870 -14.45 6.16 14.29
CA PRO A 870 -13.65 6.07 13.07
C PRO A 870 -12.18 6.33 13.36
N LEU A 871 -11.31 5.55 12.71
CA LEU A 871 -9.88 5.69 12.85
C LEU A 871 -9.29 6.27 11.58
N VAL A 872 -8.17 6.98 11.73
CA VAL A 872 -7.52 7.62 10.60
C VAL A 872 -7.15 6.58 9.55
N GLU A 873 -6.62 5.44 9.99
CA GLU A 873 -6.14 4.43 9.06
C GLU A 873 -7.24 3.89 8.16
N GLU A 874 -8.52 4.06 8.53
CA GLU A 874 -9.61 3.58 7.71
C GLU A 874 -9.92 4.51 6.54
N PHE A 875 -9.34 5.71 6.51
CA PHE A 875 -9.57 6.66 5.43
C PHE A 875 -8.51 6.61 4.35
N GLU A 876 -7.54 5.69 4.45
CA GLU A 876 -6.45 5.58 3.49
C GLU A 876 -6.50 4.20 2.85
N TYR A 877 -6.36 4.17 1.52
CA TYR A 877 -6.38 2.91 0.78
C TYR A 877 -6.23 3.16 -0.72
N SER A 883 4.87 -1.38 -1.03
CA SER A 883 4.19 -1.97 0.12
C SER A 883 4.48 -1.17 1.38
N ASP A 884 5.76 -0.98 1.67
CA ASP A 884 6.20 -0.21 2.83
C ASP A 884 6.25 1.27 2.45
N ASN A 885 6.87 2.09 3.29
CA ASN A 885 6.94 3.53 3.11
C ASN A 885 7.06 3.92 1.64
N VAL A 886 6.18 4.81 1.21
CA VAL A 886 6.22 5.40 -0.14
C VAL A 886 6.68 6.84 0.01
N ILE A 887 7.74 7.20 -0.72
CA ILE A 887 8.36 8.51 -0.61
C ILE A 887 7.93 9.34 -1.81
N ASP A 888 7.55 10.59 -1.57
CA ASP A 888 7.17 11.53 -2.61
C ASP A 888 8.22 12.62 -2.69
N ILE A 889 8.98 12.63 -3.78
CA ILE A 889 10.00 13.65 -4.02
C ILE A 889 9.33 14.80 -4.75
N ASP A 890 9.21 15.94 -4.08
CA ASP A 890 8.50 17.10 -4.62
C ASP A 890 9.53 18.05 -5.21
N LEU A 891 9.62 18.05 -6.54
CA LEU A 891 10.54 18.93 -7.28
C LEU A 891 9.79 20.16 -7.78
N SER A 892 9.30 20.96 -6.83
CA SER A 892 8.55 22.17 -7.13
C SER A 892 9.44 23.40 -6.95
N GLU A 893 8.84 24.57 -7.14
CA GLU A 893 9.62 25.80 -7.13
C GLU A 893 10.26 26.04 -5.77
N ASP A 894 9.52 25.79 -4.68
CA ASP A 894 10.00 26.09 -3.34
C ASP A 894 9.99 24.87 -2.42
N SER A 895 9.94 23.66 -2.96
CA SER A 895 10.04 22.48 -2.12
C SER A 895 11.45 22.37 -1.53
N PRO A 896 11.58 21.86 -0.31
CA PRO A 896 12.93 21.69 0.26
C PRO A 896 13.80 20.73 -0.52
N GLU A 897 13.21 19.83 -1.31
CA GLU A 897 13.96 18.90 -2.15
C GLU A 897 14.07 19.42 -3.59
N ASN A 898 14.07 20.74 -3.74
CA ASN A 898 14.29 21.36 -5.05
C ASN A 898 15.76 21.37 -5.45
N TYR A 899 16.67 21.12 -4.51
CA TYR A 899 18.08 21.02 -4.83
C TYR A 899 18.41 19.73 -5.56
N LEU A 900 17.52 18.74 -5.54
CA LEU A 900 17.77 17.49 -6.26
C LEU A 900 17.80 17.67 -7.76
N LEU A 901 17.30 18.80 -8.28
CA LEU A 901 17.42 19.11 -9.69
C LEU A 901 18.78 19.71 -10.05
N GLU A 902 19.53 20.19 -9.06
CA GLU A 902 20.88 20.67 -9.31
C GLU A 902 21.87 19.52 -9.30
N HIS A 903 21.57 18.47 -10.06
CA HIS A 903 22.47 17.33 -10.19
C HIS A 903 22.08 16.62 -11.48
N ALA A 904 22.82 16.89 -12.56
CA ALA A 904 22.49 16.38 -13.87
C ALA A 904 23.74 15.87 -14.55
N VAL A 905 23.55 14.97 -15.50
CA VAL A 905 24.64 14.35 -16.24
C VAL A 905 24.38 14.63 -17.71
N ASP A 906 24.96 15.70 -18.23
CA ASP A 906 24.79 16.09 -19.64
C ASP A 906 23.31 16.35 -19.96
N GLY A 907 22.66 17.13 -19.09
CA GLY A 907 21.28 17.49 -19.26
C GLY A 907 20.28 16.50 -18.72
N ARG A 908 20.70 15.27 -18.43
CA ARG A 908 19.82 14.29 -17.81
C ARG A 908 19.80 14.50 -16.31
N MET A 909 18.63 14.81 -15.76
CA MET A 909 18.46 15.06 -14.33
C MET A 909 18.12 13.73 -13.66
N LEU A 910 19.14 13.04 -13.19
CA LEU A 910 19.00 11.72 -12.60
C LEU A 910 18.92 11.82 -11.08
N PHE A 911 18.28 10.84 -10.47
CA PHE A 911 18.23 10.76 -9.03
C PHE A 911 19.57 10.24 -8.51
N PRO A 912 20.21 10.93 -7.55
CA PRO A 912 21.54 10.51 -7.14
C PRO A 912 21.60 9.04 -6.73
N ALA A 913 22.72 8.40 -7.03
CA ALA A 913 22.92 7.03 -6.58
C ALA A 913 22.89 6.92 -5.07
N THR A 914 23.45 7.91 -4.37
CA THR A 914 23.35 7.98 -2.93
C THR A 914 21.97 8.43 -2.48
N GLY A 915 21.10 8.84 -3.40
CA GLY A 915 19.73 9.15 -3.03
C GLY A 915 18.99 7.94 -2.49
N THR A 916 19.16 6.79 -3.16
CA THR A 916 18.51 5.58 -2.69
C THR A 916 19.08 5.10 -1.35
N LEU A 917 20.32 5.47 -1.04
CA LEU A 917 20.89 5.12 0.26
C LEU A 917 20.12 5.80 1.39
N VAL A 918 19.80 7.08 1.21
CA VAL A 918 19.07 7.81 2.25
C VAL A 918 17.63 7.30 2.35
N LEU A 919 17.01 7.01 1.21
CA LEU A 919 15.64 6.49 1.24
C LEU A 919 15.58 5.16 1.99
N ALA A 920 16.55 4.27 1.72
CA ALA A 920 16.60 3.01 2.45
C ALA A 920 16.96 3.25 3.91
N TRP A 921 17.86 4.18 4.18
CA TRP A 921 18.25 4.49 5.55
C TRP A 921 17.07 5.02 6.35
N LYS A 922 16.30 5.93 5.75
CA LYS A 922 15.14 6.49 6.45
C LYS A 922 14.05 5.46 6.64
N THR A 923 13.89 4.55 5.67
CA THR A 923 12.84 3.54 5.79
C THR A 923 13.12 2.58 6.94
N LEU A 924 14.39 2.18 7.10
CA LEU A 924 14.73 1.29 8.21
C LEU A 924 14.42 1.94 9.54
N ALA A 925 14.76 3.22 9.69
CA ALA A 925 14.47 3.92 10.93
C ALA A 925 12.97 3.97 11.19
N LYS A 926 12.18 4.26 10.16
CA LYS A 926 10.74 4.28 10.32
C LYS A 926 10.19 2.91 10.69
N LEU A 927 10.78 1.85 10.13
CA LEU A 927 10.40 0.50 10.54
C LEU A 927 10.75 0.25 12.01
N LYS A 928 11.93 0.69 12.45
CA LYS A 928 12.35 0.49 13.82
C LYS A 928 11.66 1.43 14.80
N GLY A 929 11.09 2.54 14.31
CA GLY A 929 10.49 3.54 15.16
C GLY A 929 11.44 4.59 15.69
N VAL A 930 12.74 4.46 15.44
CA VAL A 930 13.73 5.43 15.90
C VAL A 930 13.85 6.55 14.88
N GLU A 931 14.47 7.66 15.28
CA GLU A 931 14.73 8.76 14.37
C GLU A 931 15.92 8.42 13.47
N PHE A 932 15.77 8.67 12.17
CA PHE A 932 16.76 8.21 11.21
C PHE A 932 18.14 8.79 11.49
N GLU A 933 18.22 9.93 12.17
CA GLU A 933 19.51 10.52 12.49
C GLU A 933 20.16 9.91 13.73
N GLN A 934 19.44 9.06 14.46
CA GLN A 934 20.00 8.35 15.60
C GLN A 934 20.27 6.89 15.30
N LEU A 935 20.25 6.50 14.02
CA LEU A 935 20.38 5.11 13.61
C LEU A 935 21.69 4.95 12.84
N GLY A 936 22.50 3.97 13.25
CA GLY A 936 23.72 3.66 12.54
C GLY A 936 23.52 2.48 11.61
N VAL A 937 23.59 2.72 10.30
CA VAL A 937 23.26 1.73 9.30
C VAL A 937 24.52 1.29 8.57
N GLN A 938 24.36 0.25 7.76
CA GLN A 938 25.42 -0.25 6.88
C GLN A 938 24.78 -0.97 5.71
N MET A 939 24.81 -0.36 4.54
CA MET A 939 24.29 -0.96 3.32
C MET A 939 25.39 -1.79 2.66
N THR A 940 24.99 -2.90 2.05
CA THR A 940 25.92 -3.81 1.38
C THR A 940 25.40 -4.15 0.00
N ASN A 941 26.29 -4.10 -0.99
CA ASN A 941 25.97 -4.46 -2.37
C ASN A 941 24.73 -3.69 -2.85
N VAL A 942 24.87 -2.37 -2.90
CA VAL A 942 23.79 -1.49 -3.33
C VAL A 942 23.88 -1.38 -4.86
N GLN A 943 23.08 -2.17 -5.56
CA GLN A 943 23.02 -2.11 -7.02
C GLN A 943 21.99 -1.08 -7.45
N ILE A 944 22.41 -0.14 -8.29
CA ILE A 944 21.48 0.80 -8.92
C ILE A 944 21.03 0.14 -10.22
N HIS A 945 19.94 -0.63 -10.11
CA HIS A 945 19.54 -1.49 -11.22
C HIS A 945 19.22 -0.68 -12.46
N GLN A 946 18.48 0.42 -12.31
CA GLN A 946 18.11 1.28 -13.42
C GLN A 946 18.07 2.72 -12.93
N ALA A 947 18.11 3.65 -13.89
CA ALA A 947 18.15 5.07 -13.62
C ALA A 947 16.75 5.61 -13.38
N LEU A 948 16.65 6.58 -12.47
CA LEU A 948 15.42 7.28 -12.18
C LEU A 948 15.55 8.72 -12.68
N PHE A 949 14.76 9.08 -13.67
CA PHE A 949 14.79 10.42 -14.24
C PHE A 949 13.79 11.30 -13.49
N LEU A 950 14.29 12.17 -12.62
CA LEU A 950 13.44 13.10 -11.90
C LEU A 950 12.71 14.01 -12.88
N ASN A 951 11.42 14.22 -12.65
CA ASN A 951 10.62 15.08 -13.51
C ASN A 951 10.66 16.50 -12.97
N PRO A 952 11.29 17.45 -13.66
CA PRO A 952 11.33 18.82 -13.14
C PRO A 952 9.94 19.41 -13.04
N GLY A 953 9.72 20.20 -11.99
CA GLY A 953 8.43 20.83 -11.78
C GLY A 953 7.31 19.83 -11.70
N GLY A 954 7.50 18.77 -10.93
CA GLY A 954 6.50 17.72 -10.81
C GLY A 954 6.62 16.94 -9.52
N LYS A 955 6.42 15.63 -9.58
CA LYS A 955 6.49 14.79 -8.40
C LYS A 955 6.76 13.35 -8.83
N THR A 956 7.73 12.72 -8.17
CA THR A 956 8.10 11.34 -8.42
C THR A 956 7.85 10.52 -7.16
N THR A 957 7.43 9.28 -7.35
CA THR A 957 7.06 8.39 -6.26
C THR A 957 7.91 7.13 -6.28
N VAL A 958 8.39 6.73 -5.10
CA VAL A 958 9.11 5.49 -4.93
C VAL A 958 8.50 4.74 -3.75
N SER A 959 8.80 3.46 -3.66
CA SER A 959 8.10 2.53 -2.78
C SER A 959 9.09 1.68 -1.99
N VAL A 960 10.07 2.34 -1.36
CA VAL A 960 11.10 1.67 -0.57
C VAL A 960 10.47 0.56 0.26
N SER A 961 11.16 -0.58 0.36
CA SER A 961 10.67 -1.74 1.09
C SER A 961 11.84 -2.43 1.75
N VAL A 962 11.79 -2.61 3.07
CA VAL A 962 12.86 -3.21 3.85
C VAL A 962 12.32 -4.45 4.53
N MET A 963 13.01 -5.57 4.36
CA MET A 963 12.62 -6.79 5.05
C MET A 963 13.01 -6.70 6.52
N PRO A 964 12.10 -7.07 7.45
CA PRO A 964 12.35 -6.79 8.87
C PRO A 964 13.67 -7.29 9.43
N ILE A 965 13.92 -8.60 9.34
CA ILE A 965 15.08 -9.19 10.03
C ILE A 965 16.28 -9.35 9.12
N THR A 966 16.10 -9.79 7.88
CA THR A 966 17.24 -9.98 6.99
C THR A 966 17.88 -8.66 6.58
N GLY A 967 17.05 -7.66 6.31
CA GLY A 967 17.53 -6.34 5.93
C GLY A 967 17.51 -6.04 4.46
N GLU A 968 17.03 -6.97 3.62
CA GLU A 968 16.97 -6.72 2.20
C GLU A 968 16.07 -5.54 1.90
N PHE A 969 16.66 -4.46 1.41
CA PHE A 969 15.93 -3.25 1.05
C PHE A 969 15.81 -3.15 -0.46
N GLN A 970 14.81 -2.40 -0.92
CA GLN A 970 14.50 -2.32 -2.34
C GLN A 970 13.73 -1.04 -2.61
N VAL A 971 14.28 -0.19 -3.48
CA VAL A 971 13.57 0.99 -3.96
C VAL A 971 13.04 0.68 -5.35
N ARG A 972 11.75 0.94 -5.56
CA ARG A 972 11.09 0.58 -6.81
C ARG A 972 10.05 1.64 -7.16
N ASP A 973 9.67 1.66 -8.43
CA ASP A 973 8.66 2.60 -8.94
C ASP A 973 7.73 1.81 -9.86
N GLY A 974 6.57 1.43 -9.33
CA GLY A 974 5.64 0.60 -10.08
C GLY A 974 6.09 -0.84 -10.12
N GLU A 975 6.37 -1.34 -11.32
CA GLU A 975 6.89 -2.69 -11.51
C GLU A 975 8.35 -2.69 -11.94
N SER A 976 9.02 -1.54 -11.86
CA SER A 976 10.41 -1.41 -12.28
C SER A 976 11.30 -1.29 -11.07
N LEU A 977 12.39 -2.06 -11.06
CA LEU A 977 13.38 -2.00 -9.99
C LEU A 977 14.33 -0.83 -10.23
N ILE A 978 14.64 -0.09 -9.17
CA ILE A 978 15.55 1.05 -9.26
C ILE A 978 16.75 0.91 -8.35
N SER A 979 16.68 0.08 -7.32
CA SER A 979 17.80 -0.12 -6.41
C SER A 979 17.56 -1.39 -5.63
N SER A 980 18.62 -1.90 -5.01
CA SER A 980 18.55 -3.11 -4.20
C SER A 980 19.76 -3.14 -3.29
N GLY A 981 19.79 -4.13 -2.42
CA GLY A 981 20.90 -4.30 -1.50
C GLY A 981 20.40 -4.85 -0.19
N VAL A 982 21.25 -4.73 0.83
CA VAL A 982 20.95 -5.17 2.19
C VAL A 982 21.37 -4.06 3.14
N ILE A 983 20.46 -3.67 4.04
CA ILE A 983 20.71 -2.62 5.01
C ILE A 983 20.61 -3.21 6.41
N THR A 984 21.61 -2.92 7.24
CA THR A 984 21.68 -3.46 8.59
C THR A 984 22.01 -2.34 9.56
N SER A 985 21.33 -2.34 10.71
CA SER A 985 21.62 -1.41 11.78
C SER A 985 22.39 -2.10 12.90
N SER A 986 23.05 -1.30 13.72
CA SER A 986 23.82 -1.84 14.84
C SER A 986 24.03 -0.72 15.86
N GLU A 987 24.46 -1.12 17.05
CA GLU A 987 24.73 -0.19 18.14
C GLU A 987 26.21 -0.08 18.45
N GLY A 988 27.07 -0.81 17.75
CA GLY A 988 28.50 -0.76 17.96
C GLY A 988 29.19 -0.03 16.82
N ARG A 989 30.53 0.01 16.90
CA ARG A 989 31.33 0.66 15.87
C ARG A 989 31.11 0.00 14.52
N LEU A 990 30.53 0.73 13.57
CA LEU A 990 30.33 0.24 12.22
C LEU A 990 31.35 0.79 11.24
N LEU A 991 32.19 1.74 11.66
CA LEU A 991 33.09 2.43 10.76
C LEU A 991 34.47 1.80 10.82
N GLU A 992 34.99 1.38 9.67
CA GLU A 992 36.30 0.75 9.62
C GLU A 992 37.41 1.79 9.76
N THR A 993 37.47 2.75 8.84
CA THR A 993 38.51 3.77 8.88
C THR A 993 38.27 4.72 10.04
N ASP A 994 39.35 5.16 10.65
CA ASP A 994 39.28 6.04 11.82
C ASP A 994 39.35 7.51 11.40
N GLN A 995 38.45 7.87 10.47
CA GLN A 995 38.39 9.24 9.97
C GLN A 995 37.36 10.09 10.70
N HIS A 996 36.43 9.49 11.43
CA HIS A 996 35.46 10.29 12.19
C HIS A 996 36.10 11.02 13.36
N MET A 997 37.38 10.76 13.64
CA MET A 997 38.07 11.40 14.75
C MET A 997 38.87 12.64 14.34
N LYS A 998 39.20 12.78 13.05
CA LYS A 998 40.01 13.90 12.61
C LYS A 998 39.28 15.21 12.86
N LYS A 999 40.03 16.23 13.29
CA LYS A 999 39.44 17.48 13.78
C LYS A 999 39.45 18.59 12.74
N GLY A 1000 40.63 18.93 12.24
CA GLY A 1000 40.76 20.12 11.41
C GLY A 1000 40.87 19.86 9.93
N SER A 1001 42.01 20.18 9.35
CA SER A 1001 42.24 19.98 7.92
C SER A 1001 43.73 19.99 7.65
N VAL A 1002 44.22 18.92 6.99
CA VAL A 1002 45.62 18.86 6.63
C VAL A 1002 45.99 19.92 5.60
N LEU A 1003 45.00 20.46 4.89
CA LEU A 1003 45.25 21.41 3.81
C LEU A 1003 45.28 22.84 4.33
N ASP A 1004 46.24 23.10 5.23
CA ASP A 1004 46.44 24.42 5.80
C ASP A 1004 47.89 24.84 5.63
N GLY A 1005 48.09 26.07 5.16
CA GLY A 1005 49.40 26.60 4.93
C GLY A 1005 50.04 26.20 3.62
N LYS A 1006 49.35 25.42 2.78
CA LYS A 1006 49.94 25.01 1.52
C LYS A 1006 49.77 26.11 0.47
N PRO A 1007 50.72 26.27 -0.46
CA PRO A 1007 50.58 27.30 -1.49
C PRO A 1007 49.32 27.14 -2.33
N ASP A 1008 49.01 28.15 -3.14
CA ASP A 1008 47.87 28.06 -4.04
C ASP A 1008 48.10 27.12 -5.20
N LYS A 1009 49.36 26.90 -5.58
CA LYS A 1009 49.70 25.99 -6.68
C LYS A 1009 49.82 24.55 -6.22
N GLU A 1010 49.61 24.27 -4.93
CA GLU A 1010 49.56 22.92 -4.41
C GLU A 1010 48.18 22.58 -3.84
N LEU A 1011 47.14 23.32 -4.25
CA LEU A 1011 45.80 23.12 -3.75
C LEU A 1011 44.80 23.29 -4.88
N LEU A 1012 43.77 22.45 -4.88
CA LEU A 1012 42.62 22.65 -5.75
C LEU A 1012 41.52 23.34 -4.97
N PHE A 1013 40.78 24.22 -5.64
CA PHE A 1013 39.67 24.93 -5.04
C PHE A 1013 38.36 24.51 -5.71
N THR A 1014 37.26 25.07 -5.22
CA THR A 1014 35.95 24.64 -5.67
C THR A 1014 35.79 24.87 -7.18
N LYS A 1015 36.31 25.98 -7.68
CA LYS A 1015 36.20 26.27 -9.11
C LYS A 1015 36.90 25.20 -9.94
N GLU A 1016 38.09 24.79 -9.50
CA GLU A 1016 38.90 23.90 -10.33
C GLU A 1016 38.48 22.44 -10.19
N ILE A 1017 37.99 22.06 -9.01
CA ILE A 1017 37.53 20.68 -8.83
C ILE A 1017 36.36 20.39 -9.76
N TYR A 1018 35.41 21.31 -9.85
CA TYR A 1018 34.21 21.08 -10.62
C TYR A 1018 34.35 21.51 -12.08
N ARG A 1019 35.52 22.04 -12.47
CA ARG A 1019 35.88 22.08 -13.88
C ARG A 1019 36.26 20.68 -14.36
N GLU A 1020 36.91 19.91 -13.50
CA GLU A 1020 37.26 18.54 -13.86
C GLU A 1020 36.02 17.68 -14.05
N PHE A 1021 35.04 17.82 -13.14
CA PHE A 1021 33.80 17.06 -13.26
C PHE A 1021 32.98 17.51 -14.46
N LEU A 1022 32.89 18.80 -14.71
CA LEU A 1022 32.05 19.31 -15.79
C LEU A 1022 32.53 18.81 -17.14
N LEU A 1023 33.86 18.76 -17.35
CA LEU A 1023 34.39 18.29 -18.62
C LEU A 1023 34.05 16.83 -18.87
N ARG A 1024 33.74 16.06 -17.83
CA ARG A 1024 33.40 14.65 -17.97
C ARG A 1024 31.90 14.42 -18.09
N GLY A 1025 31.09 15.49 -18.06
CA GLY A 1025 29.66 15.39 -18.23
C GLY A 1025 28.84 15.55 -16.97
N TYR A 1026 29.49 15.60 -15.80
CA TYR A 1026 28.77 15.72 -14.53
C TYR A 1026 28.48 17.19 -14.27
N GLU A 1027 27.24 17.60 -14.49
CA GLU A 1027 26.82 18.98 -14.23
C GLU A 1027 26.31 19.07 -12.79
N TYR A 1028 27.18 19.45 -11.86
CA TYR A 1028 26.79 19.70 -10.50
C TYR A 1028 26.38 21.17 -10.35
N GLY A 1029 25.42 21.43 -9.48
CA GLY A 1029 24.94 22.79 -9.29
C GLY A 1029 25.63 23.49 -8.15
N ALA A 1030 24.85 24.09 -7.24
CA ALA A 1030 25.40 24.76 -6.08
C ALA A 1030 25.21 23.98 -4.79
N ALA A 1031 24.19 23.13 -4.69
CA ALA A 1031 23.96 22.32 -3.51
C ALA A 1031 24.85 21.08 -3.45
N PHE A 1032 25.29 20.58 -4.60
CA PHE A 1032 26.14 19.40 -4.67
C PHE A 1032 27.61 19.74 -4.77
N GLN A 1033 27.97 21.02 -4.70
CA GLN A 1033 29.37 21.45 -4.82
C GLN A 1033 29.94 21.59 -3.42
N GLY A 1034 30.17 20.44 -2.80
CA GLY A 1034 30.59 20.39 -1.41
C GLY A 1034 32.08 20.56 -1.18
N ILE A 1035 32.90 19.84 -1.94
CA ILE A 1035 34.34 19.86 -1.73
C ILE A 1035 34.83 21.29 -1.89
N GLN A 1036 35.36 21.86 -0.81
CA GLN A 1036 35.85 23.23 -0.84
C GLN A 1036 37.33 23.32 -1.21
N ARG A 1037 38.11 22.31 -0.83
CA ARG A 1037 39.53 22.29 -1.14
C ARG A 1037 39.98 20.83 -1.25
N ALA A 1038 41.14 20.63 -1.86
CA ALA A 1038 41.71 19.31 -2.01
C ALA A 1038 43.17 19.45 -2.39
N SER A 1039 43.89 18.34 -2.35
CA SER A 1039 45.27 18.30 -2.78
C SER A 1039 45.36 17.83 -4.23
N LEU A 1040 46.50 18.08 -4.84
CA LEU A 1040 46.71 17.63 -6.22
C LEU A 1040 46.64 16.14 -6.35
N ASP A 1041 46.80 15.40 -5.25
CA ASP A 1041 46.67 13.95 -5.25
C ASP A 1041 45.23 13.48 -5.12
N ALA A 1042 44.29 14.38 -4.82
CA ALA A 1042 42.88 14.10 -4.59
C ALA A 1042 42.66 13.38 -3.26
N THR A 1043 43.69 13.17 -2.46
CA THR A 1043 43.55 12.41 -1.22
C THR A 1043 42.81 13.20 -0.16
N ASP A 1044 43.38 14.33 0.27
CA ASP A 1044 42.78 15.14 1.31
C ASP A 1044 41.76 16.11 0.72
N THR A 1045 40.68 16.35 1.46
CA THR A 1045 39.62 17.25 1.00
C THR A 1045 39.08 18.03 2.19
N ASP A 1046 38.13 18.91 1.90
CA ASP A 1046 37.52 19.79 2.89
C ASP A 1046 36.00 19.79 2.70
N ILE A 1047 35.42 18.60 2.56
CA ILE A 1047 34.00 18.47 2.27
C ILE A 1047 33.20 19.32 3.25
N ARG A 1048 32.11 19.91 2.76
CA ARG A 1048 31.28 20.81 3.54
C ARG A 1048 30.07 20.07 4.07
N TRP A 1049 29.72 20.36 5.32
CA TRP A 1049 28.56 19.77 5.98
C TRP A 1049 27.51 20.85 6.19
N ASP A 1050 26.39 20.74 5.47
CA ASP A 1050 25.34 21.76 5.50
C ASP A 1050 23.97 21.21 5.87
N GLY A 1051 23.89 19.97 6.36
CA GLY A 1051 22.65 19.44 6.87
C GLY A 1051 21.96 18.46 5.96
N ARG A 1052 21.95 18.73 4.65
CA ARG A 1052 21.30 17.81 3.72
C ARG A 1052 22.12 16.54 3.57
N TRP A 1053 21.46 15.39 3.68
CA TRP A 1053 22.15 14.12 3.67
C TRP A 1053 22.34 13.55 2.28
N ILE A 1054 21.37 13.77 1.38
CA ILE A 1054 21.51 13.28 0.02
C ILE A 1054 22.66 13.98 -0.69
N SER A 1055 22.91 15.24 -0.38
CA SER A 1055 24.02 15.97 -0.98
C SER A 1055 25.35 15.63 -0.31
N TYR A 1056 25.36 15.49 1.01
CA TYR A 1056 26.62 15.15 1.69
C TYR A 1056 27.14 13.80 1.25
N LEU A 1057 26.28 12.78 1.18
CA LEU A 1057 26.73 11.47 0.74
C LEU A 1057 27.22 11.48 -0.70
N ASP A 1058 26.73 12.41 -1.52
CA ASP A 1058 27.22 12.55 -2.88
C ASP A 1058 28.59 13.20 -2.94
N THR A 1059 28.83 14.24 -2.13
CA THR A 1059 30.14 14.85 -2.08
C THR A 1059 31.20 13.88 -1.58
N VAL A 1060 30.85 12.91 -0.75
CA VAL A 1060 31.77 11.85 -0.38
C VAL A 1060 31.99 10.88 -1.54
N LEU A 1061 31.01 10.71 -2.42
CA LEU A 1061 31.17 9.90 -3.61
C LEU A 1061 31.88 10.65 -4.73
N GLN A 1062 32.03 11.96 -4.62
CA GLN A 1062 32.84 12.71 -5.58
C GLN A 1062 34.33 12.52 -5.36
N MET A 1063 34.75 12.22 -4.13
CA MET A 1063 36.14 11.88 -3.91
C MET A 1063 36.54 10.63 -4.68
N TYR A 1064 35.58 9.74 -4.93
CA TYR A 1064 35.86 8.57 -5.75
C TYR A 1064 36.00 8.95 -7.22
N LEU A 1065 35.12 9.81 -7.73
CA LEU A 1065 35.15 10.15 -9.15
C LEU A 1065 36.41 10.92 -9.52
N LEU A 1066 36.84 11.87 -8.70
CA LEU A 1066 38.05 12.61 -9.00
C LEU A 1066 39.30 11.87 -8.56
N SER A 1067 39.18 10.61 -8.15
CA SER A 1067 40.33 9.75 -7.92
C SER A 1067 40.70 8.95 -9.17
N LYS A 1068 39.90 9.03 -10.23
CA LYS A 1068 40.10 8.28 -11.46
C LYS A 1068 40.07 9.26 -12.62
N PRO A 1069 41.14 10.04 -12.81
CA PRO A 1069 41.13 11.03 -13.89
C PRO A 1069 40.91 10.38 -15.25
N GLY A 1070 40.18 11.06 -16.11
CA GLY A 1070 39.90 10.54 -17.43
C GLY A 1070 39.10 11.52 -18.24
N THR A 1071 38.45 11.00 -19.29
CA THR A 1071 37.63 11.82 -20.17
C THR A 1071 36.24 11.24 -20.42
N HIS A 1072 35.97 10.02 -19.98
CA HIS A 1072 34.67 9.41 -20.21
C HIS A 1072 33.73 9.70 -19.05
N GLN A 1073 32.45 9.38 -19.25
CA GLN A 1073 31.39 9.64 -18.28
C GLN A 1073 30.95 8.31 -17.70
N ALA A 1074 31.06 8.18 -16.38
CA ALA A 1074 30.76 6.94 -15.67
C ALA A 1074 29.64 7.18 -14.67
N LEU A 1075 28.64 6.30 -14.68
CA LEU A 1075 27.52 6.39 -13.75
C LEU A 1075 27.65 5.29 -12.71
N PRO A 1076 27.81 5.60 -11.42
CA PRO A 1076 27.95 4.54 -10.42
C PRO A 1076 26.77 3.59 -10.44
N THR A 1077 27.06 2.30 -10.26
CA THR A 1077 26.02 1.28 -10.29
C THR A 1077 26.16 0.22 -9.20
N LEU A 1078 27.20 0.29 -8.37
CA LEU A 1078 27.34 -0.69 -7.30
C LEU A 1078 28.26 -0.12 -6.23
N LEU A 1079 27.70 0.15 -5.06
CA LEU A 1079 28.47 0.55 -3.89
C LEU A 1079 28.50 -0.64 -2.93
N GLU A 1080 29.67 -1.25 -2.77
CA GLU A 1080 29.76 -2.51 -2.06
C GLU A 1080 29.55 -2.36 -0.56
N SER A 1081 29.82 -1.18 0.00
CA SER A 1081 29.63 -0.97 1.43
C SER A 1081 29.49 0.52 1.70
N VAL A 1082 28.53 0.87 2.56
CA VAL A 1082 28.28 2.25 2.94
C VAL A 1082 27.90 2.26 4.42
N THR A 1083 28.63 3.03 5.22
CA THR A 1083 28.35 3.18 6.65
C THR A 1083 28.08 4.65 6.94
N ILE A 1084 26.94 4.93 7.58
CA ILE A 1084 26.52 6.31 7.83
C ILE A 1084 26.29 6.54 9.32
N ASP A 1085 27.07 5.90 10.19
CA ASP A 1085 26.96 6.12 11.62
C ASP A 1085 26.84 7.60 11.93
N PRO A 1086 25.66 8.09 12.33
CA PRO A 1086 25.50 9.53 12.56
C PRO A 1086 25.85 10.01 13.96
N ARG A 1087 26.07 9.12 14.92
CA ARG A 1087 26.37 9.52 16.28
C ARG A 1087 27.81 10.01 16.46
N VAL A 1088 28.67 9.77 15.48
CA VAL A 1088 30.00 10.36 15.44
C VAL A 1088 30.09 11.48 14.41
N HIS A 1089 28.94 11.91 13.88
CA HIS A 1089 28.87 12.90 12.83
C HIS A 1089 28.29 14.19 13.38
N PRO A 1090 28.82 15.36 13.04
CA PRO A 1090 28.30 16.60 13.62
C PRO A 1090 26.80 16.74 13.35
N ALA A 1091 26.08 17.21 14.36
CA ALA A 1091 24.64 17.33 14.26
C ALA A 1091 24.26 18.35 13.18
N GLN A 1092 22.98 18.42 12.89
CA GLN A 1092 22.51 19.33 11.85
C GLN A 1092 22.88 20.76 12.21
N PRO A 1093 23.23 21.60 11.24
CA PRO A 1093 23.61 22.98 11.56
C PRO A 1093 22.48 23.70 12.25
N PRO A 1094 22.78 24.59 13.20
CA PRO A 1094 21.70 25.36 13.85
C PRO A 1094 20.92 26.15 12.81
N GLU A 1095 19.60 26.07 12.89
CA GLU A 1095 18.74 26.64 11.86
C GLU A 1095 19.06 28.12 11.64
N GLY A 1096 19.20 28.49 10.38
CA GLY A 1096 19.58 29.83 10.01
C GLY A 1096 21.05 30.00 9.69
N THR A 1097 21.84 28.94 9.74
CA THR A 1097 23.27 29.04 9.51
C THR A 1097 23.56 29.32 8.04
N THR A 1098 24.64 30.06 7.79
CA THR A 1098 25.14 30.30 6.45
C THR A 1098 26.61 30.00 6.28
N GLU A 1099 27.41 30.03 7.34
CA GLU A 1099 28.83 29.65 7.28
C GLU A 1099 28.98 28.20 7.74
N PHE A 1100 28.56 27.30 6.86
CA PHE A 1100 28.60 25.88 7.17
C PHE A 1100 30.03 25.42 7.40
N GLN A 1101 30.20 24.49 8.35
CA GLN A 1101 31.52 23.97 8.67
C GLN A 1101 31.97 22.97 7.61
N VAL A 1102 33.27 22.63 7.66
CA VAL A 1102 33.88 21.72 6.70
C VAL A 1102 34.43 20.53 7.47
N LEU A 1103 34.09 19.32 7.00
CA LEU A 1103 34.56 18.09 7.62
C LEU A 1103 35.71 17.50 6.82
N PRO A 1104 36.89 17.27 7.41
CA PRO A 1104 37.99 16.70 6.63
C PRO A 1104 37.63 15.31 6.11
N GLY A 1105 38.00 15.06 4.86
CA GLY A 1105 37.77 13.77 4.25
C GLY A 1105 39.05 13.22 3.66
N LYS A 1106 39.01 11.95 3.28
CA LYS A 1106 40.18 11.31 2.72
C LYS A 1106 39.76 10.10 1.89
N TRP A 1107 40.49 9.88 0.80
CA TRP A 1107 40.31 8.72 -0.07
C TRP A 1107 41.45 7.75 0.17
N ASP A 1108 41.11 6.51 0.51
CA ASP A 1108 42.11 5.49 0.80
C ASP A 1108 42.35 4.67 -0.47
N PRO A 1109 43.41 4.94 -1.24
CA PRO A 1109 43.62 4.17 -2.48
C PRO A 1109 43.88 2.69 -2.23
N VAL A 1110 44.31 2.31 -1.03
CA VAL A 1110 44.59 0.90 -0.76
C VAL A 1110 43.30 0.12 -0.63
N LEU A 1111 42.44 0.52 0.31
CA LEU A 1111 41.18 -0.16 0.55
C LEU A 1111 40.04 0.35 -0.33
N GLN A 1112 40.27 1.41 -1.10
CA GLN A 1112 39.24 1.99 -1.96
C GLN A 1112 38.08 2.52 -1.12
N ILE A 1113 38.40 3.25 -0.06
CA ILE A 1113 37.43 3.79 0.88
C ILE A 1113 37.45 5.31 0.77
N ALA A 1114 36.28 5.90 0.56
CA ALA A 1114 36.10 7.35 0.62
C ALA A 1114 35.39 7.68 1.92
N ALA A 1115 36.09 8.36 2.83
CA ALA A 1115 35.57 8.63 4.16
C ALA A 1115 35.65 10.12 4.46
N ALA A 1116 34.62 10.62 5.13
CA ALA A 1116 34.57 12.03 5.53
C ALA A 1116 33.58 12.15 6.67
N GLY A 1117 34.06 12.57 7.84
CA GLY A 1117 33.18 12.60 9.00
C GLY A 1117 32.72 11.20 9.35
N GLY A 1118 31.40 11.04 9.49
CA GLY A 1118 30.85 9.76 9.87
C GLY A 1118 30.25 8.98 8.71
N VAL A 1119 30.92 9.00 7.55
CA VAL A 1119 30.45 8.29 6.38
C VAL A 1119 31.64 7.62 5.71
N GLU A 1120 31.41 6.42 5.17
CA GLU A 1120 32.41 5.72 4.37
C GLU A 1120 31.70 5.03 3.21
N ILE A 1121 32.31 5.10 2.03
CA ILE A 1121 31.84 4.36 0.86
C ILE A 1121 33.02 3.58 0.32
N ARG A 1122 32.87 2.26 0.19
CA ARG A 1122 33.96 1.37 -0.14
C ARG A 1122 33.64 0.60 -1.41
N SER A 1123 34.58 0.56 -2.35
CA SER A 1123 34.50 -0.27 -3.55
C SER A 1123 33.23 0.06 -4.35
N CYS A 1124 33.21 1.28 -4.87
CA CYS A 1124 32.12 1.75 -5.72
C CYS A 1124 32.53 1.57 -7.18
N HIS A 1125 31.71 0.86 -7.94
CA HIS A 1125 31.94 0.61 -9.36
C HIS A 1125 30.95 1.39 -10.20
N SER A 1126 31.36 1.69 -11.43
CA SER A 1126 30.57 2.52 -12.33
C SER A 1126 30.53 1.89 -13.71
N ILE A 1127 29.58 2.35 -14.52
CA ILE A 1127 29.39 1.88 -15.89
C ILE A 1127 29.49 3.06 -16.83
N ARG A 1128 30.33 2.94 -17.85
CA ARG A 1128 30.52 4.02 -18.81
C ARG A 1128 29.24 4.29 -19.58
N ALA A 1129 29.00 5.56 -19.89
CA ALA A 1129 27.82 5.98 -20.62
C ALA A 1129 28.21 6.97 -21.70
N SER A 1130 27.56 6.86 -22.86
CA SER A 1130 27.83 7.77 -23.96
C SER A 1130 27.39 9.18 -23.59
N ARG A 1131 28.08 10.16 -24.15
CA ARG A 1131 27.83 11.57 -23.87
C ARG A 1131 26.76 12.11 -24.81
N ARG A 1132 25.81 12.85 -24.26
CA ARG A 1132 24.70 13.42 -25.01
C ARG A 1132 24.95 14.89 -25.28
N LEU A 1133 24.70 15.30 -26.53
CA LEU A 1133 24.85 16.70 -26.91
C LEU A 1133 23.57 17.45 -26.56
N ASN A 1134 23.66 18.38 -25.60
CA ASN A 1134 22.47 19.09 -25.15
C ASN A 1134 22.01 20.10 -26.18
N HIS A 1135 22.94 20.74 -26.89
CA HIS A 1135 22.58 21.66 -27.96
C HIS A 1135 22.45 20.87 -29.27
N ASP A 1136 22.31 21.58 -30.38
CA ASP A 1136 22.20 20.95 -31.68
C ASP A 1136 23.55 20.92 -32.38
N PRO A 1137 23.70 20.11 -33.42
CA PRO A 1137 25.01 19.93 -34.03
C PRO A 1137 25.56 21.26 -34.52
N PRO A 1138 26.87 21.46 -34.45
CA PRO A 1138 27.47 22.70 -34.95
C PRO A 1138 27.39 22.78 -36.47
N ILE A 1139 27.56 24.00 -36.98
CA ILE A 1139 27.73 24.23 -38.41
C ILE A 1139 29.20 24.52 -38.65
N LEU A 1140 29.78 23.81 -39.59
CA LEU A 1140 31.15 24.05 -40.01
C LEU A 1140 31.16 24.72 -41.38
N GLU A 1141 31.83 25.86 -41.48
CA GLU A 1141 31.96 26.56 -42.75
C GLU A 1141 33.44 26.66 -43.13
N ASP A 1142 33.67 27.15 -44.34
CA ASP A 1142 35.01 27.29 -44.92
C ASP A 1142 35.22 28.74 -45.31
N PHE A 1143 35.87 29.50 -44.45
CA PHE A 1143 36.18 30.89 -44.78
C PHE A 1143 37.13 30.92 -45.97
N ALA A 1144 36.60 31.30 -47.13
CA ALA A 1144 37.36 31.27 -48.36
C ALA A 1144 37.00 32.49 -49.21
N PHE A 1145 37.92 32.86 -50.10
CA PHE A 1145 37.67 33.96 -51.01
C PHE A 1145 36.77 33.50 -52.15
N ALA A 1146 35.86 34.40 -52.56
CA ALA A 1146 34.90 34.10 -53.60
C ALA A 1146 34.79 35.31 -54.52
N PRO A 1147 35.13 35.18 -55.80
CA PRO A 1147 35.06 36.35 -56.69
C PRO A 1147 33.62 36.74 -57.00
N TYR A 1148 33.46 38.00 -57.38
CA TYR A 1148 32.15 38.56 -57.69
C TYR A 1148 31.73 38.29 -59.12
N VAL A 1149 32.52 38.75 -60.09
CA VAL A 1149 32.11 38.81 -61.49
C VAL A 1149 32.90 37.79 -62.30
N ASP A 1150 32.19 37.12 -63.21
CA ASP A 1150 32.78 36.18 -64.15
C ASP A 1150 33.70 35.20 -63.44
N PRO A 1151 33.19 34.42 -62.49
CA PRO A 1151 34.05 33.49 -61.75
C PRO A 1151 34.59 32.39 -62.66
N ARG A 1152 35.89 32.12 -62.55
CA ARG A 1152 36.49 31.03 -63.29
C ARG A 1152 36.10 29.69 -62.66
N PRO A 1153 36.21 28.59 -63.40
CA PRO A 1153 35.79 27.29 -62.85
C PRO A 1153 36.46 26.95 -61.54
N SER A 1154 37.73 27.34 -61.39
CA SER A 1154 38.49 27.06 -60.18
C SER A 1154 38.06 27.89 -58.99
N ASP A 1155 37.22 28.91 -59.21
CA ASP A 1155 36.76 29.78 -58.13
C ASP A 1155 35.58 29.17 -57.40
N ARG A 1156 35.38 29.59 -56.15
CA ARG A 1156 34.35 29.01 -55.31
C ARG A 1156 32.96 29.56 -55.61
N SER A 1157 32.86 30.80 -56.10
CA SER A 1157 31.58 31.38 -56.48
C SER A 1157 31.10 30.91 -57.85
N ALA A 1158 31.92 30.17 -58.58
CA ALA A 1158 31.54 29.70 -59.90
C ALA A 1158 30.40 28.69 -59.80
N ALA A 1159 29.64 28.59 -60.88
CA ALA A 1159 28.52 27.67 -60.93
C ALA A 1159 28.99 26.24 -60.70
N ALA A 1160 28.09 25.35 -60.34
CA ALA A 1160 28.39 23.94 -60.07
C ALA A 1160 27.95 23.14 -61.29
N VAL A 1161 28.84 23.02 -62.27
CA VAL A 1161 28.54 22.33 -63.53
C VAL A 1161 29.55 21.20 -63.66
N THR A 1162 29.17 19.99 -63.25
CA THR A 1162 29.99 18.83 -63.49
C THR A 1162 29.80 18.36 -64.93
N PRO A 1163 30.73 17.56 -65.45
CA PRO A 1163 30.55 17.03 -66.82
C PRO A 1163 29.24 16.29 -66.99
N ALA A 1164 28.78 15.58 -65.96
CA ALA A 1164 27.52 14.85 -66.08
C ALA A 1164 26.35 15.79 -66.35
N LEU A 1165 26.29 16.91 -65.64
CA LEU A 1165 25.21 17.87 -65.87
C LEU A 1165 25.28 18.44 -67.27
N ARG A 1166 26.48 18.81 -67.74
CA ARG A 1166 26.62 19.38 -69.06
C ARG A 1166 26.16 18.40 -70.13
N ASP A 1167 26.54 17.13 -69.99
CA ASP A 1167 26.07 16.10 -70.92
C ASP A 1167 24.55 15.98 -70.87
N TYR A 1168 23.97 16.04 -69.66
CA TYR A 1168 22.53 15.97 -69.54
C TYR A 1168 21.84 17.12 -70.25
N ALA A 1169 22.40 18.32 -70.12
CA ALA A 1169 21.84 19.47 -70.84
C ALA A 1169 21.94 19.28 -72.35
N ASP A 1170 23.09 18.77 -72.82
CA ASP A 1170 23.25 18.54 -74.25
C ASP A 1170 22.23 17.53 -74.76
N ALA A 1171 22.12 16.39 -74.07
CA ALA A 1171 21.13 15.39 -74.48
C ALA A 1171 19.72 15.93 -74.36
N CYS A 1172 19.42 16.60 -73.24
CA CYS A 1172 18.09 17.15 -73.04
C CYS A 1172 17.77 18.28 -74.01
N PHE A 1173 18.74 19.13 -74.33
CA PHE A 1173 18.52 20.15 -75.36
C PHE A 1173 18.24 19.51 -76.70
N GLU A 1174 18.97 18.44 -77.05
CA GLU A 1174 18.65 17.69 -78.25
C GLU A 1174 17.23 17.13 -78.19
N PHE A 1175 16.78 16.71 -77.01
CA PHE A 1175 15.41 16.24 -76.86
C PHE A 1175 14.42 17.34 -77.20
N SER A 1176 14.67 18.56 -76.73
CA SER A 1176 13.81 19.68 -77.07
C SER A 1176 13.84 19.95 -78.58
N ARG A 1177 15.03 19.92 -79.18
CA ARG A 1177 15.13 20.14 -80.61
C ARG A 1177 14.34 19.08 -81.37
N GLN A 1178 14.60 17.80 -81.09
CA GLN A 1178 13.91 16.73 -81.79
C GLN A 1178 12.41 16.78 -81.52
N GLY A 1179 12.02 17.01 -80.26
CA GLY A 1179 10.60 17.05 -79.94
C GLY A 1179 9.87 18.17 -80.65
N MET A 1180 10.40 19.38 -80.57
CA MET A 1180 9.73 20.53 -81.18
C MET A 1180 9.53 20.32 -82.67
N LYS A 1181 10.38 19.51 -83.30
CA LYS A 1181 10.17 19.13 -84.69
C LYS A 1181 8.85 18.37 -84.84
N ARG A 1182 8.59 17.45 -83.92
CA ARG A 1182 7.37 16.64 -84.00
C ARG A 1182 6.12 17.50 -83.87
N TRP A 1183 6.17 18.55 -83.07
CA TRP A 1183 5.00 19.41 -82.88
C TRP A 1183 4.53 20.00 -84.20
N LEU A 1184 5.47 20.46 -85.02
CA LEU A 1184 5.14 21.07 -86.30
C LEU A 1184 4.94 20.02 -87.40
N GLU A 1185 5.05 18.74 -87.09
CA GLU A 1185 4.75 17.66 -88.02
C GLU A 1185 3.36 17.08 -87.78
N ASN A 1186 3.05 16.69 -86.55
CA ASN A 1186 1.74 16.12 -86.25
C ASN A 1186 0.64 17.16 -86.26
N ASP A 1187 0.97 18.44 -86.12
CA ASP A 1187 -0.05 19.48 -86.03
C ASP A 1187 -0.87 19.51 -87.32
N LYS A 1188 -2.17 19.25 -87.19
CA LYS A 1188 -3.09 19.34 -88.33
C LYS A 1188 -4.37 20.09 -88.02
N ASN A 1189 -4.80 20.20 -86.76
CA ASN A 1189 -5.99 20.93 -86.39
C ASN A 1189 -5.69 22.35 -85.92
N ASN A 1190 -4.43 22.78 -86.00
CA ASN A 1190 -4.02 24.10 -85.53
C ASN A 1190 -4.39 24.28 -84.05
N VAL A 1191 -3.81 23.41 -83.23
CA VAL A 1191 -4.08 23.42 -81.79
C VAL A 1191 -2.88 23.89 -80.98
N LEU A 1192 -1.70 24.01 -81.58
CA LEU A 1192 -0.50 24.37 -80.84
C LEU A 1192 -0.62 25.79 -80.30
N PRO A 1193 -0.55 26.00 -78.99
CA PRO A 1193 -0.55 27.37 -78.46
C PRO A 1193 0.66 28.14 -78.94
N ASN A 1194 0.44 29.42 -79.24
CA ASN A 1194 1.51 30.29 -79.73
C ASN A 1194 2.32 29.59 -80.81
N LYS A 1195 1.61 29.11 -81.84
CA LYS A 1195 2.22 28.23 -82.82
C LYS A 1195 3.41 28.87 -83.50
N GLU A 1196 3.30 30.15 -83.86
CA GLU A 1196 4.37 30.82 -84.59
C GLU A 1196 5.68 30.79 -83.81
N GLU A 1197 5.61 30.88 -82.49
CA GLU A 1197 6.83 30.97 -81.68
C GLU A 1197 7.66 29.71 -81.79
N ILE A 1198 7.01 28.54 -81.79
CA ILE A 1198 7.76 27.28 -81.87
C ILE A 1198 8.56 27.24 -83.16
N LYS A 1199 7.96 27.65 -84.28
CA LYS A 1199 8.67 27.67 -85.55
C LYS A 1199 9.89 28.58 -85.48
N GLU A 1200 9.72 29.76 -84.88
CA GLU A 1200 10.85 30.69 -84.75
C GLU A 1200 11.94 30.08 -83.87
N ALA A 1201 11.56 29.41 -82.79
CA ALA A 1201 12.54 28.86 -81.87
C ALA A 1201 13.36 27.76 -82.53
N LEU A 1202 12.75 26.94 -83.38
CA LEU A 1202 13.49 25.87 -84.04
C LEU A 1202 14.65 26.42 -84.85
N ALA A 1203 14.50 27.63 -85.39
CA ALA A 1203 15.61 28.25 -86.11
C ALA A 1203 16.81 28.45 -85.19
N MET A 1204 16.56 28.90 -83.96
CA MET A 1204 17.65 29.05 -83.00
C MET A 1204 18.29 27.70 -82.68
N ALA A 1205 17.47 26.66 -82.52
CA ALA A 1205 18.01 25.34 -82.24
C ALA A 1205 18.91 24.86 -83.36
N ASN A 1206 18.47 25.05 -84.60
CA ASN A 1206 19.31 24.69 -85.74
C ASN A 1206 20.53 25.59 -85.83
N LYS A 1207 20.38 26.87 -85.50
CA LYS A 1207 21.50 27.80 -85.58
C LYS A 1207 22.62 27.40 -84.63
N HIS A 1208 22.27 26.85 -83.46
CA HIS A 1208 23.24 26.42 -82.47
C HIS A 1208 23.26 24.90 -82.33
N ALA A 1209 23.16 24.19 -83.44
CA ALA A 1209 23.19 22.74 -83.44
C ALA A 1209 24.63 22.23 -83.45
N ASN A 1217 17.04 10.98 -84.13
CA ASN A 1217 15.58 11.02 -84.17
C ASN A 1217 15.02 11.18 -82.76
N PHE A 1218 13.69 11.23 -82.66
CA PHE A 1218 13.05 11.40 -81.36
C PHE A 1218 13.33 10.18 -80.47
N ALA A 1219 13.27 8.97 -81.06
CA ALA A 1219 13.50 7.78 -80.26
C ALA A 1219 14.90 7.77 -79.66
N SER A 1220 15.91 8.13 -80.45
CA SER A 1220 17.27 8.19 -79.92
C SER A 1220 17.40 9.23 -78.82
N ALA A 1221 16.75 10.40 -79.00
CA ALA A 1221 16.83 11.44 -77.98
C ALA A 1221 16.43 10.90 -76.61
N LYS A 1222 15.27 10.23 -76.53
CA LYS A 1222 14.86 9.61 -75.28
C LYS A 1222 15.83 8.51 -74.87
N ALA A 1223 16.30 7.71 -75.82
CA ALA A 1223 17.21 6.62 -75.52
C ALA A 1223 18.44 7.13 -74.79
N THR A 1224 19.03 8.22 -75.28
CA THR A 1224 20.19 8.80 -74.62
C THR A 1224 19.83 9.25 -73.21
N LEU A 1225 18.67 9.91 -73.05
CA LEU A 1225 18.28 10.39 -71.73
C LEU A 1225 17.97 9.24 -70.78
N GLU A 1226 17.24 8.22 -71.26
CA GLU A 1226 16.95 7.08 -70.41
C GLU A 1226 18.22 6.36 -69.99
N ALA A 1227 19.23 6.33 -70.86
CA ALA A 1227 20.53 5.80 -70.46
C ALA A 1227 21.11 6.61 -69.31
N LEU A 1228 20.99 7.93 -69.36
CA LEU A 1228 21.46 8.79 -68.27
C LEU A 1228 20.54 8.71 -67.06
N VAL A 1229 19.25 8.46 -67.28
CA VAL A 1229 18.30 8.43 -66.18
C VAL A 1229 18.40 7.14 -65.37
N ASN A 1230 18.94 6.06 -65.94
CA ASN A 1230 18.99 4.77 -65.27
C ASN A 1230 20.39 4.34 -64.88
N ASN A 1231 21.44 5.03 -65.32
CA ASN A 1231 22.79 4.67 -64.93
C ASN A 1231 23.01 4.98 -63.45
N LYS A 1232 23.85 4.17 -62.82
CA LYS A 1232 24.20 4.31 -61.40
C LYS A 1232 25.73 4.23 -61.24
N ASN A 1233 26.45 4.97 -62.07
CA ASN A 1233 27.91 4.99 -62.03
C ASN A 1233 28.46 5.94 -60.98
N GLY A 1234 27.60 6.64 -60.25
CA GLY A 1234 28.04 7.65 -59.31
C GLY A 1234 28.14 9.04 -59.88
N HIS A 1235 28.17 9.17 -61.21
CA HIS A 1235 28.16 10.46 -61.88
C HIS A 1235 26.76 10.94 -62.20
N ARG A 1236 25.76 10.45 -61.47
CA ARG A 1236 24.36 10.77 -61.74
C ARG A 1236 23.99 12.09 -61.09
N LEU A 1237 22.98 12.74 -61.67
CA LEU A 1237 22.46 13.98 -61.11
C LEU A 1237 21.49 13.65 -59.97
N PRO A 1238 21.24 14.61 -59.08
CA PRO A 1238 20.34 14.30 -57.95
C PRO A 1238 18.96 13.88 -58.39
N ASN A 1239 18.47 14.42 -59.51
CA ASN A 1239 17.19 14.03 -60.08
C ASN A 1239 17.05 14.69 -61.44
N HIS A 1240 16.34 14.01 -62.34
CA HIS A 1240 16.09 14.52 -63.68
C HIS A 1240 14.65 15.06 -63.71
N GLY A 1241 14.52 16.38 -63.63
CA GLY A 1241 13.21 17.00 -63.58
C GLY A 1241 12.79 17.66 -64.87
N LEU A 1242 13.73 18.32 -65.56
CA LEU A 1242 13.39 18.96 -66.82
C LEU A 1242 12.91 17.95 -67.86
N PHE A 1243 13.59 16.81 -67.96
CA PHE A 1243 13.17 15.78 -68.89
C PHE A 1243 11.79 15.25 -68.54
N GLU A 1244 11.53 15.01 -67.25
CA GLU A 1244 10.20 14.58 -66.84
C GLU A 1244 9.15 15.61 -67.23
N MET A 1245 9.54 16.88 -67.35
CA MET A 1245 8.62 17.91 -67.79
C MET A 1245 8.59 18.00 -69.31
N LEU A 1246 9.76 17.90 -69.95
CA LEU A 1246 9.79 17.86 -71.40
C LEU A 1246 9.08 16.62 -71.92
N ASP A 1247 9.27 15.47 -71.25
CA ASP A 1247 8.64 14.23 -71.69
C ASP A 1247 7.12 14.33 -71.59
N ILE A 1248 6.61 14.80 -70.46
CA ILE A 1248 5.16 14.84 -70.27
C ILE A 1248 4.50 15.79 -71.26
N ALA A 1249 5.14 16.92 -71.55
CA ALA A 1249 4.57 17.85 -72.52
C ALA A 1249 4.61 17.26 -73.93
N PHE A 1250 5.75 16.72 -74.34
CA PHE A 1250 5.87 16.16 -75.68
C PHE A 1250 5.00 14.92 -75.82
N SER A 1251 5.06 14.01 -74.84
CA SER A 1251 4.32 12.76 -74.95
C SER A 1251 2.81 12.98 -74.92
N GLU A 1252 2.36 14.11 -74.38
CA GLU A 1252 0.93 14.41 -74.29
C GLU A 1252 0.37 14.46 -75.72
N PRO A 1253 -0.84 13.98 -75.96
CA PRO A 1253 -1.33 13.89 -77.35
C PRO A 1253 -1.95 15.19 -77.84
N LEU A 1254 -1.96 15.32 -79.16
CA LEU A 1254 -2.52 16.50 -79.83
C LEU A 1254 -4.00 16.25 -80.08
N GLU A 1255 -4.86 16.92 -79.32
CA GLU A 1255 -6.30 16.73 -79.39
C GLU A 1255 -6.97 17.89 -78.65
N GLY A 1256 -8.28 17.80 -78.46
CA GLY A 1256 -9.03 18.90 -77.90
C GLY A 1256 -8.63 19.21 -76.47
N ASP A 1257 -8.99 20.43 -76.03
CA ASP A 1257 -8.66 20.98 -74.72
C ASP A 1257 -7.15 21.08 -74.50
N TYR A 1258 -6.37 21.05 -75.57
CA TYR A 1258 -4.90 20.99 -75.47
C TYR A 1258 -4.34 22.03 -74.53
N TRP A 1259 -4.58 23.31 -74.83
CA TRP A 1259 -3.94 24.38 -74.06
C TRP A 1259 -4.31 24.31 -72.59
N ASP A 1260 -5.61 24.24 -72.28
CA ASP A 1260 -6.03 24.24 -70.89
C ASP A 1260 -5.66 22.94 -70.20
N ARG A 1261 -5.77 21.81 -70.92
CA ARG A 1261 -5.48 20.52 -70.31
C ARG A 1261 -4.03 20.43 -69.86
N LEU A 1262 -3.09 20.77 -70.75
CA LEU A 1262 -1.68 20.68 -70.39
C LEU A 1262 -1.22 21.87 -69.58
N ARG A 1263 -1.91 23.02 -69.67
CA ARG A 1263 -1.62 24.12 -68.78
C ARG A 1263 -1.94 23.78 -67.33
N MET A 1264 -2.84 22.82 -67.10
CA MET A 1264 -3.15 22.34 -65.76
C MET A 1264 -2.33 21.14 -65.34
N LYS A 1265 -1.68 20.46 -66.28
CA LYS A 1265 -0.83 19.31 -65.95
C LYS A 1265 0.60 19.73 -65.70
N LEU A 1266 1.17 20.60 -66.54
CA LEU A 1266 2.53 21.08 -66.29
C LEU A 1266 2.61 21.84 -64.98
N HIS A 1267 1.59 22.65 -64.69
CA HIS A 1267 1.57 23.39 -63.43
C HIS A 1267 1.62 22.47 -62.22
N ASP A 1268 1.14 21.23 -62.35
CA ASP A 1268 1.22 20.26 -61.26
C ASP A 1268 2.62 19.71 -61.06
N VAL A 1269 3.43 19.64 -62.13
CA VAL A 1269 4.81 19.18 -62.03
C VAL A 1269 5.78 20.37 -62.06
N ARG A 1270 5.30 21.56 -61.72
CA ARG A 1270 6.17 22.72 -61.66
C ARG A 1270 7.34 22.50 -60.72
N THR A 1271 7.15 21.65 -59.71
CA THR A 1271 8.24 21.31 -58.79
C THR A 1271 9.43 20.77 -59.56
N TYR A 1272 9.17 20.06 -60.67
CA TYR A 1272 10.27 19.50 -61.44
C TYR A 1272 11.15 20.60 -62.02
N LEU A 1273 10.54 21.64 -62.60
CA LEU A 1273 11.32 22.73 -63.16
C LEU A 1273 12.09 23.48 -62.08
N TRP A 1274 11.43 23.76 -60.95
CA TRP A 1274 12.11 24.47 -59.87
C TRP A 1274 13.26 23.66 -59.31
N ASP A 1275 13.06 22.37 -59.07
CA ASP A 1275 14.08 21.48 -58.50
C ASP A 1275 14.64 20.63 -59.64
N ASP A 1276 15.61 21.19 -60.36
CA ASP A 1276 16.24 20.51 -61.47
C ASP A 1276 17.73 20.83 -61.46
N PRO A 1277 18.58 19.89 -61.89
CA PRO A 1277 20.03 20.17 -61.87
C PRO A 1277 20.44 21.38 -62.68
N ILE A 1278 19.81 21.64 -63.83
CA ILE A 1278 20.15 22.83 -64.59
C ILE A 1278 19.82 24.08 -63.79
N ILE A 1279 18.64 24.11 -63.16
CA ILE A 1279 18.24 25.27 -62.37
C ILE A 1279 18.97 25.32 -61.03
N ALA A 1280 19.35 24.17 -60.48
CA ALA A 1280 20.00 24.11 -59.17
C ALA A 1280 21.51 24.35 -59.26
N ALA A 1281 22.00 24.86 -60.40
CA ALA A 1281 23.40 25.18 -60.54
C ALA A 1281 23.74 26.60 -60.10
N LEU A 1282 22.80 27.54 -60.22
CA LEU A 1282 22.97 28.89 -59.71
C LEU A 1282 22.23 29.10 -58.39
N GLU A 1283 21.61 28.05 -57.84
CA GLU A 1283 20.92 28.12 -56.57
C GLU A 1283 21.61 27.26 -55.52
N SER A 1284 22.83 26.82 -55.77
CA SER A 1284 23.55 26.00 -54.83
C SER A 1284 23.91 26.81 -53.59
N PRO A 1285 24.14 26.14 -52.45
CA PRO A 1285 24.37 26.88 -51.20
C PRO A 1285 25.50 27.88 -51.29
N ASP A 1286 26.57 27.54 -52.02
CA ASP A 1286 27.73 28.42 -52.08
C ASP A 1286 27.37 29.76 -52.72
N ILE A 1287 26.67 29.74 -53.85
CA ILE A 1287 26.33 30.99 -54.52
C ILE A 1287 25.28 31.76 -53.73
N VAL A 1288 24.29 31.06 -53.17
CA VAL A 1288 23.21 31.73 -52.46
C VAL A 1288 23.76 32.49 -51.26
N LYS A 1289 24.63 31.85 -50.46
CA LYS A 1289 25.22 32.53 -49.32
C LYS A 1289 26.01 33.75 -49.75
N LEU A 1290 26.86 33.60 -50.76
CA LEU A 1290 27.65 34.73 -51.23
C LEU A 1290 26.77 35.92 -51.56
N VAL A 1291 25.56 35.64 -52.07
CA VAL A 1291 24.63 36.71 -52.43
C VAL A 1291 24.07 37.36 -51.17
N MET A 1292 23.45 36.57 -50.30
CA MET A 1292 22.71 37.14 -49.19
C MET A 1292 23.64 37.84 -48.19
N GLU A 1293 24.82 37.27 -47.96
CA GLU A 1293 25.74 37.88 -47.01
C GLU A 1293 26.40 39.14 -47.57
N THR A 1294 26.83 39.13 -48.83
CA THR A 1294 27.44 40.33 -49.39
C THR A 1294 26.44 41.48 -49.43
N VAL A 1295 25.15 41.15 -49.60
CA VAL A 1295 24.11 42.18 -49.48
C VAL A 1295 23.96 42.59 -48.02
N SER A 1296 23.95 41.61 -47.11
CA SER A 1296 23.78 41.92 -45.69
C SER A 1296 24.92 42.77 -45.17
N ASP A 1297 26.16 42.45 -45.55
CA ASP A 1297 27.29 43.26 -45.11
C ASP A 1297 27.13 44.70 -45.53
N ASN A 1298 26.61 44.94 -46.73
CA ASN A 1298 26.59 46.28 -47.30
C ASN A 1298 25.31 47.06 -46.99
N VAL A 1299 24.28 46.40 -46.47
CA VAL A 1299 23.09 47.13 -46.06
C VAL A 1299 23.34 47.71 -44.66
N ASN A 1300 23.18 49.01 -44.53
CA ASN A 1300 23.60 49.73 -43.32
C ASN A 1300 22.44 49.94 -42.36
N GLN A 1301 21.54 48.97 -42.28
CA GLN A 1301 20.42 49.02 -41.36
C GLN A 1301 20.49 47.82 -40.42
N GLN A 1302 19.46 47.65 -39.57
CA GLN A 1302 19.44 46.56 -38.61
C GLN A 1302 18.52 45.42 -39.00
N VAL A 1303 17.65 45.61 -40.00
CA VAL A 1303 16.77 44.56 -40.48
C VAL A 1303 16.88 44.52 -42.00
N MET A 1304 17.24 43.36 -42.54
CA MET A 1304 17.36 43.16 -43.98
C MET A 1304 15.98 42.87 -44.54
N GLU A 1305 15.49 43.76 -45.40
CA GLU A 1305 14.18 43.61 -46.02
C GLU A 1305 14.35 42.99 -47.39
N ILE A 1306 13.69 41.86 -47.62
CA ILE A 1306 13.78 41.14 -48.88
C ILE A 1306 12.39 41.05 -49.50
N LEU A 1307 12.30 41.50 -50.74
CA LEU A 1307 11.05 41.49 -51.49
C LEU A 1307 11.29 40.77 -52.81
N GLU A 1308 10.56 39.69 -53.05
CA GLU A 1308 10.63 38.95 -54.31
C GLU A 1308 9.27 39.09 -55.00
N VAL A 1309 9.31 39.50 -56.26
CA VAL A 1309 8.10 39.76 -57.02
C VAL A 1309 7.94 38.67 -58.08
N GLY A 1310 6.75 38.10 -58.19
CA GLY A 1310 6.52 37.01 -59.10
C GLY A 1310 6.96 35.69 -58.49
N ALA A 1311 6.57 35.45 -57.23
CA ALA A 1311 7.00 34.27 -56.51
C ALA A 1311 6.25 33.00 -56.91
N ALA A 1312 5.21 33.11 -57.73
CA ALA A 1312 4.48 31.93 -58.17
C ALA A 1312 5.25 31.17 -59.24
N ARG A 1313 5.92 31.87 -60.15
CA ARG A 1313 6.65 31.19 -61.23
C ARG A 1313 8.02 30.72 -60.75
N GLY A 1314 8.88 31.65 -60.33
CA GLY A 1314 10.18 31.31 -59.83
C GLY A 1314 10.31 31.71 -58.37
N PRO A 1315 10.24 30.72 -57.46
CA PRO A 1315 10.43 31.03 -56.04
C PRO A 1315 11.88 30.99 -55.61
N TYR A 1316 12.37 32.07 -55.03
CA TYR A 1316 13.72 32.13 -54.49
C TYR A 1316 13.74 32.02 -52.98
N TYR A 1317 12.57 31.97 -52.33
CA TYR A 1317 12.54 31.77 -50.88
C TYR A 1317 12.89 30.34 -50.51
N ARG A 1318 12.51 29.37 -51.37
CA ARG A 1318 12.83 27.97 -51.07
C ARG A 1318 14.33 27.74 -51.02
N GLN A 1319 15.12 28.57 -51.70
CA GLN A 1319 16.57 28.48 -51.67
C GLN A 1319 17.19 29.49 -50.71
N ALA A 1320 16.74 30.74 -50.76
CA ALA A 1320 17.35 31.78 -49.95
C ALA A 1320 17.18 31.51 -48.46
N ILE A 1321 16.00 31.05 -48.06
CA ILE A 1321 15.67 30.93 -46.64
C ILE A 1321 16.41 29.77 -46.00
N PRO A 1322 16.24 28.54 -46.48
CA PRO A 1322 16.88 27.40 -45.80
C PRO A 1322 18.38 27.29 -46.02
N LYS A 1323 18.95 28.01 -47.00
CA LYS A 1323 20.37 27.89 -47.29
C LYS A 1323 21.20 29.06 -46.76
N ALA A 1324 20.65 30.27 -46.72
CA ALA A 1324 21.44 31.42 -46.29
C ALA A 1324 20.80 32.22 -45.17
N LEU A 1325 19.47 32.39 -45.18
CA LEU A 1325 18.84 33.25 -44.19
C LEU A 1325 18.50 32.52 -42.89
N GLU A 1326 18.65 31.20 -42.85
CA GLU A 1326 18.49 30.46 -41.61
C GLU A 1326 19.80 30.35 -40.82
N TYR A 1327 20.90 30.86 -41.38
CA TYR A 1327 22.18 30.89 -40.68
C TYR A 1327 22.52 32.27 -40.15
N PHE A 1328 21.65 33.26 -40.36
CA PHE A 1328 21.90 34.60 -39.84
C PHE A 1328 21.86 34.61 -38.32
N SER A 1329 22.80 35.33 -37.72
CA SER A 1329 22.86 35.48 -36.27
C SER A 1329 23.04 36.91 -35.81
N ILE A 1330 23.48 37.82 -36.67
CA ILE A 1330 23.70 39.21 -36.29
C ILE A 1330 22.68 40.15 -36.94
N LYS A 1331 22.03 39.74 -38.03
CA LYS A 1331 21.05 40.57 -38.71
C LYS A 1331 19.73 39.82 -38.80
N ASP A 1332 18.65 40.47 -38.37
CA ASP A 1332 17.32 39.93 -38.57
C ASP A 1332 16.83 40.25 -39.97
N TRP A 1333 16.08 39.34 -40.56
CA TRP A 1333 15.66 39.45 -41.94
C TRP A 1333 14.14 39.50 -42.05
N GLN A 1334 13.67 40.10 -43.15
CA GLN A 1334 12.25 40.21 -43.45
C GLN A 1334 12.06 39.82 -44.91
N TYR A 1335 11.33 38.73 -45.16
CA TYR A 1335 11.09 38.23 -46.50
C TYR A 1335 9.63 38.42 -46.86
N THR A 1336 9.38 39.08 -48.00
CA THR A 1336 8.03 39.36 -48.48
C THR A 1336 7.88 38.76 -49.88
N VAL A 1337 6.96 37.82 -50.02
CA VAL A 1337 6.67 37.22 -51.31
C VAL A 1337 5.49 37.95 -51.95
N ALA A 1338 5.54 38.11 -53.27
CA ALA A 1338 4.51 38.84 -53.98
C ALA A 1338 4.32 38.27 -55.37
N ASP A 1339 3.08 38.32 -55.85
CA ASP A 1339 2.75 37.91 -57.21
C ASP A 1339 1.28 38.26 -57.44
N GLN A 1340 0.77 37.86 -58.60
CA GLN A 1340 -0.63 38.12 -58.94
C GLN A 1340 -1.57 37.48 -57.93
N GLY A 1341 -1.28 36.25 -57.52
CA GLY A 1341 -2.17 35.52 -56.64
C GLY A 1341 -1.56 35.14 -55.31
N PHE A 1342 -2.09 34.07 -54.72
CA PHE A 1342 -1.62 33.60 -53.42
C PHE A 1342 -0.49 32.59 -53.61
N VAL A 1343 0.62 32.81 -52.93
CA VAL A 1343 1.78 31.93 -53.07
C VAL A 1343 1.52 30.67 -52.24
N GLU A 1344 1.25 29.55 -52.93
CA GLU A 1344 0.89 28.33 -52.23
C GLU A 1344 2.10 27.71 -51.54
N ASP A 1345 3.23 27.62 -52.23
CA ASP A 1345 4.39 26.95 -51.66
C ASP A 1345 5.09 27.79 -50.60
N ALA A 1346 4.83 29.10 -50.57
CA ALA A 1346 5.43 29.99 -49.58
C ALA A 1346 4.66 29.99 -48.26
N ALA A 1347 3.78 29.01 -48.05
CA ALA A 1347 2.98 28.99 -46.83
C ALA A 1347 3.78 28.52 -45.63
N GLU A 1348 4.74 27.63 -45.82
CA GLU A 1348 5.49 27.05 -44.72
C GLU A 1348 6.73 27.86 -44.32
N PHE A 1349 7.06 28.90 -45.08
CA PHE A 1349 8.27 29.65 -44.81
C PHE A 1349 7.96 30.94 -44.06
N PRO A 1350 8.90 31.47 -43.27
CA PRO A 1350 8.63 32.71 -42.54
C PRO A 1350 8.53 33.91 -43.46
N VAL A 1351 7.45 34.00 -44.23
CA VAL A 1351 7.25 35.05 -45.21
C VAL A 1351 5.92 35.74 -44.94
N LYS A 1352 5.73 36.87 -45.61
CA LYS A 1352 4.46 37.61 -45.58
C LYS A 1352 3.99 37.77 -47.02
N MET A 1353 2.69 37.60 -47.24
CA MET A 1353 2.17 37.55 -48.59
C MET A 1353 1.64 38.91 -49.02
N MET A 1354 1.56 39.10 -50.34
CA MET A 1354 1.11 40.36 -50.92
C MET A 1354 0.61 40.07 -52.32
N GLN A 1355 -0.14 41.02 -52.87
CA GLN A 1355 -0.80 40.81 -54.17
C GLN A 1355 -0.71 42.08 -55.00
N PHE A 1356 -0.10 41.95 -56.18
CA PHE A 1356 -0.20 42.94 -57.26
C PHE A 1356 0.22 42.24 -58.54
N ASP A 1357 0.09 42.95 -59.66
CA ASP A 1357 0.42 42.36 -60.96
C ASP A 1357 1.92 42.46 -61.20
N PRO A 1358 2.63 41.32 -61.27
CA PRO A 1358 4.08 41.39 -61.54
C PRO A 1358 4.41 41.55 -63.02
N LEU A 1359 3.49 41.13 -63.88
CA LEU A 1359 3.72 41.11 -65.32
C LEU A 1359 3.28 42.39 -66.02
N ASP A 1360 2.79 43.39 -65.28
CA ASP A 1360 2.37 44.65 -65.87
C ASP A 1360 2.91 45.79 -65.01
N PRO A 1361 3.68 46.71 -65.58
CA PRO A 1361 4.19 47.85 -64.81
C PRO A 1361 3.15 48.97 -64.74
N ALA A 1362 3.53 50.05 -64.06
CA ALA A 1362 2.68 51.22 -63.92
C ALA A 1362 1.52 50.97 -62.95
N ASN A 1363 1.43 49.74 -62.43
CA ASN A 1363 0.37 49.36 -61.50
C ASN A 1363 0.93 48.84 -60.18
N PHE A 1364 2.26 48.73 -60.05
CA PHE A 1364 2.86 48.31 -58.80
C PHE A 1364 2.46 49.30 -57.71
N PRO A 1365 1.90 48.84 -56.58
CA PRO A 1365 1.43 49.77 -55.56
C PRO A 1365 2.49 50.79 -55.15
N ALA A 1366 2.08 52.04 -54.94
CA ALA A 1366 3.00 53.09 -54.55
C ALA A 1366 3.50 52.91 -53.12
N GLU A 1367 2.94 51.99 -52.36
CA GLU A 1367 3.40 51.73 -51.00
C GLU A 1367 4.74 51.03 -50.96
N LEU A 1368 5.24 50.55 -52.09
CA LEU A 1368 6.48 49.78 -52.14
C LEU A 1368 7.68 50.61 -52.56
N THR A 1369 7.53 51.93 -52.68
CA THR A 1369 8.66 52.78 -53.01
C THR A 1369 9.64 52.83 -51.83
N GLU A 1370 10.91 52.55 -52.11
CA GLU A 1370 11.93 52.49 -51.07
C GLU A 1370 11.48 51.58 -49.93
N SER A 1371 11.25 50.31 -50.28
CA SER A 1371 10.66 49.35 -49.34
C SER A 1371 11.51 48.12 -49.08
N CYS A 1372 12.52 47.86 -49.91
CA CYS A 1372 13.32 46.64 -49.78
C CYS A 1372 14.78 46.93 -50.06
N ASP A 1373 15.67 46.31 -49.28
CA ASP A 1373 17.10 46.41 -49.56
C ASP A 1373 17.51 45.53 -50.72
N LEU A 1374 16.92 44.35 -50.86
CA LEU A 1374 17.22 43.43 -51.94
C LEU A 1374 15.93 43.07 -52.65
N LEU A 1375 15.93 43.19 -53.98
CA LEU A 1375 14.80 42.86 -54.82
C LEU A 1375 15.12 41.60 -55.61
N VAL A 1376 14.26 40.60 -55.51
CA VAL A 1376 14.44 39.32 -56.17
C VAL A 1376 13.42 39.18 -57.29
N LEU A 1377 13.90 38.85 -58.49
CA LEU A 1377 13.07 38.80 -59.68
C LEU A 1377 13.31 37.50 -60.44
N LYS A 1378 13.29 36.38 -59.72
CA LYS A 1378 13.52 35.08 -60.32
C LYS A 1378 12.51 34.80 -61.44
N TRP A 1379 12.98 34.73 -62.68
CA TRP A 1379 12.15 34.40 -63.84
C TRP A 1379 10.92 35.30 -63.91
N ASN A 1380 11.13 36.59 -63.70
CA ASN A 1380 10.05 37.56 -63.77
C ASN A 1380 10.27 38.63 -64.83
N LEU A 1381 11.51 39.08 -65.01
CA LEU A 1381 11.78 40.14 -65.97
C LEU A 1381 11.51 39.68 -67.40
N GLN A 1382 11.61 38.38 -67.67
CA GLN A 1382 11.36 37.87 -69.01
C GLN A 1382 9.89 37.95 -69.39
N MET A 1383 8.99 37.90 -68.40
CA MET A 1383 7.56 37.91 -68.68
C MET A 1383 7.01 39.31 -68.89
N GLN A 1384 7.82 40.34 -68.72
CA GLN A 1384 7.38 41.70 -69.04
C GLN A 1384 7.47 41.93 -70.54
N VAL A 1385 6.69 42.90 -71.01
CA VAL A 1385 6.67 43.28 -72.42
C VAL A 1385 7.57 44.47 -72.69
N ASP A 1386 7.58 45.44 -71.79
CA ASP A 1386 8.44 46.62 -71.90
C ASP A 1386 9.46 46.57 -70.76
N LEU A 1387 10.66 46.07 -71.06
CA LEU A 1387 11.69 45.97 -70.03
C LEU A 1387 12.06 47.36 -69.51
N ASP A 1388 12.24 48.33 -70.41
CA ASP A 1388 12.65 49.66 -69.98
C ASP A 1388 11.65 50.25 -69.00
N ALA A 1389 10.35 50.08 -69.27
CA ALA A 1389 9.34 50.55 -68.33
C ALA A 1389 9.34 49.73 -67.06
N ALA A 1390 9.68 48.43 -67.17
CA ALA A 1390 9.72 47.58 -65.99
C ALA A 1390 10.90 47.92 -65.08
N ILE A 1391 12.09 48.08 -65.66
CA ILE A 1391 13.28 48.35 -64.86
C ILE A 1391 13.16 49.71 -64.18
N THR A 1392 12.73 50.73 -64.92
CA THR A 1392 12.66 52.08 -64.34
C THR A 1392 11.69 52.12 -63.17
N GLU A 1393 10.57 51.39 -63.27
CA GLU A 1393 9.63 51.36 -62.15
C GLU A 1393 10.19 50.54 -60.99
N PHE A 1394 10.77 49.37 -61.29
CA PHE A 1394 11.33 48.54 -60.23
C PHE A 1394 12.45 49.26 -59.50
N SER A 1395 13.27 50.03 -60.22
CA SER A 1395 14.34 50.77 -59.58
C SER A 1395 13.82 51.71 -58.49
N LYS A 1396 12.56 52.14 -58.60
CA LYS A 1396 11.97 52.95 -57.54
C LYS A 1396 11.73 52.12 -56.28
N MET A 1397 11.69 50.78 -56.43
CA MET A 1397 11.54 49.91 -55.26
C MET A 1397 12.79 49.94 -54.39
N ILE A 1398 13.96 50.02 -55.01
CA ILE A 1398 15.23 49.88 -54.30
C ILE A 1398 15.46 51.10 -53.42
N LYS A 1399 15.84 50.87 -52.17
CA LYS A 1399 16.25 51.94 -51.29
C LYS A 1399 17.58 52.51 -51.77
N PRO A 1400 17.93 53.73 -51.36
CA PRO A 1400 19.23 54.29 -51.75
C PRO A 1400 20.35 53.42 -51.22
N GLY A 1401 21.15 52.86 -52.14
CA GLY A 1401 22.14 51.88 -51.80
C GLY A 1401 21.65 50.46 -51.72
N GLY A 1402 20.36 50.22 -51.97
CA GLY A 1402 19.83 48.88 -51.96
C GLY A 1402 20.25 48.10 -53.19
N PHE A 1403 19.96 46.80 -53.16
CA PHE A 1403 20.40 45.88 -54.19
C PHE A 1403 19.21 45.30 -54.95
N LEU A 1404 19.50 44.80 -56.14
CA LEU A 1404 18.52 44.15 -57.00
C LEU A 1404 19.11 42.87 -57.55
N LEU A 1405 18.29 41.82 -57.63
CA LEU A 1405 18.77 40.50 -58.02
C LEU A 1405 17.84 39.95 -59.09
N VAL A 1406 18.43 39.42 -60.17
CA VAL A 1406 17.69 38.89 -61.30
C VAL A 1406 18.32 37.56 -61.73
N LEU A 1407 17.46 36.62 -62.11
CA LEU A 1407 17.89 35.34 -62.68
C LEU A 1407 17.15 35.15 -64.00
N GLU A 1408 17.91 34.95 -65.09
CA GLU A 1408 17.33 34.87 -66.42
C GLU A 1408 18.11 33.86 -67.25
N ASN A 1409 17.45 33.29 -68.26
CA ASN A 1409 18.11 32.41 -69.19
C ASN A 1409 18.92 33.21 -70.20
N GLY A 1410 20.19 32.86 -70.36
CA GLY A 1410 21.08 33.62 -71.21
C GLY A 1410 21.67 32.85 -72.38
N THR A 1411 21.85 31.55 -72.21
CA THR A 1411 22.46 30.70 -73.23
C THR A 1411 21.55 29.53 -73.53
N ARG A 1412 21.63 29.04 -74.77
CA ARG A 1412 20.83 27.89 -75.19
C ARG A 1412 19.36 28.15 -74.90
N LEU A 1413 18.84 29.21 -75.52
CA LEU A 1413 17.56 29.75 -75.08
C LEU A 1413 16.38 28.92 -75.55
N SER A 1414 16.58 28.00 -76.49
CA SER A 1414 15.49 27.20 -77.03
C SER A 1414 15.19 25.96 -76.21
N THR A 1415 16.02 25.66 -75.19
CA THR A 1415 15.85 24.41 -74.45
C THR A 1415 14.57 24.41 -73.62
N PHE A 1416 14.31 25.51 -72.91
CA PHE A 1416 13.18 25.59 -71.98
C PHE A 1416 11.90 26.10 -72.64
N PHE A 1417 11.95 26.48 -73.91
CA PHE A 1417 10.79 27.12 -74.53
C PHE A 1417 9.55 26.24 -74.52
N PRO A 1418 9.62 24.95 -74.87
CA PRO A 1418 8.39 24.15 -74.97
C PRO A 1418 7.51 24.25 -73.73
N ILE A 1419 8.14 24.19 -72.56
CA ILE A 1419 7.39 24.39 -71.31
C ILE A 1419 6.82 25.80 -71.26
N LYS A 1420 7.62 26.79 -71.68
CA LYS A 1420 7.15 28.17 -71.65
C LYS A 1420 5.98 28.37 -72.61
N ALA A 1421 6.04 27.76 -73.79
CA ALA A 1421 5.01 28.00 -74.80
C ALA A 1421 3.64 27.58 -74.29
N ILE A 1422 3.56 26.41 -73.67
CA ILE A 1422 2.30 25.93 -73.13
C ILE A 1422 1.81 26.73 -71.94
N VAL A 1423 2.71 27.20 -71.08
CA VAL A 1423 2.35 27.81 -69.81
C VAL A 1423 2.08 29.30 -69.98
N SER A 1424 2.85 29.98 -70.81
CA SER A 1424 2.66 31.41 -71.00
C SER A 1424 1.40 31.68 -71.79
N ALA A 1425 0.51 32.50 -71.23
CA ALA A 1425 -0.72 32.86 -71.92
C ALA A 1425 -0.41 33.63 -73.20
N SER A 1426 0.53 34.55 -73.15
CA SER A 1426 0.91 35.35 -74.31
C SER A 1426 2.43 35.42 -74.40
N LEU A 1427 2.92 35.60 -75.62
CA LEU A 1427 4.35 35.67 -75.90
C LEU A 1427 4.62 36.87 -76.82
N GLY A 1428 4.10 38.02 -76.43
CA GLY A 1428 4.34 39.25 -77.18
C GLY A 1428 5.03 40.30 -76.33
N GLY A 1429 6.28 40.61 -76.68
CA GLY A 1429 7.05 41.61 -75.97
C GLY A 1429 7.73 42.56 -76.93
N LYS A 1430 8.13 43.72 -76.40
CA LYS A 1430 8.75 44.77 -77.20
C LYS A 1430 10.26 44.64 -77.11
N GLY A 1431 10.92 44.58 -78.25
CA GLY A 1431 12.36 44.59 -78.29
C GLY A 1431 12.93 45.89 -77.76
N GLY A 1432 14.25 46.02 -77.86
CA GLY A 1432 14.94 47.20 -77.41
C GLY A 1432 16.22 47.45 -78.16
N PRO A 1433 16.94 48.50 -77.78
CA PRO A 1433 18.23 48.78 -78.45
C PRO A 1433 19.21 47.62 -78.35
N GLU A 1434 19.12 46.81 -77.29
CA GLU A 1434 20.00 45.65 -77.16
C GLU A 1434 19.62 44.53 -78.11
N GLY A 1435 18.49 44.62 -78.78
CA GLY A 1435 18.05 43.60 -79.73
C GLY A 1435 16.62 43.19 -79.48
N ASP A 1436 16.04 42.60 -80.52
CA ASP A 1436 14.66 42.11 -80.45
C ASP A 1436 14.56 40.94 -79.48
N ARG A 1437 13.49 40.92 -78.70
CA ARG A 1437 13.29 39.85 -77.73
C ARG A 1437 13.27 38.50 -78.43
N ALA A 1438 14.12 37.59 -77.96
CA ALA A 1438 14.08 36.22 -78.47
C ALA A 1438 12.72 35.60 -78.18
N MET A 1439 12.23 34.79 -79.12
CA MET A 1439 10.86 34.31 -79.06
C MET A 1439 9.95 35.50 -78.78
N GLY A 1440 8.98 35.35 -77.88
CA GLY A 1440 8.26 36.49 -77.35
C GLY A 1440 8.84 36.93 -76.02
N CYS A 1441 9.49 35.98 -75.33
CA CYS A 1441 10.13 36.23 -74.05
C CYS A 1441 11.53 35.62 -74.09
N PHE A 1442 12.36 36.08 -73.14
CA PHE A 1442 13.76 35.68 -72.99
C PHE A 1442 14.69 36.69 -73.66
N TYR A 1443 15.89 36.82 -73.12
CA TYR A 1443 16.87 37.79 -73.59
C TYR A 1443 18.26 37.21 -73.30
N THR A 1444 19.13 37.27 -74.29
CA THR A 1444 20.45 36.68 -74.16
C THR A 1444 21.25 37.39 -73.07
N ASP A 1445 22.10 36.63 -72.37
CA ASP A 1445 22.85 37.17 -71.24
C ASP A 1445 23.58 38.45 -71.61
N ALA A 1446 24.29 38.43 -72.75
CA ALA A 1446 25.01 39.62 -73.17
C ALA A 1446 24.06 40.81 -73.32
N GLN A 1447 22.83 40.56 -73.75
CA GLN A 1447 21.86 41.63 -73.89
C GLN A 1447 21.41 42.15 -72.53
N TRP A 1448 21.20 41.24 -71.56
CA TRP A 1448 20.80 41.67 -70.23
C TRP A 1448 21.84 42.61 -69.62
N SER A 1449 23.12 42.24 -69.73
CA SER A 1449 24.18 43.05 -69.15
C SER A 1449 24.20 44.43 -69.80
N ALA A 1450 24.10 44.48 -71.12
CA ALA A 1450 24.08 45.77 -71.81
C ALA A 1450 22.86 46.58 -71.40
N LEU A 1451 21.70 45.94 -71.32
CA LEU A 1451 20.47 46.66 -70.95
C LEU A 1451 20.60 47.26 -69.56
N PHE A 1452 21.06 46.46 -68.59
CA PHE A 1452 21.22 46.98 -67.23
C PHE A 1452 22.27 48.08 -67.20
N ALA A 1453 23.39 47.87 -67.88
CA ALA A 1453 24.43 48.92 -67.93
C ALA A 1453 23.88 50.17 -68.59
N ARG A 1454 23.10 50.02 -69.66
CA ARG A 1454 22.53 51.17 -70.33
C ARG A 1454 21.65 51.99 -69.39
N HIS A 1455 20.99 51.32 -68.44
CA HIS A 1455 20.06 51.97 -67.52
C HIS A 1455 20.75 52.48 -66.26
N GLY A 1456 22.06 52.75 -66.32
CA GLY A 1456 22.76 53.32 -65.19
C GLY A 1456 22.79 52.44 -63.97
N PHE A 1457 23.09 51.15 -64.15
CA PHE A 1457 23.27 50.22 -63.05
C PHE A 1457 24.74 49.82 -62.94
N GLU A 1458 25.15 49.50 -61.72
CA GLU A 1458 26.51 49.04 -61.44
C GLU A 1458 26.46 47.56 -61.14
N GLN A 1459 27.18 46.76 -61.94
CA GLN A 1459 27.17 45.31 -61.79
C GLN A 1459 28.02 44.87 -60.60
N ILE A 1460 27.39 44.67 -59.45
CA ILE A 1460 28.12 44.20 -58.28
C ILE A 1460 28.56 42.74 -58.47
N MET A 1461 27.67 41.88 -58.94
CA MET A 1461 27.98 40.47 -59.11
C MET A 1461 27.36 39.95 -60.39
N HIS A 1462 27.96 38.91 -60.94
CA HIS A 1462 27.46 38.28 -62.17
C HIS A 1462 28.03 36.88 -62.23
N ILE A 1463 27.18 35.88 -62.09
CA ILE A 1463 27.57 34.47 -62.13
C ILE A 1463 26.88 33.83 -63.32
N PRO A 1464 27.56 33.63 -64.46
CA PRO A 1464 26.92 32.95 -65.58
C PRO A 1464 27.00 31.44 -65.45
N ASP A 1465 25.84 30.78 -65.37
CA ASP A 1465 25.83 29.34 -65.16
C ASP A 1465 26.51 28.63 -66.33
N GLY A 1466 26.19 29.06 -67.55
CA GLY A 1466 26.75 28.49 -68.76
C GLY A 1466 25.85 27.48 -69.45
N ILE A 1467 24.88 26.91 -68.74
CA ILE A 1467 23.92 26.01 -69.33
C ILE A 1467 22.58 26.66 -69.61
N ALA A 1468 22.15 27.62 -68.78
CA ALA A 1468 20.84 28.22 -68.96
C ALA A 1468 20.73 29.53 -68.20
N VAL A 1469 20.32 29.47 -66.94
CA VAL A 1469 20.01 30.69 -66.17
C VAL A 1469 21.29 31.48 -65.96
N SER A 1470 21.14 32.73 -65.54
CA SER A 1470 22.29 33.59 -65.22
C SER A 1470 21.82 34.61 -64.19
N MET A 1471 22.69 34.91 -63.23
CA MET A 1471 22.34 35.78 -62.11
C MET A 1471 23.07 37.11 -62.23
N PHE A 1472 22.32 38.20 -62.06
CA PHE A 1472 22.87 39.55 -61.90
C PHE A 1472 22.42 40.10 -60.56
N LEU A 1473 23.35 40.69 -59.82
CA LEU A 1473 23.03 41.39 -58.58
C LEU A 1473 23.48 42.84 -58.73
N LEU A 1474 22.52 43.74 -58.90
CA LEU A 1474 22.77 45.08 -59.38
C LEU A 1474 22.49 46.10 -58.27
N ARG A 1475 23.08 47.28 -58.44
CA ARG A 1475 22.93 48.37 -57.48
C ARG A 1475 23.28 49.66 -58.19
N LYS A 1476 22.59 50.74 -57.82
CA LYS A 1476 22.79 52.00 -58.50
C LYS A 1476 24.15 52.61 -58.15
N PRO A 1477 24.73 53.40 -59.05
CA PRO A 1477 26.03 54.00 -58.76
C PRO A 1477 25.94 55.00 -57.62
N PHE A 1478 27.06 55.18 -56.93
CA PHE A 1478 27.19 56.12 -55.82
C PHE A 1478 28.18 57.20 -56.23
N GLU A 1479 27.70 58.43 -56.37
CA GLU A 1479 28.55 59.55 -56.75
C GLU A 1479 28.83 60.42 -55.53
N PRO A 1480 30.00 60.31 -54.90
CA PRO A 1480 30.26 61.13 -53.72
C PRO A 1480 30.33 62.61 -54.06
N SER A 1481 29.83 63.43 -53.15
CA SER A 1481 29.93 64.88 -53.27
C SER A 1481 31.17 65.44 -52.58
N VAL A 1482 31.85 64.63 -51.77
CA VAL A 1482 33.06 65.03 -51.07
C VAL A 1482 34.13 63.97 -51.32
N ALA A 1483 35.37 64.41 -51.44
CA ALA A 1483 36.44 63.49 -51.79
C ALA A 1483 36.55 62.38 -50.74
N PRO A 1484 36.72 61.12 -51.14
CA PRO A 1484 36.89 60.05 -50.15
C PRO A 1484 38.21 60.17 -49.41
N ILE A 1485 38.24 59.62 -48.21
CA ILE A 1485 39.41 59.66 -47.34
C ILE A 1485 40.05 58.29 -47.34
N ILE A 1486 41.33 58.23 -47.69
CA ILE A 1486 42.08 56.98 -47.79
C ILE A 1486 43.12 56.98 -46.69
N ILE A 1487 43.15 55.90 -45.90
CA ILE A 1487 44.15 55.70 -44.86
C ILE A 1487 44.81 54.36 -45.11
N ASN A 1488 46.11 54.39 -45.42
CA ASN A 1488 46.87 53.18 -45.71
C ASN A 1488 47.15 52.47 -44.40
N VAL A 1489 46.69 51.22 -44.30
CA VAL A 1489 46.82 50.44 -43.07
C VAL A 1489 47.78 49.29 -43.35
N ASP A 1490 48.73 49.52 -44.27
CA ASP A 1490 49.68 48.48 -44.61
C ASP A 1490 50.54 48.10 -43.40
N ASP A 1491 50.98 49.10 -42.63
CA ASP A 1491 51.92 48.85 -41.55
C ASP A 1491 51.32 47.89 -40.53
N LEU A 1492 52.17 47.03 -39.98
CA LEU A 1492 51.76 46.06 -38.98
C LEU A 1492 52.16 46.45 -37.56
N GLU A 1493 53.00 47.47 -37.40
CA GLU A 1493 53.37 48.00 -36.09
C GLU A 1493 52.33 48.96 -35.55
N CYS A 1494 51.29 49.28 -36.33
CA CYS A 1494 50.21 50.17 -35.91
C CYS A 1494 50.72 51.60 -35.74
N SER A 1495 51.51 52.06 -36.70
CA SER A 1495 51.87 53.46 -36.82
C SER A 1495 50.70 54.31 -37.31
N TRP A 1496 49.63 53.66 -37.74
CA TRP A 1496 48.45 54.33 -38.27
C TRP A 1496 47.32 54.45 -37.25
N LEU A 1497 47.54 53.96 -36.02
CA LEU A 1497 46.44 53.89 -35.06
C LEU A 1497 45.91 55.29 -34.73
N GLU A 1498 46.81 56.25 -34.53
CA GLU A 1498 46.36 57.60 -34.18
C GLU A 1498 45.50 58.20 -35.30
N GLU A 1499 45.92 58.03 -36.54
CA GLU A 1499 45.17 58.59 -37.67
C GLU A 1499 43.76 58.00 -37.73
N VAL A 1500 43.66 56.68 -37.62
CA VAL A 1500 42.36 56.02 -37.71
C VAL A 1500 41.48 56.44 -36.54
N GLN A 1501 42.06 56.49 -35.33
CA GLN A 1501 41.29 56.88 -34.17
C GLN A 1501 40.69 58.27 -34.34
N ALA A 1502 41.50 59.22 -34.81
CA ALA A 1502 41.00 60.58 -35.00
C ALA A 1502 39.95 60.65 -36.09
N ARG A 1503 40.20 59.98 -37.22
CA ARG A 1503 39.30 60.08 -38.37
C ARG A 1503 38.06 59.21 -38.23
N CYS A 1504 38.00 58.30 -37.26
CA CYS A 1504 36.77 57.57 -36.98
C CYS A 1504 35.96 58.21 -35.85
N ALA A 1505 36.56 59.12 -35.08
CA ALA A 1505 35.82 59.87 -34.09
C ALA A 1505 34.96 60.98 -34.69
N GLU A 1506 35.16 61.29 -35.97
CA GLU A 1506 34.38 62.30 -36.68
C GLU A 1506 33.32 61.68 -37.57
N LEU A 1507 33.08 60.37 -37.44
CA LEU A 1507 32.11 59.71 -38.30
C LEU A 1507 30.67 60.00 -37.89
N GLN A 1508 30.46 60.46 -36.66
CA GLN A 1508 29.13 60.71 -36.15
C GLN A 1508 28.65 62.14 -36.40
N ASP A 1509 29.48 62.97 -37.03
CA ASP A 1509 29.14 64.36 -37.30
C ASP A 1509 29.54 64.76 -38.71
N SER A 1510 29.35 63.86 -39.67
CA SER A 1510 29.77 64.09 -41.04
C SER A 1510 28.60 63.89 -42.00
N HIS A 1511 28.75 64.44 -43.20
CA HIS A 1511 27.73 64.29 -44.22
C HIS A 1511 27.55 62.81 -44.56
N LYS A 1512 26.31 62.42 -44.86
CA LYS A 1512 26.02 61.02 -45.14
C LYS A 1512 26.93 60.48 -46.24
N ASP A 1513 27.26 61.32 -47.23
CA ASP A 1513 28.09 60.88 -48.33
C ASP A 1513 29.54 60.65 -47.94
N SER A 1514 29.94 61.05 -46.73
CA SER A 1514 31.32 60.85 -46.30
C SER A 1514 31.63 59.36 -46.16
N ARG A 1515 32.90 59.03 -46.36
CA ARG A 1515 33.36 57.65 -46.29
C ARG A 1515 34.74 57.61 -45.67
N LEU A 1516 35.10 56.45 -45.12
CA LEU A 1516 36.43 56.20 -44.58
C LEU A 1516 36.91 54.87 -45.11
N TRP A 1517 37.93 54.90 -45.98
CA TRP A 1517 38.46 53.70 -46.61
C TRP A 1517 39.80 53.32 -45.98
N LEU A 1518 39.91 52.06 -45.58
CA LEU A 1518 41.16 51.50 -45.06
C LEU A 1518 41.75 50.62 -46.17
N VAL A 1519 42.93 51.00 -46.66
CA VAL A 1519 43.55 50.36 -47.81
C VAL A 1519 44.78 49.62 -47.33
N ALA A 1520 44.90 48.35 -47.73
CA ALA A 1520 46.07 47.53 -47.45
C ALA A 1520 46.54 46.90 -48.75
N ASN A 1521 47.77 47.22 -49.15
CA ASN A 1521 48.33 46.75 -50.41
C ASN A 1521 49.27 45.55 -50.23
N THR A 1522 49.25 44.93 -49.06
CA THR A 1522 50.09 43.76 -48.81
C THR A 1522 49.22 42.61 -48.31
N GLU A 1523 49.74 41.39 -48.50
CA GLU A 1523 49.00 40.20 -48.13
C GLU A 1523 48.74 40.14 -46.64
N LEU A 1524 49.72 40.51 -45.82
CA LEU A 1524 49.66 40.36 -44.38
C LEU A 1524 49.10 41.65 -43.78
N SER A 1525 47.78 41.70 -43.61
CA SER A 1525 47.15 42.83 -42.94
C SER A 1525 45.73 42.45 -42.51
N GLY A 1526 45.47 42.53 -41.21
CA GLY A 1526 44.17 42.13 -40.69
C GLY A 1526 43.16 43.25 -40.69
N VAL A 1527 42.81 43.74 -41.88
CA VAL A 1527 41.84 44.81 -41.99
C VAL A 1527 40.41 44.29 -42.18
N LEU A 1528 40.25 43.03 -42.57
CA LEU A 1528 38.92 42.45 -42.74
C LEU A 1528 38.26 42.09 -41.42
N GLY A 1529 39.03 41.92 -40.35
CA GLY A 1529 38.46 41.72 -39.03
C GLY A 1529 38.46 43.02 -38.26
N PHE A 1530 39.42 43.89 -38.57
CA PHE A 1530 39.45 45.21 -37.94
C PHE A 1530 38.21 46.03 -38.31
N LEU A 1531 37.84 46.02 -39.59
CA LEU A 1531 36.64 46.74 -40.00
C LEU A 1531 35.40 46.09 -39.42
N ARG A 1532 35.27 44.77 -39.57
CA ARG A 1532 34.07 44.09 -39.12
C ARG A 1532 33.81 44.30 -37.65
N SER A 1533 34.86 44.55 -36.85
CA SER A 1533 34.69 44.92 -35.46
C SER A 1533 34.49 46.42 -35.29
N LEU A 1534 35.08 47.23 -36.16
CA LEU A 1534 34.89 48.67 -36.11
C LEU A 1534 33.49 49.07 -36.56
N VAL A 1535 32.93 48.35 -37.52
CA VAL A 1535 31.59 48.67 -38.01
C VAL A 1535 30.55 48.43 -36.93
N TRP A 1536 30.92 47.69 -35.88
CA TRP A 1536 30.01 47.46 -34.77
C TRP A 1536 29.85 48.69 -33.88
N GLU A 1537 30.75 49.67 -34.02
CA GLU A 1537 30.73 50.85 -33.17
C GLU A 1537 30.47 52.14 -33.94
N PHE A 1538 30.42 52.08 -35.28
CA PHE A 1538 30.24 53.28 -36.09
C PHE A 1538 29.21 53.11 -37.20
N GLY A 1539 28.66 51.91 -37.38
CA GLY A 1539 27.74 51.68 -38.47
C GLY A 1539 28.48 51.43 -39.78
N SER A 1540 27.77 50.89 -40.77
CA SER A 1540 28.37 50.57 -42.06
C SER A 1540 28.12 51.63 -43.12
N GLU A 1541 27.69 52.82 -42.73
CA GLU A 1541 27.45 53.87 -43.71
C GLU A 1541 28.75 54.42 -44.28
N LYS A 1542 29.81 54.50 -43.47
CA LYS A 1542 31.01 55.22 -43.88
C LYS A 1542 32.30 54.47 -43.55
N LEU A 1543 32.24 53.14 -43.40
CA LEU A 1543 33.43 52.34 -43.12
C LEU A 1543 33.60 51.33 -44.25
N ARG A 1544 34.73 51.42 -44.96
CA ARG A 1544 35.01 50.55 -46.09
C ARG A 1544 36.48 50.15 -46.02
N CYS A 1545 36.82 49.03 -46.65
CA CYS A 1545 38.21 48.57 -46.69
C CYS A 1545 38.51 47.99 -48.07
N ILE A 1546 39.77 48.11 -48.48
CA ILE A 1546 40.26 47.51 -49.71
C ILE A 1546 41.56 46.78 -49.37
N GLN A 1547 41.68 45.54 -49.81
CA GLN A 1547 42.89 44.75 -49.61
C GLN A 1547 43.34 44.13 -50.92
N ILE A 1548 44.51 44.56 -51.39
CA ILE A 1548 45.13 44.00 -52.59
C ILE A 1548 46.12 42.93 -52.12
N ASP A 1549 45.97 41.72 -52.63
CA ASP A 1549 46.88 40.63 -52.29
C ASP A 1549 48.06 40.67 -53.26
N ASP A 1550 49.23 41.10 -52.76
CA ASP A 1550 50.39 41.24 -53.63
C ASP A 1550 50.80 39.91 -54.23
N ALA A 1551 50.76 38.83 -53.44
CA ALA A 1551 51.26 37.55 -53.92
C ALA A 1551 50.44 37.03 -55.10
N THR A 1552 49.11 37.08 -54.99
CA THR A 1552 48.24 36.50 -56.01
C THR A 1552 47.74 37.50 -57.03
N ALA A 1553 48.06 38.78 -56.88
CA ALA A 1553 47.67 39.77 -57.88
C ALA A 1553 48.27 39.41 -59.23
N GLY A 1554 47.44 39.47 -60.28
CA GLY A 1554 47.85 39.09 -61.60
C GLY A 1554 48.94 39.99 -62.14
N PRO A 1555 49.29 39.80 -63.42
CA PRO A 1555 50.33 40.65 -64.03
C PRO A 1555 49.99 42.13 -63.99
N ASN A 1556 48.70 42.49 -63.99
CA ASN A 1556 48.28 43.88 -63.96
C ASN A 1556 47.69 44.20 -62.59
N PRO A 1557 48.52 44.45 -61.57
CA PRO A 1557 47.98 44.72 -60.25
C PRO A 1557 47.21 46.04 -60.24
N PRO A 1558 46.21 46.17 -59.38
CA PRO A 1558 45.51 47.45 -59.26
C PRO A 1558 46.44 48.55 -58.76
N LYS A 1559 46.04 49.78 -59.04
CA LYS A 1559 46.85 50.98 -58.76
C LYS A 1559 46.06 51.95 -57.89
N ILE A 1560 45.46 51.43 -56.82
CA ILE A 1560 44.59 52.23 -55.97
C ILE A 1560 45.42 53.29 -55.28
N SER A 1561 45.32 54.54 -55.73
CA SER A 1561 46.03 55.64 -55.09
C SER A 1561 45.28 56.94 -55.42
N ALA A 1562 44.49 57.43 -54.46
CA ALA A 1562 43.81 58.71 -54.58
C ALA A 1562 43.11 58.86 -55.93
N ASP A 1563 43.59 59.78 -56.78
CA ASP A 1563 42.96 60.04 -58.07
C ASP A 1563 43.44 59.01 -59.10
N SER A 1564 43.16 57.76 -58.79
CA SER A 1564 43.51 56.65 -59.65
C SER A 1564 42.30 56.25 -60.49
N ALA A 1565 42.48 55.29 -61.40
CA ALA A 1565 41.40 54.80 -62.22
C ALA A 1565 40.66 53.65 -61.54
N ASP A 1566 41.38 52.65 -61.05
CA ASP A 1566 40.74 51.48 -60.45
C ASP A 1566 39.94 51.88 -59.22
N PHE A 1567 40.40 52.89 -58.46
CA PHE A 1567 39.69 53.30 -57.27
C PHE A 1567 38.31 53.87 -57.60
N LYS A 1568 38.22 54.73 -58.62
CA LYS A 1568 36.94 55.36 -58.93
C LYS A 1568 35.85 54.32 -59.15
N GLU A 1569 36.19 53.19 -59.77
CA GLU A 1569 35.21 52.13 -59.96
C GLU A 1569 34.73 51.59 -58.61
N LEU A 1570 35.65 51.44 -57.66
CA LEU A 1570 35.28 50.90 -56.35
C LEU A 1570 34.32 51.83 -55.62
N VAL A 1571 34.56 53.15 -55.68
CA VAL A 1571 33.72 54.08 -54.96
C VAL A 1571 32.29 54.01 -55.46
N ARG A 1572 32.11 53.86 -56.78
CA ARG A 1572 30.76 53.79 -57.33
C ARG A 1572 30.00 52.58 -56.78
N LYS A 1573 30.65 51.42 -56.76
CA LYS A 1573 30.00 50.22 -56.22
C LYS A 1573 29.65 50.42 -54.75
N ASP A 1574 30.56 51.00 -53.97
CA ASP A 1574 30.36 51.25 -52.56
C ASP A 1574 30.07 49.94 -51.83
N LEU A 1575 31.04 49.03 -51.86
CA LEU A 1575 30.94 47.78 -51.14
C LEU A 1575 31.86 47.81 -49.91
N ALA A 1576 31.31 47.32 -48.79
CA ALA A 1576 31.98 47.35 -47.50
C ALA A 1576 33.21 46.45 -47.43
N TYR A 1577 33.34 45.47 -48.32
CA TYR A 1577 34.50 44.58 -48.31
C TYR A 1577 34.91 44.30 -49.74
N ASN A 1578 36.06 44.83 -50.14
CA ASN A 1578 36.65 44.57 -51.44
C ASN A 1578 38.03 44.00 -51.22
N VAL A 1579 38.25 42.78 -51.71
CA VAL A 1579 39.54 42.12 -51.62
C VAL A 1579 39.93 41.66 -53.01
N PHE A 1580 41.15 42.02 -53.44
CA PHE A 1580 41.66 41.59 -54.73
C PHE A 1580 42.54 40.36 -54.50
N LYS A 1581 42.03 39.19 -54.92
CA LYS A 1581 42.73 37.94 -54.76
C LYS A 1581 42.53 37.10 -56.00
N ASN A 1582 43.60 36.43 -56.44
CA ASN A 1582 43.57 35.58 -57.62
C ASN A 1582 43.15 36.38 -58.86
N GLY A 1583 43.41 37.68 -58.85
CA GLY A 1583 43.15 38.51 -60.01
C GLY A 1583 41.71 38.97 -60.17
N LYS A 1584 40.87 38.82 -59.16
CA LYS A 1584 39.48 39.24 -59.24
C LYS A 1584 39.06 39.90 -57.94
N TRP A 1585 38.17 40.87 -58.05
CA TRP A 1585 37.57 41.48 -56.88
C TRP A 1585 36.57 40.51 -56.26
N GLY A 1586 36.56 40.44 -54.94
CA GLY A 1586 35.68 39.51 -54.27
C GLY A 1586 35.51 39.85 -52.81
N THR A 1587 35.15 38.83 -52.03
CA THR A 1587 34.89 39.00 -50.61
C THR A 1587 35.17 37.69 -49.90
N TYR A 1588 35.73 37.79 -48.69
CA TYR A 1588 35.97 36.60 -47.88
C TYR A 1588 34.66 36.15 -47.25
N ARG A 1589 34.26 34.92 -47.55
CA ARG A 1589 32.96 34.40 -47.12
C ARG A 1589 33.12 33.03 -46.50
N GLY A 1590 32.24 32.73 -45.54
CA GLY A 1590 32.23 31.43 -44.91
C GLY A 1590 31.24 30.49 -45.55
N PHE A 1591 31.73 29.50 -46.28
CA PHE A 1591 30.89 28.57 -47.02
C PHE A 1591 30.66 27.31 -46.18
N VAL A 1592 29.39 26.94 -46.01
CA VAL A 1592 29.06 25.85 -45.09
C VAL A 1592 29.57 24.53 -45.65
N ILE A 1593 30.26 23.78 -44.80
CA ILE A 1593 30.66 22.41 -45.12
C ILE A 1593 29.49 21.48 -44.79
N SER A 1594 29.05 20.71 -45.78
CA SER A 1594 27.95 19.78 -45.57
C SER A 1594 28.28 18.83 -44.44
N ASP A 1595 27.23 18.35 -43.76
CA ASP A 1595 27.43 17.42 -42.66
C ASP A 1595 27.82 16.03 -43.18
N ALA A 1596 27.49 15.73 -44.44
CA ALA A 1596 27.86 14.46 -45.04
C ALA A 1596 29.36 14.29 -45.22
N ASP A 1597 30.12 15.39 -45.32
CA ASP A 1597 31.55 15.33 -45.52
C ASP A 1597 32.33 14.98 -44.26
N ARG A 1598 31.73 15.18 -43.07
CA ARG A 1598 32.45 14.85 -41.85
CA ARG A 1598 32.42 14.84 -41.83
C ARG A 1598 32.77 13.35 -41.77
N GLN A 1599 32.00 12.51 -42.43
CA GLN A 1599 32.23 11.07 -42.45
C GLN A 1599 32.63 10.56 -43.83
N LYS A 1600 33.07 11.46 -44.71
CA LYS A 1600 33.47 11.05 -46.05
C LYS A 1600 34.71 10.17 -45.97
N GLU A 1601 34.71 9.08 -46.73
CA GLU A 1601 35.79 8.10 -46.70
C GLU A 1601 36.77 8.38 -47.82
N ARG A 1602 38.05 8.41 -47.49
CA ARG A 1602 39.13 8.62 -48.43
C ARG A 1602 40.12 7.46 -48.36
N PRO A 1603 40.90 7.25 -49.41
CA PRO A 1603 41.89 6.15 -49.37
C PRO A 1603 42.87 6.34 -48.23
N SER A 1604 43.22 5.21 -47.60
CA SER A 1604 44.17 5.21 -46.50
C SER A 1604 44.90 3.88 -46.49
N GLU A 1605 46.20 3.92 -46.18
CA GLU A 1605 47.02 2.71 -46.22
C GLU A 1605 46.69 1.79 -45.05
N TYR A 1606 46.62 2.35 -43.83
CA TYR A 1606 46.36 1.59 -42.62
C TYR A 1606 45.02 2.01 -42.04
N VAL A 1607 44.12 1.03 -41.86
CA VAL A 1607 42.78 1.29 -41.34
C VAL A 1607 42.47 0.22 -40.28
N TYR A 1608 41.47 0.53 -39.45
CA TYR A 1608 41.01 -0.39 -38.43
C TYR A 1608 39.54 -0.12 -38.15
N ALA A 1609 38.81 -1.18 -37.80
CA ALA A 1609 37.38 -1.07 -37.61
C ALA A 1609 37.06 -0.56 -36.21
N ASP A 1610 36.16 0.42 -36.14
CA ASP A 1610 35.66 0.94 -34.88
C ASP A 1610 34.20 1.29 -35.07
N TRP A 1611 33.59 1.84 -34.01
CA TRP A 1611 32.18 2.23 -34.04
C TRP A 1611 32.06 3.74 -33.89
N LEU A 1612 31.15 4.33 -34.65
CA LEU A 1612 30.89 5.76 -34.51
C LEU A 1612 30.15 6.06 -33.22
N SER A 1613 29.12 5.28 -32.92
CA SER A 1613 28.36 5.40 -31.68
C SER A 1613 28.42 4.07 -30.94
N ALA A 1614 28.81 4.12 -29.67
CA ALA A 1614 28.95 2.90 -28.89
C ALA A 1614 27.59 2.22 -28.71
N GLY A 1615 27.60 0.89 -28.75
CA GLY A 1615 26.39 0.12 -28.58
C GLY A 1615 25.57 -0.09 -29.83
N ASP A 1616 25.95 0.50 -30.95
CA ASP A 1616 25.27 0.33 -32.23
C ASP A 1616 26.15 -0.50 -33.14
N MET A 1617 25.64 -1.63 -33.59
CA MET A 1617 26.38 -2.50 -34.50
C MET A 1617 26.21 -2.10 -35.96
N SER A 1618 25.33 -1.15 -36.25
CA SER A 1618 25.17 -0.63 -37.60
C SER A 1618 26.04 0.61 -37.83
N SER A 1619 26.84 1.01 -36.85
CA SER A 1619 27.69 2.18 -36.95
C SER A 1619 29.17 1.81 -37.03
N LEU A 1620 29.48 0.56 -37.36
CA LEU A 1620 30.88 0.17 -37.52
C LEU A 1620 31.42 0.72 -38.85
N ARG A 1621 32.53 1.43 -38.76
CA ARG A 1621 33.19 2.01 -39.93
C ARG A 1621 34.68 1.67 -39.85
N TRP A 1622 35.40 2.03 -40.91
CA TRP A 1622 36.85 1.85 -40.95
C TRP A 1622 37.49 3.21 -40.79
N PHE A 1623 38.30 3.37 -39.75
CA PHE A 1623 39.00 4.61 -39.47
C PHE A 1623 40.48 4.47 -39.77
N ASP A 1624 41.16 5.61 -39.85
CA ASP A 1624 42.59 5.61 -40.05
C ASP A 1624 43.29 5.02 -38.84
N SER A 1625 44.34 4.24 -39.09
CA SER A 1625 45.06 3.58 -38.01
C SER A 1625 46.35 4.32 -37.71
N PRO A 1626 46.63 4.63 -36.44
CA PRO A 1626 47.92 5.29 -36.13
C PRO A 1626 49.13 4.46 -36.49
N LEU A 1627 48.96 3.21 -36.92
CA LEU A 1627 50.09 2.40 -37.34
C LEU A 1627 50.81 3.00 -38.54
N LYS A 1628 50.20 3.95 -39.24
CA LYS A 1628 50.94 4.72 -40.24
C LYS A 1628 52.14 5.41 -39.61
N THR A 1629 52.05 5.70 -38.31
CA THR A 1629 53.17 6.25 -37.55
C THR A 1629 54.10 5.17 -37.02
N GLY A 1630 53.84 3.92 -37.33
CA GLY A 1630 54.65 2.82 -36.84
C GLY A 1630 54.15 2.18 -35.56
N HIS A 1631 53.86 3.01 -34.57
CA HIS A 1631 53.43 2.52 -33.27
C HIS A 1631 51.90 2.43 -33.22
N ASN A 1632 51.36 2.20 -32.03
CA ASN A 1632 49.93 2.09 -31.81
C ASN A 1632 49.54 2.97 -30.64
N ASN A 1633 48.29 3.42 -30.63
CA ASN A 1633 47.80 4.19 -29.50
C ASN A 1633 47.72 3.30 -28.26
N GLY A 1634 47.43 3.93 -27.13
CA GLY A 1634 47.32 3.21 -25.88
C GLY A 1634 48.63 2.75 -25.29
N MET A 1635 49.71 3.50 -25.46
CA MET A 1635 51.02 3.18 -24.89
C MET A 1635 51.22 3.88 -23.56
N LEU A 1636 50.16 4.02 -22.77
CA LEU A 1636 50.18 4.77 -21.53
C LEU A 1636 49.86 3.85 -20.35
N GLY A 1637 50.35 4.23 -19.18
CA GLY A 1637 50.00 3.51 -17.97
C GLY A 1637 50.57 2.10 -17.96
N SER A 1638 49.70 1.12 -17.74
CA SER A 1638 50.15 -0.26 -17.58
C SER A 1638 50.85 -0.78 -18.82
N LYS A 1639 50.36 -0.43 -20.00
CA LYS A 1639 50.92 -0.94 -21.24
C LYS A 1639 52.42 -0.68 -21.37
N MET A 1640 52.98 0.22 -20.56
CA MET A 1640 54.40 0.51 -20.61
C MET A 1640 55.23 -0.37 -19.67
N ALA A 1641 54.60 -1.30 -18.95
CA ALA A 1641 55.32 -2.19 -18.06
C ALA A 1641 55.78 -3.46 -18.75
N HIS A 1642 55.05 -3.92 -19.77
CA HIS A 1642 55.39 -5.12 -20.52
C HIS A 1642 56.06 -4.70 -21.83
N LYS A 1643 57.37 -4.89 -21.91
CA LYS A 1643 58.13 -4.53 -23.11
C LYS A 1643 58.22 -5.74 -24.04
N LEU A 1644 57.05 -6.17 -24.50
CA LEU A 1644 56.96 -7.33 -25.38
C LEU A 1644 57.59 -7.02 -26.73
N GLU A 1645 58.30 -8.01 -27.29
CA GLU A 1645 58.90 -7.87 -28.61
C GLU A 1645 57.85 -8.24 -29.66
N THR A 1646 57.55 -7.31 -30.56
CA THR A 1646 56.44 -7.44 -31.48
C THR A 1646 56.93 -7.51 -32.92
N GLU A 1647 56.17 -8.20 -33.75
CA GLU A 1647 56.45 -8.33 -35.18
C GLU A 1647 55.30 -7.70 -35.95
N THR A 1648 55.62 -6.74 -36.81
CA THR A 1648 54.61 -6.05 -37.60
C THR A 1648 54.16 -6.94 -38.75
N CYS A 1649 52.87 -7.29 -38.75
CA CYS A 1649 52.30 -8.21 -39.73
C CYS A 1649 51.27 -7.48 -40.59
N SER A 1650 51.10 -7.94 -41.82
CA SER A 1650 50.08 -7.43 -42.72
C SER A 1650 48.89 -8.39 -42.69
N VAL A 1651 47.75 -7.91 -42.19
CA VAL A 1651 46.61 -8.79 -41.97
C VAL A 1651 45.93 -9.07 -43.31
N TYR A 1652 45.75 -10.35 -43.62
CA TYR A 1652 45.03 -10.77 -44.82
C TYR A 1652 43.61 -11.20 -44.51
N TYR A 1653 43.39 -11.91 -43.41
CA TYR A 1653 42.07 -12.28 -42.95
C TYR A 1653 41.97 -12.02 -41.45
N ALA A 1654 40.81 -11.51 -41.02
CA ALA A 1654 40.55 -11.24 -39.63
C ALA A 1654 39.38 -12.10 -39.16
N GLY A 1655 39.58 -12.84 -38.08
CA GLY A 1655 38.52 -13.69 -37.55
C GLY A 1655 37.58 -12.90 -36.66
N LEU A 1656 36.30 -13.25 -36.72
CA LEU A 1656 35.26 -12.61 -35.94
C LEU A 1656 34.74 -13.59 -34.90
N ASN A 1657 34.85 -13.21 -33.63
CA ASN A 1657 34.42 -14.04 -32.51
C ASN A 1657 33.23 -13.39 -31.82
N LEU A 1658 32.62 -14.15 -30.91
CA LEU A 1658 31.52 -13.62 -30.13
C LEU A 1658 31.97 -12.55 -29.14
N ARG A 1659 33.27 -12.49 -28.84
CA ARG A 1659 33.79 -11.42 -28.00
C ARG A 1659 33.62 -10.06 -28.66
N ASP A 1660 33.91 -9.98 -29.96
CA ASP A 1660 33.79 -8.71 -30.67
C ASP A 1660 32.33 -8.26 -30.75
N ILE A 1661 31.41 -9.19 -31.03
CA ILE A 1661 30.01 -8.83 -31.12
C ILE A 1661 29.49 -8.33 -29.77
N ILE A 1662 29.97 -8.92 -28.69
CA ILE A 1662 29.52 -8.51 -27.36
C ILE A 1662 29.93 -7.07 -27.09
N LEU A 1663 31.17 -6.71 -27.40
CA LEU A 1663 31.62 -5.34 -27.20
C LEU A 1663 30.90 -4.38 -28.14
N ALA A 1664 30.73 -4.78 -29.40
CA ALA A 1664 30.18 -3.86 -30.40
C ALA A 1664 28.75 -3.47 -30.08
N ASN A 1665 27.93 -4.42 -29.67
CA ASN A 1665 26.50 -4.17 -29.46
C ASN A 1665 26.19 -3.71 -28.03
N GLY A 1666 27.19 -3.28 -27.28
CA GLY A 1666 26.97 -2.65 -26.00
C GLY A 1666 26.66 -3.58 -24.85
N THR A 1667 26.74 -4.91 -25.05
CA THR A 1667 26.46 -5.83 -23.96
C THR A 1667 27.49 -5.71 -22.85
N ILE A 1668 28.72 -5.33 -23.21
CA ILE A 1668 29.79 -5.11 -22.24
C ILE A 1668 30.55 -3.85 -22.63
N GLN A 1669 30.89 -3.04 -21.65
CA GLN A 1669 31.70 -1.86 -21.88
C GLN A 1669 33.17 -2.26 -21.99
N ARG A 1670 33.95 -1.42 -22.68
CA ARG A 1670 35.36 -1.73 -22.88
C ARG A 1670 36.13 -1.76 -21.58
N ASP A 1671 35.58 -1.20 -20.49
CA ASP A 1671 36.28 -1.17 -19.22
C ASP A 1671 36.39 -2.54 -18.57
N ILE A 1672 35.57 -3.52 -18.98
CA ILE A 1672 35.72 -4.87 -18.45
C ILE A 1672 36.97 -5.56 -18.99
N LEU A 1673 37.45 -5.13 -20.15
CA LEU A 1673 38.63 -5.74 -20.77
C LEU A 1673 39.86 -5.50 -19.90
N PRO A 1674 40.98 -6.14 -20.22
CA PRO A 1674 42.21 -5.91 -19.46
C PRO A 1674 42.59 -4.44 -19.47
N GLU A 1675 43.16 -3.98 -18.35
CA GLU A 1675 43.49 -2.58 -18.19
C GLU A 1675 44.46 -2.08 -19.24
N GLU A 1676 45.24 -2.98 -19.87
CA GLU A 1676 46.18 -2.55 -20.89
C GLU A 1676 45.49 -2.08 -22.17
N THR A 1677 44.22 -2.40 -22.35
CA THR A 1677 43.47 -1.98 -23.52
C THR A 1677 42.59 -0.76 -23.27
N PHE A 1678 42.78 -0.10 -22.11
CA PHE A 1678 41.92 1.03 -21.77
C PHE A 1678 42.11 2.19 -22.74
N PHE A 1679 43.37 2.47 -23.14
CA PHE A 1679 43.67 3.59 -24.00
C PHE A 1679 43.90 3.17 -25.46
N LYS A 1680 43.61 1.91 -25.80
CA LYS A 1680 43.78 1.47 -27.16
C LYS A 1680 42.83 2.20 -28.10
N GLU A 1681 43.23 2.26 -29.37
CA GLU A 1681 42.39 2.88 -30.40
C GLU A 1681 41.02 2.18 -30.46
N GLY A 1682 41.03 0.85 -30.55
CA GLY A 1682 39.82 0.07 -30.61
C GLY A 1682 39.99 -1.22 -29.84
N VAL A 1683 38.87 -1.95 -29.69
CA VAL A 1683 38.86 -3.17 -28.89
C VAL A 1683 38.24 -4.32 -29.67
N LEU A 1684 38.20 -4.20 -31.00
CA LEU A 1684 37.54 -5.19 -31.84
C LEU A 1684 38.57 -6.07 -32.54
N GLY A 1685 38.41 -7.39 -32.42
CA GLY A 1685 39.25 -8.32 -33.14
C GLY A 1685 40.51 -8.71 -32.38
N VAL A 1686 40.80 -10.00 -32.35
CA VAL A 1686 42.00 -10.50 -31.68
C VAL A 1686 42.80 -11.39 -32.63
N GLU A 1687 42.16 -12.36 -33.26
CA GLU A 1687 42.85 -13.28 -34.15
C GLU A 1687 42.96 -12.69 -35.54
N PHE A 1688 43.91 -13.23 -36.32
CA PHE A 1688 44.12 -12.80 -37.68
C PHE A 1688 44.98 -13.85 -38.38
N SER A 1689 45.15 -13.65 -39.69
CA SER A 1689 46.04 -14.49 -40.50
C SER A 1689 46.54 -13.65 -41.65
N GLY A 1690 47.85 -13.50 -41.76
CA GLY A 1690 48.46 -12.67 -42.78
C GLY A 1690 49.91 -13.02 -42.98
N ARG A 1691 50.71 -12.01 -43.32
CA ARG A 1691 52.12 -12.18 -43.63
C ARG A 1691 52.93 -11.27 -42.72
N ASN A 1692 53.99 -11.81 -42.13
CA ASN A 1692 54.86 -11.01 -41.29
C ASN A 1692 55.73 -10.11 -42.16
N SER A 1693 56.62 -9.35 -41.51
CA SER A 1693 57.46 -8.41 -42.24
C SER A 1693 58.39 -9.08 -43.22
N SER A 1694 58.74 -10.34 -42.99
CA SER A 1694 59.66 -11.07 -43.86
C SER A 1694 58.95 -11.76 -45.02
N GLY A 1695 57.62 -11.68 -45.09
CA GLY A 1695 56.87 -12.33 -46.14
C GLY A 1695 56.33 -13.70 -45.78
N LYS A 1696 56.75 -14.28 -44.67
CA LYS A 1696 56.22 -15.57 -44.25
C LYS A 1696 54.74 -15.46 -43.93
N ARG A 1697 54.02 -16.54 -44.18
CA ARG A 1697 52.59 -16.61 -43.85
C ARG A 1697 52.45 -17.02 -42.40
N VAL A 1698 51.75 -16.21 -41.60
CA VAL A 1698 51.62 -16.41 -40.18
C VAL A 1698 50.18 -16.20 -39.75
N MET A 1699 49.88 -16.68 -38.55
CA MET A 1699 48.59 -16.45 -37.90
C MET A 1699 48.84 -16.39 -36.40
N GLY A 1700 47.99 -15.65 -35.70
CA GLY A 1700 48.18 -15.55 -34.26
C GLY A 1700 47.16 -14.64 -33.64
N LEU A 1701 47.29 -14.48 -32.32
CA LEU A 1701 46.44 -13.62 -31.52
C LEU A 1701 47.26 -12.42 -31.04
N CYS A 1702 46.66 -11.24 -31.10
CA CYS A 1702 47.31 -10.03 -30.62
C CYS A 1702 46.29 -9.20 -29.86
N PRO A 1703 46.75 -8.37 -28.91
CA PRO A 1703 45.83 -7.43 -28.26
C PRO A 1703 45.11 -6.60 -29.30
N PRO A 1704 43.87 -6.20 -29.05
CA PRO A 1704 43.09 -5.52 -30.07
C PRO A 1704 43.71 -4.18 -30.42
N PRO A 1705 43.37 -3.63 -31.59
CA PRO A 1705 42.47 -4.16 -32.61
C PRO A 1705 43.16 -5.04 -33.64
N ALA A 1706 42.83 -6.33 -33.72
CA ALA A 1706 43.28 -7.19 -34.80
C ALA A 1706 42.36 -7.10 -36.01
N LEU A 1707 41.21 -6.46 -35.88
CA LEU A 1707 40.33 -6.20 -37.02
C LEU A 1707 40.81 -4.94 -37.74
N ALA A 1708 42.03 -5.06 -38.28
CA ALA A 1708 42.66 -3.97 -39.00
C ALA A 1708 43.39 -4.57 -40.20
N THR A 1709 44.17 -3.74 -40.89
CA THR A 1709 44.97 -4.20 -42.01
C THR A 1709 46.45 -4.38 -41.68
N THR A 1710 46.90 -3.82 -40.56
CA THR A 1710 48.25 -4.08 -40.06
C THR A 1710 48.17 -4.21 -38.55
N VAL A 1711 48.93 -5.16 -38.01
CA VAL A 1711 48.94 -5.42 -36.58
C VAL A 1711 50.39 -5.52 -36.12
N LYS A 1712 50.60 -5.31 -34.82
CA LYS A 1712 51.90 -5.50 -34.19
C LYS A 1712 51.73 -6.64 -33.20
N CYS A 1713 51.85 -7.86 -33.71
CA CYS A 1713 51.58 -9.07 -32.93
C CYS A 1713 52.82 -9.49 -32.15
N PRO A 1714 52.72 -9.75 -30.85
CA PRO A 1714 53.89 -10.23 -30.11
C PRO A 1714 54.46 -11.49 -30.74
N VAL A 1715 55.78 -11.59 -30.74
CA VAL A 1715 56.43 -12.71 -31.40
C VAL A 1715 56.14 -14.03 -30.69
N SER A 1716 55.61 -13.97 -29.46
CA SER A 1716 55.28 -15.17 -28.70
C SER A 1716 53.83 -15.60 -28.87
N SER A 1717 53.08 -14.93 -29.75
CA SER A 1717 51.70 -15.29 -30.04
C SER A 1717 51.48 -15.59 -31.51
N LEU A 1718 52.53 -15.82 -32.28
CA LEU A 1718 52.46 -15.95 -33.72
C LEU A 1718 52.86 -17.37 -34.13
N TRP A 1719 51.92 -18.10 -34.71
CA TRP A 1719 52.19 -19.40 -35.28
C TRP A 1719 52.46 -19.27 -36.78
N SER A 1720 53.01 -20.34 -37.35
CA SER A 1720 53.30 -20.40 -38.78
C SER A 1720 52.27 -21.28 -39.46
N VAL A 1721 51.73 -20.78 -40.57
CA VAL A 1721 50.69 -21.50 -41.31
C VAL A 1721 51.32 -22.70 -42.01
N PRO A 1722 50.83 -23.91 -41.81
CA PRO A 1722 51.37 -25.05 -42.56
C PRO A 1722 51.14 -24.86 -44.05
N ASP A 1723 52.01 -25.49 -44.86
CA ASP A 1723 51.91 -25.34 -46.30
C ASP A 1723 50.85 -26.27 -46.86
N GLN A 1724 49.68 -26.30 -46.22
CA GLN A 1724 48.47 -26.91 -46.77
C GLN A 1724 47.24 -26.04 -46.56
N TRP A 1725 47.26 -25.11 -45.62
CA TRP A 1725 46.12 -24.23 -45.36
C TRP A 1725 46.29 -22.93 -46.12
N THR A 1726 45.23 -22.48 -46.76
CA THR A 1726 45.21 -21.13 -47.28
C THR A 1726 45.11 -20.13 -46.13
N LEU A 1727 45.50 -18.89 -46.40
CA LEU A 1727 45.39 -17.86 -45.38
C LEU A 1727 43.96 -17.71 -44.88
N GLU A 1728 42.99 -18.06 -45.72
CA GLU A 1728 41.60 -18.02 -45.30
C GLU A 1728 41.32 -19.04 -44.20
N GLU A 1729 41.84 -20.27 -44.36
CA GLU A 1729 41.59 -21.30 -43.37
C GLU A 1729 42.30 -21.01 -42.06
N ALA A 1730 43.53 -20.50 -42.13
CA ALA A 1730 44.29 -20.23 -40.90
C ALA A 1730 43.62 -19.17 -40.03
N ALA A 1731 42.70 -18.39 -40.60
CA ALA A 1731 42.06 -17.33 -39.83
C ALA A 1731 41.05 -17.87 -38.82
N THR A 1732 40.70 -19.15 -38.91
CA THR A 1732 39.70 -19.75 -38.05
C THR A 1732 40.29 -20.50 -36.86
N VAL A 1733 41.57 -20.87 -36.92
CA VAL A 1733 42.18 -21.78 -35.97
C VAL A 1733 42.55 -21.08 -34.66
N PRO A 1734 43.33 -19.99 -34.68
CA PRO A 1734 44.04 -19.58 -33.45
C PRO A 1734 43.16 -19.44 -32.21
N LEU A 1735 42.13 -18.60 -32.23
CA LEU A 1735 41.38 -18.35 -31.02
C LEU A 1735 40.49 -19.53 -30.64
N ALA A 1736 39.85 -20.16 -31.63
CA ALA A 1736 38.93 -21.24 -31.34
C ALA A 1736 39.64 -22.37 -30.61
N TYR A 1737 40.85 -22.72 -31.05
CA TYR A 1737 41.60 -23.81 -30.42
C TYR A 1737 42.41 -23.34 -29.22
N ALA A 1738 42.79 -22.07 -29.19
CA ALA A 1738 43.48 -21.55 -28.02
C ALA A 1738 42.57 -21.54 -26.80
N THR A 1739 41.28 -21.21 -27.01
CA THR A 1739 40.33 -21.23 -25.90
C THR A 1739 39.94 -22.66 -25.53
N ALA A 1740 39.89 -23.55 -26.52
CA ALA A 1740 39.54 -24.93 -26.23
C ALA A 1740 40.59 -25.58 -25.32
N TYR A 1741 41.87 -25.31 -25.58
CA TYR A 1741 42.93 -25.87 -24.74
C TYR A 1741 42.94 -25.22 -23.36
N TYR A 1742 42.65 -23.93 -23.29
CA TYR A 1742 42.60 -23.26 -22.00
C TYR A 1742 41.48 -23.82 -21.13
N CYS A 1743 40.30 -24.03 -21.72
CA CYS A 1743 39.16 -24.51 -20.95
C CYS A 1743 39.37 -25.95 -20.49
N LEU A 1744 39.95 -26.79 -21.35
CA LEU A 1744 40.08 -28.21 -21.05
C LEU A 1744 41.40 -28.52 -20.36
N VAL A 1745 42.53 -28.19 -21.00
CA VAL A 1745 43.83 -28.64 -20.52
C VAL A 1745 44.46 -27.71 -19.50
N SER A 1746 44.10 -26.43 -19.49
CA SER A 1746 44.70 -25.45 -18.59
C SER A 1746 43.86 -25.17 -17.36
N GLU A 1747 42.55 -24.99 -17.52
CA GLU A 1747 41.67 -24.69 -16.41
C GLU A 1747 40.87 -25.89 -15.93
N GLY A 1748 40.51 -26.81 -16.83
CA GLY A 1748 39.73 -27.97 -16.44
C GLY A 1748 40.57 -29.17 -16.08
N GLY A 1749 41.83 -29.17 -16.51
CA GLY A 1749 42.73 -30.27 -16.20
C GLY A 1749 42.21 -31.60 -16.68
N VAL A 1750 41.74 -31.65 -17.93
CA VAL A 1750 41.16 -32.88 -18.46
C VAL A 1750 42.21 -33.99 -18.47
N GLN A 1751 41.75 -35.22 -18.27
CA GLN A 1751 42.60 -36.40 -18.27
C GLN A 1751 42.06 -37.43 -19.24
N LYS A 1752 42.93 -38.33 -19.67
CA LYS A 1752 42.54 -39.33 -20.67
C LYS A 1752 41.35 -40.15 -20.17
N GLY A 1753 40.35 -40.31 -21.02
CA GLY A 1753 39.18 -41.10 -20.69
C GLY A 1753 38.13 -40.37 -19.87
N ALA A 1754 38.37 -39.12 -19.50
CA ALA A 1754 37.42 -38.40 -18.67
C ALA A 1754 36.16 -38.07 -19.45
N THR A 1755 35.12 -37.69 -18.72
CA THR A 1755 33.85 -37.28 -19.30
C THR A 1755 33.74 -35.76 -19.24
N VAL A 1756 33.47 -35.15 -20.39
CA VAL A 1756 33.39 -33.70 -20.51
C VAL A 1756 32.03 -33.33 -21.07
N PHE A 1757 31.46 -32.25 -20.58
CA PHE A 1757 30.18 -31.72 -21.05
C PHE A 1757 30.43 -30.35 -21.65
N ILE A 1758 30.07 -30.18 -22.92
CA ILE A 1758 30.33 -28.96 -23.67
C ILE A 1758 29.00 -28.34 -24.07
N HIS A 1759 28.79 -27.09 -23.67
CA HIS A 1759 27.62 -26.34 -24.12
C HIS A 1759 27.88 -25.75 -25.50
N ALA A 1760 26.81 -25.64 -26.28
CA ALA A 1760 26.87 -25.04 -27.61
C ALA A 1760 27.94 -25.72 -28.46
N GLY A 1761 27.72 -27.00 -28.71
CA GLY A 1761 28.69 -27.78 -29.47
C GLY A 1761 28.94 -27.27 -30.87
N ALA A 1762 27.97 -26.56 -31.46
CA ALA A 1762 28.10 -26.09 -32.82
C ALA A 1762 28.87 -24.77 -32.94
N SER A 1763 29.09 -24.07 -31.83
CA SER A 1763 29.84 -22.82 -31.89
C SER A 1763 31.29 -23.09 -32.25
N VAL A 1764 32.00 -22.02 -32.63
CA VAL A 1764 33.39 -22.17 -33.05
C VAL A 1764 34.24 -22.66 -31.89
N VAL A 1765 34.04 -22.10 -30.70
CA VAL A 1765 34.74 -22.60 -29.53
C VAL A 1765 34.21 -23.98 -29.15
N GLY A 1766 32.93 -24.23 -29.41
CA GLY A 1766 32.38 -25.56 -29.15
C GLY A 1766 32.99 -26.63 -30.04
N GLN A 1767 33.12 -26.32 -31.33
CA GLN A 1767 33.75 -27.28 -32.25
C GLN A 1767 35.21 -27.53 -31.86
N ALA A 1768 35.93 -26.48 -31.49
CA ALA A 1768 37.32 -26.64 -31.07
C ALA A 1768 37.41 -27.46 -29.80
N SER A 1769 36.48 -27.27 -28.87
CA SER A 1769 36.50 -28.01 -27.61
C SER A 1769 36.34 -29.50 -27.87
N ILE A 1770 35.45 -29.88 -28.79
CA ILE A 1770 35.25 -31.29 -29.08
C ILE A 1770 36.51 -31.92 -29.65
N ALA A 1771 37.17 -31.23 -30.59
CA ALA A 1771 38.34 -31.80 -31.24
C ALA A 1771 39.44 -32.06 -30.23
N VAL A 1772 39.67 -31.12 -29.31
CA VAL A 1772 40.70 -31.31 -28.30
C VAL A 1772 40.33 -32.48 -27.39
N ALA A 1773 39.08 -32.54 -26.96
CA ALA A 1773 38.65 -33.60 -26.05
C ALA A 1773 38.75 -34.97 -26.72
N LEU A 1774 38.33 -35.07 -27.98
CA LEU A 1774 38.45 -36.35 -28.67
C LEU A 1774 39.92 -36.78 -28.78
N SER A 1775 40.81 -35.84 -29.04
CA SER A 1775 42.24 -36.15 -29.05
C SER A 1775 42.68 -36.68 -27.69
N TYR A 1776 42.02 -36.27 -26.62
CA TYR A 1776 42.30 -36.77 -25.28
C TYR A 1776 41.54 -38.06 -24.98
N ASN A 1777 40.76 -38.57 -25.92
CA ASN A 1777 40.01 -39.81 -25.76
C ASN A 1777 39.01 -39.69 -24.61
N CYS A 1778 38.13 -38.71 -24.74
CA CYS A 1778 37.13 -38.40 -23.72
C CYS A 1778 35.75 -38.91 -24.13
N GLU A 1779 34.85 -38.92 -23.16
CA GLU A 1779 33.44 -39.20 -23.39
C GLU A 1779 32.73 -37.85 -23.50
N ILE A 1780 32.11 -37.60 -24.65
CA ILE A 1780 31.65 -36.26 -25.02
C ILE A 1780 30.13 -36.22 -24.93
N PHE A 1781 29.61 -35.16 -24.31
CA PHE A 1781 28.20 -34.81 -24.38
C PHE A 1781 28.10 -33.34 -24.76
N THR A 1782 27.33 -33.05 -25.80
CA THR A 1782 27.22 -31.70 -26.34
C THR A 1782 25.76 -31.30 -26.49
N LEU A 1783 25.49 -30.01 -26.34
CA LEU A 1783 24.17 -29.46 -26.52
C LEU A 1783 24.06 -28.87 -27.93
N THR A 1784 23.10 -29.35 -28.70
CA THR A 1784 22.88 -28.89 -30.07
C THR A 1784 21.49 -28.28 -30.18
N LYS A 1785 21.42 -27.10 -30.81
CA LYS A 1785 20.16 -26.37 -30.88
C LYS A 1785 19.12 -27.16 -31.68
N ASN A 1786 19.40 -27.41 -32.96
CA ASN A 1786 18.48 -28.11 -33.85
C ASN A 1786 19.20 -29.28 -34.49
N SER A 1787 18.47 -30.02 -35.34
CA SER A 1787 19.02 -31.20 -35.98
C SER A 1787 20.10 -30.87 -37.00
N ASP A 1788 20.06 -29.68 -37.60
CA ASP A 1788 21.11 -29.29 -38.53
C ASP A 1788 22.46 -29.24 -37.83
N GLU A 1789 22.50 -28.66 -36.62
CA GLU A 1789 23.75 -28.61 -35.88
C GLU A 1789 24.22 -30.01 -35.51
N THR A 1790 23.29 -30.87 -35.08
CA THR A 1790 23.67 -32.24 -34.74
C THR A 1790 24.25 -32.97 -35.94
N ALA A 1791 23.61 -32.83 -37.10
CA ALA A 1791 24.12 -33.46 -38.31
C ALA A 1791 25.49 -32.91 -38.68
N LEU A 1792 25.66 -31.59 -38.57
CA LEU A 1792 26.94 -30.98 -38.92
C LEU A 1792 28.07 -31.54 -38.05
N LEU A 1793 27.85 -31.58 -36.74
CA LEU A 1793 28.89 -32.07 -35.84
C LEU A 1793 29.24 -33.52 -36.13
N LYS A 1794 28.23 -34.34 -36.41
CA LYS A 1794 28.49 -35.76 -36.71
C LYS A 1794 29.37 -35.89 -37.95
N SER A 1795 29.10 -35.07 -38.98
CA SER A 1795 29.91 -35.13 -40.19
C SER A 1795 31.36 -34.73 -39.91
N MET A 1796 31.56 -33.67 -39.13
CA MET A 1796 32.91 -33.21 -38.85
C MET A 1796 33.69 -34.24 -38.03
N TYR A 1797 33.05 -34.84 -37.03
CA TYR A 1797 33.69 -35.80 -36.14
C TYR A 1797 32.98 -37.15 -36.24
N PRO A 1798 33.51 -38.10 -37.03
CA PRO A 1798 32.82 -39.39 -37.17
C PRO A 1798 32.74 -40.18 -35.87
N GLN A 1799 33.58 -39.89 -34.89
CA GLN A 1799 33.55 -40.66 -33.64
C GLN A 1799 32.31 -40.37 -32.80
N LEU A 1800 31.55 -39.33 -33.12
CA LEU A 1800 30.37 -38.96 -32.36
C LEU A 1800 29.17 -39.73 -32.89
N ASN A 1801 28.46 -40.42 -32.00
CA ASN A 1801 27.20 -41.07 -32.34
C ASN A 1801 26.05 -40.15 -31.91
N ASP A 1802 24.82 -40.61 -32.11
CA ASP A 1802 23.67 -39.87 -31.64
C ASP A 1802 23.53 -39.91 -30.12
N ARG A 1803 24.30 -40.77 -29.45
CA ARG A 1803 24.27 -40.89 -28.00
C ARG A 1803 24.96 -39.72 -27.29
N ASN A 1804 25.78 -38.94 -28.00
CA ASN A 1804 26.57 -37.88 -27.41
C ASN A 1804 25.94 -36.50 -27.60
N PHE A 1805 24.68 -36.44 -28.03
CA PHE A 1805 24.02 -35.18 -28.35
C PHE A 1805 22.77 -35.03 -27.49
N CYS A 1806 22.55 -33.80 -27.02
CA CYS A 1806 21.38 -33.46 -26.24
C CYS A 1806 20.75 -32.23 -26.86
N SER A 1807 19.76 -31.65 -26.17
CA SER A 1807 19.03 -30.49 -26.65
C SER A 1807 19.21 -29.33 -25.68
N SER A 1808 19.50 -28.15 -26.23
CA SER A 1808 19.66 -26.94 -25.44
C SER A 1808 18.33 -26.22 -25.19
N GLU A 1809 17.22 -26.76 -25.71
CA GLU A 1809 15.94 -26.07 -25.57
C GLU A 1809 15.38 -26.17 -24.16
N ASP A 1810 15.77 -27.20 -23.40
CA ASP A 1810 15.28 -27.38 -22.05
C ASP A 1810 16.33 -28.14 -21.25
N CYS A 1811 16.25 -28.01 -19.93
CA CYS A 1811 17.22 -28.67 -19.04
C CYS A 1811 16.82 -30.12 -18.78
N SER A 1812 16.58 -30.87 -19.86
CA SER A 1812 16.30 -32.29 -19.78
C SER A 1812 17.54 -33.14 -19.96
N PHE A 1813 18.67 -32.54 -20.34
CA PHE A 1813 19.91 -33.29 -20.50
C PHE A 1813 20.43 -33.84 -19.17
N GLU A 1814 20.03 -33.23 -18.05
CA GLU A 1814 20.61 -33.62 -16.77
C GLU A 1814 20.37 -35.09 -16.47
N LYS A 1815 19.14 -35.55 -16.69
CA LYS A 1815 18.86 -36.96 -16.48
C LYS A 1815 19.65 -37.85 -17.44
N TYR A 1816 19.75 -37.43 -18.71
CA TYR A 1816 20.47 -38.23 -19.69
C TYR A 1816 21.94 -38.38 -19.31
N ILE A 1817 22.61 -37.26 -19.04
CA ILE A 1817 24.02 -37.31 -18.67
C ILE A 1817 24.22 -37.99 -17.32
N ARG A 1818 23.25 -37.87 -16.42
CA ARG A 1818 23.37 -38.47 -15.09
C ARG A 1818 23.06 -39.96 -15.10
N LYS A 1819 22.44 -40.48 -16.15
CA LYS A 1819 22.23 -41.92 -16.29
C LYS A 1819 23.32 -42.58 -17.13
N GLU A 1820 23.76 -41.93 -18.20
CA GLU A 1820 24.80 -42.49 -19.04
C GLU A 1820 26.16 -42.49 -18.38
N THR A 1821 26.40 -41.59 -17.43
CA THR A 1821 27.62 -41.60 -16.63
C THR A 1821 27.47 -42.42 -15.35
N LYS A 1822 26.32 -43.06 -15.14
CA LYS A 1822 26.11 -43.95 -14.00
C LYS A 1822 26.27 -43.20 -12.68
N GLY A 1823 25.86 -41.93 -12.67
CA GLY A 1823 25.88 -41.14 -11.46
C GLY A 1823 27.22 -40.54 -11.11
N SER A 1824 28.26 -40.81 -11.90
CA SER A 1824 29.58 -40.24 -11.62
C SER A 1824 29.66 -38.77 -11.98
N GLY A 1825 28.88 -38.33 -12.96
CA GLY A 1825 28.95 -36.96 -13.41
C GLY A 1825 30.00 -36.77 -14.49
N VAL A 1826 30.25 -35.50 -14.80
CA VAL A 1826 31.16 -35.10 -15.87
C VAL A 1826 32.37 -34.41 -15.25
N ASP A 1827 33.56 -34.76 -15.73
CA ASP A 1827 34.78 -34.23 -15.13
C ASP A 1827 34.95 -32.74 -15.44
N VAL A 1828 34.67 -32.33 -16.68
CA VAL A 1828 34.84 -30.95 -17.11
C VAL A 1828 33.53 -30.46 -17.70
N VAL A 1829 33.15 -29.24 -17.35
CA VAL A 1829 31.95 -28.60 -17.86
C VAL A 1829 32.36 -27.27 -18.48
N ILE A 1830 32.35 -27.20 -19.81
CA ILE A 1830 32.51 -25.93 -20.52
C ILE A 1830 31.12 -25.33 -20.65
N ASN A 1831 30.88 -24.25 -19.93
CA ASN A 1831 29.54 -23.69 -19.77
C ASN A 1831 29.43 -22.36 -20.50
N THR A 1832 28.41 -22.25 -21.36
CA THR A 1832 28.06 -21.01 -22.02
C THR A 1832 26.62 -20.59 -21.77
N LEU A 1833 25.71 -21.54 -21.59
CA LEU A 1833 24.34 -21.21 -21.26
C LEU A 1833 24.24 -20.68 -19.84
N ARG A 1834 23.18 -19.92 -19.58
CA ARG A 1834 22.99 -19.26 -18.29
C ARG A 1834 21.57 -19.55 -17.80
N GLY A 1835 21.34 -19.22 -16.53
CA GLY A 1835 20.02 -19.41 -15.96
C GLY A 1835 19.89 -20.79 -15.36
N LYS A 1836 18.77 -21.47 -15.67
CA LYS A 1836 18.56 -22.80 -15.14
C LYS A 1836 19.51 -23.82 -15.75
N PHE A 1837 19.97 -23.58 -16.98
CA PHE A 1837 20.93 -24.50 -17.59
C PHE A 1837 22.27 -24.45 -16.87
N LEU A 1838 22.65 -23.28 -16.35
CA LEU A 1838 23.87 -23.19 -15.55
C LEU A 1838 23.75 -24.01 -14.27
N LYS A 1839 22.59 -23.94 -13.62
CA LYS A 1839 22.39 -24.70 -12.39
C LYS A 1839 22.42 -26.20 -12.67
N ALA A 1840 21.75 -26.64 -13.73
CA ALA A 1840 21.72 -28.06 -14.05
C ALA A 1840 23.12 -28.57 -14.39
N SER A 1841 23.91 -27.75 -15.08
CA SER A 1841 25.27 -28.16 -15.44
C SER A 1841 26.14 -28.32 -14.21
N ARG A 1842 25.99 -27.44 -13.22
CA ARG A 1842 26.74 -27.59 -11.97
C ARG A 1842 26.38 -28.89 -11.28
N ARG A 1843 25.10 -29.23 -11.24
CA ARG A 1843 24.65 -30.43 -10.53
C ARG A 1843 25.16 -31.71 -11.19
N LEU A 1844 25.61 -31.64 -12.44
CA LEU A 1844 26.17 -32.81 -13.12
C LEU A 1844 27.63 -33.04 -12.77
N LEU A 1845 28.28 -32.10 -12.09
CA LEU A 1845 29.70 -32.22 -11.82
C LEU A 1845 30.00 -33.46 -11.00
N SER A 1846 31.13 -34.09 -11.31
CA SER A 1846 31.64 -35.17 -10.48
C SER A 1846 32.24 -34.55 -9.21
N LYS A 1847 32.81 -35.38 -8.33
CA LYS A 1847 33.30 -34.87 -7.06
C LYS A 1847 34.55 -34.02 -7.26
N LYS A 1848 35.39 -34.37 -8.24
CA LYS A 1848 36.55 -33.57 -8.58
C LYS A 1848 36.36 -32.75 -9.85
N GLY A 1849 35.11 -32.66 -10.34
CA GLY A 1849 34.88 -32.00 -11.60
C GLY A 1849 35.15 -30.51 -11.53
N LYS A 1850 35.50 -29.94 -12.69
CA LYS A 1850 35.76 -28.52 -12.84
C LYS A 1850 34.65 -27.88 -13.66
N PHE A 1851 34.25 -26.68 -13.26
CA PHE A 1851 33.23 -25.90 -13.96
C PHE A 1851 33.91 -24.68 -14.57
N VAL A 1852 34.00 -24.67 -15.89
CA VAL A 1852 34.60 -23.56 -16.62
C VAL A 1852 33.44 -22.80 -17.27
N ASP A 1853 33.21 -21.57 -16.80
CA ASP A 1853 32.11 -20.75 -17.29
C ASP A 1853 32.67 -19.62 -18.14
N ILE A 1854 32.41 -19.69 -19.45
CA ILE A 1854 32.93 -18.72 -20.41
C ILE A 1854 31.83 -17.89 -21.03
N GLY A 1855 30.62 -17.89 -20.46
CA GLY A 1855 29.57 -17.03 -20.96
C GLY A 1855 29.88 -15.57 -20.72
N PHE A 1856 29.27 -14.71 -21.54
CA PHE A 1856 29.52 -13.28 -21.47
C PHE A 1856 28.42 -12.50 -20.78
N LYS A 1857 27.18 -12.97 -20.84
CA LYS A 1857 26.03 -12.22 -20.32
C LYS A 1857 25.70 -12.71 -18.90
N VAL A 1858 26.65 -12.53 -18.00
CA VAL A 1858 26.50 -12.99 -16.63
C VAL A 1858 25.37 -12.23 -15.96
N ASP A 1859 24.85 -12.78 -14.87
CA ASP A 1859 23.77 -12.17 -14.11
C ASP A 1859 24.35 -11.08 -13.20
N SER A 1860 23.54 -10.54 -12.28
CA SER A 1860 24.00 -9.53 -11.35
C SER A 1860 24.69 -10.14 -10.14
N ASN A 1861 24.11 -11.20 -9.57
CA ASN A 1861 24.71 -11.83 -8.40
C ASN A 1861 26.07 -12.44 -8.75
N THR A 1862 26.16 -13.10 -9.91
CA THR A 1862 27.44 -13.69 -10.30
C THR A 1862 28.44 -12.62 -10.73
N GLN A 1863 27.96 -11.42 -11.06
CA GLN A 1863 28.89 -10.32 -11.31
C GLN A 1863 29.46 -9.77 -10.01
N ILE A 1864 28.66 -9.80 -8.95
CA ILE A 1864 29.17 -9.44 -7.62
C ILE A 1864 30.23 -10.44 -7.19
N ALA A 1865 29.98 -11.72 -7.44
CA ALA A 1865 30.96 -12.75 -7.08
C ALA A 1865 32.32 -12.46 -7.70
N TYR A 1866 32.34 -12.01 -8.95
CA TYR A 1866 33.61 -11.69 -9.60
C TYR A 1866 34.31 -10.54 -8.88
N TYR A 1867 33.56 -9.50 -8.52
CA TYR A 1867 34.15 -8.34 -7.87
C TYR A 1867 34.75 -8.71 -6.51
N THR A 1868 34.00 -9.45 -5.71
CA THR A 1868 34.42 -9.80 -4.36
C THR A 1868 35.32 -11.02 -4.31
N ARG A 1869 35.89 -11.43 -5.44
CA ARG A 1869 36.85 -12.53 -5.50
C ARG A 1869 36.22 -13.86 -5.07
N GLU A 1870 34.89 -13.93 -5.10
CA GLU A 1870 34.22 -15.19 -4.79
C GLU A 1870 34.44 -16.23 -5.87
N HIS A 1871 34.43 -15.83 -7.12
CA HIS A 1871 34.67 -16.71 -8.26
C HIS A 1871 35.68 -16.05 -9.18
N PRO A 1872 36.38 -16.83 -10.00
CA PRO A 1872 37.27 -16.24 -11.01
C PRO A 1872 36.54 -15.90 -12.30
N ASP A 1873 36.87 -14.74 -12.86
CA ASP A 1873 36.26 -14.27 -14.10
C ASP A 1873 37.09 -14.82 -15.27
N LEU A 1874 36.58 -15.86 -15.92
CA LEU A 1874 37.30 -16.56 -16.98
C LEU A 1874 36.81 -16.19 -18.37
N ARG A 1875 35.90 -15.22 -18.49
CA ARG A 1875 35.35 -14.89 -19.80
C ARG A 1875 36.21 -13.91 -20.58
N PHE A 1876 37.23 -13.31 -19.96
CA PHE A 1876 38.21 -12.48 -20.65
C PHE A 1876 39.62 -12.84 -20.20
N GLN A 1877 39.92 -14.15 -20.15
CA GLN A 1877 41.25 -14.59 -19.75
C GLN A 1877 42.21 -14.69 -20.91
N LEU A 1878 41.75 -15.13 -22.09
CA LEU A 1878 42.63 -15.12 -23.25
C LEU A 1878 43.12 -13.72 -23.55
N ASP A 1879 42.25 -12.72 -23.40
CA ASP A 1879 42.68 -11.34 -23.58
C ASP A 1879 43.74 -10.96 -22.56
N ALA A 1880 43.53 -11.33 -21.30
CA ALA A 1880 44.49 -10.98 -20.26
C ALA A 1880 45.82 -11.68 -20.48
N LEU A 1881 45.79 -12.94 -20.90
CA LEU A 1881 47.04 -13.65 -21.15
C LEU A 1881 47.82 -13.02 -22.29
N LEU A 1882 47.13 -12.50 -23.29
CA LEU A 1882 47.82 -11.93 -24.45
C LEU A 1882 48.53 -10.62 -24.09
N GLU A 1883 48.03 -9.90 -23.08
CA GLU A 1883 48.73 -8.70 -22.64
C GLU A 1883 50.04 -9.07 -21.94
N SER A 1884 49.97 -10.04 -21.01
CA SER A 1884 51.16 -10.41 -20.24
C SER A 1884 52.08 -11.32 -21.05
N GLN A 1885 51.55 -12.34 -21.70
CA GLN A 1885 52.34 -13.29 -22.48
C GLN A 1885 53.44 -13.89 -21.61
N GLY A 1886 53.02 -14.44 -20.47
CA GLY A 1886 53.93 -15.02 -19.52
C GLY A 1886 53.90 -16.53 -19.57
N PRO A 1887 54.38 -17.18 -18.49
CA PRO A 1887 54.42 -18.65 -18.50
C PRO A 1887 53.07 -19.30 -18.77
N GLU A 1888 51.99 -18.72 -18.27
CA GLU A 1888 50.68 -19.29 -18.51
C GLU A 1888 50.34 -19.32 -19.99
N TRP A 1889 50.68 -18.26 -20.73
CA TRP A 1889 50.37 -18.22 -22.15
C TRP A 1889 51.22 -19.21 -22.93
N THR A 1890 52.53 -19.23 -22.67
CA THR A 1890 53.42 -20.08 -23.46
C THR A 1890 52.99 -21.54 -23.39
N ARG A 1891 52.31 -21.93 -22.32
CA ARG A 1891 51.76 -23.28 -22.24
C ARG A 1891 50.70 -23.48 -23.32
N LEU A 1892 49.82 -22.49 -23.51
CA LEU A 1892 48.82 -22.59 -24.56
C LEU A 1892 49.43 -22.49 -25.94
N PHE A 1893 50.47 -21.66 -26.09
CA PHE A 1893 51.15 -21.56 -27.38
C PHE A 1893 51.77 -22.90 -27.75
N ASP A 1894 52.40 -23.57 -26.80
CA ASP A 1894 52.98 -24.88 -27.07
C ASP A 1894 51.90 -25.91 -27.38
N LEU A 1895 50.79 -25.88 -26.63
CA LEU A 1895 49.73 -26.85 -26.86
C LEU A 1895 49.14 -26.71 -28.25
N VAL A 1896 48.75 -25.49 -28.63
CA VAL A 1896 48.17 -25.28 -29.95
C VAL A 1896 49.19 -25.62 -31.02
N GLN A 1897 50.43 -25.19 -30.85
CA GLN A 1897 51.47 -25.50 -31.84
C GLN A 1897 51.63 -27.01 -31.98
N ALA A 1898 51.61 -27.75 -30.87
CA ALA A 1898 51.64 -29.19 -30.95
C ALA A 1898 50.41 -29.73 -31.65
N GLY A 1899 49.25 -29.16 -31.36
CA GLY A 1899 48.02 -29.63 -32.00
C GLY A 1899 48.07 -29.51 -33.51
N ILE A 1900 48.67 -28.44 -34.02
CA ILE A 1900 48.78 -28.28 -35.47
C ILE A 1900 49.57 -29.43 -36.08
N HIS A 1901 50.69 -29.78 -35.44
CA HIS A 1901 51.56 -30.82 -35.98
C HIS A 1901 50.91 -32.19 -35.90
N SER A 1902 50.20 -32.47 -34.81
CA SER A 1902 49.63 -33.79 -34.57
C SER A 1902 48.29 -34.00 -35.25
N GLY A 1903 47.75 -33.00 -35.95
CA GLY A 1903 46.52 -33.15 -36.68
C GLY A 1903 45.26 -32.88 -35.90
N VAL A 1904 45.37 -32.63 -34.60
CA VAL A 1904 44.18 -32.30 -33.80
C VAL A 1904 43.58 -30.99 -34.28
N VAL A 1905 44.42 -29.98 -34.51
CA VAL A 1905 43.96 -28.66 -34.92
C VAL A 1905 43.70 -28.70 -36.43
N LYS A 1906 42.42 -28.59 -36.81
CA LYS A 1906 42.02 -28.60 -38.20
C LYS A 1906 41.13 -27.39 -38.45
N PRO A 1907 41.27 -26.71 -39.60
CA PRO A 1907 40.46 -25.52 -39.84
C PRO A 1907 38.97 -25.78 -39.73
N LEU A 1908 38.24 -24.85 -39.12
CA LEU A 1908 36.80 -24.96 -39.02
C LEU A 1908 36.15 -24.50 -40.31
N LYS A 1909 34.82 -24.58 -40.35
CA LYS A 1909 34.10 -24.00 -41.47
C LYS A 1909 34.16 -22.48 -41.41
N ARG A 1910 33.95 -21.85 -42.56
CA ARG A 1910 34.23 -20.43 -42.72
C ARG A 1910 33.14 -19.78 -43.55
N ALA A 1911 33.07 -18.45 -43.45
CA ALA A 1911 32.15 -17.66 -44.26
C ALA A 1911 32.78 -16.28 -44.45
N VAL A 1912 33.38 -16.06 -45.61
CA VAL A 1912 34.14 -14.85 -45.85
C VAL A 1912 33.19 -13.69 -46.13
N TYR A 1913 33.48 -12.53 -45.52
CA TYR A 1913 32.75 -11.31 -45.76
C TYR A 1913 33.73 -10.23 -46.19
N SER A 1914 33.35 -9.44 -47.19
CA SER A 1914 34.22 -8.37 -47.66
C SER A 1914 34.37 -7.31 -46.57
N MET A 1915 35.34 -6.41 -46.79
CA MET A 1915 35.61 -5.38 -45.79
C MET A 1915 34.41 -4.47 -45.58
N ASP A 1916 33.78 -4.04 -46.67
CA ASP A 1916 32.66 -3.11 -46.55
C ASP A 1916 31.42 -3.76 -45.95
N LYS A 1917 31.36 -5.09 -45.88
CA LYS A 1917 30.25 -5.80 -45.26
C LYS A 1917 30.52 -6.13 -43.80
N ILE A 1918 31.32 -5.31 -43.12
CA ILE A 1918 31.63 -5.56 -41.72
C ILE A 1918 30.36 -5.57 -40.89
N VAL A 1919 29.43 -4.65 -41.18
CA VAL A 1919 28.19 -4.58 -40.42
C VAL A 1919 27.38 -5.87 -40.60
N ASP A 1920 27.29 -6.35 -41.83
CA ASP A 1920 26.56 -7.60 -42.07
C ASP A 1920 27.23 -8.77 -41.37
N ALA A 1921 28.57 -8.82 -41.39
CA ALA A 1921 29.28 -9.92 -40.73
C ALA A 1921 28.99 -9.93 -39.24
N PHE A 1922 29.01 -8.75 -38.59
CA PHE A 1922 28.75 -8.70 -37.16
C PHE A 1922 27.34 -9.17 -36.84
N LYS A 1923 26.36 -8.77 -37.66
CA LYS A 1923 24.99 -9.20 -37.42
C LYS A 1923 24.85 -10.71 -37.57
N THR A 1924 25.58 -11.30 -38.52
CA THR A 1924 25.51 -12.74 -38.72
C THR A 1924 26.00 -13.49 -37.48
N VAL A 1925 27.10 -13.01 -36.87
CA VAL A 1925 27.61 -13.66 -35.68
C VAL A 1925 26.61 -13.53 -34.54
N GLU A 1926 26.03 -12.35 -34.36
CA GLU A 1926 25.12 -12.13 -33.24
C GLU A 1926 23.89 -13.02 -33.35
N ALA A 1927 23.33 -13.15 -34.55
CA ALA A 1927 22.11 -13.93 -34.71
C ALA A 1927 22.34 -15.39 -34.32
N GLU A 1928 23.49 -15.95 -34.70
CA GLU A 1928 23.80 -17.34 -34.42
C GLU A 1928 22.77 -18.27 -35.08
N ARG A 1929 22.31 -17.87 -36.26
CA ARG A 1929 21.35 -18.67 -37.00
C ARG A 1929 21.98 -19.91 -37.63
N GLU A 1930 23.30 -19.92 -37.78
CA GLU A 1930 23.98 -21.06 -38.39
C GLU A 1930 25.38 -21.15 -37.81
N ALA A 1931 25.98 -22.33 -37.93
CA ALA A 1931 27.30 -22.57 -37.39
C ALA A 1931 28.38 -22.17 -38.38
N GLY A 1932 29.60 -22.00 -37.87
CA GLY A 1932 30.75 -21.67 -38.68
C GLY A 1932 31.38 -20.37 -38.23
N LYS A 1933 32.63 -20.16 -38.63
CA LYS A 1933 33.35 -18.93 -38.35
C LYS A 1933 32.97 -17.85 -39.36
N ILE A 1934 33.07 -16.61 -38.92
CA ILE A 1934 32.93 -15.45 -39.80
C ILE A 1934 34.28 -14.76 -39.86
N VAL A 1935 34.84 -14.64 -41.06
CA VAL A 1935 36.16 -14.06 -41.26
C VAL A 1935 36.02 -12.93 -42.28
N ILE A 1936 36.62 -11.79 -41.97
CA ILE A 1936 36.62 -10.65 -42.89
C ILE A 1936 37.86 -10.73 -43.75
N LYS A 1937 37.69 -10.67 -45.07
CA LYS A 1937 38.81 -10.73 -46.00
C LYS A 1937 39.36 -9.32 -46.21
N ILE A 1938 40.56 -9.07 -45.72
CA ILE A 1938 41.19 -7.76 -45.83
C ILE A 1938 41.90 -7.60 -47.18
N ARG A 1939 42.75 -8.55 -47.54
CA ARG A 1939 43.45 -8.56 -48.81
C ARG A 1939 43.23 -9.89 -49.50
N ASP A 1940 43.80 -10.03 -50.69
CA ASP A 1940 43.72 -11.26 -51.47
C ASP A 1940 45.06 -11.98 -51.39
N GLU A 1941 45.02 -13.25 -50.98
CA GLU A 1941 46.25 -14.02 -50.83
C GLU A 1941 46.92 -14.21 -52.18
N GLU A 1942 48.24 -13.99 -52.21
CA GLU A 1942 49.00 -14.18 -53.42
C GLU A 1942 49.24 -15.67 -53.67
N ARG A 1943 49.56 -16.00 -54.93
CA ARG A 1943 49.78 -17.40 -55.27
C ARG A 1943 51.04 -17.95 -54.63
N GLN A 1944 52.10 -17.15 -54.54
CA GLN A 1944 53.33 -17.59 -53.91
C GLN A 1944 53.11 -17.87 -52.43
N LYS A 1945 54.15 -18.37 -51.78
CA LYS A 1945 54.10 -18.65 -50.35
C LYS A 1945 55.01 -17.73 -49.53
N VAL A 1946 56.00 -17.09 -50.14
CA VAL A 1946 56.80 -16.07 -49.47
C VAL A 1946 57.01 -14.93 -50.45
N CYS A 1947 56.21 -13.87 -50.33
CA CYS A 1947 56.27 -12.74 -51.24
C CYS A 1947 55.86 -11.48 -50.49
N PRO A 1948 56.38 -10.31 -50.88
CA PRO A 1948 55.99 -9.07 -50.19
C PRO A 1948 54.52 -8.74 -50.40
N THR A 1949 53.94 -8.08 -49.41
CA THR A 1949 52.56 -7.64 -49.52
C THR A 1949 52.48 -6.39 -50.38
N PRO A 1950 51.74 -6.42 -51.49
CA PRO A 1950 51.60 -5.20 -52.30
C PRO A 1950 51.00 -4.07 -51.48
N ARG A 1951 51.46 -2.85 -51.76
CA ARG A 1951 50.97 -1.67 -51.05
C ARG A 1951 49.66 -1.21 -51.68
N THR A 1952 48.60 -1.17 -50.88
CA THR A 1952 47.28 -0.79 -51.36
C THR A 1952 46.63 0.14 -50.34
N SER A 1953 45.56 0.78 -50.76
CA SER A 1953 44.82 1.72 -49.93
C SER A 1953 43.39 1.21 -49.73
N PHE A 1954 42.81 1.57 -48.58
CA PHE A 1954 41.45 1.20 -48.25
C PHE A 1954 40.64 2.44 -47.91
N PRO A 1955 39.34 2.44 -48.19
CA PRO A 1955 38.51 3.60 -47.82
C PRO A 1955 38.23 3.61 -46.32
N ALA A 1956 38.49 4.73 -45.68
CA ALA A 1956 38.33 4.85 -44.25
C ALA A 1956 38.04 6.29 -43.86
N ILE A 1957 37.50 6.47 -42.67
CA ILE A 1957 37.17 7.79 -42.14
C ILE A 1957 38.40 8.36 -41.44
N HIS A 1958 38.45 9.67 -41.33
CA HIS A 1958 39.62 10.34 -40.76
C HIS A 1958 39.80 9.99 -39.28
N ARG A 1959 41.05 10.01 -38.85
CA ARG A 1959 41.37 9.94 -37.42
C ARG A 1959 42.76 10.51 -37.25
N THR A 1960 42.86 11.67 -36.60
CA THR A 1960 44.16 12.30 -36.39
C THR A 1960 45.00 11.47 -35.44
N CYS A 1961 46.29 11.37 -35.72
CA CYS A 1961 47.24 10.70 -34.85
C CYS A 1961 48.55 11.44 -34.85
N PHE A 1962 49.27 11.36 -33.73
CA PHE A 1962 50.53 12.05 -33.55
C PHE A 1962 51.65 11.04 -33.34
N HIS A 1963 52.80 11.30 -33.94
CA HIS A 1963 53.93 10.40 -33.83
C HIS A 1963 54.42 10.33 -32.39
N PRO A 1964 54.66 9.14 -31.83
CA PRO A 1964 55.18 9.07 -30.46
C PRO A 1964 56.65 9.46 -30.33
N ASP A 1965 57.41 9.47 -31.42
CA ASP A 1965 58.82 9.81 -31.39
C ASP A 1965 59.09 11.26 -31.74
N LYS A 1966 58.05 12.08 -31.85
CA LYS A 1966 58.19 13.48 -32.23
C LYS A 1966 57.67 14.37 -31.11
N SER A 1967 58.36 15.49 -30.90
CA SER A 1967 57.99 16.46 -29.87
C SER A 1967 57.03 17.48 -30.45
N HIS A 1968 56.01 17.84 -29.66
CA HIS A 1968 54.96 18.76 -30.10
C HIS A 1968 55.02 20.00 -29.21
N ILE A 1969 55.07 21.17 -29.84
CA ILE A 1969 55.05 22.43 -29.10
C ILE A 1969 53.61 22.89 -28.94
N LEU A 1970 53.23 23.26 -27.72
CA LEU A 1970 51.91 23.79 -27.41
C LEU A 1970 52.12 25.17 -26.78
N VAL A 1971 52.23 26.19 -27.63
CA VAL A 1971 52.49 27.53 -27.14
C VAL A 1971 51.22 28.06 -26.49
N GLY A 1972 51.35 28.52 -25.25
CA GLY A 1972 50.17 28.90 -24.48
C GLY A 1972 49.25 27.74 -24.20
N GLY A 1973 49.76 26.52 -24.21
CA GLY A 1973 48.94 25.34 -24.01
C GLY A 1973 48.62 25.00 -22.58
N MET A 1974 49.14 25.77 -21.63
CA MET A 1974 48.88 25.54 -20.21
C MET A 1974 47.72 26.41 -19.74
N GLY A 1975 46.57 26.26 -20.39
CA GLY A 1975 45.41 27.04 -19.99
C GLY A 1975 44.18 26.77 -20.82
N GLY A 1976 43.04 26.63 -20.14
CA GLY A 1976 41.78 26.46 -20.83
C GLY A 1976 41.79 25.32 -21.82
N MET A 1977 41.76 25.67 -23.10
CA MET A 1977 41.67 24.66 -24.16
C MET A 1977 42.98 23.92 -24.34
N GLY A 1978 44.09 24.53 -23.92
CA GLY A 1978 45.38 23.88 -24.13
C GLY A 1978 45.56 22.62 -23.33
N LEU A 1979 45.17 22.65 -22.05
CA LEU A 1979 45.36 21.48 -21.21
C LEU A 1979 44.42 20.35 -21.60
N GLU A 1980 43.18 20.68 -21.96
CA GLU A 1980 42.25 19.65 -22.41
C GLU A 1980 42.45 19.25 -23.86
N THR A 1981 43.22 20.03 -24.63
CA THR A 1981 43.67 19.60 -25.94
C THR A 1981 44.92 18.75 -25.85
N ALA A 1982 45.85 19.10 -24.96
CA ALA A 1982 47.01 18.25 -24.73
C ALA A 1982 46.60 16.88 -24.22
N HIS A 1983 45.55 16.81 -23.40
CA HIS A 1983 45.00 15.53 -22.98
C HIS A 1983 44.52 14.75 -24.19
N TRP A 1984 43.84 15.42 -25.12
CA TRP A 1984 43.36 14.76 -26.32
C TRP A 1984 44.52 14.19 -27.15
N MET A 1985 45.58 14.98 -27.32
CA MET A 1985 46.72 14.52 -28.10
C MET A 1985 47.40 13.33 -27.43
N VAL A 1986 47.49 13.34 -26.10
CA VAL A 1986 48.11 12.24 -25.39
C VAL A 1986 47.34 10.95 -25.64
N LEU A 1987 46.02 11.01 -25.56
CA LEU A 1987 45.21 9.83 -25.82
C LEU A 1987 45.31 9.35 -27.26
N ARG A 1988 45.62 10.25 -28.20
CA ARG A 1988 45.66 9.92 -29.61
C ARG A 1988 47.07 9.63 -30.11
N GLY A 1989 48.07 9.63 -29.25
CA GLY A 1989 49.40 9.23 -29.65
C GLY A 1989 50.53 10.08 -29.11
N ALA A 1990 50.27 11.37 -28.86
CA ALA A 1990 51.33 12.26 -28.42
C ALA A 1990 51.93 11.76 -27.11
N LYS A 1991 53.26 11.73 -27.05
CA LYS A 1991 53.97 11.33 -25.84
C LYS A 1991 55.15 12.25 -25.58
N LYS A 1992 55.13 13.45 -26.15
CA LYS A 1992 56.22 14.41 -25.95
C LYS A 1992 55.63 15.80 -26.14
N LEU A 1993 55.39 16.52 -25.05
CA LEU A 1993 54.73 17.81 -25.10
C LEU A 1993 55.62 18.86 -24.46
N ILE A 1994 55.64 20.05 -25.06
CA ILE A 1994 56.32 21.20 -24.48
C ILE A 1994 55.33 22.33 -24.31
N LEU A 1995 54.73 22.43 -23.12
CA LEU A 1995 53.76 23.48 -22.84
C LEU A 1995 54.48 24.75 -22.44
N THR A 1996 54.05 25.87 -23.00
CA THR A 1996 54.71 27.15 -22.80
C THR A 1996 53.73 28.14 -22.19
N SER A 1997 54.24 28.99 -21.29
CA SER A 1997 53.44 30.02 -20.64
C SER A 1997 54.34 31.20 -20.32
N ARG A 1998 53.72 32.30 -19.91
CA ARG A 1998 54.48 33.49 -19.52
C ARG A 1998 55.02 33.40 -18.10
N TYR A 1999 54.38 32.62 -17.24
CA TYR A 1999 54.77 32.50 -15.84
C TYR A 1999 55.15 31.08 -15.44
N GLY A 2000 54.41 30.08 -15.91
CA GLY A 2000 54.64 28.69 -15.57
C GLY A 2000 53.39 28.10 -14.95
N ILE A 2001 53.59 27.05 -14.16
CA ILE A 2001 52.48 26.42 -13.45
C ILE A 2001 52.12 27.31 -12.27
N THR A 2002 50.95 27.95 -12.35
CA THR A 2002 50.54 28.94 -11.38
C THR A 2002 49.21 28.63 -10.69
N THR A 2003 48.58 27.51 -11.01
CA THR A 2003 47.33 27.10 -10.39
C THR A 2003 47.36 25.62 -10.09
N GLY A 2004 46.52 25.21 -9.13
CA GLY A 2004 46.47 23.80 -8.77
C GLY A 2004 45.90 22.89 -9.85
N TYR A 2005 45.02 23.43 -10.70
CA TYR A 2005 44.48 22.62 -11.79
C TYR A 2005 45.56 22.28 -12.80
N GLN A 2006 46.43 23.24 -13.12
CA GLN A 2006 47.52 22.97 -14.05
C GLN A 2006 48.47 21.94 -13.46
N ALA A 2007 48.93 22.16 -12.23
CA ALA A 2007 49.86 21.23 -11.61
C ALA A 2007 49.29 19.83 -11.50
N ARG A 2008 47.96 19.69 -11.38
CA ARG A 2008 47.36 18.37 -11.28
C ARG A 2008 47.39 17.62 -12.60
N LYS A 2009 47.05 18.30 -13.70
CA LYS A 2009 47.03 17.62 -15.00
C LYS A 2009 48.43 17.38 -15.54
N ILE A 2010 49.36 18.31 -15.32
CA ILE A 2010 50.74 18.08 -15.72
C ILE A 2010 51.30 16.87 -14.98
N ALA A 2011 50.93 16.71 -13.70
CA ALA A 2011 51.31 15.53 -12.97
C ALA A 2011 50.61 14.29 -13.50
N PHE A 2012 49.36 14.45 -13.97
CA PHE A 2012 48.63 13.33 -14.53
C PHE A 2012 49.30 12.82 -15.80
N PHE A 2013 49.70 13.73 -16.69
CA PHE A 2013 50.36 13.31 -17.93
C PHE A 2013 51.67 12.59 -17.62
N LYS A 2014 52.48 13.17 -16.74
CA LYS A 2014 53.76 12.54 -16.40
C LYS A 2014 53.55 11.14 -15.84
N GLN A 2015 52.45 10.92 -15.12
CA GLN A 2015 52.16 9.59 -14.59
C GLN A 2015 51.85 8.61 -15.72
N LEU A 2016 51.17 9.07 -16.78
CA LEU A 2016 50.78 8.18 -17.86
C LEU A 2016 51.96 7.78 -18.74
N GLY A 2017 53.14 8.37 -18.53
CA GLY A 2017 54.31 8.02 -19.31
C GLY A 2017 54.67 9.05 -20.35
N VAL A 2018 54.02 10.21 -20.30
CA VAL A 2018 54.29 11.32 -21.21
C VAL A 2018 55.42 12.15 -20.65
N GLU A 2019 56.24 12.72 -21.53
CA GLU A 2019 57.33 13.61 -21.13
C GLU A 2019 56.87 15.03 -21.40
N VAL A 2020 56.52 15.74 -20.33
CA VAL A 2020 56.07 17.12 -20.42
C VAL A 2020 57.16 18.03 -19.89
N GLU A 2021 57.48 19.08 -20.65
CA GLU A 2021 58.40 20.11 -20.20
C GLU A 2021 57.65 21.43 -20.22
N VAL A 2022 57.61 22.11 -19.07
CA VAL A 2022 56.89 23.36 -18.92
C VAL A 2022 57.92 24.49 -18.96
N LEU A 2023 57.85 25.32 -19.99
CA LEU A 2023 58.73 26.46 -20.12
C LEU A 2023 57.97 27.74 -19.81
N ALA A 2024 58.56 28.60 -18.99
CA ALA A 2024 57.99 29.91 -18.70
C ALA A 2024 58.71 30.93 -19.59
N LEU A 2025 58.35 30.91 -20.87
CA LEU A 2025 58.99 31.76 -21.87
C LEU A 2025 57.96 32.22 -22.87
N SER A 2026 57.84 33.54 -23.05
CA SER A 2026 57.02 34.08 -24.12
C SER A 2026 57.86 34.19 -25.38
N VAL A 2027 57.35 33.64 -26.48
CA VAL A 2027 58.09 33.64 -27.74
C VAL A 2027 57.78 34.94 -28.47
N ASN A 2028 58.48 36.01 -28.10
CA ASN A 2028 58.29 37.33 -28.68
C ASN A 2028 59.62 37.91 -29.15
N THR A 2029 60.54 37.02 -29.51
CA THR A 2029 61.86 37.39 -29.98
C THR A 2029 62.54 36.14 -30.52
N ARG A 2030 63.32 36.32 -31.60
CA ARG A 2030 63.91 35.16 -32.25
C ARG A 2030 64.74 34.34 -31.27
N LYS A 2031 65.39 35.01 -30.31
CA LYS A 2031 66.18 34.28 -29.31
C LYS A 2031 65.31 33.31 -28.53
N ALA A 2032 64.15 33.79 -28.06
CA ALA A 2032 63.26 32.93 -27.29
C ALA A 2032 62.75 31.76 -28.14
N ALA A 2033 62.40 32.05 -29.39
CA ALA A 2033 61.93 30.98 -30.27
C ALA A 2033 62.98 29.90 -30.43
N ASP A 2034 64.26 30.29 -30.53
CA ASP A 2034 65.33 29.31 -30.61
C ASP A 2034 65.39 28.46 -29.34
N LYS A 2035 65.24 29.09 -28.18
CA LYS A 2035 65.31 28.35 -26.93
C LYS A 2035 64.18 27.32 -26.82
N VAL A 2036 62.97 27.73 -27.20
CA VAL A 2036 61.83 26.82 -27.10
C VAL A 2036 62.05 25.60 -27.99
N PHE A 2037 62.49 25.83 -29.23
CA PHE A 2037 62.73 24.73 -30.14
C PHE A 2037 64.00 23.96 -29.80
N GLU A 2038 64.93 24.58 -29.08
CA GLU A 2038 66.10 23.84 -28.60
C GLU A 2038 65.68 22.79 -27.59
N HIS A 2039 64.82 23.17 -26.64
CA HIS A 2039 64.28 22.19 -25.71
C HIS A 2039 63.38 21.18 -26.41
N ALA A 2040 62.97 21.47 -27.65
CA ALA A 2040 62.12 20.55 -28.39
C ALA A 2040 62.94 19.49 -29.10
N LEU A 2041 63.95 19.91 -29.87
CA LEU A 2041 64.78 18.95 -30.59
C LEU A 2041 65.57 18.05 -29.65
N LYS A 2042 65.72 18.44 -28.38
CA LYS A 2042 66.35 17.58 -27.39
C LYS A 2042 65.40 16.53 -26.82
N MET A 2043 64.10 16.64 -27.11
CA MET A 2043 63.16 15.58 -26.75
C MET A 2043 62.87 14.69 -27.96
N GLY A 2044 62.83 15.27 -29.15
CA GLY A 2044 62.61 14.53 -30.36
C GLY A 2044 62.36 15.47 -31.53
N PRO A 2045 62.30 14.92 -32.74
CA PRO A 2045 62.00 15.75 -33.91
C PRO A 2045 60.69 16.50 -33.71
N VAL A 2046 60.67 17.77 -34.10
CA VAL A 2046 59.51 18.63 -33.85
C VAL A 2046 58.44 18.27 -34.87
N GLY A 2047 57.34 17.70 -34.38
CA GLY A 2047 56.28 17.24 -35.26
C GLY A 2047 54.94 17.86 -34.96
N GLY A 2048 54.92 19.13 -34.58
CA GLY A 2048 53.69 19.84 -34.34
C GLY A 2048 53.89 21.14 -33.60
N ILE A 2049 53.18 22.18 -34.02
CA ILE A 2049 53.24 23.49 -33.36
C ILE A 2049 51.83 24.03 -33.22
N PHE A 2050 51.34 24.14 -31.98
CA PHE A 2050 50.01 24.66 -31.70
C PHE A 2050 50.12 25.97 -30.95
N ASN A 2051 49.35 26.96 -31.34
CA ASN A 2051 49.31 28.26 -30.67
C ASN A 2051 47.89 28.47 -30.16
N MET A 2052 47.72 28.37 -28.84
CA MET A 2052 46.44 28.59 -28.19
C MET A 2052 46.54 29.71 -27.17
N ALA A 2053 47.38 30.70 -27.45
CA ALA A 2053 47.63 31.82 -26.56
C ALA A 2053 46.64 32.94 -26.82
N MET A 2054 46.30 33.67 -25.76
CA MET A 2054 45.40 34.81 -25.87
C MET A 2054 45.68 35.75 -24.70
N VAL A 2055 45.75 37.05 -25.01
CA VAL A 2055 45.82 38.09 -23.98
C VAL A 2055 44.84 39.18 -24.38
N LEU A 2056 43.63 39.12 -23.80
CA LEU A 2056 42.55 39.99 -24.21
C LEU A 2056 42.57 41.28 -23.41
N TYR A 2057 42.37 42.40 -24.10
CA TYR A 2057 42.09 43.68 -23.45
C TYR A 2057 40.86 44.27 -24.15
N ASN A 2058 39.78 44.43 -23.42
CA ASN A 2058 38.51 44.87 -23.99
C ASN A 2058 38.25 46.33 -23.62
N ASP A 2059 37.97 47.15 -24.62
CA ASP A 2059 37.65 48.55 -24.41
C ASP A 2059 37.23 49.16 -25.74
N ASP A 2060 36.47 50.23 -25.68
CA ASP A 2060 36.06 50.92 -26.89
C ASP A 2060 37.28 51.44 -27.64
N PHE A 2061 37.20 51.38 -28.98
CA PHE A 2061 38.37 51.65 -29.80
C PHE A 2061 38.94 53.04 -29.54
N LEU A 2062 38.08 54.02 -29.25
CA LEU A 2062 38.56 55.38 -29.08
C LEU A 2062 39.31 55.60 -27.79
N LYS A 2063 39.11 54.74 -26.79
CA LYS A 2063 39.68 54.92 -25.46
C LYS A 2063 40.93 54.08 -25.24
N MET A 2064 41.47 53.49 -26.30
CA MET A 2064 42.60 52.57 -26.21
C MET A 2064 43.86 53.26 -26.68
N ASN A 2065 44.88 53.27 -25.83
CA ASN A 2065 46.18 53.83 -26.18
C ASN A 2065 46.97 52.81 -27.01
N ARG A 2066 48.18 53.20 -27.43
CA ARG A 2066 48.98 52.31 -28.26
C ARG A 2066 49.31 51.02 -27.52
N GLU A 2067 49.82 51.13 -26.29
CA GLU A 2067 50.21 49.94 -25.54
C GLU A 2067 49.00 49.02 -25.36
N GLN A 2068 47.85 49.60 -25.04
CA GLN A 2068 46.65 48.79 -24.83
C GLN A 2068 46.19 48.10 -26.12
N PHE A 2069 46.48 48.70 -27.27
CA PHE A 2069 46.04 48.10 -28.53
C PHE A 2069 46.83 46.84 -28.83
N LEU A 2070 48.15 46.88 -28.65
CA LEU A 2070 49.03 45.79 -29.04
C LEU A 2070 49.15 44.72 -27.97
N LYS A 2071 48.20 44.65 -27.02
CA LYS A 2071 48.26 43.60 -26.02
C LYS A 2071 47.87 42.24 -26.60
N PRO A 2072 46.75 42.09 -27.30
CA PRO A 2072 46.43 40.79 -27.91
C PRO A 2072 47.18 40.53 -29.21
N LEU A 2073 48.13 41.40 -29.56
CA LEU A 2073 48.88 41.28 -30.81
C LEU A 2073 50.26 40.68 -30.61
N GLU A 2074 50.54 40.16 -29.41
CA GLU A 2074 51.79 39.45 -29.16
C GLU A 2074 51.66 37.95 -29.35
N SER A 2075 50.55 37.36 -28.91
CA SER A 2075 50.34 35.93 -29.06
C SER A 2075 49.72 35.56 -30.39
N LYS A 2076 49.25 36.54 -31.16
CA LYS A 2076 48.57 36.26 -32.42
C LYS A 2076 49.28 36.79 -33.64
N ILE A 2077 50.17 37.76 -33.50
CA ILE A 2077 50.96 38.26 -34.63
C ILE A 2077 52.43 37.99 -34.36
N THR A 2078 52.98 38.58 -33.31
CA THR A 2078 54.42 38.50 -33.07
C THR A 2078 54.85 37.04 -32.91
N MET A 2079 54.08 36.24 -32.18
CA MET A 2079 54.40 34.83 -32.04
C MET A 2079 54.26 34.09 -33.36
N THR A 2080 53.07 34.17 -33.98
CA THR A 2080 52.76 33.30 -35.09
C THR A 2080 53.73 33.48 -36.25
N MET A 2081 54.35 34.66 -36.38
CA MET A 2081 55.37 34.84 -37.38
C MET A 2081 56.69 34.21 -36.97
N LEU A 2082 57.02 34.24 -35.67
CA LEU A 2082 58.24 33.59 -35.22
C LEU A 2082 58.12 32.08 -35.21
N LEU A 2083 56.96 31.54 -34.89
CA LEU A 2083 56.74 30.10 -35.03
C LEU A 2083 56.63 29.68 -36.48
N ASP A 2084 56.03 30.52 -37.32
CA ASP A 2084 55.96 30.22 -38.75
C ASP A 2084 57.37 30.17 -39.35
N ASP A 2085 58.22 31.15 -39.01
CA ASP A 2085 59.55 31.20 -39.57
C ASP A 2085 60.34 29.95 -39.23
N LYS A 2086 60.23 29.48 -37.99
CA LYS A 2086 60.96 28.28 -37.58
C LYS A 2086 60.50 27.07 -38.40
N SER A 2087 59.19 26.94 -38.61
CA SER A 2087 58.68 25.81 -39.37
C SER A 2087 59.09 25.87 -40.84
N ARG A 2088 59.43 27.05 -41.35
CA ARG A 2088 59.87 27.18 -42.74
C ARG A 2088 61.33 26.81 -42.94
N GLU A 2089 62.11 26.74 -41.86
CA GLU A 2089 63.52 26.43 -41.94
C GLU A 2089 63.81 25.08 -41.31
N LYS A 2090 64.75 24.36 -41.91
CA LYS A 2090 65.14 23.04 -41.46
C LYS A 2090 65.83 23.13 -40.10
N PRO A 2091 65.83 22.03 -39.33
CA PRO A 2091 65.33 20.69 -39.63
C PRO A 2091 63.84 20.52 -39.33
N VAL A 2092 63.17 21.56 -38.84
CA VAL A 2092 61.76 21.43 -38.48
C VAL A 2092 60.90 21.25 -39.73
N ARG A 2093 61.25 21.94 -40.82
CA ARG A 2093 60.42 21.94 -42.01
C ARG A 2093 60.19 20.52 -42.52
N ASP A 2094 61.27 19.74 -42.66
CA ASP A 2094 61.12 18.36 -43.12
C ASP A 2094 60.32 17.53 -42.11
N THR A 2095 60.52 17.79 -40.82
CA THR A 2095 59.90 16.97 -39.79
C THR A 2095 58.48 17.45 -39.45
N LEU A 2096 58.22 18.75 -39.54
CA LEU A 2096 56.97 19.31 -39.06
C LEU A 2096 55.79 18.63 -39.75
N ASP A 2097 54.77 18.29 -38.96
CA ASP A 2097 53.61 17.56 -39.44
C ASP A 2097 52.30 18.29 -39.23
N HIS A 2098 52.17 19.04 -38.14
CA HIS A 2098 51.01 19.88 -37.87
C HIS A 2098 51.47 21.28 -37.51
N PHE A 2099 50.67 22.27 -37.87
CA PHE A 2099 50.96 23.67 -37.55
C PHE A 2099 49.60 24.34 -37.36
N VAL A 2100 49.13 24.39 -36.13
CA VAL A 2100 47.77 24.79 -35.80
C VAL A 2100 47.81 26.16 -35.13
N MET A 2101 46.92 27.05 -35.57
CA MET A 2101 46.83 28.41 -35.05
C MET A 2101 45.37 28.69 -34.72
N PHE A 2102 45.03 28.59 -33.44
CA PHE A 2102 43.65 28.78 -33.02
C PHE A 2102 43.23 30.24 -33.20
N SER A 2103 42.03 30.44 -33.69
CA SER A 2103 41.49 31.78 -33.92
C SER A 2103 40.05 31.81 -33.41
N SER A 2104 39.41 32.97 -33.54
CA SER A 2104 38.05 33.17 -33.05
C SER A 2104 37.17 33.68 -34.19
N LEU A 2105 35.87 33.75 -33.92
CA LEU A 2105 34.89 34.19 -34.90
C LEU A 2105 34.92 35.69 -35.13
N ILE A 2106 35.70 36.44 -34.34
CA ILE A 2106 35.79 37.88 -34.55
C ILE A 2106 36.28 38.18 -35.96
N VAL A 2107 36.97 37.24 -36.60
CA VAL A 2107 37.43 37.45 -37.97
C VAL A 2107 36.27 37.48 -38.97
N SER A 2108 35.19 36.73 -38.71
CA SER A 2108 34.09 36.63 -39.66
C SER A 2108 32.78 37.21 -39.13
N GLY A 2109 32.69 37.50 -37.84
CA GLY A 2109 31.47 38.07 -37.28
C GLY A 2109 31.71 39.43 -36.64
N GLY A 2110 32.93 39.66 -36.19
CA GLY A 2110 33.27 40.93 -35.57
C GLY A 2110 32.75 41.05 -34.16
N HIS A 2111 33.21 42.05 -33.43
CA HIS A 2111 32.76 42.28 -32.07
C HIS A 2111 33.05 43.73 -31.71
N LEU A 2112 32.43 44.19 -30.62
CA LEU A 2112 32.54 45.58 -30.21
C LEU A 2112 33.55 45.69 -29.07
N GLY A 2113 34.43 46.67 -29.17
CA GLY A 2113 35.51 46.87 -28.23
C GLY A 2113 36.75 46.06 -28.53
N GLN A 2114 36.61 44.93 -29.23
CA GLN A 2114 37.74 44.08 -29.58
C GLN A 2114 38.19 44.39 -31.00
N ALA A 2115 38.62 45.63 -31.21
CA ALA A 2115 39.21 46.01 -32.49
C ALA A 2115 40.63 45.48 -32.60
N ASN A 2116 41.38 45.51 -31.49
CA ASN A 2116 42.74 44.99 -31.49
C ASN A 2116 42.74 43.47 -31.66
N TYR A 2117 41.90 42.78 -30.89
CA TYR A 2117 41.86 41.32 -30.97
C TYR A 2117 41.38 40.88 -32.34
N ALA A 2118 40.48 41.65 -32.95
CA ALA A 2118 40.06 41.35 -34.32
C ALA A 2118 41.22 41.51 -35.30
N PHE A 2119 42.00 42.57 -35.14
CA PHE A 2119 43.12 42.81 -36.04
C PHE A 2119 44.14 41.67 -35.95
N GLY A 2120 44.55 41.34 -34.73
CA GLY A 2120 45.51 40.26 -34.57
C GLY A 2120 44.98 38.92 -35.02
N SER A 2121 43.72 38.63 -34.69
CA SER A 2121 43.15 37.34 -35.05
C SER A 2121 43.08 37.16 -36.56
N THR A 2122 42.88 38.24 -37.31
CA THR A 2122 42.84 38.13 -38.76
C THR A 2122 44.24 37.92 -39.35
N VAL A 2123 45.23 38.65 -38.83
CA VAL A 2123 46.60 38.47 -39.32
C VAL A 2123 47.07 37.05 -39.08
N LEU A 2124 46.63 36.44 -37.98
CA LEU A 2124 46.91 35.03 -37.75
C LEU A 2124 46.23 34.17 -38.81
N GLU A 2125 45.05 34.59 -39.27
CA GLU A 2125 44.32 33.87 -40.31
C GLU A 2125 44.92 34.07 -41.69
N LYS A 2126 45.72 35.12 -41.90
CA LYS A 2126 46.39 35.35 -43.16
C LYS A 2126 47.81 34.82 -43.19
N ILE A 2127 48.50 34.80 -42.06
CA ILE A 2127 49.79 34.11 -41.97
C ILE A 2127 49.60 32.62 -42.20
N CYS A 2128 48.41 32.08 -41.92
CA CYS A 2128 48.11 30.68 -42.11
C CYS A 2128 47.62 30.37 -43.52
N GLU A 2129 47.47 31.38 -44.36
CA GLU A 2129 47.20 31.18 -45.78
C GLU A 2129 48.43 31.38 -46.65
N ARG A 2130 49.37 32.22 -46.24
CA ARG A 2130 50.66 32.26 -46.90
C ARG A 2130 51.34 30.90 -46.84
N ARG A 2131 51.15 30.18 -45.73
CA ARG A 2131 51.70 28.84 -45.61
C ARG A 2131 51.09 27.91 -46.64
N LYS A 2132 49.83 28.12 -46.99
CA LYS A 2132 49.17 27.25 -47.97
C LYS A 2132 49.68 27.53 -49.37
N ARG A 2133 49.96 28.80 -49.69
CA ARG A 2133 50.52 29.13 -51.00
C ARG A 2133 51.81 28.38 -51.24
N ASP A 2134 52.61 28.19 -50.19
CA ASP A 2134 53.92 27.54 -50.29
C ASP A 2134 53.86 26.04 -50.04
N GLY A 2135 52.67 25.49 -49.79
CA GLY A 2135 52.52 24.06 -49.66
C GLY A 2135 52.77 23.50 -48.27
N LEU A 2136 53.17 24.34 -47.31
CA LEU A 2136 53.43 23.83 -45.98
C LEU A 2136 52.13 23.42 -45.30
N PRO A 2137 52.17 22.48 -44.36
CA PRO A 2137 50.97 22.16 -43.59
C PRO A 2137 50.50 23.38 -42.80
N VAL A 2138 49.17 23.50 -42.65
CA VAL A 2138 48.61 24.59 -41.88
C VAL A 2138 47.17 24.25 -41.53
N THR A 2139 46.76 24.66 -40.33
CA THR A 2139 45.39 24.56 -39.88
C THR A 2139 45.11 25.75 -38.98
N THR A 2140 43.88 26.27 -39.04
CA THR A 2140 43.49 27.46 -38.29
C THR A 2140 42.03 27.34 -37.92
N PRO A 2141 41.71 26.61 -36.85
CA PRO A 2141 40.33 26.58 -36.36
C PRO A 2141 39.86 27.99 -36.03
N GLN A 2142 38.65 28.31 -36.45
CA GLN A 2142 38.04 29.61 -36.19
C GLN A 2142 36.82 29.35 -35.32
N TRP A 2143 37.05 29.34 -34.01
CA TRP A 2143 36.03 28.90 -33.06
C TRP A 2143 34.99 29.97 -32.85
N ALA A 2144 33.97 29.61 -32.09
CA ALA A 2144 32.98 30.54 -31.54
C ALA A 2144 32.98 30.31 -30.03
N SER A 2145 31.98 30.86 -29.33
CA SER A 2145 31.88 30.60 -27.89
C SER A 2145 32.06 29.13 -27.60
N ILE A 2146 32.92 28.82 -26.62
CA ILE A 2146 33.22 27.45 -26.21
C ILE A 2146 33.02 27.33 -24.71
N ALA A 2147 32.51 26.18 -24.29
CA ALA A 2147 32.11 25.96 -22.91
C ALA A 2147 33.10 25.00 -22.24
N ASP A 2148 33.06 25.02 -20.91
CA ASP A 2148 33.68 24.07 -20.00
C ASP A 2148 35.16 24.35 -19.75
N VAL A 2149 35.80 25.25 -20.49
CA VAL A 2149 37.26 25.35 -20.42
C VAL A 2149 37.74 26.75 -20.03
N GLY A 2150 37.43 27.76 -20.85
CA GLY A 2150 38.19 28.98 -20.79
C GLY A 2150 37.42 30.28 -20.61
N THR A 2151 37.71 31.25 -21.49
CA THR A 2151 37.17 32.61 -21.38
C THR A 2151 35.70 32.60 -20.97
N VAL A 2152 34.88 31.84 -21.70
CA VAL A 2152 33.47 31.74 -21.37
C VAL A 2152 33.29 30.99 -20.05
N ALA A 2153 34.14 29.99 -19.80
CA ALA A 2153 34.00 29.20 -18.58
C ALA A 2153 34.00 30.07 -17.34
N LEU A 2154 34.91 31.03 -17.28
CA LEU A 2154 34.97 31.97 -16.16
C LEU A 2154 35.18 31.22 -14.85
N THR A 2161 27.36 33.59 -21.83
CA THR A 2161 26.82 32.43 -22.53
C THR A 2161 26.53 32.78 -23.99
N ILE A 2162 25.36 33.38 -24.23
CA ILE A 2162 24.94 33.72 -25.59
C ILE A 2162 25.55 35.06 -25.96
N ILE A 2163 26.50 35.03 -26.90
CA ILE A 2163 27.07 36.25 -27.48
C ILE A 2163 26.78 36.23 -28.98
N CYS A 2164 26.24 37.33 -29.48
CA CYS A 2164 25.86 37.41 -30.90
C CYS A 2164 24.98 36.22 -31.29
N ARG A 2165 24.16 35.74 -30.34
CA ARG A 2165 23.12 34.76 -30.59
C ARG A 2165 23.68 33.36 -30.86
N LYS A 2166 24.93 33.10 -30.50
CA LYS A 2166 25.58 31.83 -30.77
C LYS A 2166 25.85 31.10 -29.46
N TYR A 2167 25.39 29.85 -29.37
CA TYR A 2167 25.49 29.06 -28.15
C TYR A 2167 26.90 28.52 -27.98
N PRO A 2168 27.39 28.40 -26.75
CA PRO A 2168 28.75 27.84 -26.55
C PRO A 2168 28.76 26.34 -26.78
N GLN A 2169 29.85 25.86 -27.37
CA GLN A 2169 30.01 24.45 -27.70
C GLN A 2169 30.50 23.67 -26.48
N ARG A 2170 30.14 22.39 -26.43
CA ARG A 2170 30.70 21.48 -25.45
C ARG A 2170 32.08 21.00 -25.93
N PHE A 2171 33.03 20.96 -25.00
CA PHE A 2171 34.40 20.69 -25.41
C PHE A 2171 34.55 19.31 -26.02
N PHE A 2172 33.73 18.35 -25.62
CA PHE A 2172 33.80 17.03 -26.23
C PHE A 2172 33.31 17.07 -27.68
N ASN A 2173 32.67 18.18 -28.07
CA ASN A 2173 32.43 18.44 -29.48
C ASN A 2173 33.56 19.26 -30.08
N VAL A 2174 34.11 20.22 -29.33
CA VAL A 2174 35.23 21.00 -29.84
C VAL A 2174 36.32 20.06 -30.34
N LEU A 2175 36.50 18.93 -29.66
CA LEU A 2175 37.55 17.99 -30.04
C LEU A 2175 37.08 17.03 -31.13
N SER A 2176 35.77 16.86 -31.29
CA SER A 2176 35.27 16.03 -32.37
C SER A 2176 35.42 16.75 -33.72
N VAL A 2177 35.07 18.03 -33.76
CA VAL A 2177 35.27 18.81 -34.99
C VAL A 2177 36.73 19.12 -35.19
N PHE A 2178 37.48 19.38 -34.10
CA PHE A 2178 38.90 19.63 -34.24
C PHE A 2178 39.60 18.47 -34.93
N ASP A 2179 39.17 17.24 -34.64
CA ASP A 2179 39.73 16.09 -35.34
C ASP A 2179 39.46 16.17 -36.83
N PHE A 2180 38.27 16.65 -37.20
CA PHE A 2180 37.97 16.89 -38.60
C PHE A 2180 38.84 18.00 -39.18
N MET A 2181 39.07 19.06 -38.39
CA MET A 2181 39.83 20.20 -38.89
C MET A 2181 41.24 19.80 -39.32
N MET A 2182 41.91 18.99 -38.49
CA MET A 2182 43.29 18.62 -38.79
C MET A 2182 43.39 17.80 -40.07
N SER A 2183 42.45 16.89 -40.30
CA SER A 2183 42.46 16.05 -41.50
C SER A 2183 41.53 16.67 -42.55
N SER A 2184 41.97 17.80 -43.09
CA SER A 2184 41.20 18.52 -44.09
C SER A 2184 42.17 19.31 -44.96
N ASP A 2185 41.65 19.76 -46.11
CA ASP A 2185 42.46 20.49 -47.08
C ASP A 2185 42.33 22.00 -46.93
N ASN A 2186 41.27 22.50 -46.30
CA ASN A 2186 41.09 23.92 -46.15
C ASN A 2186 41.99 24.45 -45.02
N VAL A 2187 42.10 25.77 -44.95
CA VAL A 2187 42.96 26.43 -43.99
C VAL A 2187 42.17 26.71 -42.71
N VAL A 2188 41.11 27.49 -42.84
CA VAL A 2188 40.27 27.90 -41.72
C VAL A 2188 38.92 27.21 -41.85
N THR A 2189 38.49 26.56 -40.78
CA THR A 2189 37.17 25.92 -40.72
C THR A 2189 36.42 26.58 -39.57
N ILE A 2190 35.39 27.36 -39.92
CA ILE A 2190 34.56 28.03 -38.94
C ILE A 2190 33.66 27.00 -38.26
N SER A 2191 33.59 27.04 -36.94
CA SER A 2191 32.76 26.13 -36.16
C SER A 2191 32.03 26.93 -35.09
N TYR A 2192 30.70 26.90 -35.12
CA TYR A 2192 29.89 27.61 -34.16
C TYR A 2192 28.56 26.90 -33.98
N VAL A 2193 27.94 27.00 -32.79
CA VAL A 2193 26.63 26.41 -32.54
C VAL A 2193 25.61 27.52 -32.48
N LEU A 2194 24.46 27.36 -33.15
CA LEU A 2194 23.43 28.44 -33.19
C LEU A 2194 22.36 28.16 -32.13
N VAL A 2195 21.76 29.21 -31.55
CA VAL A 2195 20.75 29.08 -30.46
C VAL A 2195 19.35 28.92 -31.09
N GLU A 2196 19.52 28.95 -32.23
N GLU A 2196 18.90 29.93 -31.82
CA GLU A 2196 18.23 28.70 -32.92
CA GLU A 2196 17.58 29.86 -32.49
C GLU A 2196 18.37 28.97 -34.42
C GLU A 2196 16.48 29.62 -31.44
N LYS A 2197 17.31 28.73 -35.20
N LYS A 2197 16.45 30.43 -30.39
CA LYS A 2197 17.33 29.07 -36.65
CA LYS A 2197 15.58 30.17 -29.21
C LYS A 2197 16.33 30.21 -36.86
C LYS A 2197 14.21 30.84 -29.38
N SER A 2198 16.80 31.40 -37.22
N SER A 2198 13.27 30.59 -28.46
CA SER A 2198 15.90 32.58 -37.36
CA SER A 2198 11.90 31.20 -28.52
C SER A 2198 14.71 32.25 -38.27
C SER A 2198 11.15 30.69 -29.75
N MET A 2199 13.52 32.72 -37.92
N MET A 2199 11.26 31.37 -30.89
CA MET A 2199 12.33 32.52 -38.79
CA MET A 2199 10.65 30.92 -32.17
C MET A 2199 11.80 33.90 -39.21
C MET A 2199 9.24 31.51 -32.27
N GLY A 2200 10.90 34.48 -38.41
N GLY A 2200 9.06 32.78 -31.91
CA GLY A 2200 10.40 35.84 -38.71
CA GLY A 2200 7.75 33.46 -31.94
C GLY A 2200 10.32 36.67 -37.45
C GLY A 2200 7.21 33.71 -30.55
N VAL A 2201 10.45 37.99 -37.57
N VAL A 2201 6.28 34.65 -30.39
CA VAL A 2201 10.44 38.89 -36.38
CA VAL A 2201 5.67 34.97 -29.06
C VAL A 2201 9.12 38.68 -35.61
C VAL A 2201 4.24 34.42 -29.03
N ALA A 2202 7.99 38.59 -36.34
N ALA A 2202 3.85 33.61 -30.03
CA ALA A 2202 6.67 38.45 -35.68
CA ALA A 2202 2.50 33.02 -30.11
C ALA A 2202 6.48 37.02 -35.16
C ALA A 2202 2.41 31.83 -29.14
N ALA A 2203 7.11 36.04 -35.82
N ALA A 2203 1.19 31.49 -28.68
CA ALA A 2203 6.97 34.62 -35.42
CA ALA A 2203 0.97 30.36 -27.75
C ALA A 2203 7.11 34.50 -33.90
C ALA A 2203 0.13 29.28 -28.43
N GLY A 2204 8.24 34.98 -33.36
N GLY A 2204 0.59 28.02 -28.39
CA GLY A 2204 8.49 34.88 -31.91
CA GLY A 2204 -0.13 26.89 -29.01
C GLY A 2204 7.47 35.64 -31.10
C GLY A 2204 -0.42 25.80 -28.00
N GLU A 2205 7.07 36.82 -31.57
N GLU A 2205 -1.55 25.10 -28.12
CA GLU A 2205 6.02 37.61 -30.86
CA GLU A 2205 -1.94 24.02 -27.19
C GLU A 2205 4.74 36.77 -30.80
C GLU A 2205 -1.53 22.66 -27.79
N GLU A 2206 4.35 36.18 -31.94
N GLU A 2206 -2.15 21.72 -26.81
CA GLU A 2206 3.13 35.34 -31.99
CA GLU A 2206 -1.21 20.82 -27.49
C GLU A 2206 3.31 34.12 -31.08
C GLU A 2206 -1.63 19.37 -27.29
N SER A 2207 4.51 33.52 -31.07
N SER A 2207 -1.70 18.62 -28.39
CA SER A 2207 4.77 32.34 -30.22
CA SER A 2207 -2.12 17.23 -28.30
C SER A 2207 4.56 32.71 -28.75
C SER A 2207 -1.10 16.42 -27.53
N MET A 2208 5.04 33.89 -28.34
N MET A 2208 -1.60 15.51 -26.68
CA MET A 2208 4.84 34.36 -26.94
CA MET A 2208 -0.69 14.63 -25.96
C MET A 2208 3.34 34.57 -26.70
C MET A 2208 0.08 13.74 -26.92
N VAL A 2209 2.65 35.26 -27.61
N VAL A 2209 -0.50 13.45 -28.09
CA VAL A 2209 1.18 35.44 -27.47
CA VAL A 2209 0.21 12.60 -29.05
C VAL A 2209 0.57 34.06 -27.26
C VAL A 2209 1.50 13.28 -29.48
N ASP A 2210 1.06 33.05 -27.99
N ASP A 2210 1.47 14.57 -29.78
CA ASP A 2210 0.50 31.68 -27.88
CA ASP A 2210 2.71 15.23 -30.20
C ASP A 2210 0.84 31.12 -26.49
C ASP A 2210 3.56 15.62 -29.00
N GLN A 2211 2.07 31.34 -26.03
N GLN A 2211 2.95 15.86 -27.84
CA GLN A 2211 2.46 30.87 -24.67
CA GLN A 2211 3.72 16.25 -26.66
C GLN A 2211 1.57 31.56 -23.62
C GLN A 2211 4.79 15.23 -26.33
N VAL A 2212 1.45 32.88 -23.66
N VAL A 2212 4.40 13.96 -26.23
CA VAL A 2212 0.68 33.60 -22.61
CA VAL A 2212 5.36 12.91 -25.96
C VAL A 2212 -0.80 33.18 -22.72
C VAL A 2212 6.31 12.72 -27.14
N LEU A 2213 -1.29 32.98 -23.95
N LEU A 2213 5.82 12.89 -28.36
CA LEU A 2213 -2.70 32.57 -24.15
CA LEU A 2213 6.66 12.67 -29.54
C LEU A 2213 -2.91 31.21 -23.45
C LEU A 2213 7.90 13.53 -29.50
N ARG A 2214 -1.99 30.26 -23.66
N ARG A 2214 7.74 14.81 -29.18
CA ARG A 2214 -2.09 28.91 -23.06
CA ARG A 2214 8.89 15.69 -29.11
C ARG A 2214 -1.99 29.02 -21.53
C ARG A 2214 9.81 15.30 -27.96
N ALA A 2215 -1.13 29.91 -21.04
N ALA A 2215 9.24 15.02 -26.78
CA ALA A 2215 -0.99 30.11 -19.58
CA ALA A 2215 10.05 14.63 -25.64
C ALA A 2215 -2.33 30.58 -19.00
C ALA A 2215 10.79 13.32 -25.92
N VAL A 2216 -3.00 31.51 -19.69
N VAL A 2216 10.09 12.34 -26.49
CA VAL A 2216 -4.33 31.99 -19.23
CA VAL A 2216 10.73 11.08 -26.84
C VAL A 2216 -5.34 30.84 -19.30
C VAL A 2216 11.75 11.29 -27.94
N GLY A 2217 -5.28 30.04 -20.37
N GLY A 2217 11.37 12.06 -28.97
CA GLY A 2217 -6.26 28.94 -20.55
CA GLY A 2217 12.32 12.37 -30.02
C GLY A 2217 -6.05 27.81 -19.56
C GLY A 2217 13.52 13.14 -29.52
N LYS A 2218 -4.80 27.33 -19.42
N LYS A 2218 13.33 13.96 -28.48
CA LYS A 2218 -4.59 26.18 -18.55
CA LYS A 2218 14.44 14.68 -27.89
C LYS A 2218 -5.20 26.39 -17.17
C LYS A 2218 15.41 13.74 -27.19
N VAL A 2219 -5.26 27.65 -16.71
N VAL A 2219 14.92 12.63 -26.64
CA VAL A 2219 -5.83 27.92 -15.38
CA VAL A 2219 15.80 11.67 -26.00
C VAL A 2219 -7.27 27.44 -15.33
C VAL A 2219 16.85 11.18 -26.97
N LEU A 2220 -8.06 27.72 -16.37
N LEU A 2220 16.43 10.86 -28.20
CA LEU A 2220 -9.46 27.36 -16.38
CA LEU A 2220 17.36 10.29 -29.15
C LEU A 2220 -9.69 25.86 -16.58
C LEU A 2220 18.32 11.32 -29.72
N GLY A 2221 -8.77 25.18 -17.24
N GLY A 2221 17.99 12.60 -29.63
CA GLY A 2221 -8.92 23.75 -17.48
CA GLY A 2221 18.87 13.64 -30.13
C GLY A 2221 -9.28 23.42 -18.91
C GLY A 2221 18.43 14.11 -31.50
N ILE A 2222 -8.62 24.09 -19.85
N ILE A 2222 17.12 14.20 -31.71
CA ILE A 2222 -8.83 23.89 -21.28
CA ILE A 2222 16.55 14.63 -32.97
C ILE A 2222 -7.52 23.38 -21.86
C ILE A 2222 15.83 15.95 -32.71
N LYS A 2223 -7.51 22.14 -22.37
N LYS A 2223 16.35 17.03 -33.30
CA LYS A 2223 -6.30 21.63 -22.99
CA LYS A 2223 15.71 18.33 -33.13
C LYS A 2223 -5.95 22.41 -24.25
C LYS A 2223 14.32 18.36 -33.73
N ASP A 2224 -6.95 22.72 -25.07
N ASP A 2224 14.15 17.77 -34.91
CA ASP A 2224 -6.75 23.45 -26.32
CA ASP A 2224 12.86 17.73 -35.61
C ASP A 2224 -7.43 24.81 -26.19
C ASP A 2224 12.40 16.28 -35.69
N VAL A 2225 -6.62 25.85 -26.06
N VAL A 2225 11.39 15.94 -34.88
CA VAL A 2225 -7.18 27.21 -25.93
CA VAL A 2225 10.89 14.57 -34.87
C VAL A 2225 -7.90 27.62 -27.20
C VAL A 2225 10.26 14.21 -36.22
N SER A 2226 -7.28 27.37 -28.35
N SER A 2226 9.45 15.11 -36.77
CA SER A 2226 -7.86 27.83 -29.62
CA SER A 2226 8.75 14.80 -38.00
C SER A 2226 -9.17 27.13 -29.93
C SER A 2226 9.70 14.62 -39.19
N SER A 2227 -9.40 25.95 -29.37
N SER A 2227 10.90 15.19 -39.11
CA SER A 2227 -10.63 25.22 -29.64
CA SER A 2227 11.85 15.08 -40.22
C SER A 2227 -11.86 25.99 -29.15
C SER A 2227 12.26 13.63 -40.45
N VAL A 2228 -11.77 26.59 -27.96
N VAL A 2228 12.53 12.88 -39.38
CA VAL A 2228 -12.91 27.27 -27.38
CA VAL A 2228 13.01 11.52 -39.53
C VAL A 2228 -13.14 28.60 -28.09
C VAL A 2228 11.87 10.62 -39.98
N ASP A 2229 -14.35 29.13 -27.93
N ASP A 2229 12.24 9.45 -40.52
CA ASP A 2229 -14.73 30.35 -28.61
CA ASP A 2229 11.26 8.50 -41.04
C ASP A 2229 -13.91 31.53 -28.10
C ASP A 2229 10.38 7.97 -39.91
N GLY A 2230 -13.72 32.51 -28.98
N GLY A 2230 9.13 7.64 -40.27
CA GLY A 2230 -13.01 33.73 -28.66
CA GLY A 2230 8.17 7.14 -39.30
C GLY A 2230 -13.87 34.87 -28.18
C GLY A 2230 8.02 5.63 -39.34
N ASP A 2231 -15.20 34.69 -28.14
N ASP A 2231 8.98 4.94 -39.95
CA ASP A 2231 -16.09 35.75 -27.70
CA ASP A 2231 8.96 3.49 -40.03
C ASP A 2231 -16.91 35.33 -26.47
C ASP A 2231 10.31 2.89 -39.71
N LYS A 2232 -16.51 34.26 -25.80
N LYS A 2232 11.28 3.71 -39.29
CA LYS A 2232 -17.18 33.78 -24.60
CA LYS A 2232 12.60 3.26 -38.91
C LYS A 2232 -16.40 34.26 -23.39
C LYS A 2232 12.61 2.99 -37.40
N GLU A 2233 -17.08 34.97 -22.50
N GLU A 2233 13.06 1.81 -37.02
CA GLU A 2233 -16.41 35.49 -21.31
CA GLU A 2233 13.06 1.43 -35.61
C GLU A 2233 -16.04 34.35 -20.37
C GLU A 2233 14.10 2.24 -34.85
N PHE A 2234 -15.03 34.59 -19.53
N PHE A 2234 13.86 2.41 -33.56
CA PHE A 2234 -14.53 33.54 -18.66
CA PHE A 2234 14.71 3.28 -32.75
C PHE A 2234 -15.61 33.03 -17.72
C PHE A 2234 16.13 2.73 -32.64
N ILE A 2235 -16.44 33.93 -17.20
N ILE A 2235 16.30 1.41 -32.73
CA ILE A 2235 -17.47 33.49 -16.27
CA ILE A 2235 17.66 0.86 -32.74
C ILE A 2235 -18.42 32.50 -16.95
C ILE A 2235 18.40 1.26 -34.00
N ASP A 2236 -18.54 32.57 -18.27
N ASP A 2236 17.68 1.44 -35.11
CA ASP A 2236 -19.45 31.67 -18.97
CA ASP A 2236 18.34 1.83 -36.35
C ASP A 2236 -18.88 30.26 -19.04
C ASP A 2236 18.92 3.24 -36.26
N MET A 2237 -17.57 30.09 -18.89
N MET A 2237 18.42 4.07 -35.35
CA MET A 2237 -17.00 28.76 -18.71
CA MET A 2237 19.07 5.34 -35.04
C MET A 2237 -16.90 28.44 -17.22
C MET A 2237 20.10 5.22 -33.93
N GLY A 2238 -16.28 29.35 -16.45
N GLY A 2238 19.93 4.25 -33.03
CA GLY A 2238 -16.23 29.14 -14.99
CA GLY A 2238 20.89 4.07 -31.96
C GLY A 2238 -15.16 29.98 -14.31
C GLY A 2238 20.36 4.22 -30.54
N VAL A 2239 -15.50 31.19 -13.85
N VAL A 2239 19.11 3.81 -30.29
CA VAL A 2239 -14.53 32.02 -13.07
CA VAL A 2239 18.58 3.83 -28.94
C VAL A 2239 -15.27 32.63 -11.88
C VAL A 2239 19.53 3.07 -28.02
N ASP A 2240 -15.07 32.08 -10.68
N ASP A 2240 19.98 3.74 -26.95
CA ASP A 2240 -15.69 32.67 -9.47
CA ASP A 2240 20.97 3.22 -26.02
C ASP A 2240 -14.72 33.70 -8.89
C ASP A 2240 20.29 2.72 -24.74
N SER A 2241 -13.48 33.27 -8.60
N SER A 2241 21.37 2.13 -24.13
CA SER A 2241 -12.45 34.18 -8.03
CA SER A 2241 20.74 1.48 -22.95
C SER A 2241 -11.10 33.46 -8.12
C SER A 2241 20.12 2.52 -22.02
N LEU A 2242 -10.97 32.32 -7.45
N LEU A 2242 20.48 4.33 -21.75
CA LEU A 2242 -9.72 31.52 -7.49
CA LEU A 2242 19.97 5.46 -21.00
C LEU A 2242 -9.06 31.65 -8.87
C LEU A 2242 18.92 6.22 -21.79
N MET A 2243 -9.78 31.27 -9.93
N MET A 2243 18.99 6.12 -23.11
CA MET A 2243 -9.23 31.38 -11.31
CA MET A 2243 17.93 6.64 -23.95
C MET A 2243 -8.73 32.82 -11.53
C MET A 2243 16.64 5.86 -23.74
N SER A 2244 -9.65 33.79 -11.54
N SER A 2244 16.74 4.53 -23.75
CA SER A 2244 -9.26 35.21 -11.73
CA SER A 2244 15.53 3.70 -23.60
C SER A 2244 -8.02 35.54 -10.89
C SER A 2244 14.88 3.87 -22.24
N VAL A 2245 -8.05 35.22 -9.59
N VAL A 2245 15.68 4.01 -21.18
CA VAL A 2245 -6.90 35.52 -8.69
CA VAL A 2245 15.07 4.23 -19.87
C VAL A 2245 -5.62 34.92 -9.30
C VAL A 2245 14.37 5.58 -19.85
N GLU A 2246 -5.56 33.60 -9.42
N GLU A 2246 14.98 6.60 -20.46
CA GLU A 2246 -4.38 32.98 -9.99
CA GLU A 2246 14.33 7.91 -20.51
C GLU A 2246 -4.06 33.54 -11.38
C GLU A 2246 13.06 7.87 -21.35
N ILE A 2247 -5.08 33.74 -12.21
N ILE A 2247 13.13 7.27 -22.54
CA ILE A 2247 -4.85 34.27 -13.55
CA ILE A 2247 11.94 7.15 -23.37
C ILE A 2247 -4.20 35.64 -13.47
C ILE A 2247 10.83 6.49 -22.57
N LYS A 2248 -4.71 36.51 -12.59
N LYS A 2248 11.10 5.28 -22.08
CA LYS A 2248 -4.11 37.83 -12.45
CA LYS A 2248 10.08 4.52 -21.36
C LYS A 2248 -2.63 37.73 -12.16
C LYS A 2248 9.61 5.27 -20.12
N GLN A 2249 -2.23 36.84 -11.26
N GLN A 2249 10.55 5.77 -19.31
CA GLN A 2249 -0.82 36.69 -10.94
CA GLN A 2249 10.15 6.54 -18.13
C GLN A 2249 -0.04 36.13 -12.13
C GLN A 2249 9.43 7.82 -18.53
N ALA A 2250 -0.64 35.20 -12.87
N ALA A 2250 9.91 8.49 -19.59
CA ALA A 2250 0.05 34.61 -14.01
CA ALA A 2250 9.25 9.71 -20.04
C ALA A 2250 0.37 35.66 -15.07
C ALA A 2250 7.83 9.43 -20.51
N LEU A 2251 -0.59 36.52 -15.40
N LEU A 2251 7.59 8.25 -21.08
CA LEU A 2251 -0.34 37.56 -16.40
CA LEU A 2251 6.22 7.88 -21.44
C LEU A 2251 0.75 38.51 -15.92
C LEU A 2251 5.34 7.73 -20.21
N GLU A 2252 0.73 38.88 -14.65
N GLU A 2252 5.86 7.08 -19.17
CA GLU A 2252 1.82 39.69 -14.10
CA GLU A 2252 5.12 6.97 -17.92
C GLU A 2252 3.15 38.94 -14.21
C GLU A 2252 4.87 8.35 -17.33
N ARG A 2253 3.14 37.64 -13.90
N ARG A 2253 5.87 9.22 -17.34
CA ARG A 2253 4.35 36.83 -14.01
CA ARG A 2253 5.71 10.57 -16.83
C ARG A 2253 4.71 36.56 -15.46
C ARG A 2253 4.87 11.44 -17.74
N ASP A 2254 3.74 36.60 -16.37
N ASP A 2254 4.82 11.13 -19.04
CA ASP A 2254 3.99 36.24 -17.76
CA ASP A 2254 4.09 11.95 -20.01
C ASP A 2254 4.14 37.45 -18.66
C ASP A 2254 2.72 11.40 -20.36
N ALA A 2255 3.44 38.55 -18.37
N ALA A 2255 2.56 10.08 -20.40
CA ALA A 2255 3.56 39.77 -19.14
CA ALA A 2255 1.28 9.45 -20.72
C ALA A 2255 3.46 40.96 -18.19
C ALA A 2255 1.12 8.23 -19.81
N GLY A 2256 3.38 42.16 -18.75
N GLY A 2256 0.07 7.46 -20.07
CA GLY A 2256 3.29 43.37 -17.97
CA GLY A 2256 -0.21 6.26 -19.30
C GLY A 2256 1.90 43.78 -17.56
C GLY A 2256 0.49 5.02 -19.79
N LEU A 2257 0.89 42.99 -17.91
N LEU A 2257 1.32 5.11 -20.82
CA LEU A 2257 -0.49 43.33 -17.56
CA LEU A 2257 1.99 3.94 -21.34
C LEU A 2257 -0.72 43.17 -16.07
C LEU A 2257 3.07 3.45 -20.38
N VAL A 2258 -1.50 44.08 -15.50
N VAL A 2258 3.18 2.12 -20.28
CA VAL A 2258 -1.91 44.02 -14.10
CA VAL A 2258 4.26 1.47 -19.55
C VAL A 2258 -3.42 44.26 -14.08
C VAL A 2258 4.79 0.40 -20.49
N ILE A 2259 -4.21 43.18 -14.05
N ILE A 2259 5.86 0.72 -21.21
CA ILE A 2259 -5.65 43.26 -14.21
CA ILE A 2259 6.40 -0.14 -22.23
C ILE A 2259 -6.34 42.92 -12.89
C ILE A 2259 7.65 -0.83 -21.69
N SER A 2260 -7.36 43.70 -12.54
N SER A 2260 8.20 -1.75 -22.48
CA SER A 2260 -8.13 43.43 -11.34
CA SER A 2260 9.44 -2.45 -22.13
C SER A 2260 -8.91 42.13 -11.48
C SER A 2260 10.56 -1.97 -23.04
N THR A 2261 -9.23 41.52 -10.34
N THR A 2261 11.78 -1.90 -22.50
CA THR A 2261 -9.88 40.22 -10.36
CA THR A 2261 12.89 -1.45 -23.33
C THR A 2261 -11.25 40.29 -11.02
C THR A 2261 13.07 -2.34 -24.54
N LYS A 2262 -12.04 41.31 -10.70
N LYS A 2262 12.65 -3.60 -24.44
CA LYS A 2262 -13.39 41.40 -11.24
CA LYS A 2262 12.77 -4.52 -25.57
C LYS A 2262 -13.37 41.47 -12.76
C LYS A 2262 11.93 -4.10 -26.75
N ASP A 2263 -12.44 42.24 -13.33
N ASP A 2263 10.94 -3.22 -26.56
CA ASP A 2263 -12.39 42.38 -14.78
CA ASP A 2263 10.21 -2.64 -27.67
C ASP A 2263 -11.96 41.10 -15.48
C ASP A 2263 10.67 -1.23 -28.00
N THR A 2264 -11.42 40.12 -14.74
N THR A 2264 11.22 -0.49 -27.04
CA THR A 2264 -10.99 38.88 -15.36
CA THR A 2264 11.78 0.82 -27.36
C THR A 2264 -12.16 37.99 -15.73
C THR A 2264 12.93 0.72 -28.33
N GLN A 2265 -13.20 37.98 -14.90
N GLN A 2265 13.53 -0.47 -28.44
CA GLN A 2265 -14.35 37.11 -15.14
CA GLN A 2265 14.57 -0.71 -29.44
C GLN A 2265 -15.31 37.66 -16.19
C GLN A 2265 14.00 -1.22 -30.75
N LEU A 2266 -15.08 38.88 -16.66
N LEU A 2266 12.69 -1.49 -30.80
CA LEU A 2266 -15.88 39.46 -17.74
CA LEU A 2266 12.07 -1.91 -32.05
C LEU A 2266 -15.03 39.80 -18.95
C LEU A 2266 10.73 -1.21 -32.25
N MET A 2267 -13.87 39.15 -19.11
N MET A 2267 10.50 -0.11 -31.52
CA MET A 2267 -12.99 39.38 -20.24
CA MET A 2267 9.26 0.66 -31.61
C MET A 2267 -12.83 38.09 -21.02
C MET A 2267 9.52 1.88 -32.49
N THR A 2268 -13.06 38.16 -22.32
N THR A 2268 8.92 1.88 -33.68
CA THR A 2268 -13.01 36.99 -23.18
CA THR A 2268 9.11 2.94 -34.66
C THR A 2268 -11.57 36.74 -23.65
C THR A 2268 8.35 4.17 -34.21
N PHE A 2269 -11.37 35.56 -24.24
N PHE A 2269 8.27 5.18 -35.09
CA PHE A 2269 -10.05 35.20 -24.73
CA PHE A 2269 7.55 6.41 -34.76
C PHE A 2269 -9.57 36.18 -25.79
C PHE A 2269 6.07 6.33 -35.07
N ASN A 2270 -10.45 36.57 -26.71
N ASN A 2270 5.67 5.60 -36.12
CA ASN A 2270 -10.03 37.61 -27.72
CA ASN A 2270 4.25 5.38 -36.37
C ASN A 2270 -9.53 38.87 -27.00
C ASN A 2270 3.62 4.58 -35.25
N THR A 2271 -10.19 39.26 -25.91
N THR A 2271 4.21 3.43 -34.91
CA THR A 2271 -9.81 40.51 -25.20
CA THR A 2271 3.66 2.62 -33.84
C THR A 2271 -8.37 40.42 -24.71
C THR A 2271 3.63 3.41 -32.54
N LEU A 2272 -8.03 39.32 -24.03
N LEU A 2272 4.62 4.27 -32.34
CA LEU A 2272 -6.66 39.21 -23.45
CA LEU A 2272 4.63 5.14 -31.17
C LEU A 2272 -5.65 39.11 -24.61
C LEU A 2272 3.37 5.99 -31.13
N ARG A 2273 -6.04 38.51 -25.74
N ARG A 2273 3.04 6.65 -32.24
CA ARG A 2273 -5.14 38.45 -26.92
CA ARG A 2273 1.87 7.52 -32.28
C ARG A 2273 -4.83 39.88 -27.36
C ARG A 2273 0.57 6.75 -32.11
N SER A 2274 -5.87 40.69 -27.57
N SER A 2274 0.59 5.44 -32.36
CA SER A 2274 -5.66 42.10 -27.97
CA SER A 2274 -0.60 4.63 -32.24
C SER A 2274 -4.80 42.81 -26.93
C SER A 2274 -0.89 4.27 -30.78
N MET A 2275 -4.98 42.48 -25.64
N MET A 2275 0.15 3.85 -30.05
CA MET A 2275 -4.21 43.15 -24.55
CA MET A 2275 -0.04 3.41 -28.66
C MET A 2275 -2.72 42.81 -24.64
C MET A 2275 -0.68 4.51 -27.81
N VAL A 2276 -2.37 41.53 -24.85
N VAL A 2276 -0.22 5.75 -27.98
CA VAL A 2276 -0.93 41.14 -24.82
CA VAL A 2276 -0.74 6.85 -27.17
C VAL A 2276 -0.18 41.77 -26.01
C VAL A 2276 -2.24 7.03 -27.40
N LYS A 2277 -0.84 42.67 -26.74
N LYS A 2277 -2.67 6.98 -28.67
CA LYS A 2277 -0.19 43.37 -27.84
CA LYS A 2277 -4.08 7.17 -28.97
C LYS A 2277 0.03 44.84 -27.51
C LYS A 2277 -4.93 6.08 -28.32
N GLY A 2278 -0.97 45.49 -26.91
N GLY A 2278 -4.47 4.84 -28.37
CA GLY A 2278 -0.87 46.89 -26.56
CA GLY A 2278 -5.21 3.73 -27.79
C GLY A 2278 0.32 47.21 -25.66
C GLY A 2278 -5.49 3.91 -26.32
N PRO B 16 -29.47 53.74 -2.11
CA PRO B 16 -28.81 52.76 -1.25
C PRO B 16 -29.79 51.96 -0.37
N PRO B 17 -30.79 52.63 0.22
CA PRO B 17 -31.78 51.88 1.00
C PRO B 17 -32.49 50.84 0.15
N LYS B 18 -32.80 49.70 0.77
CA LYS B 18 -33.44 48.58 0.09
C LYS B 18 -34.92 48.53 0.47
N THR B 19 -35.78 48.39 -0.54
CA THR B 19 -37.21 48.32 -0.30
C THR B 19 -37.56 46.94 0.27
N PRO B 20 -38.14 46.85 1.46
CA PRO B 20 -38.49 45.52 2.00
C PRO B 20 -39.47 44.79 1.10
N ASN B 21 -39.29 43.48 1.00
CA ASN B 21 -40.22 42.63 0.27
C ASN B 21 -41.49 42.43 1.10
N VAL B 22 -42.63 42.37 0.42
CA VAL B 22 -43.92 42.21 1.07
C VAL B 22 -44.13 40.71 1.30
N VAL B 23 -43.91 40.27 2.54
CA VAL B 23 -44.11 38.88 2.93
C VAL B 23 -45.48 38.79 3.58
N GLU B 24 -46.46 38.30 2.82
CA GLU B 24 -47.83 38.16 3.30
C GLU B 24 -48.35 36.77 3.00
N PRO B 25 -49.27 36.26 3.81
CA PRO B 25 -49.81 34.91 3.55
C PRO B 25 -50.48 34.83 2.19
N TYR B 26 -50.36 33.68 1.54
CA TYR B 26 -50.98 33.42 0.25
C TYR B 26 -52.14 32.45 0.45
N LYS B 27 -53.31 32.83 -0.05
CA LYS B 27 -54.52 32.04 0.09
C LYS B 27 -55.01 31.46 -1.22
N GLY B 28 -54.24 31.59 -2.29
CA GLY B 28 -54.62 31.07 -3.59
C GLY B 28 -54.23 29.63 -3.79
N GLU B 29 -54.28 29.19 -5.03
CA GLU B 29 -54.00 27.82 -5.41
C GLU B 29 -52.53 27.67 -5.84
N VAL B 30 -51.97 26.50 -5.58
CA VAL B 30 -50.62 26.15 -5.99
C VAL B 30 -50.71 25.05 -7.05
N ALA B 31 -50.08 25.27 -8.19
CA ALA B 31 -50.19 24.38 -9.33
C ALA B 31 -48.81 23.89 -9.76
N ILE B 32 -48.74 22.60 -10.10
CA ILE B 32 -47.53 22.01 -10.67
C ILE B 32 -47.54 22.28 -12.17
N CYS B 33 -46.53 23.00 -12.65
CA CYS B 33 -46.48 23.46 -14.03
C CYS B 33 -45.57 22.62 -14.91
N GLY B 34 -44.37 22.30 -14.45
CA GLY B 34 -43.38 21.59 -15.25
C GLY B 34 -42.98 20.27 -14.60
N LEU B 35 -42.62 19.31 -15.45
CA LEU B 35 -42.14 18.02 -14.99
C LEU B 35 -41.11 17.50 -15.98
N SER B 36 -40.01 16.96 -15.43
CA SER B 36 -38.97 16.36 -16.25
C SER B 36 -38.15 15.44 -15.36
N GLY B 37 -37.44 14.51 -15.99
CA GLY B 37 -36.60 13.60 -15.24
C GLY B 37 -36.09 12.41 -16.03
N ARG B 38 -35.07 11.75 -15.50
CA ARG B 38 -34.54 10.52 -16.07
C ARG B 38 -34.99 9.35 -15.20
N TYR B 39 -35.65 8.38 -15.82
CA TYR B 39 -36.17 7.22 -15.14
C TYR B 39 -35.56 5.96 -15.75
N PRO B 40 -35.60 4.83 -15.04
CA PRO B 40 -34.96 3.62 -15.56
C PRO B 40 -35.49 3.27 -16.94
N GLU B 41 -34.57 3.03 -17.88
CA GLU B 41 -34.93 2.73 -19.26
C GLU B 41 -35.81 3.83 -19.85
N SER B 42 -35.50 5.08 -19.48
CA SER B 42 -36.26 6.23 -19.98
C SER B 42 -35.37 7.46 -19.87
N ALA B 43 -35.12 8.12 -21.00
CA ALA B 43 -34.35 9.35 -21.04
C ALA B 43 -35.21 10.60 -20.91
N ASN B 44 -36.53 10.45 -20.84
CA ASN B 44 -37.42 11.59 -20.74
C ASN B 44 -38.78 11.11 -20.22
N VAL B 45 -39.67 12.07 -19.99
CA VAL B 45 -41.00 11.74 -19.47
C VAL B 45 -41.80 10.96 -20.52
N GLY B 46 -41.62 11.29 -21.79
CA GLY B 46 -42.36 10.59 -22.84
C GLY B 46 -42.06 9.11 -22.88
N GLU B 47 -40.78 8.75 -22.77
CA GLU B 47 -40.41 7.35 -22.75
C GLU B 47 -41.00 6.63 -21.54
N LEU B 48 -40.97 7.29 -20.38
CA LEU B 48 -41.57 6.70 -19.19
C LEU B 48 -43.06 6.46 -19.39
N GLU B 49 -43.77 7.44 -19.96
CA GLU B 49 -45.20 7.28 -20.20
C GLU B 49 -45.46 6.13 -21.16
N TYR B 50 -44.70 6.06 -22.26
CA TYR B 50 -44.89 5.01 -23.24
C TYR B 50 -44.67 3.65 -22.60
N ASN B 51 -43.59 3.50 -21.83
CA ASN B 51 -43.31 2.21 -21.20
C ASN B 51 -44.37 1.85 -20.18
N LEU B 52 -44.82 2.82 -19.39
CA LEU B 52 -45.85 2.54 -18.39
C LEU B 52 -47.15 2.09 -19.04
N PHE B 53 -47.55 2.75 -20.12
CA PHE B 53 -48.81 2.41 -20.78
C PHE B 53 -48.72 1.20 -21.69
N ASN B 54 -47.52 0.67 -21.91
CA ASN B 54 -47.32 -0.53 -22.73
C ASN B 54 -46.93 -1.74 -21.89
N LYS B 55 -47.02 -1.64 -20.56
CA LYS B 55 -46.70 -2.75 -19.66
C LYS B 55 -45.30 -3.29 -19.94
N ILE B 56 -44.34 -2.38 -20.05
CA ILE B 56 -42.94 -2.72 -20.31
C ILE B 56 -42.18 -2.58 -18.99
N ASP B 57 -41.53 -3.66 -18.56
CA ASP B 57 -40.77 -3.64 -17.32
C ASP B 57 -39.52 -2.79 -17.50
N MET B 58 -39.31 -1.86 -16.57
CA MET B 58 -38.19 -0.93 -16.66
C MET B 58 -36.95 -1.41 -15.95
N VAL B 59 -37.03 -2.52 -15.21
CA VAL B 59 -35.88 -3.09 -14.52
C VAL B 59 -35.30 -4.21 -15.38
N THR B 60 -34.01 -4.11 -15.67
CA THR B 60 -33.35 -5.03 -16.59
C THR B 60 -32.10 -5.61 -15.92
N ILE B 61 -31.51 -6.59 -16.60
CA ILE B 61 -30.32 -7.28 -16.11
C ILE B 61 -29.19 -7.01 -17.11
N ASP B 62 -28.15 -6.33 -16.65
CA ASP B 62 -26.99 -6.01 -17.47
C ASP B 62 -25.90 -5.46 -16.56
N ASN B 63 -24.78 -5.05 -17.16
CA ASN B 63 -23.60 -4.62 -16.43
C ASN B 63 -23.36 -3.12 -16.57
N ARG B 64 -24.44 -2.32 -16.58
CA ARG B 64 -24.29 -0.87 -16.66
C ARG B 64 -23.54 -0.33 -15.45
N ARG B 65 -23.89 -0.83 -14.25
CA ARG B 65 -23.22 -0.43 -13.02
C ARG B 65 -22.21 -1.48 -12.55
N TRP B 66 -22.64 -2.74 -12.47
CA TRP B 66 -21.74 -3.83 -12.10
C TRP B 66 -22.29 -5.12 -12.68
N GLU B 67 -21.46 -6.16 -12.68
CA GLU B 67 -21.85 -7.41 -13.30
C GLU B 67 -23.11 -7.97 -12.64
N PRO B 68 -24.00 -8.61 -13.40
CA PRO B 68 -25.24 -9.12 -12.81
C PRO B 68 -25.00 -10.28 -11.84
N GLY B 69 -24.54 -9.95 -10.63
CA GLY B 69 -24.25 -10.95 -9.64
C GLY B 69 -22.98 -10.65 -8.87
N TYR B 70 -22.33 -9.53 -9.18
CA TYR B 70 -21.11 -9.17 -8.48
C TYR B 70 -21.36 -9.05 -6.99
N LEU B 71 -20.49 -9.68 -6.20
CA LEU B 71 -20.60 -9.71 -4.74
C LEU B 71 -21.91 -10.35 -4.27
N GLY B 72 -22.58 -11.09 -5.14
CA GLY B 72 -23.82 -11.74 -4.78
C GLY B 72 -25.04 -10.84 -4.75
N THR B 73 -24.92 -9.61 -5.23
CA THR B 73 -26.06 -8.70 -5.22
C THR B 73 -27.12 -9.16 -6.21
N PRO B 74 -28.37 -8.74 -6.03
CA PRO B 74 -29.42 -9.12 -6.98
C PRO B 74 -29.07 -8.71 -8.39
N GLU B 75 -29.38 -9.59 -9.34
CA GLU B 75 -29.00 -9.36 -10.73
C GLU B 75 -29.77 -8.20 -11.34
N ARG B 76 -31.09 -8.20 -11.19
CA ARG B 76 -31.92 -7.18 -11.81
C ARG B 76 -31.91 -5.89 -11.01
N MET B 77 -32.03 -4.77 -11.72
CA MET B 77 -31.97 -3.45 -11.11
C MET B 77 -32.60 -2.44 -12.06
N GLY B 78 -32.97 -1.30 -11.50
CA GLY B 78 -33.50 -0.20 -12.29
C GLY B 78 -32.47 0.90 -12.48
N LYS B 79 -32.01 1.07 -13.71
CA LYS B 79 -30.92 1.99 -14.01
C LYS B 79 -31.30 2.89 -15.18
N VAL B 80 -30.86 4.14 -15.11
CA VAL B 80 -31.11 5.12 -16.18
C VAL B 80 -30.23 4.78 -17.38
N LYS B 81 -30.52 5.40 -18.52
CA LYS B 81 -29.80 5.07 -19.75
C LYS B 81 -28.32 5.44 -19.64
N THR B 82 -28.03 6.66 -19.20
CA THR B 82 -26.65 7.13 -19.13
C THR B 82 -26.54 8.22 -18.06
N ILE B 83 -25.36 8.28 -17.44
CA ILE B 83 -25.09 9.27 -16.41
C ILE B 83 -23.74 9.93 -16.67
N THR B 84 -23.19 9.71 -17.87
CA THR B 84 -21.89 10.26 -18.23
C THR B 84 -22.01 11.48 -19.14
N ASP B 85 -23.20 12.05 -19.28
CA ASP B 85 -23.44 13.15 -20.20
C ASP B 85 -23.83 14.41 -19.42
N PHE B 86 -23.30 15.56 -19.87
CA PHE B 86 -23.62 16.83 -19.24
C PHE B 86 -23.18 17.99 -20.13
N ASP B 87 -24.08 18.96 -20.33
CA ASP B 87 -23.77 20.16 -21.12
C ASP B 87 -23.20 21.21 -20.18
N ALA B 88 -21.91 21.06 -19.86
CA ALA B 88 -21.27 21.94 -18.91
C ALA B 88 -21.24 23.38 -19.40
N GLU B 89 -20.91 23.60 -20.68
CA GLU B 89 -20.79 24.95 -21.20
C GLU B 89 -22.09 25.73 -21.04
N PHE B 90 -23.23 25.04 -21.11
CA PHE B 90 -24.51 25.71 -20.92
C PHE B 90 -24.64 26.30 -19.53
N PHE B 91 -24.18 25.57 -18.51
CA PHE B 91 -24.32 25.99 -17.13
C PHE B 91 -23.11 26.76 -16.61
N GLY B 92 -22.13 27.06 -17.47
CA GLY B 92 -20.97 27.81 -17.04
C GLY B 92 -20.09 27.08 -16.05
N VAL B 93 -19.94 25.77 -16.20
CA VAL B 93 -19.08 24.96 -15.35
C VAL B 93 -17.87 24.54 -16.18
N HIS B 94 -16.68 24.93 -15.73
CA HIS B 94 -15.47 24.57 -16.44
C HIS B 94 -15.20 23.07 -16.31
N THR B 95 -14.29 22.57 -17.15
CA THR B 95 -14.05 21.14 -17.22
C THR B 95 -13.58 20.59 -15.87
N LYS B 96 -12.71 21.33 -15.18
CA LYS B 96 -12.22 20.87 -13.88
C LYS B 96 -13.37 20.72 -12.89
N GLY B 97 -14.27 21.70 -12.84
CA GLY B 97 -15.40 21.61 -11.94
C GLY B 97 -16.38 20.51 -12.32
N ALA B 98 -16.64 20.38 -13.62
CA ALA B 98 -17.58 19.36 -14.08
C ALA B 98 -17.06 17.95 -13.78
N GLN B 99 -15.75 17.73 -13.97
CA GLN B 99 -15.18 16.42 -13.70
C GLN B 99 -15.36 16.03 -12.24
N THR B 100 -15.11 16.96 -11.33
CA THR B 100 -15.34 16.73 -9.90
C THR B 100 -16.75 17.17 -9.50
N MET B 101 -17.74 16.67 -10.25
CA MET B 101 -19.13 16.99 -10.03
C MET B 101 -19.94 15.70 -10.04
N ASP B 102 -20.85 15.57 -9.08
CA ASP B 102 -21.65 14.37 -8.99
C ASP B 102 -22.51 14.23 -10.24
N PRO B 103 -22.57 13.05 -10.87
CA PRO B 103 -23.49 12.88 -12.00
C PRO B 103 -24.93 13.17 -11.62
N MET B 104 -25.31 12.88 -10.38
CA MET B 104 -26.66 13.19 -9.92
C MET B 104 -26.94 14.69 -10.03
N LEU B 105 -25.99 15.52 -9.62
CA LEU B 105 -26.19 16.96 -9.67
C LEU B 105 -26.31 17.45 -11.11
N ARG B 106 -25.48 16.91 -12.02
CA ARG B 106 -25.55 17.31 -13.42
C ARG B 106 -26.90 16.94 -14.03
N ASN B 107 -27.32 15.70 -13.80
CA ASN B 107 -28.62 15.27 -14.31
C ASN B 107 -29.75 16.09 -13.72
N LEU B 108 -29.63 16.44 -12.43
CA LEU B 108 -30.66 17.25 -11.79
C LEU B 108 -30.71 18.65 -12.39
N LEU B 109 -29.56 19.23 -12.69
CA LEU B 109 -29.54 20.54 -13.33
C LEU B 109 -30.21 20.49 -14.70
N GLU B 110 -29.86 19.48 -15.50
CA GLU B 110 -30.48 19.35 -16.82
C GLU B 110 -31.98 19.16 -16.70
N VAL B 111 -32.41 18.32 -15.76
CA VAL B 111 -33.83 18.04 -15.58
C VAL B 111 -34.57 19.28 -15.08
N VAL B 112 -33.92 20.07 -14.22
CA VAL B 112 -34.54 21.30 -13.74
C VAL B 112 -34.74 22.28 -14.88
N TYR B 113 -33.74 22.43 -15.75
CA TYR B 113 -33.91 23.29 -16.91
C TYR B 113 -35.03 22.79 -17.80
N GLU B 114 -35.09 21.48 -18.03
CA GLU B 114 -36.14 20.91 -18.87
C GLU B 114 -37.51 21.15 -18.27
N ALA B 115 -37.64 20.98 -16.95
CA ALA B 115 -38.92 21.24 -16.29
C ALA B 115 -39.31 22.70 -16.38
N ILE B 116 -38.34 23.60 -16.21
CA ILE B 116 -38.63 25.03 -16.33
C ILE B 116 -39.14 25.35 -17.72
N VAL B 117 -38.51 24.77 -18.74
CA VAL B 117 -38.98 25.01 -20.11
C VAL B 117 -40.35 24.41 -20.32
N ASP B 118 -40.62 23.26 -19.69
CA ASP B 118 -41.90 22.58 -19.88
C ASP B 118 -43.06 23.43 -19.38
N ALA B 119 -42.85 24.15 -18.27
CA ALA B 119 -43.89 24.97 -17.67
C ALA B 119 -44.16 26.26 -18.44
N GLY B 120 -43.61 26.41 -19.64
CA GLY B 120 -43.81 27.63 -20.40
C GLY B 120 -42.96 28.79 -19.95
N GLU B 121 -41.89 28.53 -19.19
CA GLU B 121 -41.00 29.56 -18.70
C GLU B 121 -39.65 29.46 -19.42
N SER B 122 -38.80 30.45 -19.17
CA SER B 122 -37.52 30.56 -19.84
C SER B 122 -36.47 31.05 -18.85
N LEU B 123 -35.21 31.10 -19.32
CA LEU B 123 -34.13 31.55 -18.45
C LEU B 123 -34.33 33.00 -18.03
N GLU B 124 -34.73 33.87 -18.97
CA GLU B 124 -34.90 35.28 -18.64
C GLU B 124 -36.13 35.51 -17.77
N SER B 125 -37.17 34.69 -17.93
CA SER B 125 -38.38 34.89 -17.15
C SER B 125 -38.21 34.44 -15.70
N MET B 126 -37.46 33.37 -15.48
CA MET B 126 -37.25 32.83 -14.14
C MET B 126 -36.08 33.48 -13.41
N LYS B 127 -35.34 34.36 -14.07
CA LYS B 127 -34.19 35.01 -13.45
C LYS B 127 -34.67 36.11 -12.51
N GLY B 128 -34.14 36.12 -11.29
CA GLY B 128 -34.48 37.13 -10.31
C GLY B 128 -35.78 36.91 -9.57
N THR B 129 -36.48 35.81 -9.83
CA THR B 129 -37.74 35.55 -9.16
C THR B 129 -37.49 34.98 -7.76
N ARG B 130 -38.50 35.10 -6.90
CA ARG B 130 -38.44 34.59 -5.54
C ARG B 130 -38.82 33.11 -5.55
N THR B 131 -37.91 32.31 -6.10
CA THR B 131 -38.09 30.87 -6.22
C THR B 131 -37.17 30.14 -5.25
N GLY B 132 -37.71 29.12 -4.60
CA GLY B 132 -36.95 28.31 -3.65
C GLY B 132 -36.69 26.93 -4.22
N VAL B 133 -35.53 26.38 -3.88
CA VAL B 133 -35.12 25.04 -4.31
C VAL B 133 -35.13 24.13 -3.09
N TYR B 134 -35.71 22.95 -3.24
CA TYR B 134 -35.95 22.02 -2.14
C TYR B 134 -35.49 20.63 -2.52
N ILE B 135 -34.23 20.52 -2.97
CA ILE B 135 -33.75 19.27 -3.51
C ILE B 135 -33.76 18.18 -2.44
N GLY B 136 -34.05 16.96 -2.85
CA GLY B 136 -33.98 15.81 -1.97
C GLY B 136 -32.95 14.80 -2.45
N VAL B 137 -31.86 14.66 -1.71
CA VAL B 137 -30.77 13.75 -2.09
C VAL B 137 -30.16 13.16 -0.82
N SER B 138 -29.83 11.87 -0.90
CA SER B 138 -29.24 11.17 0.25
C SER B 138 -27.95 10.47 -0.14
N ASN B 139 -27.88 9.94 -1.36
CA ASN B 139 -26.70 9.19 -1.78
C ASN B 139 -25.46 10.07 -1.74
N ASN B 140 -24.39 9.54 -1.14
CA ASN B 140 -23.12 10.25 -1.05
C ASN B 140 -21.95 9.32 -1.31
N GLU B 141 -22.14 8.28 -2.13
CA GLU B 141 -21.07 7.33 -2.41
C GLU B 141 -20.01 7.93 -3.32
N VAL B 142 -20.31 9.02 -4.03
CA VAL B 142 -19.33 9.63 -4.91
C VAL B 142 -18.14 10.14 -4.12
N ASP B 143 -18.37 10.61 -2.90
CA ASP B 143 -17.26 11.08 -2.06
C ASP B 143 -16.24 9.97 -1.85
N THR B 144 -16.71 8.78 -1.48
CA THR B 144 -15.79 7.67 -1.26
C THR B 144 -15.03 7.31 -2.54
N ALA B 145 -15.74 7.31 -3.67
CA ALA B 145 -15.10 6.96 -4.94
C ALA B 145 -14.00 7.95 -5.29
N TYR B 146 -14.27 9.25 -5.13
CA TYR B 146 -13.31 10.27 -5.56
C TYR B 146 -12.20 10.51 -4.56
N MET B 147 -12.40 10.18 -3.28
CA MET B 147 -11.39 10.37 -2.25
C MET B 147 -10.49 9.16 -2.04
N LYS B 148 -10.74 8.04 -2.72
CA LYS B 148 -9.88 6.87 -2.57
C LYS B 148 -8.47 7.17 -3.06
N ASN B 149 -8.35 7.82 -4.22
CA ASN B 149 -7.05 8.17 -4.78
C ASN B 149 -6.95 9.68 -4.93
N TRP B 150 -7.35 10.41 -3.88
CA TRP B 150 -7.43 11.86 -3.96
C TRP B 150 -6.07 12.46 -4.31
N THR B 151 -6.09 13.44 -5.21
CA THR B 151 -4.91 14.21 -5.56
C THR B 151 -5.32 15.67 -5.69
N ASP B 152 -4.33 16.54 -5.85
CA ASP B 152 -4.63 17.96 -6.04
C ASP B 152 -5.52 18.14 -7.26
N ASP B 153 -6.14 19.33 -7.35
CA ASP B 153 -7.11 19.77 -8.34
C ASP B 153 -8.51 19.21 -8.04
N ASP B 154 -8.67 18.39 -6.99
CA ASP B 154 -9.96 17.82 -6.64
C ASP B 154 -10.67 18.62 -5.55
N ALA B 155 -10.12 19.76 -5.14
CA ALA B 155 -10.77 20.57 -4.11
C ALA B 155 -12.15 21.03 -4.55
N TYR B 156 -12.34 21.24 -5.86
CA TYR B 156 -13.63 21.69 -6.37
C TYR B 156 -14.77 20.77 -5.97
N MET B 157 -14.47 19.60 -5.40
CA MET B 157 -15.50 18.71 -4.89
C MET B 157 -16.38 19.40 -3.85
N VAL B 158 -15.87 20.42 -3.16
CA VAL B 158 -16.72 21.14 -2.21
C VAL B 158 -17.93 21.74 -2.93
N GLN B 159 -17.71 22.32 -4.11
CA GLN B 159 -18.78 22.97 -4.86
C GLN B 159 -19.40 22.06 -5.90
N GLY B 160 -18.97 20.80 -6.00
CA GLY B 160 -19.49 19.90 -7.00
C GLY B 160 -20.08 18.62 -6.44
N CYS B 161 -19.63 18.23 -5.24
CA CYS B 161 -20.05 16.96 -4.65
C CYS B 161 -20.86 17.11 -3.37
N HIS B 162 -20.67 18.21 -2.64
CA HIS B 162 -21.41 18.40 -1.39
C HIS B 162 -22.91 18.46 -1.68
N HIS B 163 -23.70 17.80 -0.83
CA HIS B 163 -25.13 17.74 -1.04
C HIS B 163 -25.77 19.12 -0.99
N SER B 164 -25.28 19.98 -0.09
CA SER B 164 -25.84 21.33 0.03
C SER B 164 -25.72 22.11 -1.27
N MET B 165 -24.81 21.72 -2.15
CA MET B 165 -24.64 22.40 -3.43
C MET B 165 -25.66 21.97 -4.47
N TYR B 166 -26.37 20.87 -4.26
CA TYR B 166 -27.38 20.44 -5.22
C TYR B 166 -28.44 21.51 -5.43
N PRO B 167 -29.08 22.07 -4.40
CA PRO B 167 -30.02 23.17 -4.63
C PRO B 167 -29.32 24.47 -4.95
N ASN B 168 -28.24 24.80 -4.24
CA ASN B 168 -27.60 26.09 -4.40
C ASN B 168 -27.17 26.32 -5.84
N TRP B 169 -26.56 25.31 -6.46
CA TRP B 169 -26.19 25.44 -7.87
C TRP B 169 -27.40 25.82 -8.71
N ILE B 170 -28.52 25.12 -8.50
CA ILE B 170 -29.74 25.45 -9.22
C ILE B 170 -30.14 26.90 -8.95
N SER B 171 -30.00 27.34 -7.70
CA SER B 171 -30.27 28.74 -7.39
C SER B 171 -29.23 29.67 -8.01
N PHE B 172 -27.98 29.21 -8.11
CA PHE B 172 -26.92 30.08 -8.63
C PHE B 172 -27.07 30.28 -10.14
N PHE B 173 -27.32 29.19 -10.88
CA PHE B 173 -27.40 29.30 -12.33
C PHE B 173 -28.63 30.09 -12.76
N PHE B 174 -29.79 29.77 -12.20
CA PHE B 174 -31.04 30.42 -12.58
C PHE B 174 -31.27 31.72 -11.84
N ASP B 175 -30.38 32.11 -10.93
CA ASP B 175 -30.47 33.39 -10.23
C ASP B 175 -31.67 33.46 -9.30
N PHE B 176 -32.06 32.33 -8.71
CA PHE B 176 -33.15 32.33 -7.74
C PHE B 176 -32.70 32.98 -6.43
N SER B 177 -33.64 33.64 -5.77
CA SER B 177 -33.39 34.35 -4.52
C SER B 177 -34.35 33.87 -3.44
N GLY B 178 -34.50 32.55 -3.33
CA GLY B 178 -35.35 31.95 -2.33
C GLY B 178 -34.63 30.89 -1.54
N PRO B 179 -35.26 30.40 -0.46
CA PRO B 179 -34.60 29.36 0.36
C PRO B 179 -34.17 28.15 -0.44
N SER B 180 -32.87 27.91 -0.49
CA SER B 180 -32.31 26.74 -1.16
C SER B 180 -31.87 25.74 -0.10
N THR B 181 -32.41 24.52 -0.17
CA THR B 181 -32.19 23.53 0.86
C THR B 181 -32.12 22.14 0.26
N ALA B 182 -31.39 21.26 0.94
CA ALA B 182 -31.29 19.86 0.60
C ALA B 182 -31.80 19.03 1.78
N TYR B 183 -32.77 18.17 1.50
CA TYR B 183 -33.41 17.37 2.53
C TYR B 183 -32.97 15.91 2.40
N ASN B 184 -32.82 15.25 3.55
CA ASN B 184 -32.46 13.83 3.60
C ASN B 184 -33.42 13.16 4.59
N THR B 185 -34.52 12.61 4.06
CA THR B 185 -35.53 11.93 4.86
C THR B 185 -35.69 10.48 4.42
N ALA B 186 -34.63 9.88 3.90
CA ALA B 186 -34.71 8.55 3.31
C ALA B 186 -35.78 8.59 2.22
N SCY B 187 -36.60 7.56 2.15
CA SCY B 187 -37.79 7.59 1.31
CB SCY B 187 -38.43 6.21 1.22
SG SCY B 187 -37.54 5.07 2.33
CD SCY B 187 -36.22 4.23 1.42
OCD SCY B 187 -36.33 3.08 1.13
CE SCY B 187 -34.96 4.99 1.03
C SCY B 187 -38.71 8.64 1.94
O SCY B 187 -38.63 8.86 3.17
H SCY B 187 -36.53 6.81 2.56
HA SCY B 187 -37.54 7.89 0.42
HB2 SCY B 187 -38.36 5.89 0.30
HB3 SCY B 187 -39.37 6.27 1.47
HE1 SCY B 187 -34.44 4.46 0.40
HE2 SCY B 187 -34.43 5.14 1.83
HE3 SCY B 187 -35.20 5.84 0.64
N SER B 188 -39.56 9.27 1.13
CA SER B 188 -40.45 10.34 1.58
C SER B 188 -39.76 11.70 1.51
N THR B 189 -38.50 11.72 1.07
CA THR B 189 -37.78 12.99 0.96
C THR B 189 -38.45 13.91 -0.04
N SER B 190 -38.89 13.38 -1.17
CA SER B 190 -39.54 14.21 -2.18
C SER B 190 -40.81 14.84 -1.65
N LEU B 191 -41.64 14.06 -0.94
CA LEU B 191 -42.86 14.62 -0.38
C LEU B 191 -42.57 15.59 0.76
N VAL B 192 -41.49 15.35 1.52
CA VAL B 192 -41.10 16.30 2.55
C VAL B 192 -40.70 17.63 1.91
N CYS B 193 -39.95 17.57 0.81
CA CYS B 193 -39.59 18.79 0.09
C CYS B 193 -40.82 19.48 -0.47
N LEU B 194 -41.78 18.71 -0.97
CA LEU B 194 -43.04 19.30 -1.45
C LEU B 194 -43.76 20.01 -0.31
N ASP B 195 -43.79 19.39 0.88
CA ASP B 195 -44.42 20.04 2.03
C ASP B 195 -43.70 21.32 2.40
N ALA B 196 -42.36 21.31 2.38
CA ALA B 196 -41.61 22.51 2.68
C ALA B 196 -41.90 23.61 1.67
N ALA B 197 -41.98 23.24 0.38
CA ALA B 197 -42.31 24.22 -0.65
C ALA B 197 -43.69 24.80 -0.44
N GLU B 198 -44.65 23.97 -0.06
CA GLU B 198 -45.99 24.47 0.24
C GLU B 198 -45.97 25.41 1.44
N ARG B 199 -45.20 25.06 2.47
CA ARG B 199 -45.11 25.91 3.64
C ARG B 199 -44.53 27.28 3.28
N HIS B 200 -43.47 27.30 2.47
CA HIS B 200 -42.86 28.57 2.09
C HIS B 200 -43.73 29.35 1.12
N LEU B 201 -44.51 28.65 0.30
CA LEU B 201 -45.37 29.34 -0.66
C LEU B 201 -46.55 30.03 0.03
N ARG B 202 -47.15 29.36 1.02
CA ARG B 202 -48.33 29.90 1.67
C ARG B 202 -48.01 31.02 2.65
N MET B 203 -46.76 31.15 3.08
CA MET B 203 -46.38 32.21 4.01
C MET B 203 -45.89 33.48 3.31
N GLY B 204 -45.63 33.41 2.00
CA GLY B 204 -45.32 34.59 1.22
C GLY B 204 -43.84 34.83 0.93
N VAL B 205 -42.96 33.93 1.37
CA VAL B 205 -41.53 34.14 1.10
C VAL B 205 -41.22 33.95 -0.37
N ILE B 206 -41.86 32.97 -1.01
CA ILE B 206 -41.55 32.60 -2.39
C ILE B 206 -42.83 32.55 -3.21
N ASP B 207 -42.66 32.61 -4.53
CA ASP B 207 -43.76 32.46 -5.47
C ASP B 207 -43.69 31.19 -6.29
N ASN B 208 -42.51 30.56 -6.39
CA ASN B 208 -42.34 29.33 -7.13
C ASN B 208 -41.46 28.38 -6.32
N ALA B 209 -41.44 27.11 -6.72
CA ALA B 209 -40.62 26.11 -6.07
C ALA B 209 -40.08 25.13 -7.11
N ILE B 210 -38.91 24.59 -6.83
CA ILE B 210 -38.20 23.70 -7.77
C ILE B 210 -38.05 22.33 -7.12
N VAL B 211 -39.06 21.93 -6.34
CA VAL B 211 -39.06 20.65 -5.63
C VAL B 211 -38.58 19.55 -6.56
N GLY B 212 -37.65 18.72 -6.09
CA GLY B 212 -37.11 17.65 -6.91
C GLY B 212 -36.31 16.69 -6.07
N GLY B 213 -35.63 15.77 -6.75
CA GLY B 213 -34.81 14.79 -6.08
C GLY B 213 -34.15 13.87 -7.10
N SER B 214 -33.09 13.21 -6.63
CA SER B 214 -32.34 12.30 -7.49
C SER B 214 -31.78 11.17 -6.64
N ASN B 215 -31.48 10.05 -7.31
CA ASN B 215 -30.92 8.88 -6.64
C ASN B 215 -30.25 8.00 -7.69
N PHE B 216 -28.93 7.87 -7.61
CA PHE B 216 -28.15 7.00 -8.47
C PHE B 216 -27.43 5.96 -7.63
N ILE B 217 -27.15 4.81 -8.24
CA ILE B 217 -26.50 3.68 -7.57
C ILE B 217 -25.10 3.54 -8.11
N TYR B 218 -24.12 3.51 -7.22
CA TYR B 218 -22.71 3.40 -7.61
C TYR B 218 -22.00 2.26 -6.88
N ARG B 219 -22.38 2.02 -5.63
CA ARG B 219 -21.63 1.11 -4.76
C ARG B 219 -22.38 -0.21 -4.63
N PRO B 220 -21.87 -1.31 -5.19
CA PRO B 220 -22.54 -2.61 -4.95
C PRO B 220 -22.55 -3.02 -3.49
N ALA B 221 -21.51 -2.62 -2.73
CA ALA B 221 -21.50 -2.95 -1.30
C ALA B 221 -22.68 -2.32 -0.59
N THR B 222 -23.19 -1.19 -1.09
CA THR B 222 -24.41 -0.61 -0.53
C THR B 222 -25.60 -1.55 -0.76
N THR B 223 -25.67 -2.16 -1.94
CA THR B 223 -26.73 -3.13 -2.20
C THR B 223 -26.59 -4.34 -1.29
N LYS B 224 -25.36 -4.81 -1.08
CA LYS B 224 -25.14 -5.91 -0.14
C LYS B 224 -25.58 -5.53 1.27
N LEU B 225 -25.26 -4.30 1.69
CA LEU B 225 -25.67 -3.82 3.00
C LEU B 225 -27.18 -3.79 3.13
N PHE B 226 -27.88 -3.30 2.11
CA PHE B 226 -29.34 -3.29 2.15
C PHE B 226 -29.88 -4.71 2.22
N MET B 227 -29.31 -5.63 1.43
CA MET B 227 -29.75 -7.02 1.47
C MET B 227 -29.53 -7.63 2.85
N GLY B 228 -28.49 -7.19 3.55
CA GLY B 228 -28.21 -7.73 4.89
C GLY B 228 -29.38 -7.55 5.84
N MET B 229 -30.21 -6.53 5.62
CA MET B 229 -31.38 -6.27 6.45
C MET B 229 -32.66 -6.80 5.82
N ASN B 230 -32.56 -7.63 4.79
CA ASN B 230 -33.72 -8.24 4.13
C ASN B 230 -34.59 -7.23 3.40
N PHE B 231 -34.04 -6.05 3.07
CA PHE B 231 -34.82 -5.05 2.34
C PHE B 231 -35.19 -5.55 0.95
N LEU B 232 -34.21 -6.13 0.24
CA LEU B 232 -34.41 -6.51 -1.15
C LEU B 232 -34.96 -7.93 -1.25
N GLY B 233 -35.78 -8.16 -2.27
CA GLY B 233 -36.34 -9.45 -2.57
C GLY B 233 -35.58 -10.16 -3.67
N SER B 234 -36.23 -11.17 -4.26
CA SER B 234 -35.64 -11.93 -5.35
C SER B 234 -36.04 -11.36 -6.71
N SER B 235 -37.34 -11.30 -6.98
CA SER B 235 -37.87 -10.80 -8.24
C SER B 235 -38.25 -9.32 -8.09
N THR B 236 -38.94 -8.79 -9.09
CA THR B 236 -39.32 -7.38 -9.10
C THR B 236 -40.28 -7.07 -7.96
N CYS B 237 -40.63 -5.79 -7.82
CA CYS B 237 -41.54 -5.37 -6.75
C CYS B 237 -42.96 -5.79 -7.05
N LYS B 238 -43.37 -6.95 -6.52
CA LYS B 238 -44.72 -7.47 -6.73
C LYS B 238 -45.67 -6.83 -5.71
N ALA B 239 -45.98 -5.56 -5.93
CA ALA B 239 -46.84 -4.83 -5.03
C ALA B 239 -48.22 -5.47 -4.98
N PHE B 240 -48.77 -5.59 -3.76
CA PHE B 240 -50.09 -6.15 -3.53
C PHE B 240 -50.18 -7.60 -3.98
N ASP B 241 -49.05 -8.30 -4.05
CA ASP B 241 -49.01 -9.70 -4.46
C ASP B 241 -48.61 -10.57 -3.28
N GLU B 242 -49.24 -11.74 -3.18
CA GLU B 242 -48.96 -12.65 -2.07
C GLU B 242 -47.51 -13.12 -2.06
N SER B 243 -46.84 -13.09 -3.20
CA SER B 243 -45.47 -13.56 -3.32
C SER B 243 -44.45 -12.46 -3.07
N GLY B 244 -44.88 -11.24 -2.77
CA GLY B 244 -43.96 -10.14 -2.52
C GLY B 244 -43.03 -10.42 -1.36
N ASP B 245 -41.73 -10.19 -1.56
CA ASP B 245 -40.75 -10.41 -0.51
C ASP B 245 -39.69 -9.31 -0.45
N GLY B 246 -39.89 -8.20 -1.14
CA GLY B 246 -38.91 -7.13 -1.13
C GLY B 246 -39.10 -6.23 -2.34
N PHE B 247 -38.13 -5.34 -2.51
CA PHE B 247 -38.14 -4.38 -3.61
C PHE B 247 -36.80 -4.41 -4.32
N VAL B 248 -36.75 -3.76 -5.48
CA VAL B 248 -35.54 -3.66 -6.29
C VAL B 248 -35.16 -2.19 -6.40
N ARG B 249 -33.86 -1.92 -6.25
CA ARG B 249 -33.37 -0.54 -6.27
C ARG B 249 -33.57 0.07 -7.65
N GLY B 250 -33.76 1.40 -7.67
CA GLY B 250 -33.97 2.12 -8.90
C GLY B 250 -33.24 3.45 -8.88
N GLU B 251 -33.23 4.10 -10.04
CA GLU B 251 -32.56 5.38 -10.21
C GLU B 251 -33.53 6.41 -10.76
N VAL B 252 -33.48 7.62 -10.21
CA VAL B 252 -34.35 8.72 -10.64
C VAL B 252 -33.56 10.02 -10.52
N ALA B 253 -33.85 10.95 -11.44
CA ALA B 253 -33.29 12.29 -11.40
C ALA B 253 -34.36 13.32 -11.76
N SER B 254 -35.57 13.12 -11.27
CA SER B 254 -36.71 13.94 -11.67
C SER B 254 -36.86 15.16 -10.78
N ALA B 255 -37.55 16.17 -11.32
CA ALA B 255 -37.85 17.40 -10.59
C ALA B 255 -39.12 18.01 -11.17
N ILE B 256 -39.76 18.86 -10.37
CA ILE B 256 -40.99 19.52 -10.77
C ILE B 256 -40.92 20.99 -10.40
N LEU B 257 -41.78 21.78 -11.03
CA LEU B 257 -41.89 23.21 -10.79
C LEU B 257 -43.29 23.52 -10.27
N LEU B 258 -43.36 24.31 -9.20
CA LEU B 258 -44.62 24.74 -8.62
C LEU B 258 -44.74 26.26 -8.73
N LYS B 259 -45.98 26.72 -8.91
CA LYS B 259 -46.22 28.15 -9.07
C LYS B 259 -47.58 28.50 -8.52
N LYS B 260 -47.84 29.80 -8.40
CA LYS B 260 -49.18 30.27 -8.05
C LYS B 260 -50.11 30.10 -9.25
N ALA B 261 -51.29 29.55 -9.00
CA ALA B 261 -52.19 29.19 -10.10
C ALA B 261 -52.61 30.40 -10.93
N ASP B 262 -52.55 31.61 -10.37
CA ASP B 262 -52.98 32.79 -11.09
C ASP B 262 -51.90 33.33 -12.03
N THR B 263 -50.69 32.79 -11.99
CA THR B 263 -49.61 33.20 -12.88
C THR B 263 -49.04 32.06 -13.71
N ALA B 264 -49.58 30.85 -13.57
CA ALA B 264 -49.04 29.69 -14.28
C ALA B 264 -49.56 29.66 -15.72
N LYS B 265 -48.65 29.40 -16.66
CA LYS B 265 -49.01 29.25 -18.06
C LYS B 265 -49.38 27.81 -18.42
N ARG B 266 -49.17 26.86 -17.52
CA ARG B 266 -49.57 25.48 -17.73
C ARG B 266 -49.76 24.85 -16.36
N VAL B 267 -50.87 24.12 -16.19
CA VAL B 267 -51.26 23.55 -14.91
C VAL B 267 -51.58 22.08 -15.13
N TYR B 268 -50.62 21.20 -14.82
CA TYR B 268 -50.92 19.77 -14.84
C TYR B 268 -51.97 19.42 -13.79
N CYS B 269 -51.86 19.99 -12.60
CA CYS B 269 -52.78 19.70 -11.51
C CYS B 269 -52.63 20.79 -10.46
N THR B 270 -53.40 20.66 -9.39
CA THR B 270 -53.37 21.60 -8.26
C THR B 270 -53.04 20.85 -6.98
N LEU B 271 -52.17 21.43 -6.18
CA LEU B 271 -51.75 20.82 -4.91
C LEU B 271 -52.76 21.18 -3.84
N VAL B 272 -53.70 20.28 -3.58
CA VAL B 272 -54.70 20.53 -2.55
C VAL B 272 -54.03 20.67 -1.18
N GLY B 273 -53.10 19.78 -0.87
CA GLY B 273 -52.41 19.84 0.40
C GLY B 273 -51.53 18.64 0.67
N SER B 274 -50.46 18.86 1.43
CA SER B 274 -49.54 17.79 1.82
C SER B 274 -49.27 17.89 3.32
N MET B 275 -49.00 16.74 3.93
CA MET B 275 -48.75 16.68 5.36
C MET B 275 -47.73 15.58 5.65
N LEU B 276 -47.08 15.71 6.81
CA LEU B 276 -46.05 14.77 7.23
C LEU B 276 -46.25 14.44 8.69
N ASN B 277 -45.76 13.26 9.08
CA ASN B 277 -45.77 12.84 10.48
C ASN B 277 -44.76 11.72 10.64
N ASN B 278 -44.59 11.27 11.88
CA ASN B 278 -43.67 10.19 12.21
C ASN B 278 -44.42 9.08 12.93
N ASP B 279 -44.02 7.83 12.66
CA ASP B 279 -44.66 6.70 13.32
C ASP B 279 -44.42 6.67 14.81
N GLY B 280 -43.46 7.45 15.32
CA GLY B 280 -43.22 7.48 16.75
C GLY B 280 -42.59 6.20 17.26
N ASN B 281 -42.90 5.87 18.50
CA ASN B 281 -42.35 4.68 19.15
C ASN B 281 -43.30 3.50 18.99
N GLN B 282 -42.73 2.33 18.73
CA GLN B 282 -43.51 1.11 18.59
C GLN B 282 -42.68 -0.07 19.07
N THR B 283 -43.37 -1.14 19.43
CA THR B 283 -42.71 -2.33 19.96
C THR B 283 -42.17 -3.27 18.89
N ASN B 284 -42.47 -3.00 17.62
CA ASN B 284 -42.03 -3.86 16.53
C ASN B 284 -40.71 -3.43 15.91
N GLY B 285 -40.08 -2.40 16.45
CA GLY B 285 -38.81 -1.92 15.94
C GLY B 285 -38.96 -0.61 15.18
N ILE B 286 -37.83 0.09 15.04
CA ILE B 286 -37.83 1.38 14.36
C ILE B 286 -38.13 1.21 12.88
N LEU B 287 -37.62 0.15 12.26
CA LEU B 287 -37.84 -0.11 10.84
C LEU B 287 -39.08 -1.01 10.64
N TYR B 288 -40.21 -0.51 11.14
CA TYR B 288 -41.47 -1.20 10.95
C TYR B 288 -42.58 -0.18 10.71
N PRO B 289 -43.33 -0.30 9.60
CA PRO B 289 -44.40 0.67 9.35
C PRO B 289 -45.46 0.62 10.43
N ASN B 290 -46.02 1.78 10.74
CA ASN B 290 -47.08 1.92 11.75
C ASN B 290 -48.37 2.30 11.02
N SER B 291 -49.29 1.34 10.93
CA SER B 291 -50.56 1.60 10.24
C SER B 291 -51.35 2.69 10.95
N GLU B 292 -51.31 2.71 12.28
CA GLU B 292 -52.07 3.71 13.03
C GLU B 292 -51.59 5.12 12.71
N ALA B 293 -50.27 5.32 12.63
CA ALA B 293 -49.74 6.65 12.32
C ALA B 293 -50.14 7.08 10.92
N GLN B 294 -50.06 6.18 9.95
CA GLN B 294 -50.46 6.53 8.59
C GLN B 294 -51.94 6.86 8.51
N GLU B 295 -52.78 6.10 9.21
CA GLU B 295 -54.20 6.38 9.22
C GLU B 295 -54.49 7.73 9.86
N GLN B 296 -53.79 8.05 10.96
CA GLN B 296 -53.95 9.34 11.59
C GLN B 296 -53.52 10.47 10.67
N LEU B 297 -52.42 10.29 9.95
CA LEU B 297 -51.97 11.30 9.00
C LEU B 297 -53.00 11.52 7.90
N MET B 298 -53.56 10.43 7.37
CA MET B 298 -54.59 10.54 6.34
C MET B 298 -55.81 11.29 6.88
N THR B 299 -56.24 10.94 8.09
CA THR B 299 -57.40 11.60 8.67
C THR B 299 -57.13 13.09 8.85
N ASP B 300 -55.94 13.44 9.36
CA ASP B 300 -55.61 14.84 9.58
C ASP B 300 -55.60 15.62 8.27
N ILE B 301 -54.96 15.07 7.23
CA ILE B 301 -54.88 15.78 5.96
C ILE B 301 -56.27 15.93 5.34
N TYR B 302 -57.10 14.87 5.41
CA TYR B 302 -58.41 14.93 4.79
C TYR B 302 -59.42 15.75 5.59
N SER B 303 -59.15 15.99 6.88
CA SER B 303 -60.03 16.82 7.69
C SER B 303 -59.63 18.29 7.68
N THR B 304 -58.33 18.59 7.63
CA THR B 304 -57.88 19.97 7.64
C THR B 304 -58.38 20.71 6.40
N HIS B 305 -58.31 20.07 5.23
CA HIS B 305 -58.72 20.70 3.98
C HIS B 305 -60.18 20.43 3.64
N LYS B 306 -60.92 19.75 4.50
CA LYS B 306 -62.33 19.44 4.27
C LYS B 306 -62.55 18.62 3.01
N ILE B 307 -61.54 17.90 2.56
CA ILE B 307 -61.66 17.08 1.35
C ILE B 307 -62.44 15.82 1.70
N ASP B 308 -63.49 15.54 0.94
CA ASP B 308 -64.27 14.33 1.11
C ASP B 308 -63.43 13.13 0.68
N ALA B 309 -63.08 12.27 1.64
CA ALA B 309 -62.23 11.12 1.33
C ALA B 309 -62.87 10.19 0.32
N ASN B 310 -64.19 10.25 0.15
CA ASN B 310 -64.87 9.39 -0.81
C ASN B 310 -64.75 9.89 -2.24
N GLU B 311 -64.18 11.07 -2.46
CA GLU B 311 -64.05 11.64 -3.79
C GLU B 311 -62.74 11.27 -4.48
N VAL B 312 -61.88 10.50 -3.83
CA VAL B 312 -60.61 10.10 -4.43
C VAL B 312 -60.86 9.03 -5.47
N LYS B 313 -60.32 9.24 -6.68
CA LYS B 313 -60.50 8.30 -7.77
C LYS B 313 -59.35 7.31 -7.88
N TYR B 314 -58.10 7.79 -7.75
CA TYR B 314 -56.93 6.93 -7.82
C TYR B 314 -56.05 7.19 -6.60
N PHE B 315 -55.35 6.15 -6.17
CA PHE B 315 -54.50 6.21 -4.99
C PHE B 315 -53.14 5.61 -5.32
N GLU B 316 -52.13 6.46 -5.45
CA GLU B 316 -50.75 6.01 -5.69
C GLU B 316 -50.15 5.59 -4.35
N CYS B 317 -50.09 4.29 -4.12
CA CYS B 317 -49.62 3.74 -2.86
C CYS B 317 -48.10 3.59 -2.87
N HIS B 318 -47.53 3.50 -1.67
CA HIS B 318 -46.12 3.19 -1.49
C HIS B 318 -45.91 1.67 -1.50
N GLY B 319 -46.30 1.07 -2.62
CA GLY B 319 -46.32 -0.38 -2.75
C GLY B 319 -44.94 -0.97 -2.98
N THR B 320 -44.11 -0.96 -1.93
CA THR B 320 -42.77 -1.54 -2.02
C THR B 320 -42.79 -3.04 -2.24
N GLY B 321 -43.93 -3.70 -2.03
CA GLY B 321 -44.04 -5.13 -2.20
C GLY B 321 -43.63 -5.96 -1.01
N THR B 322 -43.17 -5.34 0.07
CA THR B 322 -42.79 -6.08 1.26
C THR B 322 -44.01 -6.67 1.94
N GLN B 323 -43.82 -7.83 2.57
CA GLN B 323 -44.94 -8.52 3.22
C GLN B 323 -45.50 -7.70 4.37
N ALA B 324 -44.63 -7.06 5.15
CA ALA B 324 -45.05 -6.30 6.31
C ALA B 324 -45.44 -4.86 6.00
N GLY B 325 -45.21 -4.39 4.77
CA GLY B 325 -45.49 -3.00 4.45
C GLY B 325 -46.80 -2.79 3.73
N ASP B 326 -47.06 -3.59 2.69
CA ASP B 326 -48.30 -3.40 1.92
C ASP B 326 -49.55 -3.61 2.75
N PRO B 327 -49.68 -4.66 3.55
CA PRO B 327 -50.91 -4.81 4.34
C PRO B 327 -51.19 -3.64 5.26
N ASN B 328 -50.16 -3.09 5.92
CA ASN B 328 -50.37 -1.97 6.84
C ASN B 328 -50.82 -0.72 6.09
N GLU B 329 -50.14 -0.40 5.00
CA GLU B 329 -50.52 0.76 4.20
C GLU B 329 -51.94 0.63 3.68
N THR B 330 -52.28 -0.55 3.17
CA THR B 330 -53.63 -0.76 2.64
C THR B 330 -54.66 -0.68 3.74
N ARG B 331 -54.37 -1.23 4.93
CA ARG B 331 -55.28 -1.11 6.06
C ARG B 331 -55.55 0.35 6.39
N ALA B 332 -54.49 1.16 6.44
CA ALA B 332 -54.68 2.58 6.71
C ALA B 332 -55.52 3.22 5.61
N ILE B 333 -55.26 2.86 4.35
CA ILE B 333 -55.97 3.46 3.23
C ILE B 333 -57.46 3.13 3.28
N CYS B 334 -57.83 1.88 3.57
CA CYS B 334 -59.24 1.52 3.58
C CYS B 334 -59.91 1.76 4.92
N ASN B 335 -59.16 2.20 5.93
CA ASN B 335 -59.77 2.69 7.16
C ASN B 335 -59.95 4.20 7.15
N ALA B 336 -59.18 4.93 6.33
CA ALA B 336 -59.27 6.38 6.26
C ALA B 336 -59.98 6.88 5.00
N VAL B 337 -59.81 6.18 3.87
CA VAL B 337 -60.33 6.66 2.60
C VAL B 337 -61.53 5.87 2.13
N CYS B 338 -61.49 4.54 2.27
CA CYS B 338 -62.57 3.70 1.74
C CYS B 338 -63.81 3.70 2.63
N LYS B 339 -63.75 4.32 3.80
CA LYS B 339 -64.91 4.37 4.69
C LYS B 339 -66.00 5.23 4.07
N GLY B 340 -67.10 4.60 3.68
CA GLY B 340 -68.21 5.29 3.06
C GLY B 340 -68.20 5.28 1.55
N LYS B 341 -67.09 4.85 0.92
CA LYS B 341 -67.04 4.79 -0.52
C LYS B 341 -68.04 3.78 -1.06
N LYS B 342 -68.73 4.15 -2.14
CA LYS B 342 -69.75 3.29 -2.75
C LYS B 342 -69.20 2.46 -3.90
N ASP B 343 -67.95 2.66 -4.28
CA ASP B 343 -67.31 1.91 -5.35
C ASP B 343 -65.89 1.58 -4.94
N PRO B 344 -65.29 0.54 -5.52
CA PRO B 344 -63.90 0.21 -5.17
C PRO B 344 -62.96 1.35 -5.49
N LEU B 345 -61.96 1.54 -4.63
CA LEU B 345 -60.95 2.56 -4.82
C LEU B 345 -59.79 1.97 -5.61
N LEU B 346 -59.43 2.61 -6.72
CA LEU B 346 -58.37 2.13 -7.59
C LEU B 346 -57.03 2.49 -6.97
N ILE B 347 -56.28 1.48 -6.54
CA ILE B 347 -54.98 1.68 -5.91
C ILE B 347 -53.90 1.20 -6.88
N GLY B 348 -52.71 1.79 -6.74
CA GLY B 348 -51.59 1.41 -7.59
C GLY B 348 -50.30 1.96 -7.05
N SER B 349 -49.21 1.57 -7.70
CA SER B 349 -47.88 2.00 -7.30
C SER B 349 -46.95 1.86 -8.49
N ILE B 350 -46.07 2.86 -8.67
CA ILE B 350 -45.12 2.83 -9.77
C ILE B 350 -43.88 1.99 -9.46
N LYS B 351 -43.74 1.53 -8.21
CA LYS B 351 -42.57 0.73 -7.87
C LYS B 351 -42.56 -0.59 -8.63
N SER B 352 -43.74 -1.20 -8.83
CA SER B 352 -43.81 -2.45 -9.58
C SER B 352 -43.39 -2.27 -11.03
N ASN B 353 -43.35 -1.03 -11.53
CA ASN B 353 -42.98 -0.77 -12.92
C ASN B 353 -41.49 -0.50 -13.07
N LEU B 354 -40.94 0.43 -12.28
CA LEU B 354 -39.54 0.83 -12.41
C LEU B 354 -38.77 0.66 -11.11
N GLY B 355 -39.27 -0.16 -10.19
CA GLY B 355 -38.54 -0.43 -8.97
C GLY B 355 -38.64 0.68 -7.95
N HIS B 356 -37.82 0.55 -6.91
CA HIS B 356 -37.83 1.49 -5.79
C HIS B 356 -36.78 2.56 -5.99
N GLY B 357 -37.19 3.82 -5.86
CA GLY B 357 -36.29 4.95 -6.03
C GLY B 357 -35.58 5.41 -4.78
N GLU B 358 -35.96 4.89 -3.61
CA GLU B 358 -35.34 5.22 -2.33
C GLU B 358 -35.58 6.71 -2.08
N THR B 359 -34.55 7.54 -1.95
CA THR B 359 -34.76 8.95 -1.61
C THR B 359 -35.63 9.65 -2.64
N ALA B 360 -35.54 9.25 -3.91
CA ALA B 360 -36.32 9.86 -4.97
C ALA B 360 -37.66 9.16 -5.21
N SER B 361 -37.95 8.10 -4.45
CA SER B 361 -39.14 7.31 -4.71
C SER B 361 -40.38 8.20 -4.80
N GLY B 362 -40.52 9.13 -3.86
CA GLY B 362 -41.68 10.01 -3.88
C GLY B 362 -41.88 10.68 -5.21
N ILE B 363 -40.82 11.26 -5.77
CA ILE B 363 -40.95 11.97 -7.03
C ILE B 363 -41.51 11.05 -8.10
N ASN B 364 -41.06 9.79 -8.11
CA ASN B 364 -41.57 8.84 -9.10
C ASN B 364 -43.10 8.83 -9.06
N GLY B 365 -43.66 8.66 -7.87
CA GLY B 365 -45.12 8.66 -7.76
C GLY B 365 -45.71 9.94 -8.31
N ILE B 366 -45.14 11.08 -7.93
CA ILE B 366 -45.62 12.36 -8.45
C ILE B 366 -45.62 12.33 -9.97
N SER B 367 -44.52 11.86 -10.55
CA SER B 367 -44.45 11.77 -12.01
C SER B 367 -45.64 11.00 -12.54
N LYS B 368 -45.87 9.80 -11.99
CA LYS B 368 -47.00 9.00 -12.45
C LYS B 368 -48.29 9.80 -12.32
N VAL B 369 -48.48 10.46 -11.18
CA VAL B 369 -49.69 11.24 -10.99
C VAL B 369 -49.84 12.24 -12.12
N ILE B 370 -48.77 12.98 -12.43
CA ILE B 370 -48.83 13.95 -13.52
C ILE B 370 -49.25 13.26 -14.80
N ILE B 371 -48.61 12.12 -15.10
CA ILE B 371 -49.02 11.36 -16.28
C ILE B 371 -50.49 10.97 -16.16
N THR B 372 -50.88 10.42 -15.01
CA THR B 372 -52.27 10.05 -14.80
C THR B 372 -53.18 11.28 -14.85
N MET B 373 -52.63 12.46 -14.60
CA MET B 373 -53.39 13.70 -14.64
C MET B 373 -53.22 14.45 -15.96
N HIS B 374 -52.44 13.90 -16.90
CA HIS B 374 -52.24 14.52 -18.21
C HIS B 374 -52.86 13.71 -19.34
N SER B 375 -52.56 12.42 -19.41
CA SER B 375 -53.15 11.55 -20.42
C SER B 375 -54.57 11.11 -20.06
N ARG B 376 -55.04 11.41 -18.86
CA ARG B 376 -56.38 11.04 -18.41
C ARG B 376 -56.57 9.53 -18.34
N GLN B 377 -55.47 8.78 -18.22
CA GLN B 377 -55.50 7.33 -18.11
C GLN B 377 -54.57 6.90 -16.99
N ILE B 378 -54.98 5.87 -16.25
CA ILE B 378 -54.21 5.36 -15.12
C ILE B 378 -53.29 4.26 -15.65
N PRO B 379 -51.97 4.40 -15.53
CA PRO B 379 -51.08 3.34 -16.01
C PRO B 379 -51.33 2.05 -15.27
N PRO B 380 -51.13 0.90 -15.90
CA PRO B 380 -51.37 -0.38 -15.23
C PRO B 380 -50.28 -0.68 -14.21
N ASN B 381 -50.60 -1.65 -13.34
CA ASN B 381 -49.66 -2.15 -12.33
C ASN B 381 -49.19 -3.54 -12.75
N LEU B 382 -47.88 -3.75 -12.72
CA LEU B 382 -47.29 -5.00 -13.17
C LEU B 382 -47.09 -5.96 -12.01
N HIS B 383 -47.06 -7.25 -12.33
CA HIS B 383 -46.72 -8.34 -11.42
C HIS B 383 -47.82 -8.62 -10.40
N PHE B 384 -49.02 -8.09 -10.58
CA PHE B 384 -50.14 -8.38 -9.68
C PHE B 384 -50.93 -9.55 -10.28
N LYS B 385 -50.61 -10.76 -9.83
CA LYS B 385 -51.25 -11.97 -10.31
C LYS B 385 -52.21 -12.57 -9.30
N ASN B 386 -51.79 -12.72 -8.05
CA ASN B 386 -52.63 -13.27 -6.99
C ASN B 386 -52.74 -12.27 -5.85
N PRO B 387 -53.94 -11.84 -5.49
CA PRO B 387 -54.05 -10.86 -4.40
C PRO B 387 -53.51 -11.41 -3.08
N ASN B 388 -52.93 -10.52 -2.30
CA ASN B 388 -52.35 -10.92 -1.01
C ASN B 388 -53.47 -11.32 -0.05
N PRO B 389 -53.46 -12.54 0.50
CA PRO B 389 -54.52 -12.88 1.47
C PRO B 389 -54.52 -12.00 2.69
N LYS B 390 -53.37 -11.44 3.08
CA LYS B 390 -53.31 -10.56 4.24
C LYS B 390 -53.95 -9.21 3.98
N ILE B 391 -54.18 -8.85 2.72
CA ILE B 391 -54.83 -7.59 2.38
C ILE B 391 -56.32 -7.85 2.21
N PRO B 392 -57.14 -7.61 3.23
CA PRO B 392 -58.57 -7.94 3.11
C PRO B 392 -59.30 -7.12 2.06
N GLY B 393 -58.91 -5.85 1.88
CA GLY B 393 -59.68 -4.96 1.02
C GLY B 393 -59.80 -5.42 -0.42
N LEU B 394 -58.88 -6.27 -0.88
CA LEU B 394 -58.91 -6.75 -2.24
C LEU B 394 -59.93 -7.86 -2.46
N PHE B 395 -60.54 -8.37 -1.40
CA PHE B 395 -61.59 -9.39 -1.50
C PHE B 395 -62.98 -8.87 -1.14
N ASP B 396 -63.07 -7.83 -0.30
CA ASP B 396 -64.34 -7.25 0.08
C ASP B 396 -64.83 -6.21 -0.91
N GLY B 397 -64.07 -5.91 -1.96
CA GLY B 397 -64.48 -4.95 -2.96
C GLY B 397 -64.16 -3.51 -2.63
N ARG B 398 -63.53 -3.24 -1.49
CA ARG B 398 -63.19 -1.86 -1.15
C ARG B 398 -62.04 -1.34 -1.99
N LEU B 399 -61.09 -2.20 -2.35
CA LEU B 399 -59.93 -1.82 -3.13
C LEU B 399 -59.86 -2.64 -4.41
N LYS B 400 -59.10 -2.13 -5.38
CA LYS B 400 -58.97 -2.80 -6.67
C LYS B 400 -57.69 -2.31 -7.32
N VAL B 401 -56.70 -3.20 -7.45
CA VAL B 401 -55.44 -2.84 -8.08
C VAL B 401 -55.66 -2.67 -9.58
N VAL B 402 -55.15 -1.57 -10.13
CA VAL B 402 -55.32 -1.26 -11.55
C VAL B 402 -54.32 -2.10 -12.32
N THR B 403 -54.78 -3.21 -12.91
CA THR B 403 -53.95 -4.09 -13.70
C THR B 403 -53.96 -3.75 -15.19
N GLU B 404 -54.83 -2.84 -15.62
CA GLU B 404 -54.91 -2.44 -17.01
C GLU B 404 -55.30 -0.97 -17.08
N THR B 405 -55.04 -0.35 -18.23
CA THR B 405 -55.29 1.07 -18.38
C THR B 405 -56.75 1.38 -18.05
N THR B 406 -56.95 2.42 -17.24
CA THR B 406 -58.27 2.81 -16.77
C THR B 406 -58.55 4.27 -17.12
N PRO B 407 -59.76 4.59 -17.61
CA PRO B 407 -60.05 5.99 -18.00
C PRO B 407 -60.39 6.91 -16.83
N PHE B 408 -59.35 7.44 -16.19
CA PHE B 408 -59.52 8.42 -15.12
C PHE B 408 -60.08 9.70 -15.71
N ASP B 409 -61.33 10.01 -15.37
CA ASP B 409 -61.98 11.20 -15.94
C ASP B 409 -61.59 12.47 -15.20
N GLY B 410 -61.58 12.43 -13.88
CA GLY B 410 -61.22 13.60 -13.11
C GLY B 410 -61.53 13.38 -11.64
N GLY B 411 -60.96 14.26 -10.82
CA GLY B 411 -61.14 14.19 -9.38
C GLY B 411 -59.86 14.45 -8.62
N LEU B 412 -59.67 13.74 -7.51
CA LEU B 412 -58.49 13.89 -6.67
C LEU B 412 -57.67 12.61 -6.68
N ILE B 413 -56.35 12.77 -6.58
CA ILE B 413 -55.42 11.66 -6.50
C ILE B 413 -54.54 11.85 -5.27
N ALA B 414 -54.43 10.80 -4.45
CA ALA B 414 -53.65 10.84 -3.22
C ALA B 414 -52.40 10.00 -3.38
N ILE B 415 -51.28 10.51 -2.86
CA ILE B 415 -49.99 9.84 -2.97
C ILE B 415 -49.38 9.70 -1.58
N ASN B 416 -48.86 8.51 -1.29
CA ASN B 416 -48.15 8.21 -0.06
C ASN B 416 -46.69 7.91 -0.39
N SER B 417 -45.80 8.28 0.53
CA SER B 417 -44.37 8.04 0.36
C SER B 417 -43.76 7.57 1.68
N PHE B 418 -44.41 6.62 2.35
CA PHE B 418 -43.90 6.11 3.61
C PHE B 418 -42.45 5.70 3.46
N GLY B 419 -41.59 6.21 4.35
CA GLY B 419 -40.16 5.95 4.29
C GLY B 419 -39.67 5.19 5.51
N MET B 420 -38.42 4.73 5.42
CA MET B 420 -37.83 4.00 6.51
C MET B 420 -37.64 4.90 7.72
N GLY B 421 -37.66 4.30 8.89
CA GLY B 421 -37.62 5.03 10.15
C GLY B 421 -38.99 5.32 10.73
N GLY B 422 -39.89 5.83 9.89
CA GLY B 422 -41.27 6.04 10.31
C GLY B 422 -41.84 7.39 9.90
N THR B 423 -41.03 8.20 9.22
CA THR B 423 -41.47 9.52 8.78
C THR B 423 -42.34 9.35 7.53
N ASN B 424 -43.65 9.46 7.72
CA ASN B 424 -44.59 9.31 6.61
C ASN B 424 -44.87 10.66 5.96
N ALA B 425 -45.46 10.60 4.77
CA ALA B 425 -45.83 11.79 4.03
C ALA B 425 -47.00 11.48 3.12
N HIS B 426 -47.98 12.38 3.09
CA HIS B 426 -49.16 12.23 2.26
C HIS B 426 -49.39 13.52 1.48
N ALA B 427 -49.89 13.39 0.25
CA ALA B 427 -50.21 14.56 -0.56
C ALA B 427 -51.45 14.28 -1.40
N ILE B 428 -52.18 15.35 -1.70
CA ILE B 428 -53.41 15.27 -2.49
C ILE B 428 -53.30 16.26 -3.65
N PHE B 429 -53.69 15.81 -4.84
CA PHE B 429 -53.68 16.64 -6.03
C PHE B 429 -55.06 16.65 -6.67
N ARG B 430 -55.48 17.81 -7.14
CA ARG B 430 -56.77 17.98 -7.81
C ARG B 430 -56.55 18.18 -9.29
N SER B 431 -57.35 17.49 -10.10
CA SER B 431 -57.20 17.56 -11.55
C SER B 431 -57.60 18.93 -12.09
N PHE B 432 -56.95 19.33 -13.17
CA PHE B 432 -57.23 20.58 -13.87
C PHE B 432 -58.00 20.25 -15.14
N ASP B 433 -59.26 20.65 -15.20
CA ASP B 433 -60.15 20.31 -16.31
C ASP B 433 -60.39 21.58 -17.14
N LYS B 434 -59.54 21.76 -18.17
CA LYS B 434 -59.65 22.86 -19.11
C LYS B 434 -59.48 22.34 -20.53
N ARG B 435 -60.24 21.31 -20.87
CA ARG B 435 -60.13 20.66 -22.17
C ARG B 435 -60.01 21.69 -23.29
N ALA B 436 -59.13 21.41 -24.24
CA ALA B 436 -58.80 22.38 -25.28
C ALA B 436 -59.99 22.68 -26.16
N GLU B 437 -60.02 23.90 -26.70
CA GLU B 437 -61.03 24.34 -27.65
C GLU B 437 -60.35 24.86 -28.91
N PRO B 438 -61.03 24.82 -30.05
CA PRO B 438 -60.37 25.21 -31.30
C PRO B 438 -60.01 26.69 -31.32
N HIS B 439 -58.92 26.98 -32.04
CA HIS B 439 -58.42 28.32 -32.26
C HIS B 439 -58.62 28.72 -33.72
N PRO B 440 -58.76 30.01 -34.02
CA PRO B 440 -58.84 30.40 -35.44
C PRO B 440 -57.65 29.91 -36.25
N ALA B 441 -56.47 29.85 -35.64
CA ALA B 441 -55.31 29.25 -36.26
C ALA B 441 -55.36 27.73 -36.11
N SER B 442 -54.26 27.05 -36.37
CA SER B 442 -54.11 25.60 -36.36
C SER B 442 -54.58 24.99 -37.68
N ASP B 443 -55.12 25.78 -38.60
CA ASP B 443 -55.41 25.33 -39.95
C ASP B 443 -54.76 26.18 -41.03
N LYS B 444 -54.17 27.32 -40.67
CA LYS B 444 -53.45 28.18 -41.58
C LYS B 444 -51.95 28.08 -41.33
N PRO B 445 -51.12 28.45 -42.31
CA PRO B 445 -49.67 28.39 -42.09
C PRO B 445 -49.24 29.24 -40.91
N ARG B 446 -48.29 28.73 -40.13
CA ARG B 446 -47.77 29.44 -38.98
C ARG B 446 -46.25 29.33 -38.97
N LEU B 447 -45.60 30.30 -38.35
CA LEU B 447 -44.14 30.33 -38.26
C LEU B 447 -43.72 29.88 -36.86
N PHE B 448 -43.00 28.77 -36.79
CA PHE B 448 -42.51 28.22 -35.53
C PHE B 448 -41.01 28.49 -35.44
N THR B 449 -40.62 29.32 -34.48
CA THR B 449 -39.23 29.69 -34.26
C THR B 449 -38.78 29.18 -32.90
N TYR B 450 -37.55 28.67 -32.85
CA TYR B 450 -37.04 28.10 -31.61
C TYR B 450 -35.52 28.15 -31.61
N CYS B 451 -34.94 27.77 -30.47
CA CYS B 451 -33.50 27.70 -30.30
C CYS B 451 -33.15 26.45 -29.52
N ALA B 452 -31.92 25.97 -29.73
CA ALA B 452 -31.46 24.74 -29.11
C ALA B 452 -29.94 24.75 -29.06
N ARG B 453 -29.38 23.73 -28.41
CA ARG B 453 -27.93 23.61 -28.26
C ARG B 453 -27.27 22.89 -29.42
N THR B 454 -28.00 22.01 -30.11
CA THR B 454 -27.45 21.22 -31.20
C THR B 454 -28.41 21.23 -32.38
N GLU B 455 -27.85 21.04 -33.58
CA GLU B 455 -28.67 21.03 -34.79
C GLU B 455 -29.63 19.85 -34.78
N GLU B 456 -29.17 18.68 -34.34
CA GLU B 456 -30.04 17.51 -34.29
C GLU B 456 -31.19 17.72 -33.32
N GLY B 457 -30.91 18.33 -32.17
CA GLY B 457 -31.98 18.61 -31.22
C GLY B 457 -33.01 19.57 -31.80
N LEU B 458 -32.55 20.59 -32.51
CA LEU B 458 -33.48 21.53 -33.14
C LEU B 458 -34.31 20.84 -34.22
N GLN B 459 -33.69 19.96 -34.99
CA GLN B 459 -34.44 19.21 -36.00
C GLN B 459 -35.51 18.34 -35.36
N LYS B 460 -35.16 17.68 -34.25
CA LYS B 460 -36.16 16.87 -33.54
C LYS B 460 -37.27 17.75 -32.99
N ILE B 461 -36.93 18.94 -32.49
CA ILE B 461 -37.94 19.87 -31.99
C ILE B 461 -38.89 20.26 -33.12
N PHE B 462 -38.34 20.55 -34.30
CA PHE B 462 -39.19 20.91 -35.44
C PHE B 462 -40.07 19.74 -35.86
N GLU B 463 -39.53 18.52 -35.85
CA GLU B 463 -40.35 17.36 -36.17
C GLU B 463 -41.51 17.22 -35.20
N GLU B 464 -41.24 17.38 -33.90
CA GLU B 464 -42.30 17.27 -32.90
C GLU B 464 -43.32 18.39 -33.08
N ALA B 465 -42.86 19.60 -33.40
CA ALA B 465 -43.78 20.70 -33.63
C ALA B 465 -44.68 20.42 -34.83
N HIS B 466 -44.11 19.89 -35.92
CA HIS B 466 -44.91 19.50 -37.06
C HIS B 466 -45.93 18.43 -36.67
N LYS B 467 -45.52 17.52 -35.78
CA LYS B 467 -46.45 16.49 -35.30
C LYS B 467 -47.66 17.13 -34.62
N HIS B 468 -47.47 18.27 -33.97
CA HIS B 468 -48.54 19.00 -33.28
C HIS B 468 -48.87 20.31 -34.01
N ALA B 469 -48.86 20.28 -35.34
CA ALA B 469 -49.12 21.47 -36.12
C ALA B 469 -50.52 22.02 -35.90
N SER B 470 -51.45 21.18 -35.41
CA SER B 470 -52.84 21.58 -35.21
C SER B 470 -53.09 22.12 -33.80
N ASN B 471 -52.05 22.26 -32.98
CA ASN B 471 -52.17 22.76 -31.62
C ASN B 471 -51.53 24.13 -31.54
N VAL B 472 -52.28 25.12 -31.07
CA VAL B 472 -51.75 26.47 -30.90
C VAL B 472 -51.24 26.69 -29.48
N GLU B 473 -51.81 25.99 -28.49
CA GLU B 473 -51.30 26.11 -27.13
C GLU B 473 -49.88 25.60 -27.03
N PHE B 474 -49.57 24.49 -27.71
CA PHE B 474 -48.20 23.98 -27.74
C PHE B 474 -47.27 25.00 -28.40
N HIS B 475 -47.73 25.64 -29.48
CA HIS B 475 -46.91 26.66 -30.13
C HIS B 475 -46.65 27.83 -29.19
N ALA B 476 -47.66 28.25 -28.43
CA ALA B 476 -47.46 29.34 -27.48
C ALA B 476 -46.48 28.94 -26.38
N LEU B 477 -46.59 27.71 -25.88
CA LEU B 477 -45.67 27.24 -24.85
C LEU B 477 -44.24 27.21 -25.36
N CYS B 478 -44.04 26.73 -26.60
CA CYS B 478 -42.71 26.76 -27.20
C CYS B 478 -42.22 28.19 -27.38
N GLN B 479 -43.12 29.08 -27.81
CA GLN B 479 -42.75 30.47 -28.04
C GLN B 479 -42.28 31.14 -26.76
N GLU B 480 -42.91 30.78 -25.63
CA GLU B 480 -42.59 31.45 -24.38
C GLU B 480 -41.13 31.32 -24.00
N SER B 481 -40.43 30.31 -24.53
CA SER B 481 -39.01 30.12 -24.29
C SER B 481 -38.20 30.07 -25.58
N ALA B 482 -38.72 30.65 -26.66
CA ALA B 482 -38.06 30.65 -27.95
C ALA B 482 -37.22 31.91 -28.20
N ASN B 483 -37.14 32.82 -27.23
CA ASN B 483 -36.41 34.08 -27.38
C ASN B 483 -35.16 34.12 -26.52
N THR B 484 -34.67 32.97 -26.06
CA THR B 484 -33.45 32.94 -25.27
C THR B 484 -32.28 33.48 -26.09
N LYS B 485 -31.37 34.18 -25.41
CA LYS B 485 -30.26 34.81 -26.10
C LYS B 485 -29.36 33.75 -26.74
N PRO B 486 -28.68 34.09 -27.85
CA PRO B 486 -27.82 33.09 -28.49
C PRO B 486 -26.73 32.56 -27.59
N LYS B 487 -26.24 33.36 -26.64
CA LYS B 487 -25.17 32.92 -25.75
C LYS B 487 -25.55 31.63 -25.04
N SER B 488 -26.83 31.49 -24.66
CA SER B 488 -27.28 30.28 -23.99
C SER B 488 -27.57 29.17 -25.00
N LEU B 489 -28.50 29.42 -25.92
CA LEU B 489 -28.86 28.47 -26.96
C LEU B 489 -28.41 29.01 -28.32
N PRO B 490 -27.30 28.52 -28.90
CA PRO B 490 -26.77 29.15 -30.10
C PRO B 490 -27.48 28.74 -31.39
N TYR B 491 -28.01 27.53 -31.46
CA TYR B 491 -28.60 27.03 -32.70
C TYR B 491 -30.02 27.58 -32.82
N ARG B 492 -30.20 28.61 -33.64
CA ARG B 492 -31.50 29.23 -33.87
C ARG B 492 -32.11 28.66 -35.15
N GLY B 493 -33.41 28.36 -35.10
CA GLY B 493 -34.07 27.77 -36.24
C GLY B 493 -35.50 28.24 -36.38
N ALA B 494 -36.01 28.11 -37.60
CA ALA B 494 -37.36 28.52 -37.95
C ALA B 494 -37.92 27.58 -39.00
N THR B 495 -39.21 27.25 -38.86
CA THR B 495 -39.92 26.41 -39.82
C THR B 495 -41.34 26.95 -39.97
N ILE B 496 -42.08 26.36 -40.90
CA ILE B 496 -43.47 26.73 -41.15
C ILE B 496 -44.33 25.49 -40.96
N LEU B 497 -45.30 25.59 -40.05
CA LEU B 497 -46.28 24.54 -39.83
C LEU B 497 -47.50 24.79 -40.69
N ASN B 498 -48.12 23.70 -41.17
CA ASN B 498 -49.25 23.76 -42.08
C ASN B 498 -48.87 24.52 -43.35
N ALA B 499 -47.70 24.19 -43.89
CA ALA B 499 -47.15 24.86 -45.06
C ALA B 499 -47.32 23.98 -46.29
N GLU B 500 -47.74 24.60 -47.40
CA GLU B 500 -47.80 23.88 -48.67
C GLU B 500 -46.43 23.39 -49.10
N GLY B 501 -45.41 24.23 -48.94
CA GLY B 501 -44.04 23.89 -49.29
C GLY B 501 -43.19 23.79 -48.04
N GLU B 502 -42.43 22.71 -47.94
CA GLU B 502 -41.58 22.48 -46.78
C GLU B 502 -40.54 23.59 -46.68
N TYR B 503 -40.38 24.13 -45.47
CA TYR B 503 -39.34 25.12 -45.18
C TYR B 503 -38.76 24.85 -43.82
N THR B 504 -37.44 24.99 -43.71
CA THR B 504 -36.74 24.78 -42.45
C THR B 504 -35.36 25.39 -42.55
N GLU B 505 -35.02 26.27 -41.61
CA GLU B 505 -33.71 26.92 -41.56
C GLU B 505 -33.15 26.77 -40.16
N ILE B 506 -31.87 26.41 -40.08
CA ILE B 506 -31.17 26.27 -38.80
C ILE B 506 -29.77 26.85 -38.97
N GLN B 507 -29.33 27.65 -38.01
CA GLN B 507 -28.02 28.28 -38.09
C GLN B 507 -27.49 28.56 -36.69
N LYS B 508 -26.17 28.48 -36.55
CA LYS B 508 -25.51 28.83 -35.29
C LYS B 508 -25.31 30.34 -35.25
N CYS B 509 -25.86 30.99 -34.22
CA CYS B 509 -25.83 32.44 -34.12
C CYS B 509 -24.77 32.88 -33.13
N PRO B 510 -23.87 33.81 -33.47
CA PRO B 510 -22.86 34.24 -32.51
C PRO B 510 -23.46 34.90 -31.29
N SER B 511 -22.71 34.87 -30.19
CA SER B 511 -23.19 35.46 -28.94
C SER B 511 -23.51 36.95 -29.12
N LYS B 512 -22.64 37.67 -29.83
CA LYS B 512 -22.89 39.10 -30.05
C LYS B 512 -24.17 39.31 -30.84
N ALA B 513 -24.94 40.31 -30.42
CA ALA B 513 -26.21 40.63 -31.07
C ALA B 513 -25.99 41.63 -32.19
N ARG B 514 -26.55 41.36 -33.36
CA ARG B 514 -26.44 42.24 -34.50
C ARG B 514 -27.54 43.29 -34.48
N GLU B 515 -27.37 44.31 -35.32
CA GLU B 515 -28.29 45.45 -35.37
C GLU B 515 -29.30 45.24 -36.50
N VAL B 516 -30.57 45.50 -36.21
CA VAL B 516 -31.66 45.35 -37.17
C VAL B 516 -31.91 46.70 -37.82
N TRP B 517 -31.98 46.72 -39.15
CA TRP B 517 -32.16 47.94 -39.92
C TRP B 517 -33.28 47.74 -40.93
N PHE B 518 -34.41 48.40 -40.70
CA PHE B 518 -35.50 48.40 -41.68
C PHE B 518 -35.10 49.25 -42.88
N VAL B 519 -35.34 48.73 -44.07
CA VAL B 519 -35.06 49.42 -45.33
C VAL B 519 -36.35 49.47 -46.13
N TYR B 520 -36.80 50.67 -46.47
CA TYR B 520 -38.02 50.88 -47.23
C TYR B 520 -37.66 51.27 -48.65
N SER B 521 -38.15 50.49 -49.62
CA SER B 521 -37.90 50.77 -51.03
C SER B 521 -38.93 51.77 -51.55
N GLY B 522 -38.60 52.35 -52.71
CA GLY B 522 -39.39 53.40 -53.32
C GLY B 522 -40.28 52.88 -54.44
N MET B 523 -40.33 53.65 -55.52
CA MET B 523 -41.19 53.31 -56.65
C MET B 523 -40.60 52.16 -57.44
N GLY B 524 -41.43 51.59 -58.32
CA GLY B 524 -41.04 50.49 -59.17
C GLY B 524 -41.39 49.11 -58.63
N SER B 525 -41.67 49.00 -57.33
CA SER B 525 -42.05 47.73 -56.73
C SER B 525 -43.48 47.32 -57.04
N GLN B 526 -44.19 48.13 -57.84
CA GLN B 526 -45.55 47.81 -58.21
C GLN B 526 -45.60 46.57 -59.11
N TRP B 527 -46.69 45.83 -58.99
CA TRP B 527 -46.98 44.70 -59.87
C TRP B 527 -48.44 44.32 -59.64
N VAL B 528 -48.89 43.28 -60.34
CA VAL B 528 -50.27 42.83 -60.25
C VAL B 528 -50.35 41.74 -59.19
N GLY B 529 -51.16 41.98 -58.16
CA GLY B 529 -51.29 41.05 -57.06
C GLY B 529 -50.48 41.37 -55.82
N MET B 530 -49.86 42.54 -55.77
CA MET B 530 -49.06 42.92 -54.60
C MET B 530 -49.87 42.81 -53.33
N GLY B 531 -49.43 41.94 -52.42
CA GLY B 531 -50.07 41.77 -51.14
C GLY B 531 -51.36 40.99 -51.17
N ARG B 532 -51.74 40.42 -52.32
CA ARG B 532 -52.97 39.66 -52.39
C ARG B 532 -52.93 38.44 -51.47
N SER B 533 -51.81 37.71 -51.47
CA SER B 533 -51.67 36.56 -50.58
C SER B 533 -51.62 37.00 -49.13
N LEU B 534 -50.85 38.04 -48.82
CA LEU B 534 -50.72 38.52 -47.45
C LEU B 534 -52.07 38.91 -46.85
N MET B 535 -53.11 39.06 -47.66
CA MET B 535 -54.44 39.37 -47.11
C MET B 535 -54.95 38.25 -46.21
N ALA B 536 -54.37 37.05 -46.30
CA ALA B 536 -54.81 35.97 -45.44
C ALA B 536 -54.65 36.35 -43.97
N LEU B 537 -53.55 37.01 -43.62
CA LEU B 537 -53.34 37.44 -42.25
C LEU B 537 -54.37 38.49 -41.85
N ASP B 538 -54.88 38.37 -40.62
CA ASP B 538 -55.89 39.30 -40.15
C ASP B 538 -55.32 40.71 -40.01
N VAL B 539 -54.10 40.84 -39.48
CA VAL B 539 -53.52 42.15 -39.23
C VAL B 539 -53.30 42.89 -40.54
N PHE B 540 -52.76 42.19 -41.56
CA PHE B 540 -52.52 42.83 -42.85
C PHE B 540 -53.82 43.32 -43.46
N ARG B 541 -54.85 42.49 -43.45
CA ARG B 541 -56.13 42.88 -44.03
C ARG B 541 -56.74 44.05 -43.28
N GLN B 542 -56.65 44.04 -41.94
CA GLN B 542 -57.18 45.15 -41.16
C GLN B 542 -56.45 46.44 -41.46
N SER B 543 -55.12 46.38 -41.59
CA SER B 543 -54.35 47.56 -41.93
C SER B 543 -54.75 48.10 -43.29
N ILE B 544 -54.89 47.22 -44.28
CA ILE B 544 -55.28 47.66 -45.62
C ILE B 544 -56.67 48.27 -45.60
N GLU B 545 -57.59 47.66 -44.86
CA GLU B 545 -58.95 48.19 -44.77
C GLU B 545 -58.95 49.57 -44.11
N GLU B 546 -58.15 49.74 -43.06
CA GLU B 546 -58.08 51.05 -42.41
C GLU B 546 -57.54 52.11 -43.36
N THR B 547 -56.49 51.77 -44.11
CA THR B 547 -55.94 52.73 -45.08
C THR B 547 -56.97 53.06 -46.15
N ALA B 548 -57.69 52.05 -46.65
CA ALA B 548 -58.70 52.28 -47.67
C ALA B 548 -59.82 53.17 -47.14
N ALA B 549 -60.26 52.93 -45.91
CA ALA B 549 -61.30 53.77 -45.32
C ALA B 549 -60.81 55.20 -45.16
N ILE B 550 -59.56 55.38 -44.75
CA ILE B 550 -59.01 56.72 -44.60
C ILE B 550 -59.00 57.43 -45.95
N LEU B 551 -58.57 56.74 -47.01
CA LEU B 551 -58.44 57.37 -48.31
C LEU B 551 -59.74 57.47 -49.09
N SER B 552 -60.80 56.77 -48.65
CA SER B 552 -62.07 56.82 -49.38
C SER B 552 -62.61 58.25 -49.53
N PRO B 553 -62.62 59.09 -48.49
CA PRO B 553 -63.20 60.44 -48.67
C PRO B 553 -62.60 61.22 -49.83
N PHE B 554 -61.40 60.84 -50.26
CA PHE B 554 -60.70 61.50 -51.35
C PHE B 554 -60.94 60.84 -52.70
N GLY B 555 -61.91 59.94 -52.80
CA GLY B 555 -62.27 59.36 -54.08
C GLY B 555 -61.29 58.32 -54.59
N VAL B 556 -60.59 57.62 -53.71
CA VAL B 556 -59.65 56.57 -54.08
C VAL B 556 -60.10 55.27 -53.43
N ASP B 557 -60.22 54.22 -54.23
CA ASP B 557 -60.60 52.90 -53.76
C ASP B 557 -59.33 52.06 -53.68
N LEU B 558 -58.65 52.12 -52.53
CA LEU B 558 -57.44 51.35 -52.33
C LEU B 558 -57.72 49.85 -52.47
N MET B 559 -58.84 49.40 -51.92
CA MET B 559 -59.21 47.98 -51.96
C MET B 559 -59.33 47.49 -53.39
N SER B 560 -60.07 48.20 -54.23
CA SER B 560 -60.28 47.77 -55.61
C SER B 560 -58.96 47.70 -56.36
N LEU B 561 -58.11 48.72 -56.19
CA LEU B 561 -56.82 48.72 -56.87
C LEU B 561 -55.95 47.55 -56.41
N LEU B 562 -55.94 47.27 -55.11
CA LEU B 562 -55.07 46.21 -54.59
C LEU B 562 -55.53 44.84 -55.08
N MET B 563 -56.85 44.57 -55.07
CA MET B 563 -57.33 43.24 -55.40
C MET B 563 -57.67 43.06 -56.88
N ASP B 564 -58.59 43.86 -57.42
CA ASP B 564 -59.02 43.70 -58.79
C ASP B 564 -58.25 44.59 -59.75
N GLY B 565 -57.20 45.25 -59.28
CA GLY B 565 -56.44 46.14 -60.15
C GLY B 565 -55.73 45.38 -61.26
N THR B 566 -55.51 46.07 -62.37
CA THR B 566 -54.85 45.52 -63.54
C THR B 566 -53.62 46.37 -63.88
N GLU B 567 -52.84 45.89 -64.85
CA GLU B 567 -51.65 46.60 -65.26
C GLU B 567 -51.98 48.02 -65.73
N ASP B 568 -53.13 48.19 -66.38
CA ASP B 568 -53.56 49.54 -66.76
C ASP B 568 -53.67 50.44 -65.55
N LYS B 569 -54.07 49.89 -64.40
CA LYS B 569 -54.13 50.67 -63.17
C LYS B 569 -52.76 51.21 -62.81
N LEU B 570 -51.74 50.36 -62.81
CA LEU B 570 -50.40 50.78 -62.43
C LEU B 570 -49.74 51.62 -63.51
N LYS B 571 -50.30 51.64 -64.72
CA LYS B 571 -49.78 52.53 -65.76
C LYS B 571 -49.93 54.00 -65.38
N GLU B 572 -50.95 54.33 -64.58
CA GLU B 572 -51.10 55.68 -64.06
C GLU B 572 -50.16 55.89 -62.88
N ILE B 573 -50.09 57.13 -62.40
CA ILE B 573 -49.16 57.48 -61.31
C ILE B 573 -49.79 57.24 -59.94
N MET B 574 -51.01 57.74 -59.74
CA MET B 574 -51.65 57.70 -58.42
C MET B 574 -51.74 56.28 -57.85
N PRO B 575 -52.20 55.28 -58.59
CA PRO B 575 -52.32 53.92 -58.03
C PRO B 575 -50.98 53.37 -57.57
N PRO B 576 -49.88 53.56 -58.34
CA PRO B 576 -48.58 53.11 -57.85
C PRO B 576 -48.26 53.60 -56.44
N PHE B 577 -48.26 54.92 -56.26
CA PHE B 577 -47.94 55.48 -54.95
C PHE B 577 -48.86 54.92 -53.89
N ILE B 578 -50.17 54.93 -54.15
CA ILE B 578 -51.13 54.53 -53.13
C ILE B 578 -50.88 53.08 -52.71
N CYS B 579 -50.70 52.19 -53.69
CA CYS B 579 -50.57 50.76 -53.40
C CYS B 579 -49.26 50.47 -52.69
N ILE B 580 -48.15 51.03 -53.19
CA ILE B 580 -46.87 50.75 -52.55
C ILE B 580 -46.88 51.22 -51.11
N ASN B 581 -47.40 52.43 -50.87
CA ASN B 581 -47.41 52.95 -49.50
C ASN B 581 -48.33 52.13 -48.61
N ALA B 582 -49.49 51.71 -49.12
CA ALA B 582 -50.39 50.90 -48.31
C ALA B 582 -49.74 49.57 -47.93
N ILE B 583 -49.06 48.94 -48.88
CA ILE B 583 -48.36 47.69 -48.59
C ILE B 583 -47.28 47.93 -47.54
N GLN B 584 -46.56 49.04 -47.65
CA GLN B 584 -45.51 49.33 -46.68
C GLN B 584 -46.09 49.51 -45.28
N LEU B 585 -47.20 50.25 -45.16
CA LEU B 585 -47.81 50.43 -43.84
C LEU B 585 -48.30 49.09 -43.28
N ALA B 586 -48.89 48.26 -44.14
CA ALA B 586 -49.38 46.96 -43.67
C ALA B 586 -48.22 46.09 -43.18
N LEU B 587 -47.11 46.07 -43.91
CA LEU B 587 -45.96 45.29 -43.48
C LEU B 587 -45.38 45.83 -42.18
N THR B 588 -45.33 47.15 -42.04
CA THR B 588 -44.85 47.74 -40.79
C THR B 588 -45.75 47.34 -39.62
N ASP B 589 -47.07 47.36 -39.83
CA ASP B 589 -47.99 46.95 -38.79
C ASP B 589 -47.78 45.48 -38.42
N LEU B 590 -47.59 44.63 -39.43
CA LEU B 590 -47.33 43.22 -39.15
C LEU B 590 -46.07 43.04 -38.32
N LEU B 591 -44.99 43.72 -38.71
CA LEU B 591 -43.74 43.60 -37.98
C LEU B 591 -43.88 44.10 -36.54
N ASN B 592 -44.59 45.22 -36.36
CA ASN B 592 -44.80 45.73 -35.01
C ASN B 592 -45.62 44.74 -34.18
N SER B 593 -46.65 44.13 -34.79
CA SER B 593 -47.45 43.16 -34.07
C SER B 593 -46.61 41.96 -33.64
N MET B 594 -45.71 41.49 -34.52
CA MET B 594 -44.80 40.42 -34.13
C MET B 594 -43.77 40.86 -33.10
N GLY B 595 -43.64 42.15 -32.85
CA GLY B 595 -42.73 42.62 -31.83
C GLY B 595 -41.30 42.79 -32.28
N ILE B 596 -41.08 43.16 -33.54
CA ILE B 596 -39.74 43.44 -34.04
C ILE B 596 -39.47 44.94 -33.87
N VAL B 597 -38.44 45.26 -33.08
CA VAL B 597 -38.06 46.64 -32.82
C VAL B 597 -36.89 46.99 -33.73
N PRO B 598 -37.06 47.89 -34.70
CA PRO B 598 -35.95 48.22 -35.61
C PRO B 598 -34.94 49.13 -34.93
N ASP B 599 -33.69 48.67 -34.83
CA ASP B 599 -32.63 49.49 -34.27
C ASP B 599 -32.24 50.64 -35.20
N GLY B 600 -32.53 50.52 -36.49
CA GLY B 600 -32.26 51.59 -37.42
C GLY B 600 -33.28 51.58 -38.54
N LEU B 601 -33.47 52.76 -39.15
CA LEU B 601 -34.47 52.94 -40.20
C LEU B 601 -33.85 53.70 -41.36
N VAL B 602 -34.11 53.24 -42.58
CA VAL B 602 -33.68 53.94 -43.79
C VAL B 602 -34.70 53.64 -44.88
N GLY B 603 -34.77 54.54 -45.86
CA GLY B 603 -35.72 54.37 -46.94
C GLY B 603 -35.31 55.14 -48.17
N HIS B 604 -35.76 54.65 -49.33
CA HIS B 604 -35.54 55.32 -50.60
C HIS B 604 -36.62 56.39 -50.79
N SER B 605 -36.66 56.99 -51.97
CA SER B 605 -37.72 57.96 -52.27
C SER B 605 -39.08 57.28 -52.16
N LEU B 606 -40.01 57.99 -51.52
CA LEU B 606 -41.37 57.50 -51.28
C LEU B 606 -41.40 56.44 -50.20
N GLY B 607 -40.22 56.02 -49.72
CA GLY B 607 -40.15 55.10 -48.61
C GLY B 607 -39.91 55.83 -47.30
N GLU B 608 -39.50 57.09 -47.39
CA GLU B 608 -39.25 57.88 -46.19
C GLU B 608 -40.54 58.07 -45.39
N VAL B 609 -41.69 58.10 -46.06
CA VAL B 609 -42.96 58.17 -45.34
C VAL B 609 -43.15 56.90 -44.51
N GLY B 610 -42.79 55.75 -45.07
CA GLY B 610 -42.85 54.51 -44.31
C GLY B 610 -41.93 54.52 -43.11
N CYS B 611 -40.72 55.05 -43.28
CA CYS B 611 -39.80 55.15 -42.15
C CYS B 611 -40.35 56.09 -41.08
N ALA B 612 -40.95 57.20 -41.49
CA ALA B 612 -41.55 58.11 -40.53
C ALA B 612 -42.68 57.43 -39.76
N TYR B 613 -43.53 56.68 -40.47
CA TYR B 613 -44.62 55.99 -39.81
C TYR B 613 -44.10 54.94 -38.83
N ALA B 614 -43.08 54.19 -39.23
CA ALA B 614 -42.55 53.13 -38.36
C ALA B 614 -41.79 53.72 -37.17
N ASP B 615 -41.22 54.91 -37.33
CA ASP B 615 -40.45 55.54 -36.25
C ASP B 615 -41.33 56.19 -35.20
N GLY B 616 -42.62 56.37 -35.47
CA GLY B 616 -43.52 57.03 -34.55
C GLY B 616 -43.65 58.52 -34.74
N CYS B 617 -42.81 59.13 -35.57
CA CYS B 617 -42.94 60.56 -35.85
C CYS B 617 -44.14 60.85 -36.74
N LEU B 618 -44.61 59.87 -37.51
CA LEU B 618 -45.77 60.02 -38.37
C LEU B 618 -46.82 59.00 -37.99
N THR B 619 -48.06 59.26 -38.41
CA THR B 619 -49.19 58.38 -38.18
C THR B 619 -49.66 57.78 -39.48
N ARG B 620 -50.53 56.78 -39.38
CA ARG B 620 -51.04 56.10 -40.57
C ARG B 620 -51.72 57.10 -41.51
N ARG B 621 -52.66 57.89 -40.98
CA ARG B 621 -53.38 58.85 -41.81
C ARG B 621 -52.42 59.87 -42.41
N GLU B 622 -51.49 60.38 -41.59
CA GLU B 622 -50.57 61.39 -42.09
C GLU B 622 -49.69 60.84 -43.20
N ALA B 623 -49.21 59.61 -43.05
CA ALA B 623 -48.36 59.02 -44.09
C ALA B 623 -49.14 58.78 -45.37
N ILE B 624 -50.34 58.19 -45.26
CA ILE B 624 -51.11 57.92 -46.47
C ILE B 624 -51.46 59.23 -47.18
N LEU B 625 -51.78 60.27 -46.41
CA LEU B 625 -52.13 61.54 -47.04
C LEU B 625 -50.91 62.24 -47.61
N SER B 626 -49.74 62.08 -47.00
CA SER B 626 -48.52 62.59 -47.61
C SER B 626 -48.27 61.94 -48.96
N ALA B 627 -48.45 60.62 -49.04
CA ALA B 627 -48.28 59.91 -50.31
C ALA B 627 -49.31 60.38 -51.34
N PHE B 628 -50.57 60.50 -50.90
CA PHE B 628 -51.63 60.95 -51.81
C PHE B 628 -51.33 62.35 -52.33
N TRP B 629 -50.84 63.23 -51.45
CA TRP B 629 -50.48 64.58 -51.88
C TRP B 629 -49.30 64.56 -52.84
N ARG B 630 -48.33 63.67 -52.60
CA ARG B 630 -47.21 63.55 -53.54
C ARG B 630 -47.71 63.19 -54.93
N ALA B 631 -48.59 62.20 -55.02
CA ALA B 631 -49.12 61.79 -56.32
C ALA B 631 -49.97 62.91 -56.94
N LYS B 632 -50.80 63.58 -56.12
CA LYS B 632 -51.67 64.62 -56.63
C LYS B 632 -50.87 65.81 -57.14
N ALA B 633 -49.77 66.15 -56.48
CA ALA B 633 -48.99 67.31 -56.89
C ALA B 633 -48.42 67.12 -58.29
N VAL B 634 -48.26 65.88 -58.74
CA VAL B 634 -47.77 65.61 -60.07
C VAL B 634 -48.89 65.32 -61.07
N ILE B 635 -50.04 64.84 -60.61
CA ILE B 635 -51.17 64.60 -61.51
C ILE B 635 -52.15 65.78 -61.51
N ASP B 636 -51.79 66.90 -60.90
CA ASP B 636 -52.65 68.08 -60.87
C ASP B 636 -52.03 69.27 -61.59
N CYS B 637 -50.73 69.50 -61.42
CA CYS B 637 -50.02 70.57 -62.12
C CYS B 637 -49.32 69.99 -63.35
N GLU B 638 -49.24 70.79 -64.40
CA GLU B 638 -48.68 70.31 -65.66
C GLU B 638 -47.17 70.19 -65.55
N VAL B 639 -46.65 69.02 -65.92
CA VAL B 639 -45.22 68.73 -65.92
C VAL B 639 -44.86 68.24 -67.32
N LYS B 640 -43.95 68.96 -67.98
CA LYS B 640 -43.55 68.59 -69.34
C LYS B 640 -42.90 67.22 -69.33
N PRO B 641 -43.03 66.44 -70.40
CA PRO B 641 -42.48 65.08 -70.37
C PRO B 641 -40.98 65.05 -70.13
N GLY B 642 -40.55 64.05 -69.36
CA GLY B 642 -39.16 63.83 -69.06
C GLY B 642 -38.88 62.36 -68.85
N LYS B 643 -37.66 62.01 -68.47
CA LYS B 643 -37.32 60.61 -68.23
C LYS B 643 -36.25 60.51 -67.16
N MET B 644 -36.07 59.28 -66.68
CA MET B 644 -35.01 58.92 -65.75
C MET B 644 -34.32 57.66 -66.26
N ALA B 645 -33.03 57.55 -65.96
CA ALA B 645 -32.20 56.45 -66.41
C ALA B 645 -31.27 56.03 -65.28
N ALA B 646 -30.62 54.88 -65.47
CA ALA B 646 -29.87 54.20 -64.42
C ALA B 646 -28.37 54.16 -64.73
N VAL B 647 -27.80 55.32 -65.07
CA VAL B 647 -26.45 55.31 -65.65
C VAL B 647 -25.47 54.76 -64.64
N GLU B 648 -24.58 53.88 -65.10
CA GLU B 648 -23.56 53.28 -64.23
C GLU B 648 -22.35 54.21 -64.13
N LEU B 649 -22.64 55.46 -63.81
CA LEU B 649 -21.64 56.46 -63.49
C LEU B 649 -21.58 56.65 -61.98
N THR B 650 -20.44 57.14 -61.51
CA THR B 650 -20.35 57.56 -60.13
C THR B 650 -21.11 58.86 -59.94
N TRP B 651 -21.45 59.15 -58.67
CA TRP B 651 -22.14 60.40 -58.37
C TRP B 651 -21.37 61.58 -58.96
N GLU B 652 -20.06 61.63 -58.75
CA GLU B 652 -19.26 62.72 -59.28
C GLU B 652 -19.16 62.64 -60.80
N GLU B 653 -19.25 61.44 -61.38
CA GLU B 653 -19.29 61.31 -62.83
C GLU B 653 -20.64 61.76 -63.36
N ALA B 654 -21.73 61.14 -62.90
CA ALA B 654 -23.05 61.44 -63.42
C ALA B 654 -23.44 62.91 -63.23
N LYS B 655 -23.34 63.39 -61.98
CA LYS B 655 -23.75 64.76 -61.68
C LYS B 655 -23.11 65.77 -62.62
N ARG B 656 -21.89 65.50 -63.07
CA ARG B 656 -21.21 66.38 -64.01
C ARG B 656 -21.55 66.05 -65.47
N LEU B 657 -21.73 64.76 -65.77
CA LEU B 657 -21.97 64.34 -67.15
C LEU B 657 -23.29 64.84 -67.67
N CYS B 658 -24.28 64.97 -66.79
CA CYS B 658 -25.62 65.36 -67.22
C CYS B 658 -25.63 66.82 -67.66
N PRO B 659 -26.27 67.14 -68.79
CA PRO B 659 -26.34 68.54 -69.23
C PRO B 659 -27.33 69.34 -68.40
N PRO B 660 -27.53 70.62 -68.73
CA PRO B 660 -28.54 71.40 -68.02
C PRO B 660 -29.92 70.76 -68.07
N GLY B 661 -30.63 70.78 -66.95
CA GLY B 661 -31.91 70.09 -66.86
C GLY B 661 -31.73 68.68 -66.34
N VAL B 662 -30.90 67.90 -67.01
CA VAL B 662 -30.59 66.56 -66.52
C VAL B 662 -29.72 66.67 -65.28
N VAL B 663 -30.10 65.94 -64.23
CA VAL B 663 -29.39 65.94 -62.96
C VAL B 663 -29.29 64.50 -62.49
N ALA B 664 -28.59 64.27 -61.39
CA ALA B 664 -28.52 62.94 -60.77
C ALA B 664 -29.41 62.94 -59.54
N ALA B 665 -30.31 61.95 -59.47
CA ALA B 665 -31.40 61.97 -58.49
C ALA B 665 -31.05 61.18 -57.22
N CYS B 666 -30.77 59.89 -57.35
CA CYS B 666 -30.59 59.01 -56.20
C CYS B 666 -29.26 58.30 -56.28
N HIS B 667 -28.51 58.32 -55.18
CA HIS B 667 -27.24 57.62 -55.06
C HIS B 667 -27.51 56.21 -54.55
N ASN B 668 -27.79 55.29 -55.48
CA ASN B 668 -28.18 53.94 -55.09
C ASN B 668 -27.04 53.22 -54.37
N SER B 669 -25.92 53.04 -55.06
CA SER B 669 -24.80 52.28 -54.51
C SER B 669 -23.50 52.97 -54.91
N GLN B 670 -22.38 52.30 -54.67
CA GLN B 670 -21.07 52.86 -54.98
C GLN B 670 -20.84 53.02 -56.47
N ASP B 671 -21.49 52.24 -57.32
CA ASP B 671 -21.51 52.55 -58.74
C ASP B 671 -22.87 52.27 -59.36
N SER B 672 -23.78 53.23 -59.23
CA SER B 672 -25.02 53.30 -59.99
C SER B 672 -25.71 54.60 -59.64
N VAL B 673 -26.12 55.39 -60.62
CA VAL B 673 -26.71 56.70 -60.35
C VAL B 673 -27.91 56.92 -61.26
N THR B 674 -29.04 57.30 -60.66
CA THR B 674 -30.17 57.73 -61.44
C THR B 674 -29.87 59.11 -62.03
N ILE B 675 -30.38 59.33 -63.25
CA ILE B 675 -30.27 60.62 -63.91
C ILE B 675 -31.67 60.95 -64.43
N SER B 676 -32.08 62.21 -64.27
CA SER B 676 -33.45 62.62 -64.54
C SER B 676 -33.44 63.97 -65.25
N GLY B 677 -34.24 64.09 -66.31
CA GLY B 677 -34.28 65.35 -67.03
C GLY B 677 -35.45 65.40 -67.99
N GLY B 678 -35.46 66.47 -68.80
CA GLY B 678 -36.49 66.63 -69.81
C GLY B 678 -36.36 65.62 -70.93
N ALA B 679 -37.49 65.36 -71.59
CA ALA B 679 -37.56 64.25 -72.55
C ALA B 679 -36.59 64.44 -73.70
N GLN B 680 -36.14 65.65 -73.96
CA GLN B 680 -35.24 65.95 -75.07
C GLN B 680 -33.79 65.98 -74.61
N GLU B 681 -33.51 66.83 -73.61
CA GLU B 681 -32.21 66.85 -72.96
C GLU B 681 -31.79 65.43 -72.60
N MET B 682 -32.72 64.70 -71.99
CA MET B 682 -32.45 63.35 -71.53
C MET B 682 -32.04 62.50 -72.72
N THR B 683 -32.95 62.30 -73.68
CA THR B 683 -32.70 61.39 -74.79
C THR B 683 -31.33 61.68 -75.38
N LYS B 684 -31.00 62.96 -75.60
CA LYS B 684 -29.72 63.28 -76.22
C LYS B 684 -28.56 62.88 -75.34
N PHE B 685 -28.61 63.23 -74.04
CA PHE B 685 -27.49 62.94 -73.15
C PHE B 685 -27.33 61.45 -72.94
N MET B 686 -28.46 60.74 -72.77
CA MET B 686 -28.42 59.28 -72.66
C MET B 686 -27.80 58.65 -73.89
N ALA B 687 -28.11 59.16 -75.07
CA ALA B 687 -27.51 58.62 -76.29
C ALA B 687 -25.99 58.84 -76.29
N GLU B 688 -25.57 60.06 -76.01
CA GLU B 688 -24.13 60.34 -75.96
C GLU B 688 -23.46 59.40 -74.96
N LEU B 689 -24.09 59.19 -73.80
CA LEU B 689 -23.57 58.24 -72.84
C LEU B 689 -23.44 56.85 -73.45
N SER B 690 -24.54 56.30 -73.94
CA SER B 690 -24.57 54.98 -74.54
C SER B 690 -23.42 54.81 -75.51
N ALA B 691 -23.05 55.88 -76.20
CA ALA B 691 -21.85 55.82 -77.05
C ALA B 691 -20.65 55.33 -76.25
N GLN B 692 -20.27 56.07 -75.21
CA GLN B 692 -19.27 55.60 -74.27
C GLN B 692 -19.82 54.43 -73.45
N GLY B 693 -18.95 53.52 -73.05
CA GLY B 693 -19.43 52.36 -72.32
C GLY B 693 -20.09 52.75 -71.01
N VAL B 694 -21.43 52.76 -71.02
CA VAL B 694 -22.24 53.09 -69.85
C VAL B 694 -23.62 52.48 -70.09
N THR B 695 -24.19 51.86 -69.05
CA THR B 695 -25.50 51.22 -69.18
C THR B 695 -26.58 52.24 -68.84
N VAL B 696 -27.04 52.97 -69.86
CA VAL B 696 -28.14 53.93 -69.69
C VAL B 696 -29.42 53.13 -69.90
N LYS B 697 -29.87 52.49 -68.83
CA LYS B 697 -31.08 51.68 -68.85
C LYS B 697 -32.24 52.56 -68.35
N GLU B 698 -33.06 53.03 -69.28
CA GLU B 698 -34.14 53.93 -68.93
C GLU B 698 -35.18 53.23 -68.07
N VAL B 699 -35.84 54.01 -67.22
CA VAL B 699 -36.86 53.51 -66.30
C VAL B 699 -38.13 54.33 -66.50
N ASN B 700 -39.27 53.65 -66.47
CA ASN B 700 -40.55 54.33 -66.61
C ASN B 700 -40.82 55.19 -65.39
N SER B 701 -41.30 56.41 -65.63
CA SER B 701 -41.67 57.32 -64.55
C SER B 701 -42.98 58.04 -64.86
N ASN B 702 -43.80 57.49 -65.73
CA ASN B 702 -44.98 58.19 -66.24
C ASN B 702 -44.58 59.51 -66.89
N ASN B 703 -43.42 59.52 -67.53
CA ASN B 703 -42.88 60.73 -68.17
C ASN B 703 -42.68 61.86 -67.13
N ILE B 704 -41.98 61.50 -66.05
CA ILE B 704 -41.66 62.42 -64.98
C ILE B 704 -40.18 62.29 -64.62
N SER B 705 -39.64 63.36 -64.03
CA SER B 705 -38.24 63.43 -63.61
C SER B 705 -38.20 63.87 -62.15
N TYR B 706 -38.28 62.91 -61.24
CA TYR B 706 -38.31 63.21 -59.81
C TYR B 706 -36.94 63.66 -59.33
N HIS B 707 -36.94 64.37 -58.20
CA HIS B 707 -35.71 64.79 -57.52
C HIS B 707 -34.81 65.58 -58.45
N SER B 708 -35.40 66.55 -59.15
CA SER B 708 -34.66 67.43 -60.04
C SER B 708 -35.22 68.83 -59.93
N SER B 709 -34.66 69.75 -60.73
CA SER B 709 -35.17 71.12 -60.74
C SER B 709 -36.63 71.16 -61.15
N PHE B 710 -37.07 70.23 -61.99
CA PHE B 710 -38.47 70.19 -62.39
C PHE B 710 -39.39 70.05 -61.19
N MET B 711 -38.95 69.34 -60.16
CA MET B 711 -39.73 69.12 -58.95
C MET B 711 -39.78 70.36 -58.05
N THR B 712 -39.27 71.50 -58.51
CA THR B 712 -39.38 72.72 -57.72
C THR B 712 -40.84 73.13 -57.53
N GLU B 713 -41.60 73.21 -58.62
CA GLU B 713 -42.99 73.63 -58.52
C GLU B 713 -43.84 72.66 -57.72
N PRO B 714 -43.84 71.34 -57.99
CA PRO B 714 -44.67 70.44 -57.17
C PRO B 714 -44.32 70.49 -55.69
N ALA B 715 -43.02 70.49 -55.35
CA ALA B 715 -42.62 70.42 -53.96
C ALA B 715 -43.28 71.53 -53.15
N ALA B 716 -43.13 72.77 -53.59
CA ALA B 716 -43.81 73.88 -52.92
C ALA B 716 -45.30 73.60 -52.78
N TYR B 717 -45.94 73.21 -53.90
CA TYR B 717 -47.35 72.84 -53.84
C TYR B 717 -47.56 71.77 -52.76
N LEU B 718 -46.73 70.73 -52.77
CA LEU B 718 -46.83 69.70 -51.76
C LEU B 718 -46.80 70.31 -50.37
N LYS B 719 -45.85 71.21 -50.13
CA LYS B 719 -45.77 71.88 -48.84
C LYS B 719 -47.11 72.52 -48.49
N LYS B 720 -47.65 73.30 -49.43
CA LYS B 720 -48.94 73.95 -49.19
C LYS B 720 -50.01 72.91 -48.86
N GLY B 721 -49.96 71.76 -49.53
CA GLY B 721 -50.92 70.71 -49.24
C GLY B 721 -50.71 70.11 -47.86
N LEU B 722 -49.46 69.93 -47.45
CA LEU B 722 -49.14 69.21 -46.23
C LEU B 722 -48.90 70.12 -45.03
N GLU B 723 -48.83 71.43 -45.22
CA GLU B 723 -48.59 72.32 -44.10
C GLU B 723 -49.75 72.30 -43.11
N LYS B 724 -50.95 72.00 -43.57
CA LYS B 724 -52.14 72.00 -42.72
C LYS B 724 -52.45 70.63 -42.13
N GLU B 725 -51.71 69.59 -42.49
CA GLU B 725 -52.00 68.23 -42.06
C GLU B 725 -50.90 67.65 -41.18
N ILE B 726 -49.65 67.67 -41.65
CA ILE B 726 -48.56 67.01 -40.94
C ILE B 726 -48.20 67.86 -39.71
N VAL B 727 -48.44 67.31 -38.53
CA VAL B 727 -48.06 67.97 -37.28
C VAL B 727 -46.59 67.68 -37.04
N PRO B 728 -45.73 68.70 -36.92
CA PRO B 728 -44.30 68.42 -36.69
C PRO B 728 -44.10 67.57 -35.45
N LYS B 729 -43.21 66.58 -35.57
CA LYS B 729 -42.85 65.71 -34.47
C LYS B 729 -41.35 65.40 -34.56
N PRO B 730 -40.69 65.18 -33.44
CA PRO B 730 -39.24 64.95 -33.48
C PRO B 730 -38.89 63.66 -34.22
N ARG B 731 -37.73 63.67 -34.86
CA ARG B 731 -37.20 62.51 -35.57
C ARG B 731 -36.18 61.81 -34.68
N SER B 732 -36.39 60.53 -34.41
CA SER B 732 -35.49 59.78 -33.57
C SER B 732 -34.17 59.52 -34.29
N LYS B 733 -33.13 59.29 -33.49
CA LYS B 733 -31.82 58.99 -34.06
C LYS B 733 -31.81 57.71 -34.87
N LYS B 734 -32.76 56.81 -34.61
CA LYS B 734 -32.84 55.56 -35.38
C LYS B 734 -33.06 55.84 -36.86
N TRP B 735 -33.97 56.76 -37.17
CA TRP B 735 -34.27 57.08 -38.56
C TRP B 735 -33.12 57.86 -39.17
N ILE B 736 -32.56 57.35 -40.26
CA ILE B 736 -31.44 57.97 -40.96
C ILE B 736 -32.01 58.64 -42.21
N SER B 737 -31.92 59.96 -42.26
CA SER B 737 -32.45 60.71 -43.39
C SER B 737 -31.63 60.42 -44.64
N THR B 738 -32.32 60.26 -45.77
CA THR B 738 -31.69 60.01 -47.06
C THR B 738 -31.89 61.16 -48.04
N SER B 739 -32.35 62.31 -47.57
CA SER B 739 -32.56 63.47 -48.42
C SER B 739 -31.76 64.70 -48.00
N ILE B 740 -31.51 64.86 -46.71
CA ILE B 740 -30.73 65.98 -46.17
C ILE B 740 -29.36 65.45 -45.78
N PRO B 741 -28.27 65.93 -46.35
CA PRO B 741 -26.95 65.38 -46.03
C PRO B 741 -26.61 65.58 -44.56
N GLU B 742 -25.55 64.88 -44.12
CA GLU B 742 -25.17 64.90 -42.72
C GLU B 742 -24.87 66.31 -42.23
N GLU B 743 -24.35 67.18 -43.11
CA GLU B 743 -23.98 68.53 -42.68
C GLU B 743 -25.19 69.32 -42.18
N ARG B 744 -26.41 68.92 -42.54
CA ARG B 744 -27.61 69.63 -42.12
C ARG B 744 -28.50 68.81 -41.21
N TRP B 745 -28.04 67.65 -40.75
CA TRP B 745 -28.85 66.85 -39.83
C TRP B 745 -29.06 67.58 -38.51
N GLY B 746 -28.00 68.23 -37.99
CA GLY B 746 -28.13 69.01 -36.79
C GLY B 746 -28.91 70.29 -36.98
N ASN B 747 -29.05 70.75 -38.21
CA ASN B 747 -29.83 71.95 -38.49
C ASN B 747 -31.30 71.69 -38.16
N PRO B 748 -32.07 72.74 -37.85
CA PRO B 748 -33.46 72.52 -37.43
C PRO B 748 -34.30 71.80 -38.47
N GLU B 749 -34.06 72.07 -39.76
CA GLU B 749 -34.89 71.48 -40.81
C GLU B 749 -34.94 69.97 -40.69
N ALA B 750 -33.83 69.35 -40.30
CA ALA B 750 -33.77 67.90 -40.10
C ALA B 750 -34.07 67.54 -38.64
N GLN B 751 -35.17 68.04 -38.11
CA GLN B 751 -35.60 67.69 -36.75
C GLN B 751 -37.03 67.17 -36.75
N THR B 752 -37.86 67.65 -37.66
CA THR B 752 -39.25 67.25 -37.75
C THR B 752 -39.60 66.88 -39.18
N ALA B 753 -40.37 65.80 -39.34
CA ALA B 753 -40.81 65.35 -40.66
C ALA B 753 -42.10 66.05 -41.07
N ASP B 754 -42.10 67.38 -41.03
CA ASP B 754 -43.27 68.16 -41.39
C ASP B 754 -43.36 68.27 -42.90
N ALA B 755 -44.24 69.14 -43.40
CA ALA B 755 -44.37 69.33 -44.84
C ALA B 755 -43.05 69.75 -45.47
N SER B 756 -42.22 70.47 -44.73
CA SER B 756 -40.92 70.88 -45.27
C SER B 756 -40.06 69.68 -45.59
N TYR B 757 -40.04 68.67 -44.72
CA TYR B 757 -39.27 67.46 -45.00
C TYR B 757 -39.79 66.76 -46.25
N GLN B 758 -41.11 66.65 -46.38
CA GLN B 758 -41.67 65.98 -47.55
C GLN B 758 -41.30 66.72 -48.83
N ALA B 759 -41.43 68.05 -48.83
CA ALA B 759 -41.06 68.83 -50.00
C ALA B 759 -39.58 68.68 -50.32
N ASN B 760 -38.73 68.70 -49.29
CA ASN B 760 -37.28 68.58 -49.52
C ASN B 760 -36.94 67.23 -50.11
N ASN B 761 -37.53 66.15 -49.59
CA ASN B 761 -37.20 64.83 -50.10
C ASN B 761 -37.77 64.59 -51.49
N LEU B 762 -38.92 65.20 -51.79
CA LEU B 762 -39.45 65.13 -53.15
C LEU B 762 -38.65 65.99 -54.12
N LEU B 763 -37.96 67.00 -53.62
CA LEU B 763 -37.15 67.90 -54.44
C LEU B 763 -35.67 67.50 -54.45
N SER B 764 -35.05 67.41 -53.28
CA SER B 764 -33.62 67.16 -53.21
C SER B 764 -33.28 65.74 -53.62
N SER B 765 -32.01 65.52 -53.92
CA SER B 765 -31.53 64.21 -54.31
C SER B 765 -31.59 63.24 -53.13
N VAL B 766 -31.68 61.95 -53.45
CA VAL B 766 -31.75 60.89 -52.45
C VAL B 766 -30.36 60.35 -52.23
N LEU B 767 -29.85 60.49 -51.01
CA LEU B 767 -28.51 60.03 -50.66
C LEU B 767 -28.59 58.65 -50.01
N PHE B 768 -29.04 57.69 -50.80
CA PHE B 768 -29.21 56.32 -50.30
C PHE B 768 -27.87 55.73 -49.87
N TYR B 769 -26.82 55.94 -50.65
CA TYR B 769 -25.52 55.38 -50.31
C TYR B 769 -24.99 55.95 -49.00
N GLU B 770 -25.17 57.25 -48.78
CA GLU B 770 -24.70 57.86 -47.53
C GLU B 770 -25.43 57.25 -46.33
N GLY B 771 -26.74 57.07 -46.44
CA GLY B 771 -27.48 56.44 -45.37
C GLY B 771 -27.06 55.01 -45.13
N LEU B 772 -26.85 54.25 -46.22
CA LEU B 772 -26.43 52.86 -46.08
C LEU B 772 -25.04 52.75 -45.46
N GLN B 773 -24.19 53.77 -45.66
CA GLN B 773 -22.87 53.74 -45.04
C GLN B 773 -22.96 53.68 -43.53
N LYS B 774 -23.96 54.35 -42.95
CA LYS B 774 -24.12 54.35 -41.50
C LYS B 774 -24.44 52.97 -40.94
N ILE B 775 -24.99 52.08 -41.75
CA ILE B 775 -25.38 50.75 -41.25
C ILE B 775 -24.13 49.97 -40.89
N PRO B 776 -24.12 49.22 -39.78
CA PRO B 776 -22.93 48.46 -39.41
C PRO B 776 -22.55 47.43 -40.48
N SER B 777 -21.40 46.80 -40.27
CA SER B 777 -20.88 45.82 -41.21
C SER B 777 -21.57 44.46 -41.10
N ASN B 778 -22.29 44.20 -40.00
CA ASN B 778 -22.94 42.91 -39.78
C ASN B 778 -24.38 43.10 -39.34
N ALA B 779 -25.05 44.13 -39.85
CA ALA B 779 -26.44 44.40 -39.51
C ALA B 779 -27.39 43.59 -40.38
N ILE B 780 -28.52 43.20 -39.81
CA ILE B 780 -29.54 42.46 -40.51
C ILE B 780 -30.53 43.46 -41.09
N ALA B 781 -30.49 43.64 -42.41
CA ALA B 781 -31.33 44.63 -43.09
C ALA B 781 -32.54 43.92 -43.67
N ILE B 782 -33.73 44.38 -43.29
CA ILE B 782 -35.00 43.84 -43.78
C ILE B 782 -35.58 44.83 -44.78
N GLU B 783 -35.75 44.39 -46.01
CA GLU B 783 -36.27 45.23 -47.08
C GLU B 783 -37.79 45.11 -47.08
N ILE B 784 -38.47 46.14 -46.58
CA ILE B 784 -39.92 46.16 -46.48
C ILE B 784 -40.47 46.85 -47.72
N ALA B 785 -41.16 46.10 -48.58
CA ALA B 785 -41.71 46.64 -49.81
C ALA B 785 -42.56 45.55 -50.47
N PRO B 786 -43.40 45.93 -51.43
CA PRO B 786 -44.18 44.90 -52.15
C PRO B 786 -43.31 43.87 -52.86
N ALA B 787 -42.11 44.26 -53.29
CA ALA B 787 -41.22 43.33 -53.99
C ALA B 787 -39.78 43.66 -53.61
N GLY B 788 -38.92 42.67 -53.79
CA GLY B 788 -37.52 42.80 -53.44
C GLY B 788 -36.68 43.48 -54.51
N LEU B 789 -36.79 44.80 -54.61
CA LEU B 789 -36.07 45.53 -55.65
C LEU B 789 -34.62 45.76 -55.28
N LEU B 790 -34.37 46.38 -54.13
CA LEU B 790 -33.05 46.89 -53.77
C LEU B 790 -32.14 45.82 -53.18
N GLN B 791 -32.42 44.53 -53.43
CA GLN B 791 -31.56 43.48 -52.90
C GLN B 791 -30.14 43.60 -53.44
N SER B 792 -30.01 43.74 -54.77
CA SER B 792 -28.67 43.84 -55.36
C SER B 792 -27.96 45.11 -54.91
N VAL B 793 -28.66 46.25 -54.96
CA VAL B 793 -28.04 47.52 -54.59
C VAL B 793 -27.62 47.48 -53.13
N ILE B 794 -28.52 47.02 -52.25
CA ILE B 794 -28.23 46.99 -50.83
C ILE B 794 -27.07 46.03 -50.54
N LYS B 795 -27.09 44.85 -51.16
CA LYS B 795 -26.02 43.88 -50.95
C LYS B 795 -24.68 44.47 -51.38
N LYS B 796 -24.62 45.11 -52.55
CA LYS B 796 -23.39 45.74 -52.98
C LYS B 796 -22.99 46.87 -52.04
N SER B 797 -23.96 47.53 -51.42
CA SER B 797 -23.67 48.68 -50.57
C SER B 797 -23.02 48.25 -49.26
N LEU B 798 -23.71 47.42 -48.46
CA LEU B 798 -23.20 47.11 -47.13
C LEU B 798 -21.94 46.26 -47.20
N GLY B 799 -22.03 45.07 -47.75
CA GLY B 799 -20.87 44.21 -47.85
C GLY B 799 -21.27 42.75 -47.76
N GLN B 800 -20.37 41.95 -47.18
CA GLN B 800 -20.53 40.50 -47.14
C GLN B 800 -21.02 39.98 -45.80
N ASP B 801 -20.68 40.66 -44.70
CA ASP B 801 -21.02 40.17 -43.36
C ASP B 801 -22.42 40.55 -42.92
N CYS B 802 -23.18 41.28 -43.73
CA CYS B 802 -24.53 41.69 -43.39
C CYS B 802 -25.55 40.72 -43.99
N THR B 803 -26.64 40.53 -43.27
CA THR B 803 -27.73 39.67 -43.73
C THR B 803 -28.79 40.51 -44.43
N ILE B 804 -29.22 40.05 -45.59
CA ILE B 804 -30.20 40.76 -46.41
C ILE B 804 -31.39 39.85 -46.64
N VAL B 805 -32.60 40.38 -46.38
CA VAL B 805 -33.83 39.62 -46.53
C VAL B 805 -34.89 40.52 -47.15
N ALA B 806 -35.73 39.92 -47.99
CA ALA B 806 -36.85 40.60 -48.62
C ALA B 806 -38.14 39.93 -48.17
N LEU B 807 -39.10 40.73 -47.70
CA LEU B 807 -40.35 40.20 -47.19
C LEU B 807 -41.29 39.73 -48.30
N GLN B 808 -41.07 40.16 -49.54
CA GLN B 808 -41.94 39.79 -50.65
C GLN B 808 -41.10 39.52 -51.89
N LYS B 809 -41.66 38.71 -52.79
CA LYS B 809 -41.01 38.36 -54.04
C LYS B 809 -41.96 38.64 -55.19
N ARG B 810 -41.44 39.21 -56.27
CA ARG B 810 -42.27 39.62 -57.40
C ARG B 810 -42.90 38.39 -58.06
N LYS B 811 -44.20 38.48 -58.33
CA LYS B 811 -44.94 37.45 -59.07
C LYS B 811 -44.81 36.09 -58.41
N SER B 812 -44.57 36.06 -57.11
CA SER B 812 -44.49 34.79 -56.40
C SER B 812 -45.86 34.13 -56.36
N PRO B 813 -45.93 32.79 -56.40
CA PRO B 813 -47.24 32.12 -56.32
C PRO B 813 -47.83 32.10 -54.93
N ASN B 814 -47.03 32.35 -53.89
CA ASN B 814 -47.54 32.39 -52.52
C ASN B 814 -46.62 33.32 -51.73
N ASN B 815 -47.05 34.56 -51.55
CA ASN B 815 -46.25 35.55 -50.84
C ASN B 815 -46.26 35.35 -49.33
N LEU B 816 -47.30 34.69 -48.79
CA LEU B 816 -47.32 34.42 -47.35
C LEU B 816 -46.15 33.52 -46.95
N GLU B 817 -45.89 32.49 -47.75
CA GLU B 817 -44.77 31.60 -47.46
C GLU B 817 -43.44 32.36 -47.57
N VAL B 818 -43.32 33.25 -48.55
CA VAL B 818 -42.10 34.05 -48.68
C VAL B 818 -41.90 34.93 -47.46
N PHE B 819 -42.98 35.57 -46.99
CA PHE B 819 -42.89 36.42 -45.81
C PHE B 819 -42.48 35.60 -44.59
N PHE B 820 -43.09 34.42 -44.40
CA PHE B 820 -42.74 33.59 -43.26
C PHE B 820 -41.30 33.11 -43.35
N SER B 821 -40.83 32.77 -44.55
CA SER B 821 -39.44 32.34 -44.71
C SER B 821 -38.49 33.49 -44.41
N ALA B 822 -38.81 34.70 -44.85
CA ALA B 822 -37.98 35.85 -44.54
C ALA B 822 -37.90 36.07 -43.03
N LEU B 823 -39.04 35.99 -42.35
CA LEU B 823 -39.02 36.16 -40.90
C LEU B 823 -38.24 35.04 -40.23
N GLY B 824 -38.37 33.81 -40.73
CA GLY B 824 -37.61 32.70 -40.17
C GLY B 824 -36.12 32.89 -40.31
N LYS B 825 -35.68 33.34 -41.48
CA LYS B 825 -34.26 33.64 -41.67
C LYS B 825 -33.81 34.74 -40.73
N CYS B 826 -34.61 35.81 -40.61
CA CYS B 826 -34.24 36.92 -39.73
C CYS B 826 -34.08 36.43 -38.29
N TYR B 827 -35.00 35.59 -37.82
CA TYR B 827 -34.87 35.03 -36.49
C TYR B 827 -33.64 34.13 -36.38
N SER B 828 -33.40 33.30 -37.40
CA SER B 828 -32.26 32.41 -37.36
C SER B 828 -30.96 33.18 -37.26
N HIS B 829 -30.93 34.41 -37.79
CA HIS B 829 -29.74 35.24 -37.70
C HIS B 829 -29.69 36.08 -36.43
N GLY B 830 -30.66 35.93 -35.53
CA GLY B 830 -30.53 36.48 -34.19
C GLY B 830 -31.30 37.75 -33.91
N VAL B 831 -32.56 37.82 -34.33
CA VAL B 831 -33.44 38.94 -34.01
C VAL B 831 -34.65 38.40 -33.27
N PRO B 832 -34.98 38.89 -32.08
CA PRO B 832 -36.18 38.42 -31.40
C PRO B 832 -37.45 38.83 -32.15
N MET B 833 -38.47 37.99 -32.03
CA MET B 833 -39.74 38.24 -32.69
C MET B 833 -40.82 37.37 -32.04
N ASN B 834 -42.07 37.70 -32.34
CA ASN B 834 -43.24 36.99 -31.80
C ASN B 834 -44.12 36.55 -32.96
N PRO B 835 -43.81 35.41 -33.57
CA PRO B 835 -44.65 34.93 -34.69
C PRO B 835 -46.12 34.76 -34.32
N LEU B 836 -46.44 34.49 -33.06
CA LEU B 836 -47.81 34.29 -32.64
C LEU B 836 -48.56 35.60 -32.40
N GLY B 837 -47.89 36.75 -32.57
CA GLY B 837 -48.56 38.03 -32.40
C GLY B 837 -49.52 38.38 -33.52
N LEU B 838 -49.53 37.61 -34.61
CA LEU B 838 -50.44 37.84 -35.72
C LEU B 838 -51.81 37.24 -35.50
N TYR B 839 -52.01 36.52 -34.41
CA TYR B 839 -53.26 35.84 -34.09
C TYR B 839 -53.67 36.20 -32.67
N PRO B 840 -54.94 35.99 -32.33
CA PRO B 840 -55.39 36.31 -30.96
C PRO B 840 -54.57 35.57 -29.92
N ALA B 841 -54.28 36.26 -28.82
CA ALA B 841 -53.42 35.69 -27.78
C ALA B 841 -54.08 34.45 -27.17
N VAL B 842 -53.25 33.46 -26.87
CA VAL B 842 -53.73 32.23 -26.24
C VAL B 842 -53.97 32.50 -24.76
N GLN B 843 -55.12 32.06 -24.26
CA GLN B 843 -55.46 32.27 -22.85
C GLN B 843 -54.71 31.26 -21.98
N PHE B 844 -54.02 31.76 -20.95
CA PHE B 844 -53.27 30.91 -20.03
C PHE B 844 -54.04 30.75 -18.72
N PRO B 845 -53.90 29.59 -18.04
CA PRO B 845 -53.07 28.43 -18.39
C PRO B 845 -53.64 27.64 -19.57
N VAL B 846 -52.78 26.97 -20.33
CA VAL B 846 -53.21 26.25 -21.53
C VAL B 846 -54.04 25.04 -21.13
N SER B 847 -54.72 24.45 -22.10
CA SER B 847 -55.54 23.27 -21.83
C SER B 847 -54.66 22.09 -21.43
N ILE B 848 -55.23 21.19 -20.65
CA ILE B 848 -54.50 20.02 -20.16
C ILE B 848 -54.11 19.07 -21.27
N ASP B 849 -54.67 19.24 -22.47
CA ASP B 849 -54.34 18.37 -23.59
C ASP B 849 -53.03 18.74 -24.28
N THR B 850 -52.42 19.85 -23.90
CA THR B 850 -51.18 20.28 -24.54
C THR B 850 -50.08 19.26 -24.26
N PRO B 851 -49.31 18.83 -25.27
CA PRO B 851 -48.22 17.87 -25.02
C PRO B 851 -47.15 18.44 -24.10
N MET B 852 -46.16 17.61 -23.76
CA MET B 852 -45.07 18.01 -22.88
C MET B 852 -43.88 18.48 -23.69
N LEU B 853 -43.30 19.60 -23.26
CA LEU B 853 -42.13 20.18 -23.93
C LEU B 853 -40.82 19.70 -23.33
N SER B 854 -40.86 18.92 -22.25
CA SER B 854 -39.63 18.51 -21.58
C SER B 854 -38.84 17.51 -22.43
N SER B 855 -39.54 16.63 -23.14
CA SER B 855 -38.86 15.59 -23.89
C SER B 855 -37.95 16.19 -24.98
N MET B 856 -38.44 17.21 -25.67
CA MET B 856 -37.66 17.82 -26.74
C MET B 856 -36.34 18.38 -26.22
N VAL B 857 -36.41 19.13 -25.11
CA VAL B 857 -35.20 19.69 -24.53
C VAL B 857 -34.28 18.60 -24.00
N SER B 858 -34.87 17.55 -23.43
CA SER B 858 -34.07 16.45 -22.90
C SER B 858 -33.28 15.78 -24.02
N GLU B 859 -33.90 15.58 -25.18
CA GLU B 859 -33.24 14.97 -26.32
C GLU B 859 -32.53 15.97 -27.21
N ALA B 860 -32.52 17.25 -26.85
CA ALA B 860 -31.89 18.30 -27.64
C ALA B 860 -30.73 18.95 -26.88
N TRP B 861 -29.96 18.14 -26.17
CA TRP B 861 -28.80 18.61 -25.43
C TRP B 861 -27.52 18.37 -26.21
N ASP B 862 -26.45 19.05 -25.78
CA ASP B 862 -25.12 18.87 -26.35
C ASP B 862 -24.34 17.94 -25.42
N HIS B 863 -24.27 16.67 -25.81
CA HIS B 863 -23.68 15.62 -24.98
C HIS B 863 -22.49 14.97 -25.69
N SER B 864 -21.70 15.78 -26.39
CA SER B 864 -20.53 15.25 -27.09
C SER B 864 -19.49 14.72 -26.11
N ALA B 865 -19.25 15.45 -25.03
CA ALA B 865 -18.20 15.10 -24.07
C ALA B 865 -18.72 14.09 -23.05
N LYS B 866 -17.79 13.29 -22.52
CA LYS B 866 -18.09 12.32 -21.48
C LYS B 866 -17.27 12.67 -20.24
N TRP B 867 -17.93 12.69 -19.09
CA TRP B 867 -17.31 13.09 -17.83
C TRP B 867 -17.09 11.87 -16.95
N ARG B 868 -16.32 12.07 -15.88
CA ARG B 868 -15.99 10.99 -14.96
C ARG B 868 -17.23 10.49 -14.25
N VAL B 869 -17.27 9.18 -14.01
CA VAL B 869 -18.34 8.56 -13.24
C VAL B 869 -17.69 7.62 -12.23
N PRO B 870 -18.27 7.45 -11.03
CA PRO B 870 -17.67 6.52 -10.07
C PRO B 870 -17.56 5.11 -10.66
N LEU B 871 -16.43 4.47 -10.38
CA LEU B 871 -16.17 3.11 -10.84
C LEU B 871 -16.25 2.15 -9.66
N VAL B 872 -16.63 0.90 -9.96
CA VAL B 872 -16.74 -0.11 -8.91
C VAL B 872 -15.41 -0.27 -8.18
N GLU B 873 -14.32 -0.30 -8.94
CA GLU B 873 -13.01 -0.57 -8.34
C GLU B 873 -12.61 0.47 -7.30
N GLU B 874 -13.23 1.66 -7.32
CA GLU B 874 -12.90 2.69 -6.35
C GLU B 874 -13.57 2.47 -5.00
N PHE B 875 -14.50 1.52 -4.90
CA PHE B 875 -15.19 1.24 -3.65
C PHE B 875 -14.57 0.08 -2.88
N GLU B 876 -13.46 -0.46 -3.35
CA GLU B 876 -12.81 -1.61 -2.73
C GLU B 876 -11.38 -1.24 -2.35
N TYR B 877 -10.98 -1.60 -1.14
CA TYR B 877 -9.63 -1.32 -0.65
C TYR B 877 -9.46 -1.80 0.78
N SER B 883 3.66 -8.58 8.29
CA SER B 883 3.54 -7.33 7.57
C SER B 883 2.55 -7.46 6.42
N ASP B 884 3.02 -8.02 5.30
CA ASP B 884 2.15 -8.21 4.15
C ASP B 884 1.00 -9.15 4.45
N ASN B 885 1.13 -9.99 5.49
CA ASN B 885 0.05 -10.88 5.88
C ASN B 885 0.26 -11.39 7.30
N VAL B 886 -0.70 -11.14 8.18
CA VAL B 886 -0.73 -11.74 9.50
C VAL B 886 -1.71 -12.90 9.44
N ILE B 887 -1.21 -14.12 9.57
CA ILE B 887 -2.00 -15.32 9.39
C ILE B 887 -2.16 -16.01 10.74
N ASP B 888 -3.40 -16.37 11.05
CA ASP B 888 -3.75 -17.01 12.30
C ASP B 888 -4.21 -18.44 12.03
N ILE B 889 -3.73 -19.37 12.86
CA ILE B 889 -4.10 -20.77 12.76
C ILE B 889 -4.99 -21.10 13.95
N ASP B 890 -6.23 -21.47 13.68
CA ASP B 890 -7.22 -21.76 14.71
C ASP B 890 -7.14 -23.24 15.04
N LEU B 891 -6.53 -23.56 16.18
CA LEU B 891 -6.47 -24.92 16.68
C LEU B 891 -7.55 -25.15 17.74
N SER B 892 -8.79 -25.13 17.30
CA SER B 892 -9.95 -25.24 18.17
C SER B 892 -10.64 -26.59 17.95
N GLU B 893 -11.78 -26.78 18.63
CA GLU B 893 -12.47 -28.05 18.58
C GLU B 893 -12.95 -28.37 17.17
N ASP B 894 -13.62 -27.41 16.52
CA ASP B 894 -14.21 -27.63 15.20
C ASP B 894 -13.63 -26.70 14.14
N SER B 895 -12.51 -26.05 14.41
CA SER B 895 -11.93 -25.16 13.42
C SER B 895 -11.48 -25.97 12.21
N PRO B 896 -11.54 -25.41 11.00
CA PRO B 896 -11.12 -26.16 9.81
C PRO B 896 -9.64 -26.50 9.79
N GLU B 897 -8.82 -25.82 10.59
CA GLU B 897 -7.38 -26.09 10.66
C GLU B 897 -7.03 -26.83 11.95
N ASN B 898 -7.96 -27.62 12.47
CA ASN B 898 -7.66 -28.46 13.63
C ASN B 898 -6.85 -29.68 13.23
N TYR B 899 -6.89 -30.07 11.96
CA TYR B 899 -6.15 -31.24 11.52
C TYR B 899 -4.64 -31.07 11.70
N LEU B 900 -4.15 -29.84 11.83
CA LEU B 900 -2.73 -29.63 12.03
C LEU B 900 -2.24 -30.19 13.35
N LEU B 901 -3.15 -30.53 14.26
CA LEU B 901 -2.78 -31.23 15.49
C LEU B 901 -2.44 -32.69 15.25
N GLU B 902 -2.78 -33.23 14.07
CA GLU B 902 -2.51 -34.61 13.73
C GLU B 902 -1.17 -34.79 13.03
N HIS B 903 -0.23 -33.89 13.28
CA HIS B 903 1.12 -33.97 12.72
C HIS B 903 2.11 -33.70 13.84
N ALA B 904 2.54 -34.76 14.52
CA ALA B 904 3.44 -34.66 15.65
C ALA B 904 4.73 -35.41 15.37
N VAL B 905 5.74 -35.17 16.21
CA VAL B 905 7.02 -35.84 16.13
C VAL B 905 7.45 -36.12 17.57
N ASP B 906 7.35 -37.38 17.99
CA ASP B 906 7.65 -37.76 19.37
C ASP B 906 6.76 -37.00 20.35
N GLY B 907 5.46 -37.05 20.11
CA GLY B 907 4.48 -36.41 20.97
C GLY B 907 4.31 -34.93 20.75
N ARG B 908 5.42 -34.21 20.61
CA ARG B 908 5.35 -32.78 20.36
C ARG B 908 4.67 -32.51 19.02
N MET B 909 3.91 -31.41 18.98
CA MET B 909 3.11 -31.04 17.81
C MET B 909 3.79 -29.88 17.12
N LEU B 910 4.37 -30.14 15.95
CA LEU B 910 5.15 -29.17 15.21
C LEU B 910 4.32 -28.64 14.04
N PHE B 911 4.70 -27.46 13.56
CA PHE B 911 4.09 -26.92 12.36
C PHE B 911 4.77 -27.52 11.13
N PRO B 912 4.04 -28.12 10.20
CA PRO B 912 4.69 -28.82 9.09
C PRO B 912 5.69 -27.94 8.36
N ALA B 913 6.69 -28.58 7.76
CA ALA B 913 7.65 -27.88 6.92
C ALA B 913 7.07 -27.44 5.59
N THR B 914 5.98 -28.08 5.15
CA THR B 914 5.26 -27.66 3.96
C THR B 914 4.18 -26.63 4.26
N GLY B 915 3.96 -26.30 5.53
CA GLY B 915 3.03 -25.23 5.85
C GLY B 915 3.58 -23.85 5.55
N THR B 916 4.90 -23.73 5.48
CA THR B 916 5.51 -22.45 5.12
C THR B 916 5.55 -22.23 3.61
N LEU B 917 5.28 -23.26 2.82
CA LEU B 917 5.12 -23.10 1.38
C LEU B 917 3.71 -22.66 1.02
N VAL B 918 2.70 -23.27 1.64
CA VAL B 918 1.31 -22.86 1.41
C VAL B 918 1.00 -21.52 2.06
N LEU B 919 1.84 -21.04 2.97
CA LEU B 919 1.69 -19.70 3.53
C LEU B 919 2.34 -18.63 2.68
N ALA B 920 3.48 -18.93 2.06
CA ALA B 920 4.08 -18.00 1.12
C ALA B 920 3.32 -17.99 -0.21
N TRP B 921 2.77 -19.14 -0.59
CA TRP B 921 2.02 -19.24 -1.83
C TRP B 921 0.66 -18.56 -1.72
N LYS B 922 0.09 -18.46 -0.52
CA LYS B 922 -1.14 -17.74 -0.29
C LYS B 922 -0.93 -16.26 0.03
N THR B 923 0.32 -15.82 0.15
CA THR B 923 0.65 -14.42 0.35
C THR B 923 1.11 -13.74 -0.93
N LEU B 924 1.78 -14.48 -1.83
CA LEU B 924 2.06 -13.93 -3.15
C LEU B 924 0.79 -13.80 -3.96
N ALA B 925 -0.15 -14.73 -3.81
CA ALA B 925 -1.42 -14.63 -4.52
C ALA B 925 -2.17 -13.37 -4.12
N LYS B 926 -2.18 -13.07 -2.81
CA LYS B 926 -2.77 -11.82 -2.36
C LYS B 926 -2.02 -10.62 -2.93
N LEU B 927 -0.69 -10.69 -2.92
CA LEU B 927 0.12 -9.61 -3.47
C LEU B 927 -0.21 -9.38 -4.95
N LYS B 928 -0.40 -10.47 -5.68
CA LYS B 928 -0.72 -10.38 -7.10
C LYS B 928 -2.22 -10.21 -7.36
N GLY B 929 -3.04 -10.16 -6.31
CA GLY B 929 -4.47 -9.99 -6.50
C GLY B 929 -5.13 -11.14 -7.25
N VAL B 930 -4.74 -12.37 -6.93
CA VAL B 930 -5.30 -13.56 -7.57
C VAL B 930 -5.60 -14.58 -6.48
N GLU B 931 -6.51 -15.49 -6.79
CA GLU B 931 -6.81 -16.59 -5.88
C GLU B 931 -5.62 -17.55 -5.83
N PHE B 932 -5.30 -18.02 -4.63
CA PHE B 932 -4.08 -18.79 -4.44
C PHE B 932 -4.10 -20.08 -5.26
N GLU B 933 -5.28 -20.57 -5.63
CA GLU B 933 -5.39 -21.82 -6.37
C GLU B 933 -5.30 -21.62 -7.87
N GLN B 934 -5.21 -20.38 -8.34
CA GLN B 934 -5.03 -20.09 -9.76
C GLN B 934 -3.65 -19.51 -10.06
N LEU B 935 -2.72 -19.61 -9.12
CA LEU B 935 -1.37 -19.09 -9.28
C LEU B 935 -0.39 -20.26 -9.30
N GLY B 936 0.53 -20.25 -10.27
CA GLY B 936 1.57 -21.26 -10.33
C GLY B 936 2.88 -20.72 -9.81
N VAL B 937 3.35 -21.24 -8.67
CA VAL B 937 4.54 -20.72 -8.01
C VAL B 937 5.65 -21.76 -8.09
N GLN B 938 6.88 -21.31 -7.82
CA GLN B 938 8.05 -22.19 -7.75
C GLN B 938 8.97 -21.63 -6.67
N MET B 939 8.86 -22.15 -5.46
CA MET B 939 9.74 -21.75 -4.38
C MET B 939 11.08 -22.45 -4.50
N THR B 940 12.16 -21.70 -4.25
CA THR B 940 13.51 -22.23 -4.34
C THR B 940 14.30 -21.88 -3.08
N ASN B 941 15.14 -22.81 -2.64
CA ASN B 941 16.01 -22.61 -1.50
C ASN B 941 15.21 -22.20 -0.26
N VAL B 942 14.14 -22.93 -0.02
CA VAL B 942 13.35 -22.74 1.19
C VAL B 942 14.11 -23.31 2.37
N GLN B 943 14.26 -22.49 3.41
CA GLN B 943 14.95 -22.91 4.63
C GLN B 943 14.01 -22.76 5.81
N ILE B 944 14.24 -23.56 6.84
CA ILE B 944 13.45 -23.54 8.06
C ILE B 944 14.42 -23.39 9.24
N HIS B 945 14.33 -22.26 9.93
CA HIS B 945 15.27 -21.94 11.00
C HIS B 945 14.75 -22.32 12.38
N GLN B 946 13.44 -22.45 12.55
CA GLN B 946 12.86 -22.82 13.83
C GLN B 946 11.65 -23.71 13.54
N ALA B 947 10.82 -23.93 14.55
CA ALA B 947 9.62 -24.76 14.38
C ALA B 947 8.53 -24.19 15.27
N LEU B 948 7.48 -23.66 14.65
CA LEU B 948 6.32 -23.22 15.41
C LEU B 948 5.74 -24.39 16.19
N PHE B 949 5.48 -24.17 17.47
CA PHE B 949 4.97 -25.21 18.35
C PHE B 949 3.48 -24.98 18.54
N LEU B 950 2.67 -25.77 17.85
CA LEU B 950 1.22 -25.67 17.98
C LEU B 950 0.80 -26.09 19.39
N ASN B 951 -0.49 -25.92 19.67
CA ASN B 951 -1.02 -26.25 20.99
C ASN B 951 -2.53 -26.45 20.90
N PRO B 952 -3.07 -27.56 21.40
CA PRO B 952 -4.52 -27.79 21.30
C PRO B 952 -5.29 -26.64 21.94
N GLY B 953 -6.41 -26.28 21.31
CA GLY B 953 -7.27 -25.25 21.86
C GLY B 953 -6.57 -23.92 22.01
N GLY B 954 -5.70 -23.56 21.07
CA GLY B 954 -4.97 -22.32 21.16
C GLY B 954 -4.83 -21.68 19.79
N LYS B 955 -4.43 -20.41 19.81
CA LYS B 955 -4.25 -19.63 18.59
C LYS B 955 -2.79 -19.21 18.48
N THR B 956 -2.19 -19.50 17.34
CA THR B 956 -0.81 -19.11 17.06
C THR B 956 -0.81 -18.23 15.81
N THR B 957 -0.09 -17.12 15.87
CA THR B 957 -0.04 -16.14 14.80
C THR B 957 1.34 -16.11 14.17
N VAL B 958 1.38 -15.89 12.86
CA VAL B 958 2.63 -15.84 12.12
C VAL B 958 2.49 -14.83 10.99
N SER B 959 3.54 -14.04 10.75
CA SER B 959 3.49 -12.95 9.79
C SER B 959 4.35 -13.32 8.57
N VAL B 960 3.71 -13.44 7.42
CA VAL B 960 4.42 -13.65 6.16
C VAL B 960 4.74 -12.30 5.54
N SER B 961 5.78 -12.26 4.71
CA SER B 961 6.17 -11.00 4.06
C SER B 961 6.92 -11.36 2.78
N VAL B 962 6.28 -11.13 1.64
CA VAL B 962 6.83 -11.48 0.33
C VAL B 962 7.29 -10.19 -0.33
N MET B 963 8.54 -10.15 -0.75
CA MET B 963 9.07 -8.95 -1.40
C MET B 963 8.51 -8.84 -2.82
N PRO B 964 7.96 -7.68 -3.21
CA PRO B 964 7.13 -7.63 -4.43
C PRO B 964 7.82 -8.13 -5.70
N ILE B 965 8.95 -7.53 -6.08
CA ILE B 965 9.52 -7.78 -7.40
C ILE B 965 10.40 -9.02 -7.40
N THR B 966 11.39 -9.06 -6.52
CA THR B 966 12.36 -10.15 -6.53
C THR B 966 11.70 -11.47 -6.13
N GLY B 967 10.96 -11.47 -5.02
CA GLY B 967 10.22 -12.65 -4.62
C GLY B 967 10.73 -13.31 -3.35
N GLU B 968 11.45 -12.57 -2.53
CA GLU B 968 11.95 -13.09 -1.26
C GLU B 968 10.87 -13.02 -0.21
N PHE B 969 10.68 -14.13 0.51
CA PHE B 969 9.58 -14.25 1.45
C PHE B 969 10.10 -14.67 2.82
N GLN B 970 9.38 -14.24 3.86
CA GLN B 970 9.65 -14.62 5.24
C GLN B 970 8.36 -15.17 5.85
N VAL B 971 8.52 -15.92 6.95
CA VAL B 971 7.39 -16.43 7.71
C VAL B 971 7.55 -16.03 9.17
N ARG B 972 8.20 -14.89 9.40
CA ARG B 972 8.54 -14.40 10.73
C ARG B 972 7.40 -14.57 11.72
N ASP B 973 7.74 -14.80 12.99
CA ASP B 973 6.77 -15.07 14.05
C ASP B 973 7.03 -14.11 15.23
N GLY B 974 7.13 -12.83 14.91
CA GLY B 974 7.59 -11.84 15.86
C GLY B 974 8.91 -11.25 15.43
N GLU B 975 10.00 -11.59 16.12
CA GLU B 975 11.34 -11.20 15.68
C GLU B 975 12.13 -12.42 15.22
N SER B 976 11.69 -13.61 15.58
CA SER B 976 12.37 -14.86 15.25
C SER B 976 11.88 -15.39 13.91
N LEU B 977 12.81 -15.76 13.04
CA LEU B 977 12.48 -16.33 11.75
C LEU B 977 12.12 -17.81 11.89
N ILE B 978 10.99 -18.21 11.33
CA ILE B 978 10.62 -19.63 11.30
C ILE B 978 10.86 -20.27 9.94
N SER B 979 11.08 -19.47 8.89
CA SER B 979 11.27 -20.01 7.56
C SER B 979 11.69 -18.88 6.63
N SER B 980 12.30 -19.24 5.51
CA SER B 980 12.78 -18.27 4.54
C SER B 980 12.89 -18.96 3.18
N GLY B 981 13.01 -18.15 2.14
CA GLY B 981 13.12 -18.70 0.79
C GLY B 981 12.94 -17.62 -0.24
N VAL B 982 12.66 -18.05 -1.47
CA VAL B 982 12.46 -17.16 -2.61
C VAL B 982 11.29 -17.70 -3.41
N ILE B 983 10.13 -17.06 -3.28
CA ILE B 983 8.94 -17.46 -4.02
C ILE B 983 8.84 -16.60 -5.27
N THR B 984 8.64 -17.25 -6.42
CA THR B 984 8.62 -16.56 -7.71
C THR B 984 7.50 -17.14 -8.57
N SER B 985 6.38 -16.44 -8.61
CA SER B 985 5.25 -16.87 -9.43
C SER B 985 5.64 -16.87 -10.92
N SER B 986 4.75 -17.41 -11.73
CA SER B 986 4.97 -17.49 -13.17
C SER B 986 3.69 -17.97 -13.83
N GLU B 987 3.73 -18.06 -15.16
CA GLU B 987 2.57 -18.43 -15.95
C GLU B 987 2.82 -19.64 -16.84
N GLY B 988 3.99 -19.75 -17.45
CA GLY B 988 4.29 -20.88 -18.29
C GLY B 988 4.40 -22.17 -17.48
N ARG B 989 4.90 -23.20 -18.14
CA ARG B 989 5.11 -24.48 -17.48
C ARG B 989 6.27 -24.37 -16.52
N LEU B 990 6.08 -24.86 -15.29
CA LEU B 990 7.10 -24.81 -14.26
C LEU B 990 7.58 -26.20 -13.83
N LEU B 991 6.71 -27.21 -13.94
CA LEU B 991 7.08 -28.55 -13.49
C LEU B 991 8.11 -29.17 -14.43
N GLU B 992 9.16 -29.75 -13.83
CA GLU B 992 10.17 -30.43 -14.63
C GLU B 992 9.72 -31.82 -15.03
N THR B 993 9.45 -32.68 -14.04
CA THR B 993 9.01 -34.03 -14.33
C THR B 993 7.56 -34.04 -14.82
N ASP B 994 7.28 -34.97 -15.73
CA ASP B 994 6.00 -35.02 -16.43
C ASP B 994 4.96 -35.87 -15.71
N GLN B 995 5.09 -36.05 -14.39
CA GLN B 995 4.10 -36.81 -13.65
C GLN B 995 2.74 -36.12 -13.63
N HIS B 996 2.69 -34.81 -13.85
CA HIS B 996 1.43 -34.09 -13.83
C HIS B 996 0.48 -34.55 -14.93
N MET B 997 0.94 -35.40 -15.86
CA MET B 997 0.08 -35.91 -16.92
C MET B 997 -0.36 -37.35 -16.71
N LYS B 998 0.32 -38.10 -15.83
CA LYS B 998 -0.10 -39.47 -15.55
C LYS B 998 -1.49 -39.47 -14.93
N LYS B 999 -2.32 -40.43 -15.35
CA LYS B 999 -3.73 -40.47 -14.95
C LYS B 999 -4.02 -41.64 -14.02
N GLY B 1000 -3.71 -42.86 -14.43
CA GLY B 1000 -3.99 -44.04 -13.65
C GLY B 1000 -2.89 -44.36 -12.65
N SER B 1001 -3.07 -45.48 -11.97
CA SER B 1001 -2.13 -45.94 -10.96
C SER B 1001 -1.38 -47.17 -11.50
N VAL B 1002 -0.06 -47.19 -11.30
CA VAL B 1002 0.75 -48.31 -11.76
C VAL B 1002 0.71 -49.49 -10.80
N LEU B 1003 0.15 -49.31 -9.61
CA LEU B 1003 0.10 -50.37 -8.60
C LEU B 1003 -1.22 -51.11 -8.66
N ASP B 1004 -1.53 -51.63 -9.86
CA ASP B 1004 -2.77 -52.34 -10.12
C ASP B 1004 -2.46 -53.76 -10.58
N GLY B 1005 -3.10 -54.73 -9.94
CA GLY B 1005 -2.90 -56.13 -10.28
C GLY B 1005 -1.75 -56.80 -9.57
N LYS B 1006 -0.95 -56.06 -8.79
CA LYS B 1006 0.16 -56.66 -8.08
C LYS B 1006 -0.36 -57.48 -6.91
N PRO B 1007 0.37 -58.52 -6.51
CA PRO B 1007 -0.01 -59.25 -5.29
C PRO B 1007 0.14 -58.40 -4.05
N ASP B 1008 -0.59 -58.79 -3.00
CA ASP B 1008 -0.54 -58.05 -1.75
C ASP B 1008 0.83 -58.11 -1.09
N LYS B 1009 1.66 -59.09 -1.44
CA LYS B 1009 3.01 -59.18 -0.89
C LYS B 1009 4.01 -58.32 -1.65
N GLU B 1010 3.58 -57.63 -2.70
CA GLU B 1010 4.43 -56.70 -3.44
C GLU B 1010 3.94 -55.26 -3.30
N LEU B 1011 3.13 -54.98 -2.28
CA LEU B 1011 2.54 -53.66 -2.11
C LEU B 1011 2.56 -53.28 -0.63
N LEU B 1012 2.74 -51.99 -0.36
CA LEU B 1012 2.64 -51.44 0.97
C LEU B 1012 1.34 -50.66 1.08
N PHE B 1013 0.54 -50.97 2.09
CA PHE B 1013 -0.70 -50.26 2.33
C PHE B 1013 -0.52 -49.26 3.47
N THR B 1014 -1.55 -48.42 3.67
CA THR B 1014 -1.40 -47.28 4.56
C THR B 1014 -1.07 -47.72 5.99
N LYS B 1015 -1.47 -48.93 6.37
CA LYS B 1015 -1.08 -49.44 7.68
C LYS B 1015 0.42 -49.68 7.75
N GLU B 1016 0.98 -50.28 6.71
CA GLU B 1016 2.40 -50.63 6.72
C GLU B 1016 3.28 -49.42 6.47
N ILE B 1017 2.84 -48.48 5.63
CA ILE B 1017 3.68 -47.32 5.33
C ILE B 1017 3.91 -46.50 6.58
N TYR B 1018 2.87 -46.28 7.38
CA TYR B 1018 2.96 -45.41 8.55
C TYR B 1018 3.36 -46.16 9.82
N ARG B 1019 3.52 -47.48 9.74
CA ARG B 1019 4.23 -48.19 10.80
C ARG B 1019 5.72 -47.87 10.72
N GLU B 1020 6.26 -47.74 9.51
CA GLU B 1020 7.66 -47.40 9.35
C GLU B 1020 7.95 -45.98 9.82
N PHE B 1021 7.03 -45.04 9.54
CA PHE B 1021 7.23 -43.68 10.02
C PHE B 1021 7.09 -43.60 11.54
N LEU B 1022 6.10 -44.30 12.10
CA LEU B 1022 5.91 -44.28 13.55
C LEU B 1022 7.17 -44.73 14.26
N LEU B 1023 7.86 -45.75 13.72
CA LEU B 1023 9.07 -46.26 14.33
C LEU B 1023 10.14 -45.19 14.43
N ARG B 1024 10.17 -44.22 13.52
CA ARG B 1024 11.18 -43.18 13.51
C ARG B 1024 10.74 -41.92 14.24
N GLY B 1025 9.54 -41.90 14.80
CA GLY B 1025 9.05 -40.78 15.57
C GLY B 1025 7.99 -39.95 14.88
N TYR B 1026 7.79 -40.12 13.58
CA TYR B 1026 6.80 -39.34 12.84
C TYR B 1026 5.42 -39.93 13.13
N GLU B 1027 4.61 -39.21 13.90
CA GLU B 1027 3.27 -39.64 14.26
C GLU B 1027 2.26 -38.83 13.46
N TYR B 1028 1.65 -39.47 12.45
CA TYR B 1028 0.68 -38.84 11.57
C TYR B 1028 -0.71 -39.38 11.86
N GLY B 1029 -1.66 -38.47 12.06
CA GLY B 1029 -3.05 -38.86 12.18
C GLY B 1029 -3.69 -39.13 10.84
N ALA B 1030 -4.97 -39.49 10.88
CA ALA B 1030 -5.66 -39.89 9.67
C ALA B 1030 -5.67 -38.79 8.61
N ALA B 1031 -5.52 -37.52 9.01
CA ALA B 1031 -5.54 -36.44 8.03
C ALA B 1031 -4.26 -36.43 7.20
N PHE B 1032 -3.11 -36.68 7.84
CA PHE B 1032 -1.83 -36.67 7.15
C PHE B 1032 -1.45 -38.03 6.58
N GLN B 1033 -2.30 -39.05 6.75
CA GLN B 1033 -2.03 -40.37 6.19
C GLN B 1033 -2.58 -40.43 4.75
N GLY B 1034 -1.84 -39.78 3.85
CA GLY B 1034 -2.27 -39.63 2.48
C GLY B 1034 -1.90 -40.78 1.58
N ILE B 1035 -0.71 -41.34 1.75
CA ILE B 1035 -0.23 -42.39 0.84
C ILE B 1035 -1.04 -43.65 1.13
N GLN B 1036 -1.98 -43.97 0.24
CA GLN B 1036 -2.86 -45.11 0.41
C GLN B 1036 -2.26 -46.42 -0.07
N ARG B 1037 -1.16 -46.38 -0.82
CA ARG B 1037 -0.57 -47.60 -1.36
C ARG B 1037 0.74 -47.23 -2.03
N ALA B 1038 1.69 -48.17 -2.01
CA ALA B 1038 3.01 -47.93 -2.58
C ALA B 1038 3.65 -49.26 -2.96
N SER B 1039 4.69 -49.17 -3.78
CA SER B 1039 5.48 -50.33 -4.15
C SER B 1039 6.52 -50.61 -3.07
N LEU B 1040 7.19 -51.76 -3.19
CA LEU B 1040 8.17 -52.16 -2.19
C LEU B 1040 9.32 -51.17 -2.11
N ASP B 1041 9.79 -50.68 -3.26
CA ASP B 1041 10.86 -49.69 -3.27
C ASP B 1041 10.36 -48.27 -3.01
N ALA B 1042 9.05 -48.08 -2.89
CA ALA B 1042 8.44 -46.79 -2.59
C ALA B 1042 8.61 -45.79 -3.72
N THR B 1043 8.92 -46.26 -4.94
CA THR B 1043 9.01 -45.35 -6.07
C THR B 1043 7.62 -44.97 -6.59
N ASP B 1044 6.71 -45.93 -6.65
CA ASP B 1044 5.33 -45.69 -7.10
C ASP B 1044 4.41 -45.70 -5.89
N THR B 1045 3.50 -44.73 -5.83
CA THR B 1045 2.55 -44.66 -4.73
C THR B 1045 1.22 -44.11 -5.25
N ASP B 1046 0.20 -44.19 -4.39
CA ASP B 1046 -1.11 -43.61 -4.65
C ASP B 1046 -1.43 -42.65 -3.52
N ILE B 1047 -1.47 -41.36 -3.82
CA ILE B 1047 -1.63 -40.31 -2.83
C ILE B 1047 -3.06 -39.80 -2.88
N ARG B 1048 -3.70 -39.71 -1.72
CA ARG B 1048 -5.07 -39.22 -1.62
C ARG B 1048 -5.09 -37.70 -1.72
N TRP B 1049 -6.04 -37.19 -2.50
CA TRP B 1049 -6.23 -35.76 -2.69
C TRP B 1049 -7.54 -35.36 -2.03
N ASP B 1050 -7.45 -34.72 -0.87
CA ASP B 1050 -8.61 -34.37 -0.06
C ASP B 1050 -8.89 -32.87 -0.05
N GLY B 1051 -8.15 -32.08 -0.81
CA GLY B 1051 -8.39 -30.66 -0.91
C GLY B 1051 -7.67 -29.81 0.11
N ARG B 1052 -6.94 -30.40 1.05
CA ARG B 1052 -6.15 -29.67 2.02
C ARG B 1052 -4.70 -29.66 1.54
N TRP B 1053 -4.18 -28.46 1.25
CA TRP B 1053 -2.87 -28.36 0.62
C TRP B 1053 -1.74 -28.63 1.58
N ILE B 1054 -1.82 -28.17 2.82
CA ILE B 1054 -0.77 -28.47 3.79
C ILE B 1054 -0.65 -29.97 3.98
N SER B 1055 -1.78 -30.66 4.03
CA SER B 1055 -1.76 -32.12 4.13
C SER B 1055 -1.19 -32.73 2.85
N TYR B 1056 -1.63 -32.23 1.69
CA TYR B 1056 -1.20 -32.85 0.43
C TYR B 1056 0.29 -32.71 0.24
N LEU B 1057 0.84 -31.52 0.45
CA LEU B 1057 2.27 -31.32 0.27
C LEU B 1057 3.08 -32.22 1.19
N ASP B 1058 2.64 -32.38 2.44
CA ASP B 1058 3.35 -33.25 3.36
C ASP B 1058 3.34 -34.70 2.87
N THR B 1059 2.20 -35.15 2.34
CA THR B 1059 2.13 -36.50 1.79
C THR B 1059 3.03 -36.68 0.58
N VAL B 1060 3.42 -35.58 -0.08
CA VAL B 1060 4.42 -35.66 -1.14
C VAL B 1060 5.83 -35.58 -0.59
N LEU B 1061 6.03 -34.87 0.53
CA LEU B 1061 7.31 -34.90 1.20
C LEU B 1061 7.56 -36.25 1.87
N GLN B 1062 6.51 -36.94 2.28
CA GLN B 1062 6.67 -38.27 2.84
C GLN B 1062 7.30 -39.24 1.84
N MET B 1063 7.17 -38.98 0.54
CA MET B 1063 7.84 -39.83 -0.44
C MET B 1063 9.35 -39.74 -0.29
N TYR B 1064 9.90 -38.54 -0.08
CA TYR B 1064 11.32 -38.41 0.15
C TYR B 1064 11.72 -39.13 1.44
N LEU B 1065 10.91 -38.98 2.50
CA LEU B 1065 11.20 -39.67 3.74
C LEU B 1065 11.16 -41.18 3.55
N LEU B 1066 10.16 -41.67 2.81
CA LEU B 1066 9.99 -43.11 2.61
C LEU B 1066 11.07 -43.72 1.73
N SER B 1067 11.89 -42.89 1.08
CA SER B 1067 12.93 -43.39 0.19
C SER B 1067 14.29 -43.55 0.87
N LYS B 1068 14.37 -43.27 2.17
CA LYS B 1068 15.64 -43.34 2.91
C LYS B 1068 15.41 -44.18 4.16
N PRO B 1069 15.32 -45.50 4.02
CA PRO B 1069 15.09 -46.35 5.19
C PRO B 1069 16.18 -46.16 6.23
N GLY B 1070 15.76 -46.22 7.49
CA GLY B 1070 16.70 -46.01 8.59
C GLY B 1070 15.99 -46.12 9.92
N THR B 1071 16.70 -45.71 10.98
CA THR B 1071 16.17 -45.76 12.33
C THR B 1071 16.21 -44.43 13.06
N HIS B 1072 16.89 -43.41 12.51
CA HIS B 1072 17.01 -42.13 13.19
C HIS B 1072 15.88 -41.20 12.75
N GLN B 1073 15.72 -40.11 13.50
CA GLN B 1073 14.68 -39.12 13.26
C GLN B 1073 15.28 -37.94 12.51
N ALA B 1074 14.83 -37.74 11.28
CA ALA B 1074 15.36 -36.71 10.39
C ALA B 1074 14.34 -35.58 10.28
N LEU B 1075 14.80 -34.35 10.54
CA LEU B 1075 13.91 -33.20 10.54
C LEU B 1075 14.21 -32.34 9.33
N PRO B 1076 13.31 -32.22 8.35
CA PRO B 1076 13.61 -31.43 7.14
C PRO B 1076 14.00 -30.01 7.48
N THR B 1077 14.99 -29.50 6.75
CA THR B 1077 15.54 -28.17 6.99
C THR B 1077 15.73 -27.32 5.76
N LEU B 1078 15.78 -27.90 4.56
CA LEU B 1078 16.03 -27.12 3.35
C LEU B 1078 15.45 -27.85 2.16
N LEU B 1079 14.39 -27.30 1.58
CA LEU B 1079 13.80 -27.82 0.35
C LEU B 1079 14.31 -26.97 -0.82
N GLU B 1080 15.18 -27.57 -1.63
CA GLU B 1080 15.90 -26.79 -2.63
C GLU B 1080 14.96 -26.14 -3.64
N SER B 1081 13.98 -26.89 -4.13
CA SER B 1081 13.08 -26.39 -5.18
C SER B 1081 11.73 -27.09 -5.06
N VAL B 1082 10.69 -26.30 -4.77
CA VAL B 1082 9.32 -26.79 -4.73
C VAL B 1082 8.53 -26.09 -5.83
N THR B 1083 7.77 -26.86 -6.60
CA THR B 1083 7.00 -26.33 -7.71
C THR B 1083 5.55 -26.79 -7.56
N ILE B 1084 4.67 -25.85 -7.25
CA ILE B 1084 3.24 -26.11 -7.12
C ILE B 1084 2.55 -25.46 -8.30
N ASP B 1085 1.79 -26.25 -9.06
CA ASP B 1085 1.08 -25.79 -10.25
C ASP B 1085 -0.38 -26.22 -10.15
N PRO B 1086 -1.21 -25.45 -9.44
CA PRO B 1086 -2.61 -25.85 -9.28
C PRO B 1086 -3.38 -25.90 -10.58
N ARG B 1087 -2.89 -25.21 -11.62
CA ARG B 1087 -3.60 -25.21 -12.90
C ARG B 1087 -3.68 -26.61 -13.49
N VAL B 1088 -2.63 -27.41 -13.30
CA VAL B 1088 -2.64 -28.79 -13.76
C VAL B 1088 -3.20 -29.75 -12.72
N HIS B 1089 -3.31 -29.33 -11.48
CA HIS B 1089 -3.83 -30.13 -10.38
C HIS B 1089 -5.34 -30.30 -10.51
N PRO B 1090 -5.89 -31.42 -10.05
CA PRO B 1090 -7.36 -31.55 -10.04
C PRO B 1090 -8.01 -30.51 -9.15
N ALA B 1091 -9.32 -30.28 -9.35
CA ALA B 1091 -10.05 -29.26 -8.62
C ALA B 1091 -10.29 -29.72 -7.19
N GLN B 1092 -10.76 -28.79 -6.36
CA GLN B 1092 -11.09 -29.10 -4.98
C GLN B 1092 -12.18 -30.15 -4.96
N PRO B 1093 -12.14 -31.12 -4.05
CA PRO B 1093 -13.14 -32.18 -4.07
C PRO B 1093 -14.54 -31.61 -3.93
N PRO B 1094 -15.55 -32.20 -4.58
CA PRO B 1094 -16.91 -31.72 -4.41
C PRO B 1094 -17.30 -31.69 -2.94
N GLU B 1095 -18.00 -30.63 -2.54
CA GLU B 1095 -18.34 -30.45 -1.14
C GLU B 1095 -19.13 -31.66 -0.63
N GLY B 1096 -18.76 -32.16 0.54
CA GLY B 1096 -19.37 -33.34 1.10
C GLY B 1096 -18.82 -34.65 0.57
N THR B 1097 -17.72 -34.62 -0.18
CA THR B 1097 -17.18 -35.83 -0.76
C THR B 1097 -16.67 -36.77 0.33
N THR B 1098 -16.84 -38.07 0.09
CA THR B 1098 -16.37 -39.10 1.01
C THR B 1098 -15.34 -40.03 0.40
N GLU B 1099 -15.39 -40.29 -0.91
CA GLU B 1099 -14.41 -41.12 -1.59
C GLU B 1099 -13.45 -40.21 -2.35
N PHE B 1100 -12.46 -39.70 -1.63
CA PHE B 1100 -11.47 -38.82 -2.22
C PHE B 1100 -10.67 -39.56 -3.29
N GLN B 1101 -10.38 -38.88 -4.39
CA GLN B 1101 -9.61 -39.47 -5.47
C GLN B 1101 -8.14 -39.58 -5.07
N VAL B 1102 -7.45 -40.55 -5.67
CA VAL B 1102 -6.05 -40.83 -5.40
C VAL B 1102 -5.26 -40.52 -6.66
N LEU B 1103 -4.22 -39.71 -6.53
CA LEU B 1103 -3.37 -39.35 -7.66
C LEU B 1103 -2.10 -40.20 -7.63
N PRO B 1104 -1.59 -40.63 -8.79
CA PRO B 1104 -0.32 -41.35 -8.79
C PRO B 1104 0.83 -40.46 -8.36
N GLY B 1105 1.82 -41.08 -7.73
CA GLY B 1105 3.01 -40.35 -7.30
C GLY B 1105 4.25 -41.14 -7.67
N LYS B 1106 5.34 -40.40 -7.91
CA LYS B 1106 6.58 -41.01 -8.32
C LYS B 1106 7.74 -40.36 -7.59
N TRP B 1107 8.72 -41.18 -7.23
CA TRP B 1107 9.98 -40.73 -6.66
C TRP B 1107 11.08 -40.98 -7.67
N ASP B 1108 11.86 -39.95 -7.98
CA ASP B 1108 12.91 -40.05 -8.99
C ASP B 1108 14.27 -39.98 -8.30
N PRO B 1109 14.95 -41.11 -8.05
CA PRO B 1109 16.23 -41.05 -7.37
C PRO B 1109 17.33 -40.39 -8.18
N VAL B 1110 17.21 -40.36 -9.51
CA VAL B 1110 18.25 -39.73 -10.33
C VAL B 1110 18.32 -38.24 -10.04
N LEU B 1111 17.16 -37.58 -9.96
CA LEU B 1111 17.09 -36.15 -9.74
C LEU B 1111 16.62 -35.78 -8.34
N GLN B 1112 16.19 -36.75 -7.53
CA GLN B 1112 15.70 -36.47 -6.19
C GLN B 1112 14.46 -35.58 -6.23
N ILE B 1113 13.52 -35.94 -7.10
CA ILE B 1113 12.26 -35.22 -7.25
C ILE B 1113 11.13 -36.14 -6.83
N ALA B 1114 10.36 -35.71 -5.84
CA ALA B 1114 9.16 -36.42 -5.39
C ALA B 1114 7.96 -35.72 -5.99
N ALA B 1115 7.40 -36.30 -7.06
CA ALA B 1115 6.34 -35.67 -7.83
C ALA B 1115 5.06 -36.46 -7.66
N ALA B 1116 3.95 -35.73 -7.56
CA ALA B 1116 2.62 -36.35 -7.47
C ALA B 1116 1.59 -35.31 -7.85
N GLY B 1117 0.84 -35.56 -8.92
CA GLY B 1117 -0.13 -34.60 -9.40
C GLY B 1117 0.53 -33.31 -9.87
N GLY B 1118 0.16 -32.19 -9.26
CA GLY B 1118 0.68 -30.90 -9.67
C GLY B 1118 1.68 -30.31 -8.70
N VAL B 1119 2.43 -31.16 -8.01
CA VAL B 1119 3.44 -30.72 -7.05
C VAL B 1119 4.74 -31.45 -7.36
N GLU B 1120 5.86 -30.80 -7.04
CA GLU B 1120 7.19 -31.37 -7.28
C GLU B 1120 8.13 -30.78 -6.24
N ILE B 1121 8.61 -31.62 -5.33
CA ILE B 1121 9.61 -31.21 -4.34
C ILE B 1121 10.94 -31.81 -4.74
N ARG B 1122 11.90 -30.97 -5.10
CA ARG B 1122 13.22 -31.44 -5.50
C ARG B 1122 14.08 -31.57 -4.24
N SER B 1123 15.39 -31.77 -4.41
CA SER B 1123 16.29 -32.14 -3.32
C SER B 1123 15.90 -31.49 -2.00
N CYS B 1124 15.66 -32.33 -1.00
CA CYS B 1124 15.39 -31.90 0.36
C CYS B 1124 16.52 -32.38 1.27
N HIS B 1125 16.70 -31.68 2.38
CA HIS B 1125 17.76 -32.01 3.32
C HIS B 1125 17.21 -31.99 4.73
N SER B 1126 17.77 -32.86 5.58
CA SER B 1126 17.31 -33.04 6.94
C SER B 1126 18.51 -33.12 7.87
N ILE B 1127 18.24 -33.07 9.16
CA ILE B 1127 19.27 -33.18 10.19
C ILE B 1127 18.78 -34.13 11.27
N ARG B 1128 19.66 -35.04 11.69
CA ARG B 1128 19.30 -35.97 12.75
C ARG B 1128 18.90 -35.19 14.00
N ALA B 1129 17.82 -35.63 14.64
CA ALA B 1129 17.32 -35.03 15.86
C ALA B 1129 17.20 -36.09 16.94
N SER B 1130 17.59 -35.74 18.16
CA SER B 1130 17.52 -36.69 19.26
C SER B 1130 16.07 -37.10 19.51
N ARG B 1131 15.83 -38.41 19.54
CA ARG B 1131 14.49 -38.90 19.83
C ARG B 1131 14.18 -38.67 21.30
N ARG B 1132 13.01 -38.07 21.56
CA ARG B 1132 12.60 -37.70 22.90
C ARG B 1132 11.58 -38.71 23.43
N LEU B 1133 11.69 -39.04 24.71
CA LEU B 1133 10.83 -40.05 25.32
C LEU B 1133 9.48 -39.44 25.65
N ASN B 1134 8.42 -39.99 25.05
CA ASN B 1134 7.07 -39.48 25.30
C ASN B 1134 6.67 -39.68 26.76
N HIS B 1135 7.00 -40.83 27.33
CA HIS B 1135 6.61 -41.19 28.68
C HIS B 1135 7.79 -41.02 29.63
N ASP B 1136 7.61 -41.45 30.86
CA ASP B 1136 8.68 -41.47 31.85
C ASP B 1136 9.57 -42.69 31.64
N PRO B 1137 10.77 -42.68 32.21
CA PRO B 1137 11.69 -43.79 31.97
C PRO B 1137 11.08 -45.09 32.45
N PRO B 1138 11.42 -46.21 31.81
CA PRO B 1138 10.87 -47.49 32.24
C PRO B 1138 11.43 -47.92 33.58
N ILE B 1139 10.72 -48.87 34.21
CA ILE B 1139 11.12 -49.43 35.49
C ILE B 1139 11.67 -50.81 35.21
N LEU B 1140 12.98 -50.97 35.33
CA LEU B 1140 13.62 -52.26 35.13
C LEU B 1140 13.73 -52.98 36.46
N GLU B 1141 13.46 -54.29 36.43
CA GLU B 1141 13.50 -55.13 37.63
C GLU B 1141 14.15 -56.45 37.30
N ASP B 1142 14.54 -57.17 38.34
CA ASP B 1142 15.17 -58.48 38.22
C ASP B 1142 14.23 -59.51 38.84
N PHE B 1143 13.56 -60.29 38.00
CA PHE B 1143 12.63 -61.32 38.47
C PHE B 1143 13.45 -62.45 39.08
N ALA B 1144 13.60 -62.44 40.40
CA ALA B 1144 14.47 -63.36 41.09
C ALA B 1144 13.74 -63.99 42.27
N PHE B 1145 14.26 -65.14 42.71
CA PHE B 1145 13.72 -65.85 43.86
C PHE B 1145 14.33 -65.32 45.14
N ALA B 1146 13.51 -65.17 46.17
CA ALA B 1146 13.95 -64.68 47.46
C ALA B 1146 13.36 -65.54 48.56
N PRO B 1147 14.17 -66.06 49.49
CA PRO B 1147 13.63 -66.88 50.57
C PRO B 1147 12.85 -66.04 51.57
N TYR B 1148 12.04 -66.72 52.37
CA TYR B 1148 11.17 -66.05 53.34
C TYR B 1148 11.86 -65.79 54.67
N VAL B 1149 12.47 -66.80 55.28
CA VAL B 1149 12.93 -66.72 56.66
C VAL B 1149 14.42 -67.07 56.72
N ASP B 1150 15.16 -66.29 57.51
CA ASP B 1150 16.59 -66.48 57.73
C ASP B 1150 17.35 -66.58 56.41
N PRO B 1151 17.28 -65.56 55.56
CA PRO B 1151 18.05 -65.60 54.32
C PRO B 1151 19.54 -65.64 54.59
N ARG B 1152 20.26 -66.40 53.75
CA ARG B 1152 21.71 -66.43 53.81
C ARG B 1152 22.28 -65.18 53.13
N PRO B 1153 23.55 -64.88 53.36
CA PRO B 1153 24.13 -63.67 52.76
C PRO B 1153 24.02 -63.61 51.25
N SER B 1154 23.97 -64.77 50.58
CA SER B 1154 23.89 -64.81 49.14
C SER B 1154 22.48 -64.66 48.60
N ASP B 1155 21.47 -64.65 49.46
CA ASP B 1155 20.09 -64.49 49.04
C ASP B 1155 19.74 -63.02 48.86
N ARG B 1156 18.70 -62.78 48.07
CA ARG B 1156 18.31 -61.41 47.74
C ARG B 1156 17.45 -60.74 48.82
N SER B 1157 16.91 -61.51 49.75
CA SER B 1157 16.16 -60.94 50.86
C SER B 1157 17.02 -60.74 52.10
N ALA B 1158 18.30 -61.07 52.04
CA ALA B 1158 19.19 -60.86 53.16
C ALA B 1158 19.54 -59.38 53.30
N ALA B 1159 19.71 -58.95 54.55
CA ALA B 1159 20.08 -57.57 54.81
C ALA B 1159 21.42 -57.24 54.16
N ALA B 1160 21.48 -56.07 53.54
CA ALA B 1160 22.70 -55.62 52.86
C ALA B 1160 23.68 -55.03 53.87
N VAL B 1161 24.42 -55.93 54.54
CA VAL B 1161 25.40 -55.54 55.54
C VAL B 1161 26.79 -55.78 54.95
N THR B 1162 27.35 -54.75 54.32
CA THR B 1162 28.69 -54.83 53.77
C THR B 1162 29.72 -54.80 54.89
N PRO B 1163 30.94 -55.30 54.65
CA PRO B 1163 31.96 -55.23 55.70
C PRO B 1163 32.16 -53.84 56.28
N ALA B 1164 32.07 -52.80 55.45
CA ALA B 1164 32.24 -51.44 55.97
C ALA B 1164 31.18 -51.11 57.01
N LEU B 1165 29.93 -51.48 56.76
CA LEU B 1165 28.88 -51.22 57.74
C LEU B 1165 29.13 -51.99 59.03
N ARG B 1166 29.61 -53.22 58.93
CA ARG B 1166 29.92 -54.00 60.12
C ARG B 1166 30.95 -53.27 60.98
N ASP B 1167 31.96 -52.68 60.34
CA ASP B 1167 32.95 -51.90 61.09
C ASP B 1167 32.30 -50.69 61.74
N TYR B 1168 31.43 -49.98 61.01
CA TYR B 1168 30.76 -48.83 61.58
C TYR B 1168 29.88 -49.23 62.76
N ALA B 1169 29.18 -50.35 62.64
CA ALA B 1169 28.37 -50.83 63.76
C ALA B 1169 29.25 -51.11 64.97
N ASP B 1170 30.40 -51.75 64.77
CA ASP B 1170 31.34 -51.97 65.86
C ASP B 1170 31.91 -50.64 66.34
N ALA B 1171 32.23 -49.74 65.41
CA ALA B 1171 32.77 -48.43 65.80
C ALA B 1171 31.77 -47.66 66.66
N CYS B 1172 30.50 -47.66 66.26
CA CYS B 1172 29.49 -46.97 67.05
C CYS B 1172 29.28 -47.65 68.40
N PHE B 1173 29.45 -48.97 68.45
CA PHE B 1173 29.28 -49.69 69.70
C PHE B 1173 30.32 -49.26 70.72
N GLU B 1174 31.59 -49.15 70.29
CA GLU B 1174 32.64 -48.71 71.20
C GLU B 1174 32.40 -47.30 71.69
N PHE B 1175 32.04 -46.39 70.78
CA PHE B 1175 31.81 -44.99 71.16
C PHE B 1175 30.66 -44.90 72.16
N SER B 1176 29.59 -45.66 71.93
CA SER B 1176 28.46 -45.65 72.86
C SER B 1176 28.87 -46.18 74.22
N ARG B 1177 29.63 -47.27 74.25
CA ARG B 1177 29.96 -47.91 75.52
C ARG B 1177 30.81 -46.99 76.40
N GLN B 1178 31.91 -46.47 75.85
CA GLN B 1178 32.76 -45.60 76.64
C GLN B 1178 32.04 -44.30 77.01
N GLY B 1179 31.28 -43.74 76.08
CA GLY B 1179 30.45 -42.59 76.43
C GLY B 1179 29.46 -42.93 77.52
N MET B 1180 29.01 -44.19 77.57
CA MET B 1180 28.14 -44.63 78.66
C MET B 1180 28.87 -44.54 79.99
N LYS B 1181 30.13 -44.97 80.02
CA LYS B 1181 30.89 -44.96 81.27
C LYS B 1181 31.24 -43.54 81.69
N ARG B 1182 31.71 -42.73 80.76
CA ARG B 1182 32.02 -41.34 81.08
C ARG B 1182 30.78 -40.62 81.62
N TRP B 1183 29.61 -40.99 81.12
CA TRP B 1183 28.37 -40.44 81.65
C TRP B 1183 28.23 -40.73 83.14
N LEU B 1184 28.54 -41.96 83.55
CA LEU B 1184 28.41 -42.35 84.95
C LEU B 1184 29.38 -41.56 85.83
N GLU B 1185 30.65 -41.48 85.40
CA GLU B 1185 31.67 -40.84 86.24
C GLU B 1185 31.47 -39.33 86.31
N ASN B 1186 31.26 -38.69 85.16
CA ASN B 1186 31.20 -37.24 85.11
C ASN B 1186 29.85 -36.69 85.56
N ASP B 1187 28.86 -37.54 85.79
CA ASP B 1187 27.55 -37.10 86.26
C ASP B 1187 27.59 -36.85 87.78
N LYS B 1188 28.43 -35.89 88.16
CA LYS B 1188 28.56 -35.54 89.57
C LYS B 1188 27.37 -34.73 90.07
N ASN B 1189 26.60 -34.12 89.17
CA ASN B 1189 25.41 -33.39 89.54
C ASN B 1189 24.18 -34.29 89.64
N ASN B 1190 24.30 -35.55 89.25
CA ASN B 1190 23.18 -36.49 89.29
C ASN B 1190 21.99 -35.95 88.50
N VAL B 1191 22.27 -35.39 87.34
CA VAL B 1191 21.24 -34.80 86.48
C VAL B 1191 21.03 -35.69 85.27
N LEU B 1192 21.34 -36.98 85.41
CA LEU B 1192 21.23 -37.94 84.32
C LEU B 1192 20.13 -38.94 84.64
N PRO B 1193 18.96 -38.84 84.01
CA PRO B 1193 17.87 -39.77 84.36
C PRO B 1193 18.17 -41.19 83.90
N ASN B 1194 17.46 -42.13 84.52
CA ASN B 1194 17.62 -43.56 84.20
C ASN B 1194 19.07 -44.00 84.40
N LYS B 1195 19.72 -43.45 85.44
CA LYS B 1195 21.11 -43.80 85.70
C LYS B 1195 21.26 -45.29 85.97
N GLU B 1196 20.31 -45.87 86.70
CA GLU B 1196 20.33 -47.31 86.92
C GLU B 1196 20.24 -48.06 85.59
N GLU B 1197 19.37 -47.60 84.68
CA GLU B 1197 19.30 -48.20 83.36
C GLU B 1197 20.61 -48.00 82.61
N ILE B 1198 21.19 -46.80 82.71
CA ILE B 1198 22.49 -46.53 82.09
C ILE B 1198 23.52 -47.53 82.59
N LYS B 1199 23.54 -47.78 83.90
CA LYS B 1199 24.49 -48.74 84.46
C LYS B 1199 24.28 -50.12 83.88
N GLU B 1200 23.02 -50.52 83.68
CA GLU B 1200 22.74 -51.84 83.10
C GLU B 1200 23.31 -51.94 81.70
N ALA B 1201 23.32 -50.84 80.94
CA ALA B 1201 23.85 -50.87 79.59
C ALA B 1201 25.32 -51.31 79.58
N LEU B 1202 26.12 -50.75 80.49
CA LEU B 1202 27.50 -51.19 80.60
C LEU B 1202 27.58 -52.65 81.05
N ALA B 1203 26.68 -53.04 81.96
CA ALA B 1203 26.67 -54.43 82.42
C ALA B 1203 26.50 -55.39 81.24
N MET B 1204 25.48 -55.14 80.42
CA MET B 1204 25.28 -55.96 79.23
C MET B 1204 26.40 -55.76 78.21
N ALA B 1205 26.84 -54.50 78.04
CA ALA B 1205 27.85 -54.21 77.02
C ALA B 1205 29.14 -54.99 77.30
N ASN B 1206 29.61 -54.96 78.56
CA ASN B 1206 30.79 -55.73 78.91
C ASN B 1206 30.53 -57.22 78.84
N LYS B 1207 29.31 -57.65 79.21
CA LYS B 1207 28.99 -59.08 79.17
C LYS B 1207 29.05 -59.63 77.75
N HIS B 1208 28.58 -58.85 76.77
CA HIS B 1208 28.52 -59.28 75.39
C HIS B 1208 29.73 -58.80 74.58
N ALA B 1209 30.78 -58.33 75.25
CA ALA B 1209 31.97 -57.87 74.57
C ALA B 1209 32.91 -59.04 74.28
N ASN B 1217 40.43 -44.81 74.53
CA ASN B 1217 39.74 -43.82 75.35
C ASN B 1217 38.62 -43.14 74.56
N PHE B 1218 37.92 -42.22 75.20
CA PHE B 1218 36.84 -41.51 74.52
C PHE B 1218 37.37 -40.71 73.35
N ALA B 1219 38.55 -40.09 73.49
CA ALA B 1219 39.14 -39.36 72.39
C ALA B 1219 39.45 -40.27 71.21
N SER B 1220 39.98 -41.46 71.49
CA SER B 1220 40.25 -42.41 70.41
C SER B 1220 38.97 -42.83 69.69
N ALA B 1221 37.87 -43.01 70.43
CA ALA B 1221 36.61 -43.36 69.81
C ALA B 1221 36.24 -42.33 68.73
N LYS B 1222 36.27 -41.05 69.09
CA LYS B 1222 36.04 -40.02 68.08
C LYS B 1222 37.04 -40.13 66.93
N ALA B 1223 38.30 -40.43 67.25
CA ALA B 1223 39.33 -40.53 66.25
C ALA B 1223 39.02 -41.63 65.24
N THR B 1224 38.71 -42.83 65.73
CA THR B 1224 38.38 -43.93 64.82
C THR B 1224 37.16 -43.59 63.98
N LEU B 1225 36.07 -43.16 64.62
CA LEU B 1225 34.85 -42.86 63.88
C LEU B 1225 35.06 -41.68 62.94
N GLU B 1226 35.77 -40.64 63.38
CA GLU B 1226 36.05 -39.52 62.51
C GLU B 1226 36.88 -39.94 61.30
N ALA B 1227 37.85 -40.83 61.50
CA ALA B 1227 38.61 -41.36 60.36
C ALA B 1227 37.69 -42.05 59.38
N LEU B 1228 36.71 -42.81 59.88
CA LEU B 1228 35.75 -43.46 58.99
C LEU B 1228 34.93 -42.42 58.23
N VAL B 1229 34.55 -41.33 58.90
CA VAL B 1229 33.72 -40.31 58.26
C VAL B 1229 34.54 -39.52 57.24
N ASN B 1230 35.69 -39.01 57.65
CA ASN B 1230 36.47 -38.13 56.79
C ASN B 1230 37.17 -38.87 55.66
N ASN B 1231 37.20 -40.20 55.69
CA ASN B 1231 37.86 -40.95 54.62
C ASN B 1231 36.99 -40.95 53.37
N LYS B 1232 37.64 -40.91 52.21
CA LYS B 1232 36.96 -40.89 50.91
C LYS B 1232 37.57 -41.95 50.00
N ASN B 1233 37.69 -43.18 50.51
CA ASN B 1233 38.32 -44.27 49.78
C ASN B 1233 37.35 -44.99 48.85
N GLY B 1234 36.23 -44.37 48.50
CA GLY B 1234 35.22 -45.06 47.70
C GLY B 1234 34.32 -45.94 48.53
N HIS B 1235 34.91 -46.73 49.43
CA HIS B 1235 34.14 -47.49 50.41
C HIS B 1235 33.69 -46.51 51.50
N ARG B 1236 32.50 -45.94 51.32
CA ARG B 1236 32.03 -44.83 52.14
C ARG B 1236 30.54 -45.00 52.33
N LEU B 1237 30.11 -45.11 53.59
CA LEU B 1237 28.68 -45.29 53.86
C LEU B 1237 27.94 -44.02 53.43
N PRO B 1238 26.66 -44.13 53.06
CA PRO B 1238 25.94 -42.93 52.58
C PRO B 1238 25.95 -41.79 53.58
N ASN B 1239 25.85 -42.11 54.87
CA ASN B 1239 25.95 -41.10 55.92
C ASN B 1239 26.25 -41.81 57.24
N HIS B 1240 26.67 -41.03 58.22
CA HIS B 1240 27.03 -41.55 59.53
C HIS B 1240 26.13 -40.84 60.55
N GLY B 1241 24.95 -41.39 60.77
CA GLY B 1241 23.94 -40.72 61.56
C GLY B 1241 23.93 -41.08 63.02
N LEU B 1242 24.04 -42.37 63.34
CA LEU B 1242 23.95 -42.80 64.72
C LEU B 1242 25.07 -42.18 65.55
N PHE B 1243 26.28 -42.14 65.01
CA PHE B 1243 27.39 -41.49 65.71
C PHE B 1243 27.07 -40.04 66.01
N GLU B 1244 26.57 -39.30 65.01
CA GLU B 1244 26.39 -37.87 65.16
C GLU B 1244 25.45 -37.55 66.32
N MET B 1245 24.36 -38.30 66.44
CA MET B 1245 23.42 -38.06 67.52
C MET B 1245 23.94 -38.61 68.84
N LEU B 1246 24.69 -39.70 68.81
CA LEU B 1246 25.40 -40.14 70.02
C LEU B 1246 26.38 -39.08 70.47
N ASP B 1247 27.12 -38.48 69.53
CA ASP B 1247 28.02 -37.40 69.88
C ASP B 1247 27.26 -36.22 70.47
N ILE B 1248 26.13 -35.87 69.87
CA ILE B 1248 25.32 -34.76 70.37
C ILE B 1248 24.76 -35.09 71.75
N ALA B 1249 24.52 -36.36 72.04
CA ALA B 1249 24.01 -36.79 73.34
C ALA B 1249 25.12 -37.09 74.34
N PHE B 1250 26.38 -36.89 73.95
CA PHE B 1250 27.50 -37.08 74.86
C PHE B 1250 28.28 -35.79 75.01
N SER B 1251 28.25 -34.95 73.97
CA SER B 1251 28.99 -33.69 74.02
C SER B 1251 28.20 -32.59 74.72
N GLU B 1252 26.93 -32.83 75.03
CA GLU B 1252 26.12 -31.82 75.71
C GLU B 1252 26.62 -31.63 77.13
N PRO B 1253 26.91 -30.40 77.57
CA PRO B 1253 27.36 -30.20 78.95
C PRO B 1253 26.32 -30.67 79.95
N LEU B 1254 26.79 -31.26 81.05
CA LEU B 1254 25.93 -31.80 82.08
C LEU B 1254 25.67 -30.71 83.12
N GLU B 1255 24.65 -29.90 82.87
CA GLU B 1255 24.28 -28.82 83.78
C GLU B 1255 22.76 -28.84 83.95
N GLY B 1256 22.23 -27.82 84.61
CA GLY B 1256 20.80 -27.79 84.87
C GLY B 1256 20.00 -27.72 83.57
N ASP B 1257 18.74 -28.16 83.66
CA ASP B 1257 17.86 -28.24 82.50
C ASP B 1257 18.47 -29.14 81.42
N TYR B 1258 18.58 -30.42 81.77
CA TYR B 1258 19.17 -31.43 80.91
C TYR B 1258 18.12 -32.27 80.20
N TRP B 1259 17.20 -32.89 80.95
CA TRP B 1259 16.29 -33.85 80.34
C TRP B 1259 15.42 -33.19 79.27
N ASP B 1260 14.84 -32.02 79.59
CA ASP B 1260 14.00 -31.35 78.61
C ASP B 1260 14.82 -30.67 77.54
N ARG B 1261 15.97 -30.09 77.91
CA ARG B 1261 16.81 -29.41 76.94
C ARG B 1261 17.30 -30.38 75.88
N LEU B 1262 17.92 -31.49 76.31
CA LEU B 1262 18.50 -32.42 75.36
C LEU B 1262 17.43 -33.13 74.53
N ARG B 1263 16.23 -33.29 75.10
CA ARG B 1263 15.14 -33.89 74.36
C ARG B 1263 14.89 -33.13 73.07
N MET B 1264 15.08 -31.81 73.09
CA MET B 1264 14.83 -30.96 71.93
C MET B 1264 15.96 -31.04 70.90
N LYS B 1265 17.22 -31.12 71.35
CA LYS B 1265 18.32 -31.23 70.42
C LYS B 1265 18.22 -32.50 69.59
N LEU B 1266 17.97 -33.63 70.25
CA LEU B 1266 17.88 -34.89 69.52
C LEU B 1266 16.61 -34.95 68.68
N HIS B 1267 15.49 -34.47 69.23
CA HIS B 1267 14.27 -34.41 68.44
C HIS B 1267 14.46 -33.55 67.21
N ASP B 1268 15.43 -32.63 67.23
CA ASP B 1268 15.78 -31.86 66.04
C ASP B 1268 16.59 -32.68 65.05
N VAL B 1269 17.34 -33.69 65.52
CA VAL B 1269 18.15 -34.51 64.63
C VAL B 1269 17.63 -35.93 64.66
N ARG B 1270 16.31 -36.08 64.87
CA ARG B 1270 15.70 -37.41 64.83
C ARG B 1270 15.91 -38.07 63.48
N THR B 1271 15.91 -37.30 62.40
CA THR B 1271 16.05 -37.86 61.07
C THR B 1271 17.34 -38.66 60.94
N TYR B 1272 18.37 -38.32 61.73
CA TYR B 1272 19.66 -38.97 61.60
C TYR B 1272 19.55 -40.47 61.88
N LEU B 1273 18.78 -40.84 62.91
CA LEU B 1273 18.56 -42.27 63.16
C LEU B 1273 17.75 -42.91 62.04
N TRP B 1274 16.73 -42.23 61.53
CA TRP B 1274 15.89 -42.81 60.50
C TRP B 1274 16.70 -43.16 59.26
N ASP B 1275 17.50 -42.22 58.77
CA ASP B 1275 18.34 -42.40 57.59
C ASP B 1275 19.76 -42.67 58.07
N ASP B 1276 20.04 -43.93 58.38
CA ASP B 1276 21.34 -44.29 58.90
C ASP B 1276 21.66 -45.71 58.42
N PRO B 1277 22.83 -45.95 57.83
CA PRO B 1277 23.13 -47.29 57.31
C PRO B 1277 22.76 -48.42 58.27
N ILE B 1278 22.98 -48.24 59.57
CA ILE B 1278 22.70 -49.32 60.51
C ILE B 1278 21.21 -49.65 60.54
N ILE B 1279 20.35 -48.63 60.40
CA ILE B 1279 18.91 -48.86 60.39
C ILE B 1279 18.42 -49.22 58.99
N ALA B 1280 18.93 -48.53 57.98
CA ALA B 1280 18.50 -48.78 56.61
C ALA B 1280 19.22 -49.98 56.02
N ALA B 1281 19.22 -51.09 56.76
CA ALA B 1281 19.70 -52.37 56.25
C ALA B 1281 18.61 -53.41 56.19
N LEU B 1282 17.52 -53.23 56.95
CA LEU B 1282 16.32 -54.03 56.82
C LEU B 1282 15.22 -53.27 56.09
N GLU B 1283 15.53 -52.08 55.57
CA GLU B 1283 14.58 -51.30 54.78
C GLU B 1283 15.11 -51.03 53.37
N SER B 1284 16.07 -51.83 52.92
CA SER B 1284 16.61 -51.66 51.57
C SER B 1284 15.49 -51.92 50.58
N PRO B 1285 15.55 -51.34 49.38
CA PRO B 1285 14.42 -51.48 48.45
C PRO B 1285 14.01 -52.92 48.19
N ASP B 1286 14.96 -53.85 48.25
CA ASP B 1286 14.64 -55.24 47.98
C ASP B 1286 13.73 -55.82 49.05
N ILE B 1287 14.07 -55.59 50.33
CA ILE B 1287 13.31 -56.19 51.42
C ILE B 1287 11.95 -55.54 51.54
N VAL B 1288 11.88 -54.22 51.43
CA VAL B 1288 10.61 -53.52 51.59
C VAL B 1288 9.63 -53.96 50.51
N LYS B 1289 10.10 -54.08 49.27
CA LYS B 1289 9.24 -54.56 48.20
C LYS B 1289 8.77 -55.98 48.45
N LEU B 1290 9.66 -56.83 48.97
CA LEU B 1290 9.29 -58.22 49.24
C LEU B 1290 8.15 -58.30 50.24
N VAL B 1291 8.21 -57.49 51.29
CA VAL B 1291 7.17 -57.49 52.31
C VAL B 1291 5.85 -56.99 51.74
N MET B 1292 5.88 -55.84 51.06
CA MET B 1292 4.65 -55.22 50.63
C MET B 1292 3.97 -56.02 49.52
N GLU B 1293 4.76 -56.55 48.58
CA GLU B 1293 4.16 -57.31 47.48
C GLU B 1293 3.71 -58.70 47.92
N THR B 1294 4.49 -59.38 48.77
CA THR B 1294 4.09 -60.71 49.21
C THR B 1294 2.81 -60.64 50.05
N VAL B 1295 2.61 -59.54 50.76
CA VAL B 1295 1.34 -59.33 51.46
C VAL B 1295 0.24 -59.06 50.45
N SER B 1296 0.55 -58.28 49.41
CA SER B 1296 -0.45 -57.96 48.39
C SER B 1296 -0.93 -59.21 47.68
N ASP B 1297 -0.01 -60.13 47.37
CA ASP B 1297 -0.41 -61.35 46.68
C ASP B 1297 -1.40 -62.16 47.49
N ASN B 1298 -1.34 -62.06 48.82
CA ASN B 1298 -2.19 -62.85 49.71
C ASN B 1298 -3.43 -62.11 50.16
N VAL B 1299 -3.46 -60.78 50.07
CA VAL B 1299 -4.64 -60.01 50.41
C VAL B 1299 -5.67 -60.18 49.29
N ASN B 1300 -6.87 -60.62 49.65
CA ASN B 1300 -7.90 -60.98 48.68
C ASN B 1300 -8.94 -59.87 48.50
N GLN B 1301 -8.52 -58.62 48.61
CA GLN B 1301 -9.37 -57.47 48.36
C GLN B 1301 -8.85 -56.74 47.12
N GLN B 1302 -9.46 -55.60 46.83
CA GLN B 1302 -8.97 -54.71 45.77
C GLN B 1302 -8.16 -53.55 46.30
N VAL B 1303 -8.33 -53.20 47.58
CA VAL B 1303 -7.59 -52.11 48.21
C VAL B 1303 -6.79 -52.68 49.36
N MET B 1304 -5.50 -52.38 49.38
CA MET B 1304 -4.60 -52.82 50.45
C MET B 1304 -4.65 -51.80 51.58
N GLU B 1305 -5.05 -52.24 52.77
CA GLU B 1305 -5.16 -51.38 53.94
C GLU B 1305 -3.96 -51.60 54.83
N ILE B 1306 -3.23 -50.52 55.12
CA ILE B 1306 -2.07 -50.57 55.99
C ILE B 1306 -2.31 -49.63 57.17
N LEU B 1307 -1.72 -49.95 58.30
CA LEU B 1307 -1.86 -49.14 59.51
C LEU B 1307 -0.52 -49.13 60.22
N GLU B 1308 0.11 -47.95 60.29
CA GLU B 1308 1.39 -47.79 60.98
C GLU B 1308 1.13 -47.07 62.30
N VAL B 1309 0.92 -47.87 63.34
CA VAL B 1309 0.69 -47.31 64.67
C VAL B 1309 2.03 -46.89 65.26
N GLY B 1310 2.14 -45.63 65.64
CA GLY B 1310 3.38 -45.10 66.17
C GLY B 1310 4.26 -44.53 65.07
N ALA B 1311 3.69 -43.64 64.26
CA ALA B 1311 4.41 -43.07 63.12
C ALA B 1311 5.25 -41.85 63.48
N ALA B 1312 5.23 -41.42 64.74
CA ALA B 1312 6.05 -40.28 65.15
C ALA B 1312 7.42 -40.68 65.65
N ARG B 1313 7.56 -41.88 66.22
CA ARG B 1313 8.85 -42.34 66.70
C ARG B 1313 9.58 -43.15 65.62
N GLY B 1314 8.96 -44.25 65.19
CA GLY B 1314 9.50 -45.05 64.12
C GLY B 1314 8.64 -44.95 62.87
N PRO B 1315 9.10 -44.21 61.86
CA PRO B 1315 8.34 -44.11 60.62
C PRO B 1315 8.70 -45.19 59.62
N TYR B 1316 7.67 -45.71 58.96
CA TYR B 1316 7.81 -46.70 57.91
C TYR B 1316 7.18 -46.27 56.59
N TYR B 1317 6.27 -45.30 56.61
CA TYR B 1317 5.69 -44.79 55.37
C TYR B 1317 6.76 -44.17 54.48
N ARG B 1318 7.72 -43.46 55.08
CA ARG B 1318 8.77 -42.83 54.29
C ARG B 1318 9.63 -43.85 53.56
N GLN B 1319 9.56 -45.12 53.96
CA GLN B 1319 10.26 -46.20 53.26
C GLN B 1319 9.33 -47.11 52.48
N ALA B 1320 8.17 -47.45 53.05
CA ALA B 1320 7.26 -48.36 52.35
C ALA B 1320 6.71 -47.74 51.08
N ILE B 1321 6.41 -46.44 51.11
CA ILE B 1321 5.74 -45.78 50.00
C ILE B 1321 6.70 -45.62 48.83
N PRO B 1322 7.80 -44.88 48.98
CA PRO B 1322 8.67 -44.62 47.82
C PRO B 1322 9.36 -45.86 47.26
N LYS B 1323 9.49 -46.93 48.04
CA LYS B 1323 10.26 -48.10 47.62
C LYS B 1323 9.42 -49.27 47.15
N ALA B 1324 8.23 -49.46 47.70
CA ALA B 1324 7.45 -50.64 47.38
C ALA B 1324 6.04 -50.33 46.90
N LEU B 1325 5.37 -49.35 47.50
CA LEU B 1325 3.96 -49.13 47.19
C LEU B 1325 3.75 -48.30 45.94
N GLU B 1326 4.67 -47.39 45.62
CA GLU B 1326 4.53 -46.55 44.44
C GLU B 1326 4.60 -47.33 43.14
N TYR B 1327 5.04 -48.59 43.18
CA TYR B 1327 5.16 -49.42 41.99
C TYR B 1327 3.91 -50.25 41.74
N PHE B 1328 2.91 -50.17 42.63
CA PHE B 1328 1.70 -50.97 42.48
C PHE B 1328 0.90 -50.52 41.27
N SER B 1329 0.41 -51.49 40.50
CA SER B 1329 -0.38 -51.19 39.31
C SER B 1329 -1.69 -51.98 39.30
N ILE B 1330 -1.65 -53.22 39.78
CA ILE B 1330 -2.84 -54.07 39.74
C ILE B 1330 -3.66 -53.95 41.02
N LYS B 1331 -3.06 -53.50 42.11
CA LYS B 1331 -3.71 -53.44 43.41
C LYS B 1331 -3.63 -52.03 43.98
N ASP B 1332 -4.72 -51.56 44.55
CA ASP B 1332 -4.76 -50.27 45.21
C ASP B 1332 -4.40 -50.42 46.68
N TRP B 1333 -3.90 -49.33 47.26
CA TRP B 1333 -3.44 -49.33 48.64
C TRP B 1333 -3.94 -48.08 49.36
N GLN B 1334 -4.10 -48.19 50.67
CA GLN B 1334 -4.56 -47.09 51.50
C GLN B 1334 -3.75 -47.11 52.80
N TYR B 1335 -2.78 -46.21 52.90
CA TYR B 1335 -1.94 -46.10 54.09
C TYR B 1335 -2.63 -45.22 55.12
N THR B 1336 -2.44 -45.56 56.39
CA THR B 1336 -3.01 -44.80 57.51
C THR B 1336 -2.00 -44.79 58.64
N VAL B 1337 -1.50 -43.61 58.98
CA VAL B 1337 -0.55 -43.46 60.09
C VAL B 1337 -1.32 -43.11 61.35
N ALA B 1338 -0.72 -43.35 62.51
CA ALA B 1338 -1.39 -43.07 63.77
C ALA B 1338 -0.34 -42.88 64.85
N ASP B 1339 -0.59 -41.91 65.73
CA ASP B 1339 0.31 -41.59 66.83
C ASP B 1339 -0.47 -40.71 67.81
N GLN B 1340 0.21 -40.26 68.87
CA GLN B 1340 -0.43 -39.38 69.84
C GLN B 1340 -0.89 -38.08 69.19
N GLY B 1341 -0.03 -37.47 68.37
CA GLY B 1341 -0.32 -36.20 67.74
C GLY B 1341 -0.06 -36.21 66.25
N PHE B 1342 -0.09 -35.02 65.68
CA PHE B 1342 0.15 -34.86 64.25
C PHE B 1342 1.56 -35.30 63.89
N VAL B 1343 1.67 -36.07 62.81
CA VAL B 1343 2.96 -36.51 62.30
C VAL B 1343 3.41 -35.49 61.27
N GLU B 1344 4.37 -34.65 61.64
CA GLU B 1344 4.80 -33.56 60.76
C GLU B 1344 5.45 -34.11 59.49
N ASP B 1345 6.29 -35.13 59.62
CA ASP B 1345 7.02 -35.64 58.46
C ASP B 1345 6.09 -36.33 57.48
N ALA B 1346 4.88 -36.68 57.90
CA ALA B 1346 3.92 -37.34 57.02
C ALA B 1346 3.06 -36.37 56.23
N ALA B 1347 3.33 -35.07 56.33
CA ALA B 1347 2.48 -34.09 55.64
C ALA B 1347 2.53 -34.28 54.13
N GLU B 1348 3.71 -34.56 53.58
CA GLU B 1348 3.91 -34.62 52.14
C GLU B 1348 3.54 -35.96 51.53
N PHE B 1349 3.24 -36.97 52.34
CA PHE B 1349 2.98 -38.31 51.86
C PHE B 1349 1.48 -38.51 51.67
N PRO B 1350 1.09 -39.49 50.83
CA PRO B 1350 -0.35 -39.73 50.61
C PRO B 1350 -0.97 -40.60 51.69
N VAL B 1351 -0.72 -40.28 52.95
CA VAL B 1351 -1.22 -41.07 54.07
C VAL B 1351 -2.38 -40.33 54.73
N LYS B 1352 -3.10 -41.04 55.59
CA LYS B 1352 -4.24 -40.51 56.32
C LYS B 1352 -3.87 -40.46 57.80
N MET B 1353 -3.81 -39.25 58.35
CA MET B 1353 -3.47 -39.09 59.76
C MET B 1353 -4.64 -39.51 60.65
N MET B 1354 -4.33 -40.21 61.73
CA MET B 1354 -5.32 -40.58 62.74
C MET B 1354 -4.74 -40.33 64.12
N GLN B 1355 -5.60 -39.88 65.03
CA GLN B 1355 -5.21 -39.48 66.38
C GLN B 1355 -5.72 -40.51 67.37
N PHE B 1356 -4.79 -41.19 68.05
CA PHE B 1356 -5.12 -42.15 69.10
C PHE B 1356 -3.85 -42.61 69.80
N ASP B 1357 -3.93 -42.80 71.12
CA ASP B 1357 -2.76 -43.18 71.90
C ASP B 1357 -2.28 -44.56 71.46
N PRO B 1358 -1.03 -44.70 71.02
CA PRO B 1358 -0.54 -46.01 70.56
C PRO B 1358 -0.02 -46.88 71.69
N LEU B 1359 0.40 -46.27 72.79
CA LEU B 1359 1.07 -46.96 73.88
C LEU B 1359 0.13 -47.18 75.06
N ASP B 1360 -1.15 -47.46 74.79
CA ASP B 1360 -2.13 -47.66 75.86
C ASP B 1360 -3.24 -48.56 75.32
N PRO B 1361 -3.12 -49.87 75.49
CA PRO B 1361 -4.23 -50.76 75.12
C PRO B 1361 -5.42 -50.55 76.02
N ALA B 1362 -6.53 -51.19 75.65
CA ALA B 1362 -7.80 -51.06 76.36
C ALA B 1362 -8.46 -49.72 76.04
N ASN B 1363 -7.77 -48.87 75.26
CA ASN B 1363 -8.32 -47.60 74.81
C ASN B 1363 -8.12 -47.40 73.31
N PHE B 1364 -7.56 -48.36 72.60
CA PHE B 1364 -7.43 -48.25 71.17
C PHE B 1364 -8.82 -48.07 70.56
N PRO B 1365 -9.03 -47.10 69.67
CA PRO B 1365 -10.37 -46.89 69.12
C PRO B 1365 -10.97 -48.19 68.61
N ALA B 1366 -12.18 -48.50 69.09
CA ALA B 1366 -12.89 -49.70 68.68
C ALA B 1366 -13.29 -49.67 67.22
N GLU B 1367 -13.22 -48.52 66.56
CA GLU B 1367 -13.47 -48.43 65.13
C GLU B 1367 -12.33 -48.96 64.30
N LEU B 1368 -11.16 -49.17 64.90
CA LEU B 1368 -10.01 -49.75 64.21
C LEU B 1368 -10.07 -51.26 64.13
N THR B 1369 -11.11 -51.88 64.70
CA THR B 1369 -11.23 -53.34 64.68
C THR B 1369 -11.44 -53.83 63.26
N GLU B 1370 -10.61 -54.78 62.84
CA GLU B 1370 -10.66 -55.32 61.48
C GLU B 1370 -10.68 -54.20 60.45
N SER B 1371 -9.70 -53.31 60.55
CA SER B 1371 -9.60 -52.15 59.67
C SER B 1371 -8.40 -52.19 58.73
N CYS B 1372 -7.39 -53.02 59.01
CA CYS B 1372 -6.17 -53.04 58.22
C CYS B 1372 -5.80 -54.47 57.87
N ASP B 1373 -5.33 -54.66 56.64
CA ASP B 1373 -4.75 -55.94 56.25
C ASP B 1373 -3.33 -56.09 56.77
N LEU B 1374 -2.58 -55.00 56.85
CA LEU B 1374 -1.21 -55.00 57.33
C LEU B 1374 -1.09 -54.04 58.50
N LEU B 1375 -0.33 -54.43 59.52
CA LEU B 1375 -0.11 -53.62 60.71
C LEU B 1375 1.39 -53.49 60.93
N VAL B 1376 1.90 -52.28 60.75
CA VAL B 1376 3.32 -52.00 60.90
C VAL B 1376 3.57 -51.49 62.32
N LEU B 1377 4.62 -52.02 62.96
CA LEU B 1377 4.91 -51.76 64.36
C LEU B 1377 6.39 -51.43 64.55
N LYS B 1378 6.91 -50.51 63.74
CA LYS B 1378 8.31 -50.15 63.81
C LYS B 1378 8.64 -49.50 65.14
N TRP B 1379 9.44 -50.18 65.96
CA TRP B 1379 9.83 -49.69 67.29
C TRP B 1379 8.60 -49.23 68.10
N ASN B 1380 7.56 -50.06 68.10
CA ASN B 1380 6.35 -49.77 68.85
C ASN B 1380 6.08 -50.79 69.95
N LEU B 1381 6.18 -52.07 69.64
CA LEU B 1381 5.90 -53.11 70.63
C LEU B 1381 6.99 -53.22 71.70
N GLN B 1382 8.00 -52.36 71.67
CA GLN B 1382 9.00 -52.30 72.73
C GLN B 1382 8.70 -51.24 73.78
N MET B 1383 7.81 -50.30 73.47
CA MET B 1383 7.50 -49.18 74.36
C MET B 1383 6.19 -49.37 75.10
N GLN B 1384 5.57 -50.55 75.02
CA GLN B 1384 4.35 -50.84 75.73
C GLN B 1384 4.67 -51.67 76.96
N VAL B 1385 4.11 -51.29 78.11
CA VAL B 1385 4.50 -51.91 79.36
C VAL B 1385 4.12 -53.39 79.36
N ASP B 1386 2.92 -53.72 78.92
CA ASP B 1386 2.43 -55.10 78.89
C ASP B 1386 2.29 -55.51 77.42
N LEU B 1387 3.37 -56.05 76.85
CA LEU B 1387 3.31 -56.50 75.46
C LEU B 1387 2.31 -57.65 75.31
N ASP B 1388 2.07 -58.42 76.37
CA ASP B 1388 1.07 -59.49 76.29
C ASP B 1388 -0.31 -58.89 76.02
N ALA B 1389 -0.64 -57.80 76.70
CA ALA B 1389 -1.88 -57.09 76.40
C ALA B 1389 -1.79 -56.33 75.09
N ALA B 1390 -0.58 -55.92 74.72
CA ALA B 1390 -0.40 -55.05 73.55
C ALA B 1390 -0.89 -55.72 72.28
N ILE B 1391 -0.41 -56.93 72.00
CA ILE B 1391 -0.71 -57.57 70.73
C ILE B 1391 -2.11 -58.16 70.74
N THR B 1392 -2.61 -58.52 71.92
CA THR B 1392 -3.97 -59.06 72.02
C THR B 1392 -4.97 -58.06 71.46
N GLU B 1393 -4.79 -56.77 71.76
CA GLU B 1393 -5.64 -55.75 71.18
C GLU B 1393 -5.27 -55.51 69.71
N PHE B 1394 -3.98 -55.51 69.40
CA PHE B 1394 -3.55 -55.31 68.02
C PHE B 1394 -4.06 -56.43 67.13
N SER B 1395 -4.04 -57.67 67.64
CA SER B 1395 -4.49 -58.81 66.86
C SER B 1395 -5.96 -58.72 66.49
N LYS B 1396 -6.72 -57.85 67.15
CA LYS B 1396 -8.12 -57.62 66.79
C LYS B 1396 -8.27 -56.58 65.68
N MET B 1397 -7.30 -55.68 65.53
CA MET B 1397 -7.35 -54.70 64.46
C MET B 1397 -7.09 -55.32 63.09
N ILE B 1398 -6.33 -56.41 63.05
CA ILE B 1398 -5.99 -57.04 61.78
C ILE B 1398 -7.20 -57.79 61.23
N LYS B 1399 -7.39 -57.70 59.93
CA LYS B 1399 -8.50 -58.40 59.29
C LYS B 1399 -8.21 -59.90 59.26
N PRO B 1400 -9.24 -60.73 59.05
CA PRO B 1400 -8.99 -62.17 58.98
C PRO B 1400 -8.14 -62.52 57.77
N GLY B 1401 -6.92 -62.96 58.02
CA GLY B 1401 -5.92 -63.12 56.97
C GLY B 1401 -4.96 -61.97 56.85
N GLY B 1402 -4.95 -61.04 57.79
CA GLY B 1402 -4.00 -59.93 57.77
C GLY B 1402 -2.63 -60.33 58.28
N PHE B 1403 -1.74 -59.34 58.29
CA PHE B 1403 -0.34 -59.55 58.64
C PHE B 1403 0.11 -58.51 59.65
N LEU B 1404 1.16 -58.87 60.41
CA LEU B 1404 1.84 -57.94 61.30
C LEU B 1404 3.29 -57.80 60.86
N LEU B 1405 3.72 -56.57 60.66
CA LEU B 1405 5.13 -56.25 60.41
C LEU B 1405 5.70 -55.65 61.68
N VAL B 1406 6.77 -56.27 62.20
CA VAL B 1406 7.38 -55.87 63.45
C VAL B 1406 8.87 -55.68 63.23
N LEU B 1407 9.38 -54.51 63.61
CA LEU B 1407 10.80 -54.17 63.48
C LEU B 1407 11.29 -53.66 64.83
N GLU B 1408 12.04 -54.50 65.54
CA GLU B 1408 12.51 -54.17 66.88
C GLU B 1408 13.96 -54.57 67.03
N ASN B 1409 14.65 -53.90 67.97
CA ASN B 1409 16.02 -54.26 68.29
C ASN B 1409 16.09 -55.69 68.78
N GLY B 1410 17.08 -56.43 68.28
CA GLY B 1410 17.23 -57.82 68.65
C GLY B 1410 18.66 -58.22 68.96
N THR B 1411 19.61 -57.30 68.77
CA THR B 1411 21.01 -57.57 69.02
C THR B 1411 21.69 -56.27 69.41
N ARG B 1412 22.83 -56.41 70.08
CA ARG B 1412 23.63 -55.26 70.52
C ARG B 1412 22.74 -54.18 71.11
N LEU B 1413 22.03 -54.55 72.19
CA LEU B 1413 21.02 -53.69 72.75
C LEU B 1413 21.59 -52.53 73.56
N SER B 1414 22.92 -52.42 73.65
CA SER B 1414 23.56 -51.30 74.34
C SER B 1414 24.05 -50.23 73.38
N THR B 1415 23.75 -50.35 72.09
CA THR B 1415 24.20 -49.38 71.09
C THR B 1415 23.23 -48.22 70.96
N PHE B 1416 21.94 -48.50 70.84
CA PHE B 1416 20.93 -47.46 70.68
C PHE B 1416 20.36 -46.98 72.00
N PHE B 1417 20.82 -47.50 73.12
CA PHE B 1417 20.24 -47.16 74.42
C PHE B 1417 20.62 -45.75 74.88
N PRO B 1418 21.85 -45.28 74.66
CA PRO B 1418 22.20 -43.92 75.08
C PRO B 1418 21.22 -42.88 74.60
N ILE B 1419 20.47 -43.19 73.55
CA ILE B 1419 19.53 -42.25 72.95
C ILE B 1419 18.12 -42.78 73.07
N LYS B 1420 17.88 -43.62 74.08
CA LYS B 1420 16.57 -44.21 74.33
C LYS B 1420 16.01 -43.84 75.69
N ALA B 1421 16.80 -43.98 76.75
CA ALA B 1421 16.32 -43.62 78.09
C ALA B 1421 15.99 -42.15 78.16
N ILE B 1422 16.81 -41.31 77.53
CA ILE B 1422 16.66 -39.87 77.58
C ILE B 1422 15.53 -39.36 76.68
N VAL B 1423 15.04 -40.21 75.79
CA VAL B 1423 13.85 -39.85 75.00
C VAL B 1423 12.62 -40.41 75.68
N SER B 1424 12.59 -41.73 75.85
CA SER B 1424 11.46 -42.37 76.52
C SER B 1424 11.27 -41.81 77.92
N ALA B 1425 10.03 -41.51 78.26
CA ALA B 1425 9.71 -40.95 79.57
C ALA B 1425 9.47 -42.05 80.60
N SER B 1426 8.52 -42.95 80.33
CA SER B 1426 8.20 -44.04 81.24
C SER B 1426 8.89 -45.32 80.73
N LEU B 1427 10.17 -45.43 81.06
CA LEU B 1427 10.94 -46.61 80.71
C LEU B 1427 10.73 -47.67 81.78
N GLY B 1428 9.50 -48.17 81.88
CA GLY B 1428 9.15 -49.12 82.92
C GLY B 1428 8.51 -50.38 82.37
N GLY B 1429 8.93 -50.81 81.18
CA GLY B 1429 8.38 -51.99 80.57
C GLY B 1429 8.52 -53.23 81.43
N LYS B 1430 7.44 -53.99 81.57
CA LYS B 1430 7.45 -55.20 82.38
C LYS B 1430 7.93 -56.39 81.56
N GLY B 1431 8.55 -57.35 82.25
CA GLY B 1431 9.02 -58.56 81.60
C GLY B 1431 7.90 -59.55 81.36
N GLY B 1432 8.23 -60.84 81.31
CA GLY B 1432 7.25 -61.86 81.08
C GLY B 1432 7.86 -63.25 81.01
N PRO B 1433 7.07 -64.23 80.56
CA PRO B 1433 7.59 -65.61 80.50
C PRO B 1433 8.84 -65.73 79.64
N GLU B 1434 8.96 -64.94 78.58
CA GLU B 1434 10.15 -65.00 77.72
C GLU B 1434 11.39 -64.50 78.43
N GLY B 1435 11.26 -63.84 79.57
CA GLY B 1435 12.36 -63.28 80.31
C GLY B 1435 12.01 -61.91 80.81
N ASP B 1436 13.03 -61.16 81.21
CA ASP B 1436 12.88 -59.77 81.65
C ASP B 1436 13.42 -58.87 80.56
N ARG B 1437 12.63 -57.89 80.14
CA ARG B 1437 13.03 -56.97 79.08
C ARG B 1437 14.41 -56.39 79.36
N ALA B 1438 15.29 -56.47 78.36
CA ALA B 1438 16.60 -55.86 78.49
C ALA B 1438 16.46 -54.40 78.84
N MET B 1439 17.23 -53.95 79.83
CA MET B 1439 17.05 -52.62 80.38
C MET B 1439 15.62 -52.51 80.90
N GLY B 1440 14.71 -51.90 80.14
CA GLY B 1440 13.31 -51.94 80.51
C GLY B 1440 12.36 -51.95 79.33
N CYS B 1441 12.88 -52.04 78.11
CA CYS B 1441 12.03 -51.99 76.91
C CYS B 1441 12.29 -53.11 75.91
N PHE B 1442 13.52 -53.54 75.70
CA PHE B 1442 13.85 -54.41 74.59
C PHE B 1442 13.72 -55.89 74.96
N TYR B 1443 13.49 -56.71 73.94
CA TYR B 1443 13.50 -58.16 74.04
C TYR B 1443 14.44 -58.70 72.98
N THR B 1444 15.27 -59.68 73.35
CA THR B 1444 16.19 -60.26 72.39
C THR B 1444 15.44 -60.92 71.25
N ASP B 1445 16.05 -60.90 70.07
CA ASP B 1445 15.39 -61.41 68.86
C ASP B 1445 14.85 -62.82 69.08
N ALA B 1446 15.63 -63.67 69.74
CA ALA B 1446 15.18 -65.02 70.02
C ALA B 1446 14.02 -65.04 71.00
N GLN B 1447 13.84 -63.96 71.77
CA GLN B 1447 12.74 -63.90 72.72
C GLN B 1447 11.50 -63.24 72.12
N TRP B 1448 11.68 -62.35 71.13
CA TRP B 1448 10.53 -61.87 70.37
C TRP B 1448 9.83 -63.03 69.67
N SER B 1449 10.61 -63.97 69.14
CA SER B 1449 10.03 -65.13 68.46
C SER B 1449 9.17 -65.94 69.43
N ALA B 1450 9.66 -66.14 70.65
CA ALA B 1450 8.93 -66.95 71.62
C ALA B 1450 7.59 -66.31 71.96
N LEU B 1451 7.57 -64.99 72.15
CA LEU B 1451 6.33 -64.31 72.51
C LEU B 1451 5.26 -64.52 71.45
N PHE B 1452 5.59 -64.25 70.19
CA PHE B 1452 4.61 -64.37 69.12
C PHE B 1452 4.17 -65.82 68.95
N ALA B 1453 5.11 -66.76 69.02
CA ALA B 1453 4.77 -68.17 68.89
C ALA B 1453 3.82 -68.59 70.01
N ARG B 1454 4.05 -68.10 71.23
CA ARG B 1454 3.20 -68.48 72.35
C ARG B 1454 1.77 -67.99 72.14
N HIS B 1455 1.60 -66.85 71.49
CA HIS B 1455 0.29 -66.24 71.31
C HIS B 1455 -0.37 -66.60 69.98
N GLY B 1456 0.09 -67.65 69.31
CA GLY B 1456 -0.58 -68.12 68.11
C GLY B 1456 -0.34 -67.26 66.89
N PHE B 1457 0.93 -67.13 66.50
CA PHE B 1457 1.33 -66.35 65.34
C PHE B 1457 2.32 -67.18 64.51
N GLU B 1458 2.04 -67.31 63.22
CA GLU B 1458 2.93 -68.03 62.32
C GLU B 1458 3.94 -67.06 61.71
N GLN B 1459 5.21 -67.39 61.82
CA GLN B 1459 6.27 -66.56 61.26
C GLN B 1459 6.26 -66.78 59.75
N ILE B 1460 5.84 -65.75 59.02
CA ILE B 1460 5.88 -65.80 57.56
C ILE B 1460 7.28 -65.47 57.07
N MET B 1461 7.87 -64.39 57.59
CA MET B 1461 9.24 -64.02 57.28
C MET B 1461 9.88 -63.45 58.54
N HIS B 1462 11.13 -63.84 58.78
CA HIS B 1462 11.86 -63.46 59.98
C HIS B 1462 13.28 -63.05 59.59
N ILE B 1463 13.40 -62.16 58.61
CA ILE B 1463 14.71 -61.72 58.13
C ILE B 1463 15.53 -61.18 59.30
N PRO B 1464 16.52 -61.93 59.82
CA PRO B 1464 17.23 -61.48 61.02
C PRO B 1464 18.45 -60.64 60.73
N ASP B 1465 18.26 -59.37 60.36
CA ASP B 1465 19.40 -58.48 60.19
C ASP B 1465 20.35 -58.60 61.37
N GLY B 1466 21.60 -58.98 61.10
CA GLY B 1466 22.52 -59.41 62.15
C GLY B 1466 23.25 -58.31 62.88
N ILE B 1467 23.00 -57.03 62.58
CA ILE B 1467 23.74 -55.95 63.20
C ILE B 1467 22.95 -55.30 64.32
N ALA B 1468 21.63 -55.19 64.18
CA ALA B 1468 20.80 -54.57 65.21
C ALA B 1468 19.34 -54.97 65.07
N VAL B 1469 18.53 -54.13 64.43
CA VAL B 1469 17.10 -54.36 64.33
C VAL B 1469 16.84 -55.68 63.61
N SER B 1470 15.66 -56.27 63.86
CA SER B 1470 15.24 -57.48 63.19
C SER B 1470 13.78 -57.34 62.79
N MET B 1471 13.39 -58.06 61.74
CA MET B 1471 12.07 -57.95 61.15
C MET B 1471 11.25 -59.19 61.48
N PHE B 1472 9.93 -59.03 61.52
CA PHE B 1472 8.99 -60.12 61.79
C PHE B 1472 7.71 -59.86 61.02
N LEU B 1473 7.42 -60.68 60.02
CA LEU B 1473 6.14 -60.65 59.32
C LEU B 1473 5.34 -61.87 59.77
N LEU B 1474 4.26 -61.62 60.50
CA LEU B 1474 3.48 -62.67 61.13
C LEU B 1474 2.04 -62.64 60.65
N ARG B 1475 1.42 -63.82 60.66
CA ARG B 1475 0.02 -63.95 60.29
C ARG B 1475 -0.60 -65.02 61.20
N LYS B 1476 -1.86 -64.80 61.57
CA LYS B 1476 -2.55 -65.75 62.42
C LYS B 1476 -2.73 -67.09 61.68
N PRO B 1477 -2.62 -68.20 62.39
CA PRO B 1477 -2.68 -69.50 61.70
C PRO B 1477 -4.06 -69.76 61.13
N PHE B 1478 -4.08 -70.48 60.01
CA PHE B 1478 -5.32 -70.86 59.35
C PHE B 1478 -5.60 -72.32 59.65
N GLU B 1479 -6.79 -72.59 60.19
CA GLU B 1479 -7.19 -73.96 60.54
C GLU B 1479 -8.30 -74.39 59.58
N PRO B 1480 -8.01 -75.18 58.56
CA PRO B 1480 -9.04 -75.53 57.57
C PRO B 1480 -10.12 -76.41 58.18
N SER B 1481 -11.34 -76.24 57.68
CA SER B 1481 -12.47 -77.07 58.06
C SER B 1481 -12.79 -78.14 57.02
N VAL B 1482 -12.23 -78.03 55.81
CA VAL B 1482 -12.40 -79.02 54.76
C VAL B 1482 -11.02 -79.36 54.20
N ALA B 1483 -10.82 -80.62 53.85
CA ALA B 1483 -9.52 -81.07 53.38
C ALA B 1483 -9.14 -80.32 52.11
N PRO B 1484 -7.95 -79.70 52.04
CA PRO B 1484 -7.54 -79.06 50.80
C PRO B 1484 -7.39 -80.07 49.67
N ILE B 1485 -7.58 -79.58 48.45
CA ILE B 1485 -7.57 -80.40 47.24
C ILE B 1485 -6.27 -80.11 46.51
N ILE B 1486 -5.43 -81.13 46.34
CA ILE B 1486 -4.15 -80.99 45.66
C ILE B 1486 -4.26 -81.58 44.26
N ILE B 1487 -3.77 -80.84 43.27
CA ILE B 1487 -3.77 -81.27 41.88
C ILE B 1487 -2.36 -81.12 41.34
N ASN B 1488 -1.83 -82.20 40.75
CA ASN B 1488 -0.50 -82.15 40.17
C ASN B 1488 -0.54 -81.48 38.81
N VAL B 1489 0.40 -80.55 38.58
CA VAL B 1489 0.48 -79.79 37.34
C VAL B 1489 1.79 -80.04 36.61
N ASP B 1490 2.69 -80.85 37.18
CA ASP B 1490 4.02 -81.07 36.62
C ASP B 1490 4.01 -81.24 35.11
N ASP B 1491 3.05 -82.01 34.59
CA ASP B 1491 3.03 -82.35 33.18
C ASP B 1491 3.04 -81.09 32.31
N LEU B 1492 3.96 -81.07 31.35
CA LEU B 1492 4.06 -79.97 30.39
C LEU B 1492 3.18 -80.17 29.16
N GLU B 1493 2.56 -81.33 29.01
CA GLU B 1493 1.66 -81.61 27.91
C GLU B 1493 0.22 -81.27 28.26
N CYS B 1494 -0.01 -80.73 29.44
CA CYS B 1494 -1.35 -80.35 29.90
C CYS B 1494 -2.32 -81.52 29.81
N SER B 1495 -1.94 -82.61 30.48
CA SER B 1495 -2.82 -83.74 30.71
C SER B 1495 -3.71 -83.55 31.93
N TRP B 1496 -3.57 -82.42 32.62
CA TRP B 1496 -4.33 -82.11 33.82
C TRP B 1496 -5.40 -81.06 33.59
N LEU B 1497 -5.54 -80.56 32.36
CA LEU B 1497 -6.39 -79.40 32.13
C LEU B 1497 -7.81 -79.65 32.59
N GLU B 1498 -8.34 -80.86 32.34
CA GLU B 1498 -9.72 -81.14 32.67
C GLU B 1498 -9.96 -81.11 34.17
N GLU B 1499 -9.07 -81.75 34.93
CA GLU B 1499 -9.25 -81.80 36.38
C GLU B 1499 -9.18 -80.40 36.98
N VAL B 1500 -8.21 -79.59 36.55
CA VAL B 1500 -8.11 -78.23 37.06
C VAL B 1500 -9.35 -77.43 36.65
N GLN B 1501 -9.83 -77.66 35.42
CA GLN B 1501 -10.99 -76.91 34.94
C GLN B 1501 -12.22 -77.21 35.79
N ALA B 1502 -12.44 -78.48 36.13
CA ALA B 1502 -13.61 -78.85 36.91
C ALA B 1502 -13.55 -78.27 38.31
N ARG B 1503 -12.42 -78.46 39.02
CA ARG B 1503 -12.28 -77.91 40.35
C ARG B 1503 -12.39 -76.39 40.33
N CYS B 1504 -11.79 -75.74 39.33
CA CYS B 1504 -11.89 -74.29 39.23
C CYS B 1504 -13.33 -73.84 39.05
N ALA B 1505 -14.17 -74.68 38.45
CA ALA B 1505 -15.58 -74.33 38.28
C ALA B 1505 -16.34 -74.44 39.59
N GLU B 1506 -15.87 -75.27 40.52
CA GLU B 1506 -16.52 -75.49 41.79
C GLU B 1506 -16.03 -74.57 42.89
N LEU B 1507 -15.19 -73.59 42.57
CA LEU B 1507 -14.62 -72.72 43.60
C LEU B 1507 -15.71 -71.85 44.23
N GLN B 1508 -16.42 -71.06 43.42
CA GLN B 1508 -17.41 -70.15 43.98
C GLN B 1508 -18.72 -70.91 44.23
N ASP B 1509 -18.61 -72.05 44.89
CA ASP B 1509 -19.80 -72.76 45.38
C ASP B 1509 -19.56 -73.47 46.70
N SER B 1510 -18.40 -73.33 47.32
CA SER B 1510 -18.00 -74.13 48.47
C SER B 1510 -17.78 -73.25 49.69
N HIS B 1511 -17.31 -73.87 50.77
CA HIS B 1511 -16.98 -73.16 52.00
C HIS B 1511 -15.94 -72.08 51.72
N LYS B 1512 -15.80 -71.13 52.64
CA LYS B 1512 -14.73 -70.14 52.53
C LYS B 1512 -13.39 -70.80 52.85
N ASP B 1513 -13.43 -72.03 53.39
CA ASP B 1513 -12.22 -72.75 53.76
C ASP B 1513 -11.78 -73.76 52.71
N SER B 1514 -12.49 -73.84 51.58
CA SER B 1514 -12.10 -74.75 50.50
C SER B 1514 -11.01 -74.10 49.65
N ARG B 1515 -9.92 -74.80 49.41
CA ARG B 1515 -8.80 -74.29 48.65
C ARG B 1515 -8.40 -75.30 47.59
N LEU B 1516 -7.96 -74.79 46.44
CA LEU B 1516 -7.43 -75.60 45.35
C LEU B 1516 -5.92 -75.41 45.29
N TRP B 1517 -5.18 -76.51 45.42
CA TRP B 1517 -3.72 -76.47 45.51
C TRP B 1517 -3.13 -77.11 44.26
N LEU B 1518 -2.69 -76.28 43.33
CA LEU B 1518 -1.94 -76.77 42.17
C LEU B 1518 -0.48 -76.94 42.56
N VAL B 1519 0.02 -78.17 42.47
CA VAL B 1519 1.35 -78.50 42.95
C VAL B 1519 2.20 -78.94 41.77
N ALA B 1520 3.52 -78.92 41.98
CA ALA B 1520 4.47 -79.34 40.96
C ALA B 1520 5.83 -79.57 41.62
N ASN B 1521 6.43 -80.72 41.33
CA ASN B 1521 7.72 -81.06 41.91
C ASN B 1521 8.81 -81.12 40.85
N THR B 1522 8.77 -80.18 39.90
CA THR B 1522 9.77 -80.12 38.85
C THR B 1522 10.18 -78.67 38.62
N GLU B 1523 11.44 -78.47 38.26
CA GLU B 1523 11.91 -77.13 37.95
C GLU B 1523 11.16 -76.54 36.77
N LEU B 1524 10.89 -77.35 35.75
CA LEU B 1524 10.19 -76.93 34.55
C LEU B 1524 8.69 -77.10 34.78
N SER B 1525 8.01 -76.01 35.09
CA SER B 1525 6.57 -76.02 35.30
C SER B 1525 6.08 -74.58 35.38
N GLY B 1526 4.95 -74.31 34.74
CA GLY B 1526 4.43 -72.95 34.68
C GLY B 1526 3.31 -72.70 35.66
N VAL B 1527 3.42 -73.26 36.87
CA VAL B 1527 2.36 -73.08 37.85
C VAL B 1527 2.33 -71.64 38.35
N LEU B 1528 3.51 -71.03 38.55
CA LEU B 1528 3.58 -69.72 39.18
C LEU B 1528 2.91 -68.64 38.34
N GLY B 1529 3.06 -68.68 37.02
CA GLY B 1529 2.40 -67.71 36.17
C GLY B 1529 0.99 -68.15 35.79
N PHE B 1530 0.78 -69.46 35.73
CA PHE B 1530 -0.55 -69.98 35.46
C PHE B 1530 -1.54 -69.58 36.55
N LEU B 1531 -1.12 -69.73 37.81
CA LEU B 1531 -2.00 -69.38 38.92
C LEU B 1531 -2.27 -67.88 38.95
N ARG B 1532 -1.25 -67.07 38.70
CA ARG B 1532 -1.43 -65.62 38.68
C ARG B 1532 -2.54 -65.21 37.74
N SER B 1533 -2.66 -65.91 36.60
CA SER B 1533 -3.71 -65.58 35.64
C SER B 1533 -5.07 -66.10 36.09
N LEU B 1534 -5.11 -67.28 36.73
CA LEU B 1534 -6.38 -67.78 37.23
C LEU B 1534 -6.95 -66.87 38.31
N VAL B 1535 -6.08 -66.34 39.18
CA VAL B 1535 -6.53 -65.42 40.22
C VAL B 1535 -7.20 -64.20 39.61
N TRP B 1536 -6.81 -63.84 38.38
CA TRP B 1536 -7.39 -62.68 37.72
C TRP B 1536 -8.84 -62.89 37.33
N GLU B 1537 -9.35 -64.12 37.42
CA GLU B 1537 -10.72 -64.42 37.05
C GLU B 1537 -11.50 -65.16 38.12
N PHE B 1538 -10.83 -65.75 39.12
CA PHE B 1538 -11.49 -66.49 40.18
C PHE B 1538 -11.25 -65.90 41.56
N GLY B 1539 -10.30 -64.98 41.70
CA GLY B 1539 -10.00 -64.39 43.00
C GLY B 1539 -8.91 -65.15 43.73
N SER B 1540 -8.18 -64.45 44.59
CA SER B 1540 -7.07 -65.04 45.32
C SER B 1540 -7.51 -65.71 46.62
N GLU B 1541 -8.81 -65.88 46.83
CA GLU B 1541 -9.33 -66.43 48.07
C GLU B 1541 -9.46 -67.94 48.06
N LYS B 1542 -9.16 -68.60 46.93
CA LYS B 1542 -9.30 -70.05 46.84
C LYS B 1542 -8.16 -70.73 46.10
N LEU B 1543 -7.13 -70.01 45.67
CA LEU B 1543 -6.10 -70.55 44.80
C LEU B 1543 -4.75 -70.46 45.50
N ARG B 1544 -4.02 -71.58 45.55
CA ARG B 1544 -2.71 -71.64 46.17
C ARG B 1544 -1.75 -72.40 45.27
N CYS B 1545 -0.46 -72.15 45.47
CA CYS B 1545 0.61 -72.71 44.64
C CYS B 1545 1.65 -73.41 45.50
N ILE B 1546 2.26 -74.47 44.94
CA ILE B 1546 3.46 -75.08 45.49
C ILE B 1546 4.32 -75.54 44.32
N GLN B 1547 5.56 -75.10 44.27
CA GLN B 1547 6.52 -75.55 43.27
C GLN B 1547 7.84 -75.84 43.95
N ILE B 1548 8.39 -77.02 43.72
CA ILE B 1548 9.65 -77.46 44.31
C ILE B 1548 10.67 -77.60 43.18
N ASP B 1549 11.77 -76.85 43.29
CA ASP B 1549 12.83 -76.90 42.29
C ASP B 1549 13.75 -78.07 42.61
N ASP B 1550 13.74 -79.10 41.77
CA ASP B 1550 14.53 -80.29 42.03
C ASP B 1550 16.02 -80.00 42.01
N ALA B 1551 16.46 -79.18 41.05
CA ALA B 1551 17.90 -78.96 40.88
C ALA B 1551 18.52 -78.34 42.13
N THR B 1552 17.87 -77.33 42.69
CA THR B 1552 18.41 -76.62 43.84
C THR B 1552 17.82 -77.08 45.18
N ALA B 1553 16.96 -78.09 45.17
CA ALA B 1553 16.45 -78.62 46.42
C ALA B 1553 17.60 -79.20 47.25
N GLY B 1554 17.50 -79.02 48.57
CA GLY B 1554 18.55 -79.43 49.46
C GLY B 1554 18.59 -80.93 49.66
N PRO B 1555 19.39 -81.39 50.62
CA PRO B 1555 19.49 -82.84 50.86
C PRO B 1555 18.15 -83.48 51.17
N ASN B 1556 17.22 -82.72 51.77
CA ASN B 1556 15.90 -83.25 52.11
C ASN B 1556 14.85 -82.52 51.29
N PRO B 1557 14.46 -83.04 50.12
CA PRO B 1557 13.40 -82.39 49.35
C PRO B 1557 12.08 -82.43 50.10
N PRO B 1558 11.34 -81.33 50.13
CA PRO B 1558 9.99 -81.37 50.72
C PRO B 1558 9.15 -82.46 50.07
N LYS B 1559 8.41 -83.20 50.88
CA LYS B 1559 7.61 -84.34 50.42
C LYS B 1559 6.12 -84.02 50.37
N ILE B 1560 5.76 -82.83 49.89
CA ILE B 1560 4.36 -82.44 49.88
C ILE B 1560 3.53 -83.50 49.15
N SER B 1561 2.66 -84.17 49.91
CA SER B 1561 1.74 -85.17 49.34
C SER B 1561 0.55 -85.32 50.30
N ALA B 1562 -0.57 -84.70 49.94
CA ALA B 1562 -1.79 -84.80 50.75
C ALA B 1562 -1.46 -84.59 52.22
N ASP B 1563 -1.61 -85.63 53.04
CA ASP B 1563 -1.35 -85.53 54.48
C ASP B 1563 0.13 -85.80 54.76
N SER B 1564 0.92 -84.74 54.61
CA SER B 1564 2.34 -84.78 54.91
C SER B 1564 2.65 -83.84 56.07
N ALA B 1565 3.92 -83.82 56.48
CA ALA B 1565 4.36 -82.93 57.54
C ALA B 1565 4.68 -81.53 57.00
N ASP B 1566 5.51 -81.46 55.95
CA ASP B 1566 5.84 -80.16 55.36
C ASP B 1566 4.59 -79.48 54.81
N PHE B 1567 3.70 -80.25 54.19
CA PHE B 1567 2.51 -79.67 53.58
C PHE B 1567 1.65 -78.98 54.64
N LYS B 1568 1.47 -79.61 55.79
CA LYS B 1568 0.63 -79.03 56.82
C LYS B 1568 1.16 -77.67 57.27
N GLU B 1569 2.48 -77.53 57.34
CA GLU B 1569 3.05 -76.23 57.66
C GLU B 1569 2.62 -75.18 56.64
N LEU B 1570 2.61 -75.53 55.35
CA LEU B 1570 2.18 -74.59 54.33
C LEU B 1570 0.71 -74.23 54.48
N VAL B 1571 -0.15 -75.22 54.78
CA VAL B 1571 -1.57 -74.95 54.94
C VAL B 1571 -1.85 -73.97 56.06
N ARG B 1572 -1.12 -74.06 57.17
CA ARG B 1572 -1.29 -73.14 58.28
C ARG B 1572 -0.95 -71.71 57.89
N LYS B 1573 0.20 -71.48 57.24
CA LYS B 1573 0.53 -70.16 56.75
C LYS B 1573 -0.43 -69.69 55.66
N ASP B 1574 -0.80 -70.56 54.74
CA ASP B 1574 -1.76 -70.24 53.68
C ASP B 1574 -1.26 -69.10 52.80
N LEU B 1575 -0.04 -69.28 52.29
CA LEU B 1575 0.54 -68.34 51.34
C LEU B 1575 0.15 -68.73 49.92
N ALA B 1576 -0.19 -67.73 49.11
CA ALA B 1576 -0.66 -68.00 47.76
C ALA B 1576 0.40 -68.73 46.94
N TYR B 1577 1.66 -68.29 47.05
CA TYR B 1577 2.76 -68.88 46.29
C TYR B 1577 3.83 -69.37 47.26
N ASN B 1578 4.11 -70.66 47.20
CA ASN B 1578 5.18 -71.28 47.97
C ASN B 1578 6.14 -71.93 46.97
N VAL B 1579 7.39 -71.47 46.98
CA VAL B 1579 8.42 -71.97 46.09
C VAL B 1579 9.59 -72.46 46.93
N PHE B 1580 10.02 -73.70 46.68
CA PHE B 1580 11.17 -74.28 47.37
C PHE B 1580 12.35 -74.22 46.42
N LYS B 1581 13.25 -73.28 46.66
CA LYS B 1581 14.44 -73.11 45.83
C LYS B 1581 15.62 -72.82 46.74
N ASN B 1582 16.80 -73.27 46.32
CA ASN B 1582 18.04 -73.09 47.08
C ASN B 1582 17.92 -73.61 48.50
N GLY B 1583 16.99 -74.55 48.73
CA GLY B 1583 16.86 -75.19 50.02
C GLY B 1583 15.92 -74.52 51.00
N LYS B 1584 15.27 -73.42 50.62
CA LYS B 1584 14.37 -72.72 51.51
C LYS B 1584 13.11 -72.33 50.78
N TRP B 1585 12.01 -72.20 51.53
CA TRP B 1585 10.76 -71.73 50.97
C TRP B 1585 10.85 -70.24 50.67
N GLY B 1586 10.29 -69.83 49.54
CA GLY B 1586 10.36 -68.45 49.13
C GLY B 1586 9.36 -68.13 48.05
N THR B 1587 9.59 -66.99 47.40
CA THR B 1587 8.71 -66.54 46.33
C THR B 1587 9.53 -65.76 45.31
N TYR B 1588 8.98 -65.67 44.10
CA TYR B 1588 9.59 -64.90 43.03
C TYR B 1588 9.11 -63.46 43.10
N ARG B 1589 10.04 -62.52 43.11
CA ARG B 1589 9.73 -61.11 43.24
C ARG B 1589 10.53 -60.30 42.25
N GLY B 1590 9.94 -59.19 41.80
CA GLY B 1590 10.61 -58.29 40.89
C GLY B 1590 11.35 -57.19 41.63
N PHE B 1591 12.67 -57.33 41.74
CA PHE B 1591 13.48 -56.37 42.49
C PHE B 1591 13.98 -55.29 41.55
N VAL B 1592 13.82 -54.03 41.95
CA VAL B 1592 14.11 -52.91 41.07
C VAL B 1592 15.60 -52.81 40.80
N ILE B 1593 15.94 -52.30 39.62
CA ILE B 1593 17.32 -52.02 39.23
C ILE B 1593 17.48 -50.51 39.15
N SER B 1594 18.41 -49.98 39.94
CA SER B 1594 18.58 -48.53 40.04
C SER B 1594 19.02 -47.94 38.70
N ASP B 1595 18.62 -46.68 38.48
CA ASP B 1595 18.99 -45.98 37.25
C ASP B 1595 20.51 -45.86 37.11
N ALA B 1596 21.25 -45.90 38.21
CA ALA B 1596 22.70 -45.80 38.13
C ALA B 1596 23.33 -47.08 37.61
N ASP B 1597 22.65 -48.22 37.78
CA ASP B 1597 23.22 -49.49 37.34
C ASP B 1597 23.22 -49.63 35.82
N ARG B 1598 22.34 -48.91 35.12
CA ARG B 1598 22.33 -49.00 33.67
CA ARG B 1598 22.32 -48.97 33.66
C ARG B 1598 23.60 -48.43 33.04
N GLN B 1599 24.34 -47.58 33.78
CA GLN B 1599 25.58 -47.00 33.28
C GLN B 1599 26.77 -47.43 34.13
N LYS B 1600 26.64 -48.50 34.89
CA LYS B 1600 27.76 -49.02 35.66
C LYS B 1600 28.86 -49.48 34.71
N GLU B 1601 30.09 -49.09 35.00
CA GLU B 1601 31.23 -49.39 34.16
C GLU B 1601 31.94 -50.64 34.66
N ARG B 1602 32.30 -51.52 33.74
CA ARG B 1602 33.00 -52.76 34.02
C ARG B 1602 34.26 -52.82 33.16
N PRO B 1603 35.28 -53.55 33.61
CA PRO B 1603 36.49 -53.69 32.78
C PRO B 1603 36.16 -54.32 31.44
N SER B 1604 36.84 -53.83 30.40
CA SER B 1604 36.69 -54.37 29.05
C SER B 1604 38.02 -54.20 28.32
N GLU B 1605 38.37 -55.19 27.49
CA GLU B 1605 39.65 -55.14 26.80
C GLU B 1605 39.66 -54.06 25.73
N TYR B 1606 38.60 -53.98 24.93
CA TYR B 1606 38.49 -53.00 23.85
C TYR B 1606 37.34 -52.05 24.16
N VAL B 1607 37.64 -50.75 24.20
CA VAL B 1607 36.66 -49.71 24.48
C VAL B 1607 36.92 -48.54 23.54
N TYR B 1608 35.91 -47.67 23.44
CA TYR B 1608 35.99 -46.51 22.57
C TYR B 1608 35.11 -45.41 23.14
N ALA B 1609 35.37 -44.17 22.71
CA ALA B 1609 34.69 -43.01 23.29
C ALA B 1609 33.48 -42.64 22.44
N ASP B 1610 32.34 -42.46 23.09
CA ASP B 1610 31.12 -42.03 22.45
C ASP B 1610 30.34 -41.15 23.43
N TRP B 1611 29.20 -40.65 22.99
CA TRP B 1611 28.36 -39.77 23.80
C TRP B 1611 27.07 -40.47 24.16
N LEU B 1612 26.66 -40.37 25.43
CA LEU B 1612 25.39 -40.93 25.84
C LEU B 1612 24.23 -40.18 25.21
N SER B 1613 24.31 -38.85 25.19
CA SER B 1613 23.32 -37.99 24.56
C SER B 1613 24.01 -37.09 23.56
N ALA B 1614 23.49 -37.06 22.33
CA ALA B 1614 24.10 -36.26 21.28
C ALA B 1614 24.05 -34.78 21.63
N GLY B 1615 25.09 -34.05 21.24
CA GLY B 1615 25.16 -32.64 21.49
C GLY B 1615 25.70 -32.25 22.85
N ASP B 1616 26.03 -33.21 23.70
CA ASP B 1616 26.57 -32.95 25.03
C ASP B 1616 28.02 -33.40 25.07
N MET B 1617 28.91 -32.50 25.47
CA MET B 1617 30.30 -32.86 25.69
C MET B 1617 30.56 -33.43 27.07
N SER B 1618 29.60 -33.27 27.99
CA SER B 1618 29.72 -33.83 29.34
C SER B 1618 29.19 -35.25 29.41
N SER B 1619 28.65 -35.78 28.32
CA SER B 1619 28.10 -37.14 28.29
C SER B 1619 29.03 -38.11 27.60
N LEU B 1620 30.29 -37.74 27.38
CA LEU B 1620 31.24 -38.63 26.74
C LEU B 1620 31.67 -39.72 27.71
N ARG B 1621 31.45 -40.98 27.31
CA ARG B 1621 31.80 -42.14 28.12
C ARG B 1621 32.58 -43.11 27.25
N TRP B 1622 33.11 -44.16 27.87
CA TRP B 1622 33.83 -45.22 27.18
C TRP B 1622 32.93 -46.43 27.12
N PHE B 1623 32.55 -46.83 25.92
CA PHE B 1623 31.69 -47.99 25.69
C PHE B 1623 32.51 -49.18 25.23
N ASP B 1624 31.89 -50.35 25.28
CA ASP B 1624 32.55 -51.55 24.74
C ASP B 1624 32.71 -51.41 23.23
N SER B 1625 33.89 -51.76 22.74
CA SER B 1625 34.13 -51.59 21.32
C SER B 1625 33.80 -52.87 20.57
N PRO B 1626 33.21 -52.80 19.37
CA PRO B 1626 32.93 -54.03 18.61
C PRO B 1626 34.18 -54.74 18.14
N LEU B 1627 35.36 -54.16 18.35
CA LEU B 1627 36.61 -54.80 17.92
C LEU B 1627 36.93 -56.04 18.74
N LYS B 1628 36.24 -56.28 19.85
CA LYS B 1628 36.45 -57.53 20.57
C LYS B 1628 36.13 -58.73 19.69
N THR B 1629 35.23 -58.56 18.72
CA THR B 1629 34.91 -59.59 17.76
C THR B 1629 35.89 -59.62 16.58
N GLY B 1630 36.82 -58.67 16.53
CA GLY B 1630 37.81 -58.61 15.46
C GLY B 1630 37.53 -57.55 14.41
N HIS B 1631 36.27 -57.36 14.04
CA HIS B 1631 35.88 -56.42 13.01
C HIS B 1631 35.31 -55.15 13.64
N ASN B 1632 34.93 -54.21 12.77
CA ASN B 1632 34.45 -52.90 13.19
C ASN B 1632 33.06 -52.69 12.61
N ASN B 1633 32.13 -52.24 13.46
CA ASN B 1633 30.77 -52.02 13.00
C ASN B 1633 30.74 -51.05 11.83
N GLY B 1634 29.65 -51.08 11.08
CA GLY B 1634 29.49 -50.19 9.95
C GLY B 1634 30.04 -50.69 8.65
N MET B 1635 29.98 -52.00 8.40
CA MET B 1635 30.45 -52.59 7.15
C MET B 1635 29.33 -52.75 6.13
N LEU B 1636 28.34 -51.87 6.15
CA LEU B 1636 27.17 -51.96 5.30
C LEU B 1636 27.15 -50.83 4.30
N GLY B 1637 26.68 -51.11 3.09
CA GLY B 1637 26.51 -50.10 2.07
C GLY B 1637 27.80 -49.70 1.38
N SER B 1638 28.13 -48.41 1.42
CA SER B 1638 29.32 -47.93 0.73
C SER B 1638 30.59 -48.52 1.32
N LYS B 1639 30.67 -48.64 2.64
CA LYS B 1639 31.85 -49.20 3.30
C LYS B 1639 32.19 -50.60 2.81
N MET B 1640 31.26 -51.29 2.14
CA MET B 1640 31.49 -52.62 1.60
C MET B 1640 32.10 -52.61 0.22
N ALA B 1641 32.28 -51.43 -0.40
CA ALA B 1641 32.86 -51.35 -1.73
C ALA B 1641 34.39 -51.25 -1.69
N HIS B 1642 34.92 -50.40 -0.81
CA HIS B 1642 36.36 -50.24 -0.68
C HIS B 1642 36.91 -51.36 0.19
N LYS B 1643 37.62 -52.31 -0.41
CA LYS B 1643 38.22 -53.42 0.32
C LYS B 1643 39.67 -53.10 0.68
N LEU B 1644 39.83 -52.09 1.52
CA LEU B 1644 41.15 -51.65 1.93
C LEU B 1644 41.83 -52.73 2.78
N GLU B 1645 43.16 -52.73 2.76
CA GLU B 1645 43.94 -53.59 3.62
C GLU B 1645 44.23 -52.87 4.93
N THR B 1646 43.87 -53.48 6.04
CA THR B 1646 43.92 -52.84 7.35
C THR B 1646 44.84 -53.60 8.28
N GLU B 1647 45.51 -52.86 9.16
CA GLU B 1647 46.38 -53.43 10.19
C GLU B 1647 45.81 -53.10 11.55
N THR B 1648 45.68 -54.13 12.40
CA THR B 1648 45.13 -53.93 13.74
C THR B 1648 46.21 -53.41 14.67
N CYS B 1649 46.07 -52.16 15.09
CA CYS B 1649 47.07 -51.48 15.90
C CYS B 1649 46.52 -51.22 17.30
N SER B 1650 47.41 -51.23 18.29
CA SER B 1650 47.04 -50.98 19.68
C SER B 1650 47.34 -49.52 19.98
N VAL B 1651 46.28 -48.72 20.15
CA VAL B 1651 46.43 -47.28 20.35
C VAL B 1651 47.06 -47.02 21.71
N TYR B 1652 48.07 -46.15 21.74
CA TYR B 1652 48.69 -45.68 22.97
C TYR B 1652 48.32 -44.25 23.30
N TYR B 1653 48.41 -43.34 22.33
CA TYR B 1653 47.97 -41.97 22.48
C TYR B 1653 47.03 -41.63 21.35
N ALA B 1654 45.98 -40.87 21.65
CA ALA B 1654 44.99 -40.44 20.67
C ALA B 1654 44.91 -38.93 20.69
N GLY B 1655 45.03 -38.31 19.53
CA GLY B 1655 45.02 -36.85 19.45
C GLY B 1655 43.61 -36.33 19.22
N LEU B 1656 43.28 -35.24 19.92
CA LEU B 1656 41.98 -34.60 19.77
C LEU B 1656 42.11 -33.41 18.84
N ASN B 1657 41.35 -33.42 17.75
CA ASN B 1657 41.31 -32.34 16.80
C ASN B 1657 40.04 -31.53 16.99
N LEU B 1658 40.01 -30.34 16.41
CA LEU B 1658 38.82 -29.51 16.48
C LEU B 1658 37.65 -30.12 15.70
N ARG B 1659 37.91 -31.12 14.88
CA ARG B 1659 36.83 -31.85 14.22
C ARG B 1659 36.02 -32.66 15.23
N ASP B 1660 36.70 -33.26 16.21
CA ASP B 1660 35.99 -34.04 17.21
C ASP B 1660 35.11 -33.16 18.09
N ILE B 1661 35.63 -32.00 18.51
CA ILE B 1661 34.86 -31.11 19.37
C ILE B 1661 33.62 -30.61 18.63
N ILE B 1662 33.75 -30.37 17.33
CA ILE B 1662 32.61 -29.84 16.57
C ILE B 1662 31.50 -30.88 16.49
N LEU B 1663 31.87 -32.16 16.39
CA LEU B 1663 30.86 -33.22 16.34
C LEU B 1663 30.26 -33.49 17.71
N ALA B 1664 31.10 -33.53 18.75
CA ALA B 1664 30.62 -33.89 20.08
C ALA B 1664 29.60 -32.90 20.61
N ASN B 1665 29.85 -31.61 20.42
CA ASN B 1665 29.02 -30.56 21.00
C ASN B 1665 27.81 -30.22 20.15
N GLY B 1666 27.55 -30.98 19.08
CA GLY B 1666 26.35 -30.79 18.29
C GLY B 1666 26.41 -29.68 17.26
N THR B 1667 27.57 -29.03 17.10
CA THR B 1667 27.67 -27.98 16.09
C THR B 1667 27.47 -28.53 14.69
N ILE B 1668 27.84 -29.79 14.46
CA ILE B 1668 27.66 -30.45 13.17
C ILE B 1668 27.16 -31.86 13.43
N GLN B 1669 26.17 -32.29 12.65
CA GLN B 1669 25.62 -33.62 12.80
C GLN B 1669 26.54 -34.65 12.14
N ARG B 1670 26.37 -35.90 12.56
CA ARG B 1670 27.21 -36.98 12.04
C ARG B 1670 26.90 -37.30 10.58
N ASP B 1671 25.84 -36.73 10.02
CA ASP B 1671 25.48 -36.98 8.63
C ASP B 1671 26.31 -36.17 7.64
N ILE B 1672 27.00 -35.13 8.09
CA ILE B 1672 27.85 -34.36 7.19
C ILE B 1672 29.13 -35.12 6.86
N LEU B 1673 29.54 -36.06 7.69
CA LEU B 1673 30.74 -36.83 7.45
C LEU B 1673 30.55 -37.73 6.25
N PRO B 1674 31.64 -38.25 5.68
CA PRO B 1674 31.51 -39.18 4.55
C PRO B 1674 30.48 -40.26 4.85
N GLU B 1675 29.81 -40.73 3.81
CA GLU B 1675 28.73 -41.70 3.98
C GLU B 1675 29.25 -43.09 4.37
N GLU B 1676 30.56 -43.30 4.36
CA GLU B 1676 31.12 -44.56 4.82
C GLU B 1676 31.08 -44.68 6.34
N THR B 1677 30.86 -43.59 7.06
CA THR B 1677 30.84 -43.59 8.52
C THR B 1677 29.43 -43.60 9.10
N PHE B 1678 28.40 -43.75 8.25
CA PHE B 1678 27.03 -43.63 8.73
C PHE B 1678 26.70 -44.72 9.75
N PHE B 1679 27.16 -45.93 9.52
CA PHE B 1679 26.86 -47.06 10.40
C PHE B 1679 27.98 -47.38 11.37
N LYS B 1680 29.00 -46.55 11.45
CA LYS B 1680 30.09 -46.78 12.39
C LYS B 1680 29.61 -46.56 13.82
N GLU B 1681 30.26 -47.24 14.77
CA GLU B 1681 29.86 -47.12 16.16
C GLU B 1681 30.06 -45.70 16.68
N GLY B 1682 31.13 -45.03 16.24
CA GLY B 1682 31.43 -43.69 16.69
C GLY B 1682 32.07 -42.88 15.57
N VAL B 1683 32.18 -41.58 15.81
CA VAL B 1683 32.70 -40.65 14.81
C VAL B 1683 33.75 -39.75 15.42
N LEU B 1684 34.29 -40.14 16.57
CA LEU B 1684 35.24 -39.32 17.32
C LEU B 1684 36.65 -39.88 17.16
N GLY B 1685 37.59 -39.01 16.85
CA GLY B 1685 38.99 -39.39 16.76
C GLY B 1685 39.38 -39.93 15.40
N VAL B 1686 40.48 -39.44 14.85
CA VAL B 1686 41.00 -39.91 13.58
C VAL B 1686 42.46 -40.33 13.72
N GLU B 1687 43.28 -39.45 14.29
CA GLU B 1687 44.70 -39.70 14.41
C GLU B 1687 45.00 -40.47 15.70
N PHE B 1688 46.18 -41.09 15.74
CA PHE B 1688 46.59 -41.88 16.88
C PHE B 1688 48.08 -42.16 16.79
N SER B 1689 48.58 -42.94 17.75
CA SER B 1689 49.95 -43.41 17.73
C SER B 1689 50.05 -44.60 18.68
N GLY B 1690 50.46 -45.75 18.16
CA GLY B 1690 50.51 -46.95 18.96
C GLY B 1690 51.47 -47.99 18.41
N ARG B 1691 51.08 -49.26 18.47
CA ARG B 1691 51.91 -50.36 18.02
C ARG B 1691 51.10 -51.28 17.13
N ASN B 1692 51.62 -51.60 15.95
CA ASN B 1692 50.92 -52.49 15.05
C ASN B 1692 50.96 -53.93 15.59
N SER B 1693 50.40 -54.86 14.82
CA SER B 1693 50.29 -56.23 15.27
C SER B 1693 51.66 -56.86 15.49
N SER B 1694 52.71 -56.36 14.83
CA SER B 1694 54.05 -56.92 14.95
C SER B 1694 54.84 -56.32 16.11
N GLY B 1695 54.27 -55.37 16.85
CA GLY B 1695 54.97 -54.72 17.93
C GLY B 1695 55.74 -53.47 17.53
N LYS B 1696 55.83 -53.18 16.24
CA LYS B 1696 56.49 -51.96 15.79
C LYS B 1696 55.71 -50.73 16.21
N ARG B 1697 56.42 -49.63 16.46
CA ARG B 1697 55.80 -48.36 16.78
C ARG B 1697 55.36 -47.68 15.50
N VAL B 1698 54.11 -47.24 15.46
CA VAL B 1698 53.53 -46.61 14.27
C VAL B 1698 52.68 -45.42 14.69
N MET B 1699 52.23 -44.66 13.69
CA MET B 1699 51.30 -43.56 13.89
C MET B 1699 50.58 -43.33 12.56
N GLY B 1700 49.39 -42.75 12.63
CA GLY B 1700 48.70 -42.43 11.39
C GLY B 1700 47.25 -42.07 11.65
N LEU B 1701 46.55 -41.82 10.54
CA LEU B 1701 45.13 -41.49 10.56
C LEU B 1701 44.33 -42.70 10.08
N CYS B 1702 43.18 -42.91 10.70
CA CYS B 1702 42.26 -43.96 10.30
C CYS B 1702 40.85 -43.43 10.37
N PRO B 1703 39.91 -44.04 9.63
CA PRO B 1703 38.52 -43.65 9.76
C PRO B 1703 38.06 -43.86 11.19
N PRO B 1704 37.13 -43.04 11.67
CA PRO B 1704 36.74 -43.12 13.09
C PRO B 1704 36.09 -44.45 13.39
N PRO B 1705 36.02 -44.83 14.68
CA PRO B 1705 36.54 -44.12 15.85
C PRO B 1705 37.99 -44.46 16.17
N ALA B 1706 38.91 -43.50 16.04
CA ALA B 1706 40.30 -43.69 16.43
C ALA B 1706 40.51 -43.36 17.91
N LEU B 1707 39.52 -42.77 18.58
CA LEU B 1707 39.60 -42.51 20.01
C LEU B 1707 39.16 -43.76 20.76
N ALA B 1708 39.97 -44.80 20.62
CA ALA B 1708 39.69 -46.10 21.22
C ALA B 1708 41.01 -46.71 21.66
N THR B 1709 40.97 -47.98 22.05
CA THR B 1709 42.16 -48.71 22.44
C THR B 1709 42.63 -49.71 21.39
N THR B 1710 41.89 -49.87 20.29
CA THR B 1710 42.34 -50.67 19.16
C THR B 1710 41.72 -50.08 17.90
N VAL B 1711 42.50 -50.05 16.83
CA VAL B 1711 42.05 -49.49 15.56
C VAL B 1711 42.48 -50.41 14.43
N LYS B 1712 41.71 -50.37 13.35
CA LYS B 1712 42.04 -51.07 12.10
C LYS B 1712 42.43 -50.00 11.10
N CYS B 1713 43.69 -49.59 11.15
CA CYS B 1713 44.17 -48.50 10.30
C CYS B 1713 44.62 -49.05 8.94
N PRO B 1714 44.14 -48.51 7.83
CA PRO B 1714 44.62 -48.98 6.53
C PRO B 1714 46.13 -48.85 6.42
N VAL B 1715 46.75 -49.84 5.78
CA VAL B 1715 48.21 -49.85 5.67
C VAL B 1715 48.75 -48.70 4.86
N SER B 1716 47.91 -48.02 4.08
CA SER B 1716 48.33 -46.86 3.30
C SER B 1716 48.23 -45.56 4.09
N SER B 1717 47.82 -45.63 5.35
CA SER B 1717 47.74 -44.45 6.20
C SER B 1717 48.62 -44.57 7.44
N LEU B 1718 49.56 -45.51 7.45
CA LEU B 1718 50.38 -45.80 8.63
C LEU B 1718 51.81 -45.38 8.36
N TRP B 1719 52.27 -44.35 9.05
CA TRP B 1719 53.68 -43.99 9.08
C TRP B 1719 54.36 -44.74 10.23
N SER B 1720 55.69 -44.63 10.26
CA SER B 1720 56.48 -45.23 11.31
C SER B 1720 57.12 -44.13 12.16
N VAL B 1721 57.03 -44.29 13.47
CA VAL B 1721 57.60 -43.31 14.40
C VAL B 1721 59.11 -43.45 14.33
N PRO B 1722 59.85 -42.39 13.98
CA PRO B 1722 61.31 -42.47 14.02
C PRO B 1722 61.78 -42.74 15.44
N ASP B 1723 62.92 -43.42 15.56
CA ASP B 1723 63.37 -43.84 16.88
C ASP B 1723 64.04 -42.68 17.60
N GLN B 1724 63.38 -41.53 17.62
CA GLN B 1724 63.75 -40.40 18.46
C GLN B 1724 62.54 -39.74 19.09
N TRP B 1725 61.33 -40.01 18.62
CA TRP B 1725 60.10 -39.46 19.16
C TRP B 1725 59.47 -40.46 20.11
N THR B 1726 58.99 -39.96 21.25
CA THR B 1726 58.13 -40.76 22.10
C THR B 1726 56.74 -40.87 21.46
N LEU B 1727 56.03 -41.95 21.78
CA LEU B 1727 54.70 -42.12 21.21
C LEU B 1727 53.79 -40.96 21.57
N GLU B 1728 54.11 -40.23 22.65
CA GLU B 1728 53.35 -39.03 22.99
C GLU B 1728 53.53 -37.95 21.92
N GLU B 1729 54.75 -37.81 21.40
CA GLU B 1729 54.99 -36.79 20.38
C GLU B 1729 54.41 -37.21 19.03
N ALA B 1730 54.52 -38.50 18.70
CA ALA B 1730 54.00 -38.97 17.42
C ALA B 1730 52.50 -38.77 17.31
N ALA B 1731 51.80 -38.65 18.44
CA ALA B 1731 50.36 -38.48 18.42
C ALA B 1731 49.94 -37.08 17.97
N THR B 1732 50.88 -36.14 17.85
CA THR B 1732 50.57 -34.77 17.48
C THR B 1732 50.85 -34.45 16.02
N VAL B 1733 51.66 -35.27 15.35
CA VAL B 1733 52.14 -34.97 14.00
C VAL B 1733 51.11 -35.26 12.93
N PRO B 1734 50.54 -36.48 12.85
CA PRO B 1734 49.93 -36.92 11.59
C PRO B 1734 48.87 -35.99 11.01
N LEU B 1735 47.82 -35.66 11.76
CA LEU B 1735 46.72 -34.91 11.16
C LEU B 1735 47.10 -33.45 10.94
N ALA B 1736 47.83 -32.85 11.88
CA ALA B 1736 48.17 -31.44 11.75
C ALA B 1736 48.96 -31.17 10.48
N TYR B 1737 49.92 -32.04 10.17
CA TYR B 1737 50.75 -31.85 8.99
C TYR B 1737 50.10 -32.39 7.73
N ALA B 1738 49.28 -33.44 7.85
CA ALA B 1738 48.56 -33.94 6.70
C ALA B 1738 47.58 -32.90 6.17
N THR B 1739 46.92 -32.17 7.07
CA THR B 1739 46.05 -31.08 6.65
C THR B 1739 46.86 -29.91 6.11
N ALA B 1740 47.98 -29.60 6.75
CA ALA B 1740 48.80 -28.48 6.30
C ALA B 1740 49.32 -28.70 4.88
N TYR B 1741 49.80 -29.91 4.61
CA TYR B 1741 50.25 -30.24 3.25
C TYR B 1741 49.09 -30.20 2.26
N TYR B 1742 47.94 -30.72 2.66
CA TYR B 1742 46.79 -30.72 1.77
C TYR B 1742 46.36 -29.30 1.40
N CYS B 1743 46.28 -28.42 2.39
CA CYS B 1743 45.84 -27.05 2.12
C CYS B 1743 46.85 -26.31 1.25
N LEU B 1744 48.13 -26.36 1.62
CA LEU B 1744 49.15 -25.60 0.92
C LEU B 1744 49.57 -26.27 -0.39
N VAL B 1745 50.05 -27.51 -0.32
CA VAL B 1745 50.65 -28.15 -1.48
C VAL B 1745 49.64 -28.82 -2.40
N SER B 1746 48.53 -29.33 -1.88
CA SER B 1746 47.58 -30.11 -2.65
C SER B 1746 46.40 -29.30 -3.17
N GLU B 1747 45.95 -28.29 -2.43
CA GLU B 1747 44.81 -27.48 -2.83
C GLU B 1747 45.20 -26.08 -3.25
N GLY B 1748 46.21 -25.48 -2.62
CA GLY B 1748 46.63 -24.15 -2.97
C GLY B 1748 47.77 -24.13 -3.97
N GLY B 1749 48.45 -25.26 -4.13
CA GLY B 1749 49.56 -25.32 -5.08
C GLY B 1749 50.65 -24.32 -4.78
N VAL B 1750 51.04 -24.21 -3.51
CA VAL B 1750 52.02 -23.20 -3.13
C VAL B 1750 53.33 -23.43 -3.87
N GLN B 1751 53.97 -22.34 -4.27
CA GLN B 1751 55.25 -22.36 -4.95
C GLN B 1751 56.30 -21.64 -4.09
N LYS B 1752 57.56 -21.96 -4.34
CA LYS B 1752 58.63 -21.35 -3.56
C LYS B 1752 58.60 -19.84 -3.68
N GLY B 1753 58.71 -19.16 -2.55
CA GLY B 1753 58.69 -17.71 -2.52
C GLY B 1753 57.33 -17.07 -2.56
N ALA B 1754 56.26 -17.87 -2.67
CA ALA B 1754 54.92 -17.30 -2.70
C ALA B 1754 54.52 -16.83 -1.30
N THR B 1755 53.58 -15.89 -1.28
CA THR B 1755 53.03 -15.36 -0.03
C THR B 1755 51.83 -16.19 0.39
N VAL B 1756 51.74 -16.50 1.68
CA VAL B 1756 50.65 -17.28 2.23
C VAL B 1756 50.09 -16.54 3.44
N PHE B 1757 48.76 -16.57 3.58
CA PHE B 1757 48.08 -15.98 4.73
C PHE B 1757 47.37 -17.10 5.48
N ILE B 1758 47.78 -17.32 6.72
CA ILE B 1758 47.27 -18.42 7.54
C ILE B 1758 46.49 -17.84 8.71
N HIS B 1759 45.22 -18.20 8.81
CA HIS B 1759 44.41 -17.81 9.96
C HIS B 1759 44.71 -18.73 11.15
N ALA B 1760 44.63 -18.15 12.35
CA ALA B 1760 44.82 -18.90 13.58
C ALA B 1760 46.17 -19.61 13.58
N GLY B 1761 47.24 -18.80 13.57
CA GLY B 1761 48.57 -19.35 13.57
C GLY B 1761 48.90 -20.18 14.79
N ALA B 1762 48.15 -20.01 15.87
CA ALA B 1762 48.42 -20.75 17.10
C ALA B 1762 47.74 -22.11 17.14
N SER B 1763 46.83 -22.39 16.22
CA SER B 1763 46.17 -23.69 16.20
C SER B 1763 47.14 -24.76 15.70
N VAL B 1764 46.81 -26.02 15.99
CA VAL B 1764 47.68 -27.12 15.61
C VAL B 1764 47.80 -27.20 14.10
N VAL B 1765 46.69 -26.97 13.38
CA VAL B 1765 46.75 -26.90 11.93
C VAL B 1765 47.53 -25.66 11.50
N GLY B 1766 47.37 -24.56 12.23
CA GLY B 1766 48.11 -23.36 11.90
C GLY B 1766 49.60 -23.51 12.09
N GLN B 1767 50.01 -24.13 13.18
CA GLN B 1767 51.44 -24.35 13.41
C GLN B 1767 52.05 -25.23 12.33
N ALA B 1768 51.33 -26.27 11.92
CA ALA B 1768 51.81 -27.13 10.85
C ALA B 1768 51.93 -26.36 9.54
N SER B 1769 50.95 -25.52 9.22
CA SER B 1769 50.99 -24.77 7.97
C SER B 1769 52.19 -23.84 7.92
N ILE B 1770 52.50 -23.18 9.04
CA ILE B 1770 53.66 -22.30 9.09
C ILE B 1770 54.94 -23.10 8.85
N ALA B 1771 55.04 -24.27 9.47
CA ALA B 1771 56.24 -25.10 9.32
C ALA B 1771 56.42 -25.53 7.88
N VAL B 1772 55.33 -25.95 7.23
CA VAL B 1772 55.42 -26.41 5.84
C VAL B 1772 55.73 -25.23 4.91
N ALA B 1773 55.04 -24.12 5.11
CA ALA B 1773 55.27 -22.95 4.27
C ALA B 1773 56.69 -22.44 4.42
N LEU B 1774 57.21 -22.40 5.66
CA LEU B 1774 58.59 -21.99 5.87
C LEU B 1774 59.55 -22.91 5.13
N SER B 1775 59.31 -24.22 5.17
CA SER B 1775 60.16 -25.14 4.44
C SER B 1775 60.09 -24.88 2.93
N TYR B 1776 58.97 -24.35 2.47
CA TYR B 1776 58.81 -23.99 1.07
C TYR B 1776 59.42 -22.63 0.76
N ASN B 1777 60.00 -21.95 1.76
CA ASN B 1777 60.63 -20.66 1.60
C ASN B 1777 59.63 -19.62 1.07
N CYS B 1778 58.61 -19.38 1.90
CA CYS B 1778 57.53 -18.47 1.60
C CYS B 1778 57.58 -17.26 2.54
N GLU B 1779 56.67 -16.32 2.29
CA GLU B 1779 56.45 -15.19 3.19
C GLU B 1779 55.16 -15.45 3.95
N ILE B 1780 55.24 -15.48 5.27
CA ILE B 1780 54.15 -15.91 6.13
C ILE B 1780 53.49 -14.70 6.76
N PHE B 1781 52.16 -14.66 6.70
CA PHE B 1781 51.35 -13.72 7.45
C PHE B 1781 50.32 -14.49 8.24
N THR B 1782 50.30 -14.29 9.56
CA THR B 1782 49.46 -15.08 10.45
C THR B 1782 48.63 -14.17 11.34
N LEU B 1783 47.56 -14.73 11.89
CA LEU B 1783 46.69 -14.03 12.84
C LEU B 1783 46.86 -14.67 14.21
N THR B 1784 47.07 -13.84 15.23
CA THR B 1784 47.26 -14.31 16.60
C THR B 1784 46.26 -13.61 17.50
N LYS B 1785 45.70 -14.37 18.44
CA LYS B 1785 44.71 -13.80 19.36
C LYS B 1785 45.34 -12.77 20.28
N ASN B 1786 46.37 -13.17 21.03
CA ASN B 1786 47.01 -12.33 22.03
C ASN B 1786 48.52 -12.31 21.80
N SER B 1787 49.23 -11.70 22.75
CA SER B 1787 50.69 -11.64 22.65
C SER B 1787 51.33 -12.98 23.02
N ASP B 1788 50.68 -13.76 23.88
CA ASP B 1788 51.24 -15.06 24.28
C ASP B 1788 51.36 -15.98 23.07
N GLU B 1789 50.34 -15.98 22.20
CA GLU B 1789 50.42 -16.80 20.99
C GLU B 1789 51.54 -16.32 20.09
N THR B 1790 51.71 -15.00 19.97
CA THR B 1790 52.81 -14.48 19.16
C THR B 1790 54.16 -14.91 19.75
N ALA B 1791 54.30 -14.85 21.07
CA ALA B 1791 55.55 -15.26 21.70
C ALA B 1791 55.83 -16.73 21.43
N LEU B 1792 54.82 -17.58 21.52
CA LEU B 1792 55.01 -19.01 21.28
C LEU B 1792 55.49 -19.25 19.85
N LEU B 1793 54.85 -18.60 18.87
CA LEU B 1793 55.19 -18.85 17.48
C LEU B 1793 56.59 -18.36 17.16
N LYS B 1794 56.97 -17.18 17.66
CA LYS B 1794 58.31 -16.67 17.40
C LYS B 1794 59.37 -17.59 17.99
N SER B 1795 59.15 -18.07 19.21
CA SER B 1795 60.09 -19.00 19.82
C SER B 1795 60.15 -20.31 19.04
N MET B 1796 58.99 -20.83 18.63
CA MET B 1796 58.96 -22.10 17.92
C MET B 1796 59.62 -21.98 16.55
N TYR B 1797 59.38 -20.88 15.84
CA TYR B 1797 59.98 -20.62 14.53
C TYR B 1797 60.86 -19.37 14.63
N PRO B 1798 62.17 -19.51 14.82
CA PRO B 1798 63.02 -18.32 14.92
C PRO B 1798 63.01 -17.45 13.69
N GLN B 1799 62.69 -18.01 12.52
CA GLN B 1799 62.69 -17.22 11.29
C GLN B 1799 61.65 -16.10 11.35
N LEU B 1800 60.47 -16.38 11.89
CA LEU B 1800 59.40 -15.39 11.90
C LEU B 1800 59.82 -14.17 12.71
N ASN B 1801 59.43 -12.99 12.22
CA ASN B 1801 59.66 -11.73 12.91
C ASN B 1801 58.33 -11.07 13.23
N ASP B 1802 58.40 -10.03 14.07
CA ASP B 1802 57.17 -9.35 14.48
C ASP B 1802 56.39 -8.82 13.28
N ARG B 1803 57.08 -8.55 12.18
CA ARG B 1803 56.43 -8.06 10.97
C ARG B 1803 55.47 -9.08 10.36
N ASN B 1804 55.61 -10.37 10.67
CA ASN B 1804 54.82 -11.43 10.05
C ASN B 1804 53.52 -11.72 10.78
N PHE B 1805 53.21 -10.98 11.83
CA PHE B 1805 52.04 -11.26 12.67
C PHE B 1805 51.06 -10.10 12.63
N CYS B 1806 49.79 -10.44 12.80
CA CYS B 1806 48.71 -9.46 12.87
C CYS B 1806 47.83 -9.84 14.06
N SER B 1807 46.67 -9.19 14.17
CA SER B 1807 45.74 -9.43 15.25
C SER B 1807 44.42 -9.97 14.71
N SER B 1808 43.92 -11.04 15.35
CA SER B 1808 42.67 -11.65 14.95
C SER B 1808 41.46 -10.93 15.53
N GLU B 1809 41.65 -9.96 16.41
CA GLU B 1809 40.52 -9.31 17.07
C GLU B 1809 39.75 -8.41 16.11
N ASP B 1810 40.45 -7.70 15.23
CA ASP B 1810 39.81 -6.77 14.31
C ASP B 1810 40.41 -6.95 12.91
N CYS B 1811 39.64 -6.54 11.91
CA CYS B 1811 40.01 -6.74 10.51
C CYS B 1811 40.94 -5.63 10.01
N SER B 1812 42.03 -5.40 10.75
CA SER B 1812 43.04 -4.44 10.33
C SER B 1812 44.18 -5.10 9.57
N PHE B 1813 44.20 -6.42 9.48
CA PHE B 1813 45.26 -7.11 8.75
C PHE B 1813 45.19 -6.86 7.25
N GLU B 1814 44.00 -6.58 6.72
CA GLU B 1814 43.86 -6.40 5.28
C GLU B 1814 44.68 -5.21 4.80
N LYS B 1815 44.63 -4.09 5.53
CA LYS B 1815 45.45 -2.95 5.18
C LYS B 1815 46.93 -3.28 5.27
N TYR B 1816 47.34 -3.88 6.38
CA TYR B 1816 48.77 -4.13 6.60
C TYR B 1816 49.31 -5.14 5.60
N ILE B 1817 48.57 -6.22 5.36
CA ILE B 1817 49.04 -7.25 4.43
C ILE B 1817 49.14 -6.70 3.02
N ARG B 1818 48.14 -5.95 2.59
CA ARG B 1818 48.16 -5.36 1.25
CA ARG B 1818 48.18 -5.38 1.24
C ARG B 1818 49.33 -4.39 1.10
N LYS B 1819 49.57 -3.56 2.12
CA LYS B 1819 50.69 -2.64 2.07
C LYS B 1819 52.02 -3.38 2.07
N GLU B 1820 52.16 -4.40 2.92
CA GLU B 1820 53.42 -5.12 3.02
C GLU B 1820 53.70 -5.96 1.78
N THR B 1821 52.66 -6.41 1.08
CA THR B 1821 52.84 -7.20 -0.13
C THR B 1821 52.86 -6.34 -1.38
N LYS B 1822 52.81 -5.01 -1.23
CA LYS B 1822 52.94 -4.08 -2.36
C LYS B 1822 51.83 -4.30 -3.38
N GLY B 1823 50.64 -4.66 -2.90
CA GLY B 1823 49.47 -4.76 -3.75
C GLY B 1823 49.36 -6.03 -4.56
N SER B 1824 50.32 -6.95 -4.44
CA SER B 1824 50.27 -8.18 -5.23
C SER B 1824 49.29 -9.19 -4.65
N GLY B 1825 48.97 -9.10 -3.37
CA GLY B 1825 48.09 -10.04 -2.73
C GLY B 1825 48.82 -11.31 -2.32
N VAL B 1826 48.10 -12.15 -1.59
CA VAL B 1826 48.63 -13.40 -1.07
C VAL B 1826 48.25 -14.54 -2.01
N ASP B 1827 49.19 -15.46 -2.24
CA ASP B 1827 48.99 -16.50 -3.22
C ASP B 1827 48.06 -17.59 -2.71
N VAL B 1828 48.13 -17.91 -1.43
CA VAL B 1828 47.28 -18.94 -0.81
C VAL B 1828 46.75 -18.41 0.50
N VAL B 1829 45.50 -18.73 0.80
CA VAL B 1829 44.85 -18.34 2.05
C VAL B 1829 44.30 -19.60 2.70
N ILE B 1830 44.81 -19.94 3.88
CA ILE B 1830 44.23 -20.99 4.70
C ILE B 1830 43.29 -20.30 5.69
N ASN B 1831 42.00 -20.34 5.40
CA ASN B 1831 41.02 -19.53 6.13
C ASN B 1831 40.23 -20.39 7.10
N THR B 1832 40.16 -19.94 8.35
CA THR B 1832 39.33 -20.56 9.37
C THR B 1832 38.30 -19.61 9.97
N LEU B 1833 38.55 -18.30 9.96
CA LEU B 1833 37.63 -17.34 10.53
C LEU B 1833 36.41 -17.17 9.61
N ARG B 1834 35.36 -16.56 10.15
CA ARG B 1834 34.09 -16.42 9.46
C ARG B 1834 33.60 -14.99 9.57
N GLY B 1835 32.69 -14.63 8.67
CA GLY B 1835 32.02 -13.34 8.72
C GLY B 1835 32.76 -12.29 7.89
N LYS B 1836 33.11 -11.17 8.52
CA LYS B 1836 33.82 -10.11 7.83
C LYS B 1836 35.29 -10.45 7.62
N PHE B 1837 35.83 -11.39 8.38
CA PHE B 1837 37.21 -11.80 8.17
C PHE B 1837 37.35 -12.69 6.94
N LEU B 1838 36.30 -13.42 6.58
CA LEU B 1838 36.35 -14.26 5.39
C LEU B 1838 36.33 -13.40 4.13
N LYS B 1839 35.47 -12.39 4.09
CA LYS B 1839 35.43 -11.49 2.94
C LYS B 1839 36.75 -10.74 2.78
N ALA B 1840 37.30 -10.24 3.90
CA ALA B 1840 38.55 -9.51 3.83
C ALA B 1840 39.69 -10.40 3.33
N SER B 1841 39.69 -11.66 3.73
CA SER B 1841 40.73 -12.58 3.28
C SER B 1841 40.64 -12.81 1.78
N ARG B 1842 39.42 -12.97 1.26
CA ARG B 1842 39.26 -13.14 -0.18
C ARG B 1842 39.75 -11.94 -0.96
N ARG B 1843 39.64 -10.74 -0.39
CA ARG B 1843 40.05 -9.53 -1.11
C ARG B 1843 41.56 -9.36 -1.13
N LEU B 1844 42.29 -10.07 -0.28
CA LEU B 1844 43.75 -10.10 -0.36
C LEU B 1844 44.25 -11.08 -1.40
N LEU B 1845 43.37 -11.90 -1.97
CA LEU B 1845 43.77 -12.93 -2.91
C LEU B 1845 44.41 -12.30 -4.14
N SER B 1846 45.51 -12.87 -4.59
CA SER B 1846 46.20 -12.40 -5.79
C SER B 1846 45.39 -12.79 -7.02
N LYS B 1847 45.90 -12.46 -8.21
CA LYS B 1847 45.16 -12.77 -9.43
C LYS B 1847 45.01 -14.28 -9.61
N LYS B 1848 46.07 -15.03 -9.33
CA LYS B 1848 46.03 -16.48 -9.31
C LYS B 1848 45.62 -17.04 -7.95
N GLY B 1849 45.61 -16.21 -6.91
CA GLY B 1849 45.49 -16.66 -5.54
C GLY B 1849 44.44 -17.72 -5.31
N LYS B 1850 44.69 -18.60 -4.34
CA LYS B 1850 43.80 -19.69 -3.98
C LYS B 1850 43.25 -19.46 -2.58
N PHE B 1851 41.99 -19.80 -2.38
CA PHE B 1851 41.31 -19.63 -1.10
C PHE B 1851 40.94 -21.01 -0.59
N VAL B 1852 41.61 -21.46 0.48
CA VAL B 1852 41.33 -22.73 1.12
C VAL B 1852 40.57 -22.40 2.40
N ASP B 1853 39.32 -22.85 2.48
CA ASP B 1853 38.47 -22.59 3.63
C ASP B 1853 38.23 -23.89 4.38
N ILE B 1854 38.78 -23.97 5.60
CA ILE B 1854 38.69 -25.18 6.42
C ILE B 1854 37.89 -24.93 7.70
N GLY B 1855 37.19 -23.80 7.79
CA GLY B 1855 36.34 -23.57 8.94
C GLY B 1855 35.16 -24.53 8.96
N PHE B 1856 34.71 -24.86 10.18
CA PHE B 1856 33.62 -25.81 10.36
C PHE B 1856 32.26 -25.14 10.52
N LYS B 1857 32.20 -23.97 11.15
CA LYS B 1857 30.94 -23.32 11.47
C LYS B 1857 30.54 -22.38 10.34
N VAL B 1858 30.17 -22.99 9.21
CA VAL B 1858 29.81 -22.23 8.02
C VAL B 1858 28.41 -21.67 8.16
N ASP B 1859 28.16 -20.57 7.45
CA ASP B 1859 26.86 -19.92 7.45
C ASP B 1859 25.88 -20.70 6.57
N SER B 1860 24.59 -20.43 6.77
CA SER B 1860 23.56 -21.13 6.00
C SER B 1860 23.72 -20.89 4.50
N ASN B 1861 23.99 -19.64 4.11
CA ASN B 1861 24.17 -19.35 2.70
C ASN B 1861 25.38 -20.11 2.13
N THR B 1862 26.46 -20.18 2.90
CA THR B 1862 27.62 -20.95 2.46
C THR B 1862 27.28 -22.43 2.33
N GLN B 1863 26.50 -22.96 3.28
CA GLN B 1863 26.14 -24.37 3.22
C GLN B 1863 25.32 -24.68 1.97
N ILE B 1864 24.41 -23.78 1.59
CA ILE B 1864 23.64 -23.98 0.37
C ILE B 1864 24.56 -23.99 -0.84
N ALA B 1865 25.62 -23.19 -0.80
CA ALA B 1865 26.58 -23.18 -1.90
C ALA B 1865 27.22 -24.55 -2.08
N TYR B 1866 27.57 -25.21 -0.98
CA TYR B 1866 28.15 -26.55 -1.07
C TYR B 1866 27.16 -27.52 -1.71
N TYR B 1867 25.89 -27.44 -1.31
CA TYR B 1867 24.88 -28.34 -1.87
C TYR B 1867 24.70 -28.09 -3.35
N THR B 1868 24.76 -26.83 -3.77
CA THR B 1868 24.52 -26.43 -5.15
C THR B 1868 25.71 -26.72 -6.06
N ARG B 1869 26.84 -27.16 -5.51
CA ARG B 1869 28.08 -27.39 -6.27
C ARG B 1869 28.73 -26.08 -6.70
N GLU B 1870 28.25 -24.95 -6.14
CA GLU B 1870 28.88 -23.67 -6.43
C GLU B 1870 30.30 -23.61 -5.88
N HIS B 1871 30.53 -24.15 -4.69
CA HIS B 1871 31.84 -24.17 -4.07
C HIS B 1871 32.16 -25.58 -3.58
N PRO B 1872 33.44 -25.91 -3.43
CA PRO B 1872 33.80 -27.21 -2.86
C PRO B 1872 33.80 -27.16 -1.33
N ASP B 1873 33.47 -28.30 -0.73
CA ASP B 1873 33.44 -28.43 0.73
C ASP B 1873 34.72 -29.14 1.15
N LEU B 1874 35.66 -28.38 1.73
CA LEU B 1874 36.97 -28.89 2.07
C LEU B 1874 37.14 -29.15 3.57
N ARG B 1875 36.12 -28.91 4.37
CA ARG B 1875 36.25 -29.05 5.81
C ARG B 1875 36.16 -30.48 6.29
N PHE B 1876 35.65 -31.40 5.48
CA PHE B 1876 35.66 -32.83 5.77
C PHE B 1876 36.25 -33.60 4.60
N GLN B 1877 37.36 -33.10 4.07
CA GLN B 1877 38.03 -33.77 2.96
C GLN B 1877 39.09 -34.76 3.43
N LEU B 1878 39.84 -34.44 4.48
CA LEU B 1878 40.76 -35.42 5.04
C LEU B 1878 40.02 -36.68 5.46
N ASP B 1879 38.81 -36.52 6.01
CA ASP B 1879 37.98 -37.68 6.32
C ASP B 1879 37.59 -38.41 5.04
N ALA B 1880 37.23 -37.67 3.99
CA ALA B 1880 36.82 -38.30 2.75
C ALA B 1880 37.96 -39.05 2.09
N LEU B 1881 39.16 -38.47 2.11
CA LEU B 1881 40.31 -39.14 1.53
C LEU B 1881 40.65 -40.43 2.27
N LEU B 1882 40.52 -40.43 3.59
CA LEU B 1882 40.91 -41.59 4.38
C LEU B 1882 39.99 -42.79 4.13
N GLU B 1883 38.73 -42.53 3.77
CA GLU B 1883 37.83 -43.63 3.45
C GLU B 1883 38.23 -44.31 2.15
N SER B 1884 38.65 -43.53 1.16
CA SER B 1884 39.01 -44.10 -0.13
C SER B 1884 40.49 -44.48 -0.20
N GLN B 1885 41.37 -43.61 0.25
CA GLN B 1885 42.81 -43.85 0.22
C GLN B 1885 43.27 -44.12 -1.21
N GLY B 1886 43.02 -43.16 -2.08
CA GLY B 1886 43.36 -43.27 -3.48
C GLY B 1886 44.60 -42.48 -3.84
N PRO B 1887 44.77 -42.20 -5.13
CA PRO B 1887 45.96 -41.44 -5.57
C PRO B 1887 46.09 -40.10 -4.87
N GLU B 1888 44.96 -39.49 -4.50
CA GLU B 1888 45.01 -38.18 -3.86
C GLU B 1888 45.52 -38.27 -2.44
N TRP B 1889 45.19 -39.34 -1.72
CA TRP B 1889 45.74 -39.53 -0.38
C TRP B 1889 47.21 -39.90 -0.42
N THR B 1890 47.58 -40.82 -1.32
CA THR B 1890 48.97 -41.26 -1.38
C THR B 1890 49.91 -40.10 -1.61
N ARG B 1891 49.46 -39.05 -2.32
CA ARG B 1891 50.29 -37.87 -2.48
C ARG B 1891 50.59 -37.22 -1.14
N LEU B 1892 49.58 -37.11 -0.29
CA LEU B 1892 49.79 -36.55 1.04
C LEU B 1892 50.63 -37.50 1.90
N PHE B 1893 50.40 -38.81 1.78
CA PHE B 1893 51.20 -39.76 2.55
C PHE B 1893 52.67 -39.64 2.20
N ASP B 1894 52.99 -39.54 0.91
CA ASP B 1894 54.37 -39.38 0.50
C ASP B 1894 54.92 -38.03 0.93
N LEU B 1895 54.09 -36.98 0.88
CA LEU B 1895 54.54 -35.65 1.29
C LEU B 1895 54.92 -35.64 2.77
N VAL B 1896 54.06 -36.21 3.62
CA VAL B 1896 54.34 -36.21 5.05
C VAL B 1896 55.51 -37.13 5.36
N GLN B 1897 55.59 -38.27 4.66
CA GLN B 1897 56.72 -39.17 4.89
C GLN B 1897 58.03 -38.48 4.54
N ALA B 1898 58.07 -37.76 3.42
CA ALA B 1898 59.27 -36.99 3.09
C ALA B 1898 59.50 -35.89 4.11
N GLY B 1899 58.43 -35.28 4.62
CA GLY B 1899 58.59 -34.23 5.61
C GLY B 1899 59.24 -34.72 6.89
N ILE B 1900 58.85 -35.90 7.35
CA ILE B 1900 59.46 -36.45 8.56
C ILE B 1900 60.95 -36.68 8.34
N HIS B 1901 61.31 -37.24 7.17
CA HIS B 1901 62.72 -37.53 6.91
C HIS B 1901 63.55 -36.25 6.80
N SER B 1902 62.99 -35.21 6.19
CA SER B 1902 63.72 -33.98 5.94
C SER B 1902 63.73 -33.04 7.13
N GLY B 1903 63.03 -33.37 8.22
CA GLY B 1903 63.05 -32.57 9.42
C GLY B 1903 62.02 -31.46 9.49
N VAL B 1904 61.23 -31.27 8.44
CA VAL B 1904 60.19 -30.23 8.47
C VAL B 1904 59.10 -30.61 9.46
N VAL B 1905 58.67 -31.87 9.44
CA VAL B 1905 57.60 -32.35 10.32
C VAL B 1905 58.21 -32.59 11.70
N LYS B 1906 57.92 -31.68 12.63
CA LYS B 1906 58.36 -31.82 14.01
C LYS B 1906 57.16 -31.89 14.94
N PRO B 1907 57.24 -32.63 16.06
CA PRO B 1907 56.11 -32.70 16.97
C PRO B 1907 55.78 -31.34 17.57
N LEU B 1908 54.50 -31.15 17.87
CA LEU B 1908 54.02 -29.90 18.46
C LEU B 1908 53.91 -30.05 19.97
N LYS B 1909 53.84 -28.91 20.66
CA LYS B 1909 53.60 -28.94 22.10
C LYS B 1909 52.21 -29.51 22.37
N ARG B 1910 52.09 -30.23 23.48
CA ARG B 1910 50.88 -30.99 23.76
C ARG B 1910 50.60 -30.99 25.25
N ALA B 1911 49.35 -31.27 25.59
CA ALA B 1911 48.92 -31.54 26.95
C ALA B 1911 48.28 -32.92 26.99
N VAL B 1912 48.71 -33.75 27.93
CA VAL B 1912 48.28 -35.14 28.02
C VAL B 1912 47.17 -35.23 29.05
N TYR B 1913 46.06 -35.85 28.68
CA TYR B 1913 44.93 -36.09 29.56
C TYR B 1913 44.72 -37.58 29.73
N SER B 1914 44.45 -38.01 30.96
CA SER B 1914 44.14 -39.41 31.20
C SER B 1914 42.82 -39.78 30.52
N MET B 1915 42.58 -41.08 30.41
CA MET B 1915 41.37 -41.55 29.74
C MET B 1915 40.11 -41.08 30.48
N ASP B 1916 40.12 -41.14 31.81
CA ASP B 1916 38.94 -40.77 32.59
C ASP B 1916 38.63 -39.28 32.51
N LYS B 1917 39.60 -38.45 32.13
CA LYS B 1917 39.39 -37.02 31.97
C LYS B 1917 39.04 -36.65 30.52
N ILE B 1918 38.42 -37.57 29.79
CA ILE B 1918 38.06 -37.31 28.40
C ILE B 1918 37.17 -36.08 28.30
N VAL B 1919 36.21 -35.94 29.22
CA VAL B 1919 35.31 -34.80 29.18
C VAL B 1919 36.08 -33.51 29.39
N ASP B 1920 37.01 -33.50 30.34
CA ASP B 1920 37.80 -32.30 30.59
C ASP B 1920 38.64 -31.93 29.38
N ALA B 1921 39.23 -32.93 28.72
CA ALA B 1921 40.06 -32.64 27.55
C ALA B 1921 39.25 -31.98 26.44
N PHE B 1922 38.03 -32.48 26.20
CA PHE B 1922 37.22 -31.93 25.14
C PHE B 1922 36.87 -30.46 25.40
N LYS B 1923 36.56 -30.12 26.65
CA LYS B 1923 36.25 -28.73 26.98
C LYS B 1923 37.45 -27.83 26.74
N THR B 1924 38.65 -28.32 27.08
CA THR B 1924 39.85 -27.50 26.88
C THR B 1924 40.08 -27.20 25.40
N VAL B 1925 39.83 -28.19 24.53
CA VAL B 1925 39.96 -27.95 23.10
C VAL B 1925 38.95 -26.90 22.65
N GLU B 1926 37.71 -27.00 23.10
CA GLU B 1926 36.68 -26.07 22.67
C GLU B 1926 36.98 -24.65 23.12
N ALA B 1927 37.43 -24.48 24.36
CA ALA B 1927 37.67 -23.14 24.89
C ALA B 1927 38.75 -22.42 24.10
N GLU B 1928 39.77 -23.15 23.66
CA GLU B 1928 40.89 -22.55 22.92
C GLU B 1928 41.56 -21.46 23.75
N ARG B 1929 41.64 -21.68 25.06
CA ARG B 1929 42.25 -20.72 25.96
C ARG B 1929 43.77 -20.70 25.86
N GLU B 1930 44.38 -21.77 25.35
CA GLU B 1930 45.83 -21.86 25.30
C GLU B 1930 46.22 -22.71 24.09
N ALA B 1931 47.34 -22.37 23.49
CA ALA B 1931 47.81 -23.07 22.29
C ALA B 1931 48.35 -24.45 22.65
N GLY B 1932 48.21 -25.38 21.70
CA GLY B 1932 48.76 -26.71 21.87
C GLY B 1932 47.83 -27.81 21.39
N LYS B 1933 48.36 -29.03 21.32
CA LYS B 1933 47.58 -30.20 20.96
C LYS B 1933 47.16 -30.92 22.25
N ILE B 1934 45.99 -31.53 22.22
CA ILE B 1934 45.50 -32.33 23.33
C ILE B 1934 45.48 -33.79 22.91
N VAL B 1935 46.19 -34.63 23.64
CA VAL B 1935 46.30 -36.06 23.34
C VAL B 1935 45.83 -36.82 24.57
N ILE B 1936 44.90 -37.75 24.38
CA ILE B 1936 44.47 -38.62 25.46
C ILE B 1936 45.41 -39.82 25.54
N LYS B 1937 45.84 -40.15 26.75
CA LYS B 1937 46.79 -41.23 26.97
C LYS B 1937 46.01 -42.52 27.24
N ILE B 1938 46.11 -43.47 26.32
CA ILE B 1938 45.41 -44.75 26.47
C ILE B 1938 46.24 -45.74 27.27
N ARG B 1939 47.49 -45.95 26.90
CA ARG B 1939 48.37 -46.89 27.57
C ARG B 1939 49.68 -46.20 27.92
N ASP B 1940 50.57 -46.95 28.55
CA ASP B 1940 51.89 -46.46 28.95
C ASP B 1940 52.94 -47.07 28.03
N GLU B 1941 53.76 -46.21 27.43
CA GLU B 1941 54.78 -46.69 26.49
C GLU B 1941 55.83 -47.50 27.23
N GLU B 1942 56.15 -48.67 26.71
CA GLU B 1942 57.16 -49.52 27.33
C GLU B 1942 58.55 -49.00 26.99
N ARG B 1943 59.52 -49.41 27.82
CA ARG B 1943 60.89 -48.94 27.62
C ARG B 1943 61.49 -49.48 26.33
N GLN B 1944 61.00 -50.62 25.85
CA GLN B 1944 61.51 -51.21 24.63
C GLN B 1944 60.97 -50.45 23.42
N LYS B 1945 61.41 -50.85 22.23
CA LYS B 1945 60.94 -50.28 20.98
C LYS B 1945 60.21 -51.26 20.10
N VAL B 1946 60.40 -52.57 20.28
CA VAL B 1946 59.61 -53.58 19.60
C VAL B 1946 59.21 -54.64 20.63
N CYS B 1947 58.02 -54.50 21.19
CA CYS B 1947 57.57 -55.38 22.27
C CYS B 1947 56.06 -55.52 22.20
N PRO B 1948 55.53 -56.71 22.50
CA PRO B 1948 54.07 -56.89 22.49
C PRO B 1948 53.38 -56.01 23.52
N THR B 1949 52.19 -55.55 23.17
CA THR B 1949 51.40 -54.74 24.08
C THR B 1949 50.72 -55.65 25.12
N PRO B 1950 50.93 -55.42 26.41
CA PRO B 1950 50.26 -56.26 27.42
C PRO B 1950 48.75 -56.15 27.33
N ARG B 1951 48.08 -57.24 27.66
CA ARG B 1951 46.62 -57.26 27.67
C ARG B 1951 46.13 -56.64 28.98
N THR B 1952 45.29 -55.61 28.86
CA THR B 1952 44.75 -54.92 30.02
C THR B 1952 43.31 -54.53 29.73
N SER B 1953 42.56 -54.25 30.79
CA SER B 1953 41.14 -53.95 30.70
C SER B 1953 40.89 -52.50 31.12
N PHE B 1954 39.93 -51.87 30.44
CA PHE B 1954 39.55 -50.50 30.71
C PHE B 1954 38.10 -50.43 31.17
N PRO B 1955 37.78 -49.59 32.16
CA PRO B 1955 36.38 -49.45 32.57
C PRO B 1955 35.56 -48.83 31.44
N ALA B 1956 34.40 -49.43 31.16
CA ALA B 1956 33.58 -48.96 30.06
C ALA B 1956 32.14 -49.38 30.28
N ILE B 1957 31.23 -48.65 29.61
CA ILE B 1957 29.81 -48.97 29.66
C ILE B 1957 29.50 -50.05 28.62
N HIS B 1958 28.44 -50.79 28.88
CA HIS B 1958 28.06 -51.89 28.00
C HIS B 1958 27.66 -51.39 26.62
N ARG B 1959 27.95 -52.22 25.62
CA ARG B 1959 27.43 -51.99 24.27
C ARG B 1959 27.42 -53.34 23.57
N THR B 1960 26.24 -53.92 23.39
CA THR B 1960 26.14 -55.25 22.79
C THR B 1960 26.57 -55.21 21.33
N CYS B 1961 27.35 -56.20 20.93
CA CYS B 1961 27.80 -56.33 19.55
C CYS B 1961 27.72 -57.80 19.14
N PHE B 1962 27.51 -58.03 17.85
CA PHE B 1962 27.34 -59.36 17.30
C PHE B 1962 28.47 -59.65 16.31
N HIS B 1963 28.99 -60.86 16.37
CA HIS B 1963 30.11 -61.23 15.51
C HIS B 1963 29.65 -61.28 14.06
N PRO B 1964 30.31 -60.57 13.14
CA PRO B 1964 29.85 -60.60 11.73
C PRO B 1964 30.14 -61.91 11.03
N ASP B 1965 31.02 -62.75 11.57
CA ASP B 1965 31.37 -64.02 10.95
C ASP B 1965 30.44 -65.16 11.34
N LYS B 1966 29.56 -64.94 12.33
CA LYS B 1966 28.67 -65.98 12.83
C LYS B 1966 27.25 -65.73 12.32
N SER B 1967 26.46 -66.80 12.32
CA SER B 1967 25.08 -66.75 11.86
C SER B 1967 24.14 -66.73 13.06
N HIS B 1968 23.15 -65.86 13.01
CA HIS B 1968 22.19 -65.68 14.09
C HIS B 1968 20.83 -66.16 13.65
N ILE B 1969 20.23 -67.04 14.43
CA ILE B 1969 18.91 -67.60 14.14
C ILE B 1969 17.88 -66.76 14.89
N LEU B 1970 16.91 -66.22 14.15
CA LEU B 1970 15.82 -65.45 14.73
C LEU B 1970 14.52 -66.20 14.49
N VAL B 1971 14.19 -67.12 15.39
CA VAL B 1971 12.95 -67.87 15.29
C VAL B 1971 11.79 -66.92 15.52
N GLY B 1972 10.80 -66.97 14.63
CA GLY B 1972 9.72 -66.00 14.68
C GLY B 1972 10.18 -64.58 14.48
N GLY B 1973 11.28 -64.37 13.77
CA GLY B 1973 11.85 -63.06 13.56
C GLY B 1973 11.20 -62.24 12.48
N MET B 1974 10.10 -62.73 11.89
CA MET B 1974 9.39 -62.01 10.84
C MET B 1974 8.15 -61.30 11.38
N GLY B 1975 8.08 -61.11 12.69
CA GLY B 1975 6.96 -60.42 13.30
C GLY B 1975 7.19 -58.92 13.36
N GLY B 1976 6.52 -58.25 14.28
CA GLY B 1976 6.72 -56.82 14.45
C GLY B 1976 7.96 -56.53 15.26
N MET B 1977 8.13 -57.24 16.37
CA MET B 1977 9.33 -57.07 17.19
C MET B 1977 10.55 -57.65 16.49
N GLY B 1978 10.37 -58.77 15.79
CA GLY B 1978 11.52 -59.44 15.19
C GLY B 1978 12.14 -58.67 14.06
N LEU B 1979 11.31 -58.08 13.19
CA LEU B 1979 11.85 -57.33 12.06
C LEU B 1979 12.58 -56.08 12.53
N GLU B 1980 12.04 -55.39 13.53
CA GLU B 1980 12.67 -54.17 14.03
C GLU B 1980 13.84 -54.43 14.94
N THR B 1981 13.89 -55.56 15.64
CA THR B 1981 15.08 -55.91 16.40
C THR B 1981 16.15 -56.50 15.50
N ALA B 1982 15.77 -57.24 14.45
CA ALA B 1982 16.75 -57.72 13.49
C ALA B 1982 17.50 -56.56 12.86
N HIS B 1983 16.81 -55.45 12.60
CA HIS B 1983 17.48 -54.24 12.15
C HIS B 1983 18.50 -53.78 13.17
N TRP B 1984 18.16 -53.89 14.46
CA TRP B 1984 19.08 -53.46 15.51
C TRP B 1984 20.34 -54.32 15.52
N MET B 1985 20.19 -55.63 15.32
CA MET B 1985 21.37 -56.49 15.28
C MET B 1985 22.24 -56.19 14.08
N VAL B 1986 21.62 -55.85 12.95
CA VAL B 1986 22.40 -55.54 11.74
C VAL B 1986 23.29 -54.33 12.00
N LEU B 1987 22.75 -53.29 12.63
CA LEU B 1987 23.54 -52.10 12.92
C LEU B 1987 24.65 -52.41 13.91
N ARG B 1988 24.47 -53.41 14.76
CA ARG B 1988 25.43 -53.70 15.81
C ARG B 1988 26.45 -54.76 15.43
N GLY B 1989 26.42 -55.27 14.20
CA GLY B 1989 27.46 -56.18 13.75
C GLY B 1989 26.97 -57.38 12.97
N ALA B 1990 25.75 -57.84 13.26
CA ALA B 1990 25.24 -59.04 12.61
C ALA B 1990 25.20 -58.86 11.10
N LYS B 1991 25.62 -59.91 10.38
CA LYS B 1991 25.58 -59.90 8.93
C LYS B 1991 25.11 -61.24 8.36
N LYS B 1992 24.55 -62.12 9.19
CA LYS B 1992 24.06 -63.41 8.74
C LYS B 1992 22.84 -63.74 9.60
N LEU B 1993 21.65 -63.55 9.03
CA LEU B 1993 20.40 -63.73 9.76
C LEU B 1993 19.58 -64.82 9.09
N ILE B 1994 19.00 -65.70 9.91
CA ILE B 1994 18.10 -66.75 9.44
C ILE B 1994 16.76 -66.51 10.13
N LEU B 1995 15.83 -65.90 9.43
CA LEU B 1995 14.52 -65.58 9.98
C LEU B 1995 13.53 -66.68 9.61
N THR B 1996 12.98 -67.36 10.61
CA THR B 1996 12.06 -68.47 10.39
C THR B 1996 10.66 -68.05 10.79
N SER B 1997 9.70 -68.30 9.90
CA SER B 1997 8.29 -68.05 10.17
C SER B 1997 7.49 -69.22 9.62
N ARG B 1998 6.28 -69.39 10.15
CA ARG B 1998 5.44 -70.49 9.71
C ARG B 1998 5.11 -70.41 8.21
N TYR B 1999 5.07 -69.19 7.66
CA TYR B 1999 4.64 -69.00 6.27
C TYR B 1999 5.66 -68.27 5.41
N GLY B 2000 6.71 -67.70 5.99
CA GLY B 2000 7.67 -66.93 5.22
C GLY B 2000 7.21 -65.50 5.02
N ILE B 2001 7.66 -64.87 3.94
CA ILE B 2001 7.27 -63.49 3.64
C ILE B 2001 5.86 -63.52 3.06
N THR B 2002 4.96 -62.74 3.65
CA THR B 2002 3.56 -62.72 3.24
C THR B 2002 2.98 -61.33 3.09
N THR B 2003 3.70 -60.29 3.53
CA THR B 2003 3.20 -58.92 3.46
C THR B 2003 4.27 -58.03 2.83
N GLY B 2004 3.83 -56.86 2.37
CA GLY B 2004 4.77 -55.93 1.76
C GLY B 2004 5.74 -55.30 2.73
N TYR B 2005 5.38 -55.24 4.02
CA TYR B 2005 6.31 -54.69 5.00
C TYR B 2005 7.48 -55.65 5.22
N GLN B 2006 7.19 -56.95 5.34
CA GLN B 2006 8.26 -57.93 5.50
C GLN B 2006 9.14 -57.97 4.26
N ALA B 2007 8.54 -58.00 3.07
CA ALA B 2007 9.32 -58.07 1.85
C ALA B 2007 10.18 -56.83 1.64
N ARG B 2008 9.74 -55.67 2.13
CA ARG B 2008 10.53 -54.45 1.98
C ARG B 2008 11.73 -54.46 2.93
N LYS B 2009 11.52 -54.86 4.19
CA LYS B 2009 12.63 -54.86 5.14
C LYS B 2009 13.69 -55.88 4.75
N ILE B 2010 13.28 -57.09 4.36
CA ILE B 2010 14.24 -58.09 3.93
C ILE B 2010 15.05 -57.57 2.76
N ALA B 2011 14.39 -56.87 1.82
CA ALA B 2011 15.11 -56.25 0.72
C ALA B 2011 16.08 -55.19 1.22
N PHE B 2012 15.72 -54.48 2.28
CA PHE B 2012 16.62 -53.47 2.84
C PHE B 2012 17.87 -54.12 3.42
N PHE B 2013 17.71 -55.19 4.18
CA PHE B 2013 18.86 -55.87 4.78
C PHE B 2013 19.80 -56.39 3.69
N LYS B 2014 19.24 -57.01 2.65
CA LYS B 2014 20.07 -57.58 1.61
C LYS B 2014 20.83 -56.50 0.86
N GLN B 2015 20.18 -55.36 0.60
CA GLN B 2015 20.88 -54.26 -0.06
C GLN B 2015 22.02 -53.74 0.80
N LEU B 2016 21.83 -53.66 2.12
CA LEU B 2016 22.89 -53.22 3.01
C LEU B 2016 24.10 -54.14 2.95
N GLY B 2017 23.90 -55.42 2.67
CA GLY B 2017 24.99 -56.37 2.61
C GLY B 2017 24.82 -57.53 3.57
N VAL B 2018 23.64 -57.65 4.17
CA VAL B 2018 23.34 -58.72 5.12
C VAL B 2018 22.90 -59.94 4.33
N GLU B 2019 23.31 -61.12 4.80
CA GLU B 2019 23.03 -62.38 4.12
C GLU B 2019 21.81 -63.01 4.78
N VAL B 2020 20.62 -62.50 4.44
CA VAL B 2020 19.38 -62.94 5.05
C VAL B 2020 18.89 -64.20 4.36
N GLU B 2021 18.09 -64.98 5.08
CA GLU B 2021 17.45 -66.17 4.52
C GLU B 2021 16.19 -66.44 5.32
N VAL B 2022 15.05 -66.49 4.65
CA VAL B 2022 13.76 -66.71 5.29
C VAL B 2022 13.39 -68.17 5.10
N LEU B 2023 13.15 -68.87 6.21
CA LEU B 2023 12.75 -70.27 6.17
C LEU B 2023 11.28 -70.37 6.56
N ALA B 2024 10.48 -71.02 5.72
CA ALA B 2024 9.05 -71.17 5.96
C ALA B 2024 8.78 -72.52 6.61
N LEU B 2025 9.16 -72.62 7.88
CA LEU B 2025 8.96 -73.83 8.66
C LEU B 2025 8.87 -73.48 10.13
N SER B 2026 8.25 -74.39 10.90
CA SER B 2026 8.06 -74.22 12.33
C SER B 2026 8.93 -75.23 13.06
N VAL B 2027 9.71 -74.74 14.02
CA VAL B 2027 10.64 -75.62 14.77
C VAL B 2027 9.85 -76.19 15.94
N ASN B 2028 9.15 -77.28 15.66
CA ASN B 2028 8.41 -78.01 16.68
C ASN B 2028 8.76 -79.49 16.74
N THR B 2029 9.63 -79.97 15.84
CA THR B 2029 10.12 -81.33 15.87
C THR B 2029 11.63 -81.31 15.66
N ARG B 2030 12.27 -82.44 15.97
CA ARG B 2030 13.72 -82.50 15.83
C ARG B 2030 14.16 -82.28 14.38
N LYS B 2031 13.38 -82.78 13.42
CA LYS B 2031 13.73 -82.58 12.02
C LYS B 2031 13.71 -81.10 11.67
N ALA B 2032 12.67 -80.38 12.10
CA ALA B 2032 12.61 -78.94 11.81
C ALA B 2032 13.78 -78.22 12.44
N ALA B 2033 14.15 -78.59 13.67
CA ALA B 2033 15.30 -77.97 14.31
C ALA B 2033 16.58 -78.22 13.52
N ASP B 2034 16.76 -79.44 13.02
CA ASP B 2034 17.96 -79.75 12.25
C ASP B 2034 18.03 -78.91 10.98
N LYS B 2035 16.90 -78.75 10.28
CA LYS B 2035 16.89 -77.93 9.09
C LYS B 2035 17.38 -76.52 9.38
N VAL B 2036 16.86 -75.91 10.45
CA VAL B 2036 17.22 -74.52 10.76
C VAL B 2036 18.71 -74.40 11.00
N PHE B 2037 19.28 -75.34 11.75
CA PHE B 2037 20.71 -75.28 12.07
C PHE B 2037 21.58 -75.83 10.95
N GLU B 2038 21.01 -76.51 9.96
CA GLU B 2038 21.77 -76.85 8.77
C GLU B 2038 22.00 -75.61 7.91
N HIS B 2039 20.95 -74.79 7.73
CA HIS B 2039 21.11 -73.54 7.01
C HIS B 2039 21.98 -72.57 7.80
N ALA B 2040 21.82 -72.52 9.12
CA ALA B 2040 22.58 -71.58 9.93
C ALA B 2040 24.08 -71.88 9.83
N LEU B 2041 24.46 -73.14 10.05
CA LEU B 2041 25.87 -73.50 9.95
C LEU B 2041 26.40 -73.37 8.52
N LYS B 2042 25.51 -73.45 7.52
CA LYS B 2042 25.95 -73.24 6.15
C LYS B 2042 26.42 -71.80 5.93
N MET B 2043 25.68 -70.83 6.49
CA MET B 2043 26.14 -69.44 6.43
C MET B 2043 27.42 -69.25 7.25
N GLY B 2044 27.48 -69.86 8.43
CA GLY B 2044 28.61 -69.71 9.30
C GLY B 2044 28.30 -70.27 10.68
N PRO B 2045 29.28 -70.26 11.58
CA PRO B 2045 29.03 -70.80 12.92
C PRO B 2045 27.88 -70.07 13.60
N VAL B 2046 27.07 -70.85 14.32
CA VAL B 2046 25.91 -70.29 15.02
C VAL B 2046 26.43 -69.43 16.17
N GLY B 2047 25.92 -68.20 16.27
CA GLY B 2047 26.38 -67.27 17.28
C GLY B 2047 25.25 -66.58 18.02
N GLY B 2048 24.03 -67.08 17.85
CA GLY B 2048 22.88 -66.49 18.51
C GLY B 2048 21.59 -67.18 18.16
N ILE B 2049 20.73 -67.39 19.15
CA ILE B 2049 19.43 -68.04 18.94
C ILE B 2049 18.36 -67.21 19.65
N PHE B 2050 17.49 -66.60 18.87
CA PHE B 2050 16.40 -65.79 19.40
C PHE B 2050 15.07 -66.51 19.14
N ASN B 2051 14.12 -66.31 20.05
CA ASN B 2051 12.77 -66.84 19.89
C ASN B 2051 11.78 -65.74 20.25
N MET B 2052 11.14 -65.18 19.23
CA MET B 2052 10.11 -64.18 19.40
C MET B 2052 8.77 -64.65 18.85
N ALA B 2053 8.67 -65.93 18.50
CA ALA B 2053 7.41 -66.49 18.01
C ALA B 2053 6.34 -66.40 19.09
N MET B 2054 5.11 -66.20 18.64
CA MET B 2054 3.99 -66.08 19.56
C MET B 2054 2.66 -66.29 18.86
N VAL B 2055 1.91 -67.29 19.31
CA VAL B 2055 0.53 -67.50 18.90
C VAL B 2055 -0.32 -67.46 20.17
N LEU B 2056 -1.27 -66.55 20.23
CA LEU B 2056 -2.05 -66.34 21.44
C LEU B 2056 -3.53 -66.54 21.13
N TYR B 2057 -4.19 -67.37 21.93
CA TYR B 2057 -5.62 -67.58 21.87
C TYR B 2057 -6.20 -67.15 23.22
N ASN B 2058 -6.90 -66.02 23.23
CA ASN B 2058 -7.45 -65.47 24.46
C ASN B 2058 -8.91 -65.87 24.62
N ASP B 2059 -9.24 -66.43 25.78
CA ASP B 2059 -10.60 -66.85 26.07
C ASP B 2059 -10.66 -67.16 27.56
N ASP B 2060 -11.88 -67.46 28.04
CA ASP B 2060 -12.06 -67.85 29.42
C ASP B 2060 -11.47 -69.24 29.64
N PHE B 2061 -10.88 -69.44 30.83
CA PHE B 2061 -10.21 -70.71 31.11
C PHE B 2061 -11.17 -71.88 31.03
N LEU B 2062 -12.39 -71.71 31.57
CA LEU B 2062 -13.36 -72.79 31.59
C LEU B 2062 -13.92 -73.11 30.21
N LYS B 2063 -13.65 -72.28 29.21
CA LYS B 2063 -14.12 -72.48 27.85
C LYS B 2063 -12.98 -72.84 26.90
N MET B 2064 -11.91 -73.40 27.45
CA MET B 2064 -10.75 -73.82 26.67
C MET B 2064 -10.66 -75.33 26.71
N ASN B 2065 -10.62 -75.95 25.53
CA ASN B 2065 -10.28 -77.36 25.44
C ASN B 2065 -8.78 -77.51 25.21
N ARG B 2066 -8.29 -78.74 25.32
CA ARG B 2066 -6.85 -78.95 25.26
C ARG B 2066 -6.25 -78.35 24.00
N GLU B 2067 -6.89 -78.60 22.85
CA GLU B 2067 -6.34 -78.11 21.59
C GLU B 2067 -6.14 -76.61 21.61
N GLN B 2068 -7.00 -75.87 22.31
CA GLN B 2068 -6.88 -74.42 22.41
C GLN B 2068 -6.00 -73.98 23.56
N PHE B 2069 -5.79 -74.83 24.56
CA PHE B 2069 -4.94 -74.45 25.68
C PHE B 2069 -3.46 -74.49 25.32
N LEU B 2070 -3.06 -75.46 24.47
CA LEU B 2070 -1.68 -75.56 24.04
C LEU B 2070 -1.44 -74.92 22.68
N LYS B 2071 -2.17 -73.85 22.36
CA LYS B 2071 -1.90 -73.08 21.16
C LYS B 2071 -0.65 -72.24 21.36
N PRO B 2072 -0.61 -71.35 22.36
CA PRO B 2072 0.63 -70.60 22.62
C PRO B 2072 1.79 -71.47 23.07
N LEU B 2073 1.53 -72.69 23.53
CA LEU B 2073 2.58 -73.49 24.14
C LEU B 2073 3.57 -74.06 23.13
N GLU B 2074 3.23 -74.06 21.85
CA GLU B 2074 4.16 -74.59 20.85
C GLU B 2074 5.36 -73.69 20.69
N SER B 2075 5.13 -72.38 20.55
CA SER B 2075 6.23 -71.45 20.31
C SER B 2075 7.03 -71.18 21.58
N LYS B 2076 6.46 -71.47 22.75
CA LYS B 2076 7.11 -71.15 24.01
C LYS B 2076 7.55 -72.37 24.81
N ILE B 2077 7.10 -73.57 24.45
CA ILE B 2077 7.54 -74.78 25.13
C ILE B 2077 8.17 -75.72 24.10
N THR B 2078 7.37 -76.14 23.11
CA THR B 2078 7.87 -77.05 22.09
C THR B 2078 8.99 -76.44 21.26
N MET B 2079 9.13 -75.12 21.27
CA MET B 2079 10.17 -74.43 20.52
C MET B 2079 11.43 -74.20 21.35
N THR B 2080 11.28 -73.56 22.52
CA THR B 2080 12.45 -73.23 23.33
C THR B 2080 13.22 -74.48 23.72
N MET B 2081 12.51 -75.55 24.10
CA MET B 2081 13.18 -76.77 24.51
C MET B 2081 13.99 -77.36 23.36
N LEU B 2082 13.43 -77.39 22.15
CA LEU B 2082 14.17 -77.89 21.00
C LEU B 2082 15.36 -76.98 20.68
N LEU B 2083 15.15 -75.67 20.73
CA LEU B 2083 16.27 -74.74 20.55
C LEU B 2083 17.29 -74.91 21.66
N ASP B 2084 16.83 -75.11 22.90
CA ASP B 2084 17.75 -75.34 24.00
C ASP B 2084 18.60 -76.58 23.75
N ASP B 2085 17.98 -77.65 23.24
CA ASP B 2085 18.70 -78.88 22.97
C ASP B 2085 19.83 -78.67 21.97
N LYS B 2086 19.52 -77.98 20.87
CA LYS B 2086 20.53 -77.75 19.83
C LYS B 2086 21.60 -76.76 20.29
N SER B 2087 21.33 -75.96 21.31
CA SER B 2087 22.31 -75.01 21.83
C SER B 2087 23.19 -75.63 22.91
N ARG B 2088 23.02 -76.93 23.20
CA ARG B 2088 23.82 -77.63 24.18
C ARG B 2088 24.81 -78.61 23.56
N GLU B 2089 24.60 -79.02 22.33
CA GLU B 2089 25.47 -79.96 21.65
C GLU B 2089 26.53 -79.19 20.85
N LYS B 2090 27.51 -79.94 20.35
CA LYS B 2090 28.51 -79.35 19.48
C LYS B 2090 27.95 -79.23 18.06
N PRO B 2091 28.43 -78.25 17.28
CA PRO B 2091 29.39 -77.20 17.61
C PRO B 2091 28.72 -75.93 18.13
N VAL B 2092 27.40 -75.96 18.31
CA VAL B 2092 26.68 -74.75 18.71
C VAL B 2092 27.11 -74.27 20.09
N ARG B 2093 27.39 -75.21 21.01
CA ARG B 2093 27.68 -74.82 22.38
C ARG B 2093 28.90 -73.91 22.45
N ASP B 2094 29.94 -74.22 21.70
CA ASP B 2094 31.19 -73.48 21.81
C ASP B 2094 31.11 -72.11 21.14
N THR B 2095 30.40 -72.02 20.01
CA THR B 2095 30.37 -70.77 19.27
C THR B 2095 29.23 -69.86 19.70
N LEU B 2096 28.17 -70.40 20.30
CA LEU B 2096 27.02 -69.60 20.66
C LEU B 2096 27.42 -68.52 21.67
N ASP B 2097 26.90 -67.31 21.45
CA ASP B 2097 27.17 -66.16 22.31
C ASP B 2097 25.94 -65.65 23.04
N HIS B 2098 24.79 -65.61 22.37
CA HIS B 2098 23.56 -65.12 22.95
C HIS B 2098 22.48 -66.18 22.80
N PHE B 2099 21.53 -66.17 23.73
CA PHE B 2099 20.38 -67.08 23.72
C PHE B 2099 19.22 -66.31 24.35
N VAL B 2100 18.46 -65.62 23.52
CA VAL B 2100 17.42 -64.70 23.97
C VAL B 2100 16.07 -65.39 23.81
N MET B 2101 15.25 -65.32 24.86
CA MET B 2101 13.92 -65.91 24.86
C MET B 2101 12.94 -64.87 25.37
N PHE B 2102 12.20 -64.25 24.46
CA PHE B 2102 11.33 -63.15 24.83
C PHE B 2102 10.16 -63.65 25.66
N SER B 2103 9.93 -62.99 26.79
CA SER B 2103 8.83 -63.34 27.69
C SER B 2103 7.87 -62.17 27.81
N SER B 2104 6.87 -62.30 28.68
CA SER B 2104 5.86 -61.26 28.88
C SER B 2104 5.67 -61.03 30.36
N LEU B 2105 5.14 -59.85 30.69
CA LEU B 2105 4.90 -59.48 32.07
C LEU B 2105 3.80 -60.34 32.67
N ILE B 2106 3.09 -61.10 31.83
CA ILE B 2106 2.05 -61.99 32.31
C ILE B 2106 2.59 -62.94 33.38
N VAL B 2107 3.87 -63.29 33.33
CA VAL B 2107 4.45 -64.17 34.33
C VAL B 2107 4.65 -63.50 35.68
N SER B 2108 4.72 -62.17 35.70
CA SER B 2108 4.96 -61.42 36.93
C SER B 2108 3.71 -60.78 37.51
N GLY B 2109 2.74 -60.42 36.69
CA GLY B 2109 1.54 -59.78 37.18
C GLY B 2109 0.28 -60.53 36.80
N GLY B 2110 0.36 -61.40 35.82
CA GLY B 2110 -0.79 -62.15 35.35
C GLY B 2110 -1.73 -61.29 34.53
N HIS B 2111 -2.57 -61.97 33.76
CA HIS B 2111 -3.55 -61.28 32.92
C HIS B 2111 -4.77 -62.17 32.75
N LEU B 2112 -5.87 -61.56 32.35
CA LEU B 2112 -7.16 -62.21 32.24
C LEU B 2112 -7.34 -62.81 30.85
N GLY B 2113 -7.78 -64.05 30.79
CA GLY B 2113 -8.06 -64.74 29.56
C GLY B 2113 -6.89 -65.50 28.97
N GLN B 2114 -5.67 -65.00 29.17
CA GLN B 2114 -4.47 -65.64 28.61
C GLN B 2114 -3.86 -66.59 29.64
N ALA B 2115 -4.70 -67.50 30.15
CA ALA B 2115 -4.20 -68.51 31.06
C ALA B 2115 -3.21 -69.43 30.37
N ASN B 2116 -3.51 -69.85 29.14
CA ASN B 2116 -2.57 -70.68 28.39
C ASN B 2116 -1.27 -69.94 28.13
N TYR B 2117 -1.38 -68.66 27.72
CA TYR B 2117 -0.19 -67.88 27.45
C TYR B 2117 0.69 -67.76 28.69
N ALA B 2118 0.06 -67.60 29.85
CA ALA B 2118 0.82 -67.50 31.10
C ALA B 2118 1.59 -68.80 31.37
N PHE B 2119 0.95 -69.95 31.14
CA PHE B 2119 1.63 -71.22 31.33
C PHE B 2119 2.81 -71.36 30.37
N GLY B 2120 2.62 -70.97 29.11
CA GLY B 2120 3.70 -71.06 28.15
C GLY B 2120 4.87 -70.15 28.50
N SER B 2121 4.57 -68.91 28.87
CA SER B 2121 5.63 -67.96 29.21
C SER B 2121 6.40 -68.43 30.44
N THR B 2122 5.70 -68.90 31.46
CA THR B 2122 6.40 -69.28 32.69
C THR B 2122 7.34 -70.46 32.45
N VAL B 2123 6.90 -71.45 31.68
CA VAL B 2123 7.78 -72.58 31.37
C VAL B 2123 9.00 -72.09 30.60
N LEU B 2124 8.82 -71.09 29.73
CA LEU B 2124 9.94 -70.54 28.97
C LEU B 2124 10.98 -69.94 29.90
N GLU B 2125 10.53 -69.24 30.94
CA GLU B 2125 11.49 -68.64 31.88
C GLU B 2125 12.18 -69.70 32.74
N LYS B 2126 11.47 -70.77 33.09
CA LYS B 2126 12.09 -71.83 33.89
C LYS B 2126 13.17 -72.56 33.07
N ILE B 2127 12.99 -72.65 31.76
CA ILE B 2127 14.03 -73.20 30.91
C ILE B 2127 15.25 -72.28 30.92
N CYS B 2128 15.02 -70.98 30.81
CA CYS B 2128 16.13 -70.03 30.80
C CYS B 2128 16.89 -70.06 32.13
N GLU B 2129 16.17 -70.20 33.25
CA GLU B 2129 16.85 -70.28 34.53
C GLU B 2129 17.70 -71.53 34.63
N ARG B 2130 17.26 -72.63 34.02
CA ARG B 2130 18.06 -73.85 34.01
C ARG B 2130 19.37 -73.62 33.28
N ARG B 2131 19.33 -72.90 32.17
CA ARG B 2131 20.56 -72.62 31.42
C ARG B 2131 21.54 -71.84 32.27
N LYS B 2132 21.06 -70.85 33.03
CA LYS B 2132 21.96 -70.07 33.87
C LYS B 2132 22.59 -70.95 34.95
N ARG B 2133 21.89 -72.01 35.36
CA ARG B 2133 22.45 -72.92 36.36
C ARG B 2133 23.66 -73.67 35.79
N ASP B 2134 23.63 -73.96 34.49
CA ASP B 2134 24.71 -74.68 33.83
C ASP B 2134 25.73 -73.74 33.19
N GLY B 2135 25.66 -72.44 33.49
CA GLY B 2135 26.66 -71.51 33.03
C GLY B 2135 26.56 -71.09 31.58
N LEU B 2136 25.50 -71.50 30.89
CA LEU B 2136 25.34 -71.12 29.50
C LEU B 2136 24.81 -69.69 29.38
N PRO B 2137 25.08 -69.01 28.27
CA PRO B 2137 24.49 -67.68 28.07
C PRO B 2137 22.97 -67.78 28.00
N VAL B 2138 22.30 -66.77 28.56
CA VAL B 2138 20.85 -66.75 28.58
C VAL B 2138 20.39 -65.34 28.90
N THR B 2139 19.33 -64.91 28.22
CA THR B 2139 18.71 -63.61 28.46
C THR B 2139 17.23 -63.73 28.18
N THR B 2140 16.40 -63.31 29.13
CA THR B 2140 14.95 -63.45 29.03
C THR B 2140 14.29 -62.10 29.31
N PRO B 2141 14.14 -61.26 28.29
CA PRO B 2141 13.37 -60.03 28.47
C PRO B 2141 11.94 -60.34 28.85
N GLN B 2142 11.36 -59.45 29.65
CA GLN B 2142 9.96 -59.57 30.11
C GLN B 2142 9.29 -58.22 29.90
N TRP B 2143 8.72 -58.01 28.72
CA TRP B 2143 8.09 -56.75 28.39
C TRP B 2143 6.63 -56.74 28.80
N ALA B 2144 6.10 -55.54 29.03
CA ALA B 2144 4.69 -55.35 29.32
C ALA B 2144 3.90 -55.02 28.06
N SER B 2145 4.27 -53.94 27.38
CA SER B 2145 3.58 -53.51 26.18
C SER B 2145 4.54 -52.69 25.33
N ILE B 2146 4.65 -53.03 24.05
CA ILE B 2146 5.53 -52.35 23.11
C ILE B 2146 4.67 -51.57 22.13
N ALA B 2147 5.00 -50.30 21.93
CA ALA B 2147 4.08 -49.37 21.27
C ALA B 2147 4.15 -49.47 19.74
N ASP B 2148 5.31 -49.16 19.17
CA ASP B 2148 5.38 -48.90 17.73
C ASP B 2148 4.99 -50.12 16.91
N VAL B 2149 5.46 -51.31 17.28
CA VAL B 2149 5.23 -52.52 16.50
C VAL B 2149 4.91 -53.67 17.44
N GLY B 2150 3.93 -54.48 17.04
CA GLY B 2150 3.56 -55.66 17.80
C GLY B 2150 2.07 -55.89 17.87
N THR B 2151 1.63 -56.66 18.85
CA THR B 2151 0.21 -56.96 19.01
C THR B 2151 -0.62 -55.73 19.36
N VAL B 2152 0.01 -54.66 19.89
CA VAL B 2152 -0.70 -53.41 20.14
C VAL B 2152 -1.13 -52.73 18.84
N ALA B 2153 -0.43 -53.01 17.74
CA ALA B 2153 -0.77 -52.42 16.45
C ALA B 2153 -2.07 -53.02 15.92
N THR B 2161 -4.07 -49.00 24.42
CA THR B 2161 -2.93 -48.22 24.89
C THR B 2161 -2.59 -48.60 26.33
N ILE B 2162 -3.37 -48.09 27.27
CA ILE B 2162 -3.11 -48.31 28.69
C ILE B 2162 -3.71 -49.65 29.10
N ILE B 2163 -2.84 -50.61 29.41
CA ILE B 2163 -3.24 -51.92 29.91
C ILE B 2163 -2.67 -52.06 31.32
N CYS B 2164 -3.53 -52.36 32.28
CA CYS B 2164 -3.12 -52.51 33.68
C CYS B 2164 -2.39 -51.28 34.18
N ARG B 2165 -2.83 -50.10 33.76
CA ARG B 2165 -2.25 -48.83 34.17
C ARG B 2165 -0.80 -48.67 33.67
N LYS B 2166 -0.39 -49.51 32.72
CA LYS B 2166 0.97 -49.51 32.19
C LYS B 2166 0.96 -48.98 30.76
N TYR B 2167 1.71 -47.91 30.51
CA TYR B 2167 1.86 -47.31 29.19
C TYR B 2167 2.74 -48.20 28.32
N PRO B 2168 2.54 -48.18 27.00
CA PRO B 2168 3.45 -48.94 26.13
C PRO B 2168 4.72 -48.18 25.82
N GLN B 2169 5.84 -48.88 25.78
CA GLN B 2169 7.12 -48.25 25.50
C GLN B 2169 7.28 -47.95 24.02
N ARG B 2170 7.95 -46.85 23.73
CA ARG B 2170 8.45 -46.62 22.39
C ARG B 2170 9.56 -47.60 22.08
N PHE B 2171 9.58 -48.10 20.84
CA PHE B 2171 10.51 -49.16 20.50
C PHE B 2171 11.96 -48.72 20.65
N PHE B 2172 12.28 -47.47 20.27
CA PHE B 2172 13.66 -47.01 20.41
C PHE B 2172 14.10 -47.10 21.87
N ASN B 2173 13.16 -46.97 22.81
CA ASN B 2173 13.49 -47.18 24.21
C ASN B 2173 13.59 -48.67 24.55
N VAL B 2174 12.81 -49.51 23.85
CA VAL B 2174 12.89 -50.94 24.09
C VAL B 2174 14.27 -51.46 23.76
N LEU B 2175 14.83 -51.01 22.64
CA LEU B 2175 16.17 -51.46 22.25
C LEU B 2175 17.25 -50.84 23.12
N SER B 2176 16.92 -49.76 23.83
CA SER B 2176 17.90 -49.17 24.74
C SER B 2176 18.04 -50.01 26.00
N VAL B 2177 16.93 -50.54 26.51
CA VAL B 2177 17.00 -51.42 27.68
C VAL B 2177 17.27 -52.86 27.25
N PHE B 2178 16.91 -53.23 26.02
CA PHE B 2178 17.28 -54.54 25.51
C PHE B 2178 18.79 -54.69 25.45
N ASP B 2179 19.49 -53.62 25.07
CA ASP B 2179 20.94 -53.66 25.06
C ASP B 2179 21.49 -53.92 26.45
N PHE B 2180 20.91 -53.27 27.47
CA PHE B 2180 21.35 -53.51 28.84
C PHE B 2180 21.01 -54.93 29.28
N MET B 2181 19.87 -55.47 28.82
CA MET B 2181 19.48 -56.81 29.21
C MET B 2181 20.51 -57.84 28.76
N MET B 2182 21.01 -57.71 27.53
CA MET B 2182 21.99 -58.68 27.03
C MET B 2182 23.28 -58.62 27.83
N SER B 2183 23.75 -57.41 28.14
CA SER B 2183 25.01 -57.23 28.86
C SER B 2183 24.78 -57.12 30.36
N SER B 2184 24.16 -58.16 30.90
CA SER B 2184 23.88 -58.22 32.34
C SER B 2184 23.87 -59.68 32.76
N ASP B 2185 24.03 -59.90 34.07
CA ASP B 2185 24.19 -61.24 34.60
C ASP B 2185 22.88 -61.91 34.97
N ASN B 2186 21.85 -61.14 35.35
CA ASN B 2186 20.57 -61.75 35.69
C ASN B 2186 20.00 -62.49 34.49
N VAL B 2187 18.95 -63.28 34.75
CA VAL B 2187 18.33 -64.10 33.72
C VAL B 2187 17.10 -63.38 33.17
N VAL B 2188 16.12 -63.13 34.03
CA VAL B 2188 14.87 -62.49 33.66
C VAL B 2188 14.90 -61.04 34.11
N THR B 2189 14.64 -60.12 33.19
CA THR B 2189 14.56 -58.70 33.48
C THR B 2189 13.17 -58.21 33.08
N ILE B 2190 12.54 -57.43 33.95
CA ILE B 2190 11.20 -56.91 33.70
C ILE B 2190 11.31 -55.43 33.34
N SER B 2191 10.75 -55.05 32.21
CA SER B 2191 10.72 -53.67 31.76
C SER B 2191 9.26 -53.27 31.51
N TYR B 2192 8.79 -52.24 32.21
CA TYR B 2192 7.44 -51.75 32.05
C TYR B 2192 7.41 -50.27 32.42
N VAL B 2193 6.57 -49.52 31.71
CA VAL B 2193 6.42 -48.08 31.92
C VAL B 2193 5.15 -47.84 32.72
N LEU B 2194 5.28 -47.08 33.80
CA LEU B 2194 4.16 -46.79 34.70
C LEU B 2194 3.56 -45.44 34.35
N VAL B 2195 2.23 -45.40 34.27
CA VAL B 2195 1.54 -44.14 33.92
C VAL B 2195 1.90 -43.05 34.92
N GLU B 2196 1.96 -43.41 36.19
CA GLU B 2196 2.16 -42.40 37.26
C GLU B 2196 2.64 -43.10 38.54
N LYS B 2197 2.49 -42.43 39.68
CA LYS B 2197 2.32 -43.04 41.02
C LYS B 2197 1.14 -42.34 41.70
N SER B 2198 0.15 -41.88 40.92
CA SER B 2198 -1.04 -41.14 41.44
C SER B 2198 -1.31 -39.74 40.82
N MET B 2199 -0.41 -39.27 39.95
CA MET B 2199 -0.56 -37.95 39.30
C MET B 2199 -1.98 -37.81 38.73
N GLY B 2200 -2.46 -38.84 38.01
CA GLY B 2200 -3.82 -38.84 37.46
C GLY B 2200 -4.82 -38.34 38.48
N VAL B 2201 -5.61 -37.32 38.12
CA VAL B 2201 -6.64 -36.75 39.05
C VAL B 2201 -5.93 -36.24 40.31
N ALA B 2202 -4.94 -35.37 40.17
CA ALA B 2202 -4.19 -34.80 41.31
C ALA B 2202 -3.31 -33.64 40.82
N ALA B 2203 -3.65 -32.40 41.20
CA ALA B 2203 -2.88 -31.19 40.79
C ALA B 2203 -3.44 -29.96 41.49
N GLY B 2204 -2.64 -28.90 41.60
CA GLY B 2204 -3.07 -27.63 42.24
C GLY B 2204 -2.21 -26.46 41.81
N GLU B 2205 -1.72 -26.48 40.57
CA GLU B 2205 -0.89 -25.37 40.02
C GLU B 2205 -1.80 -24.17 39.71
N GLU B 2206 -1.31 -22.94 39.90
CA GLU B 2206 -2.15 -21.75 39.70
C GLU B 2206 -1.29 -20.56 39.25
N SER B 2207 -0.29 -20.17 40.04
CA SER B 2207 0.54 -19.00 39.73
C SER B 2207 1.27 -19.19 38.41
N MET B 2208 1.41 -18.11 37.65
CA MET B 2208 2.18 -18.17 36.41
C MET B 2208 3.64 -18.49 36.69
N VAL B 2209 4.14 -18.14 37.88
CA VAL B 2209 5.54 -18.39 38.21
C VAL B 2209 5.80 -19.88 38.35
N ASP B 2210 4.74 -20.68 38.48
CA ASP B 2210 4.90 -22.13 38.53
C ASP B 2210 4.37 -22.81 37.28
N GLN B 2211 3.43 -22.18 36.57
CA GLN B 2211 2.89 -22.78 35.35
C GLN B 2211 3.97 -23.03 34.33
N VAL B 2212 4.83 -22.04 34.10
CA VAL B 2212 5.90 -22.20 33.11
C VAL B 2212 6.93 -23.21 33.58
N LEU B 2213 7.16 -23.29 34.89
CA LEU B 2213 8.17 -24.21 35.42
C LEU B 2213 7.91 -25.64 34.96
N ARG B 2214 6.67 -26.11 35.14
CA ARG B 2214 6.33 -27.46 34.70
C ARG B 2214 6.47 -27.58 33.19
N ALA B 2215 6.09 -26.54 32.45
CA ALA B 2215 6.30 -26.56 31.00
C ALA B 2215 7.77 -26.60 30.65
N VAL B 2216 8.56 -25.68 31.20
CA VAL B 2216 9.99 -25.64 30.90
C VAL B 2216 10.68 -26.88 31.48
N GLY B 2217 10.26 -27.34 32.65
CA GLY B 2217 10.80 -28.57 33.19
C GLY B 2217 10.46 -29.78 32.35
N LYS B 2218 9.24 -29.83 31.79
CA LYS B 2218 8.87 -30.92 30.91
C LYS B 2218 9.71 -30.92 29.64
N VAL B 2219 10.03 -29.74 29.11
CA VAL B 2219 10.82 -29.66 27.88
C VAL B 2219 12.17 -30.33 28.07
N LEU B 2220 12.75 -30.19 29.26
CA LEU B 2220 14.04 -30.83 29.54
C LEU B 2220 13.87 -32.30 29.93
N GLY B 2221 12.64 -32.80 30.01
CA GLY B 2221 12.41 -34.19 30.34
C GLY B 2221 12.55 -34.49 31.82
N ILE B 2222 12.27 -33.50 32.65
CA ILE B 2222 12.35 -33.64 34.10
C ILE B 2222 10.92 -33.70 34.64
N LYS B 2223 10.53 -34.86 35.16
CA LYS B 2223 9.15 -35.04 35.62
C LYS B 2223 8.85 -34.13 36.80
N ASP B 2224 9.79 -33.98 37.74
CA ASP B 2224 9.62 -33.11 38.90
C ASP B 2224 10.65 -31.99 38.81
N VAL B 2225 10.18 -30.77 38.53
CA VAL B 2225 11.08 -29.65 38.36
C VAL B 2225 11.83 -29.34 39.65
N SER B 2226 11.12 -29.37 40.79
CA SER B 2226 11.73 -29.01 42.06
C SER B 2226 12.81 -30.00 42.50
N SER B 2227 12.80 -31.22 41.95
CA SER B 2227 13.76 -32.22 42.38
C SER B 2227 15.18 -31.83 42.00
N VAL B 2228 15.39 -31.33 40.78
CA VAL B 2228 16.75 -31.00 40.36
C VAL B 2228 17.22 -29.73 41.04
N ASP B 2229 18.53 -29.47 40.93
CA ASP B 2229 19.13 -28.31 41.56
C ASP B 2229 18.58 -27.02 40.95
N GLY B 2230 18.53 -25.97 41.77
CA GLY B 2230 18.06 -24.67 41.31
C GLY B 2230 19.19 -23.77 40.85
N ASP B 2231 20.40 -24.31 40.75
CA ASP B 2231 21.57 -23.53 40.37
C ASP B 2231 22.38 -24.19 39.26
N LYS B 2232 21.98 -25.37 38.80
CA LYS B 2232 22.69 -26.08 37.75
C LYS B 2232 22.23 -25.54 36.40
N GLU B 2233 23.18 -25.15 35.57
CA GLU B 2233 22.85 -24.56 34.28
C GLU B 2233 22.17 -25.60 33.38
N PHE B 2234 21.33 -25.10 32.48
CA PHE B 2234 20.58 -26.00 31.60
C PHE B 2234 21.51 -26.83 30.73
N ILE B 2235 22.58 -26.23 30.20
CA ILE B 2235 23.51 -27.00 29.37
C ILE B 2235 24.14 -28.12 30.17
N ASP B 2236 24.31 -27.95 31.49
CA ASP B 2236 24.79 -29.05 32.30
C ASP B 2236 23.81 -30.22 32.30
N MET B 2237 22.51 -29.96 32.17
CA MET B 2237 21.53 -31.01 31.98
C MET B 2237 21.55 -31.56 30.56
N GLY B 2238 22.04 -30.79 29.60
CA GLY B 2238 22.11 -31.22 28.23
C GLY B 2238 21.08 -30.57 27.33
N VAL B 2239 20.84 -29.28 27.53
CA VAL B 2239 19.88 -28.56 26.71
C VAL B 2239 20.38 -28.50 25.28
N ASP B 2240 19.65 -29.13 24.37
CA ASP B 2240 20.00 -29.14 22.95
C ASP B 2240 19.21 -28.04 22.24
N SER B 2241 19.17 -28.07 20.91
CA SER B 2241 18.31 -27.13 20.13
C SER B 2241 17.02 -27.87 19.75
N LEU B 2242 15.95 -27.14 19.43
CA LEU B 2242 14.60 -27.69 19.43
C LEU B 2242 14.11 -27.72 20.88
N MET B 2243 14.93 -28.27 21.78
CA MET B 2243 14.63 -28.19 23.19
C MET B 2243 14.87 -26.78 23.72
N SER B 2244 15.87 -26.09 23.15
CA SER B 2244 16.05 -24.67 23.47
C SER B 2244 15.02 -23.82 22.73
N VAL B 2245 14.69 -24.19 21.49
CA VAL B 2245 13.67 -23.46 20.75
C VAL B 2245 12.33 -23.53 21.47
N GLU B 2246 11.97 -24.71 21.96
CA GLU B 2246 10.70 -24.89 22.66
C GLU B 2246 10.66 -24.04 23.93
N ILE B 2247 11.76 -24.02 24.69
CA ILE B 2247 11.79 -23.24 25.93
C ILE B 2247 11.59 -21.76 25.62
N LYS B 2248 12.34 -21.25 24.64
CA LYS B 2248 12.20 -19.84 24.28
C LYS B 2248 10.81 -19.54 23.74
N GLN B 2249 10.29 -20.42 22.88
CA GLN B 2249 8.94 -20.23 22.37
C GLN B 2249 7.90 -20.44 23.46
N ALA B 2250 8.15 -21.38 24.37
CA ALA B 2250 7.23 -21.61 25.47
C ALA B 2250 7.12 -20.38 26.37
N LEU B 2251 8.25 -19.71 26.65
CA LEU B 2251 8.20 -18.50 27.45
C LEU B 2251 7.37 -17.42 26.76
N GLU B 2252 7.54 -17.26 25.44
CA GLU B 2252 6.72 -16.30 24.71
C GLU B 2252 5.25 -16.69 24.74
N ARG B 2253 4.95 -17.97 24.49
CA ARG B 2253 3.56 -18.43 24.49
C ARG B 2253 2.97 -18.43 25.89
N ASP B 2254 3.76 -18.72 26.92
CA ASP B 2254 3.26 -18.82 28.28
C ASP B 2254 3.38 -17.53 29.07
N ALA B 2255 4.37 -16.69 28.76
CA ALA B 2255 4.57 -15.42 29.45
C ALA B 2255 5.01 -14.37 28.43
N GLY B 2256 5.36 -13.20 28.93
CA GLY B 2256 5.82 -12.11 28.08
C GLY B 2256 7.30 -12.06 27.85
N LEU B 2257 8.05 -13.03 28.38
CA LEU B 2257 9.50 -13.03 28.22
C LEU B 2257 9.90 -13.36 26.78
N VAL B 2258 10.95 -12.70 26.31
CA VAL B 2258 11.57 -13.00 25.02
C VAL B 2258 13.07 -13.10 25.30
N ILE B 2259 13.59 -14.32 25.26
CA ILE B 2259 14.99 -14.57 25.57
C ILE B 2259 15.69 -15.06 24.31
N SER B 2260 17.00 -15.29 24.42
CA SER B 2260 17.81 -15.80 23.33
C SER B 2260 18.34 -17.18 23.67
N THR B 2261 18.50 -18.02 22.65
CA THR B 2261 19.01 -19.37 22.88
C THR B 2261 20.36 -19.35 23.56
N LYS B 2262 21.12 -18.27 23.38
CA LYS B 2262 22.44 -18.17 24.03
C LYS B 2262 22.34 -18.13 25.54
N ASP B 2263 21.20 -17.71 26.09
CA ASP B 2263 21.02 -17.71 27.54
C ASP B 2263 20.37 -18.99 28.05
N THR B 2264 19.47 -19.60 27.28
CA THR B 2264 18.81 -20.81 27.74
C THR B 2264 19.80 -21.91 28.05
N GLN B 2265 21.01 -21.85 27.49
CA GLN B 2265 22.06 -22.80 27.80
C GLN B 2265 22.95 -22.37 28.96
N LEU B 2266 22.73 -21.17 29.52
CA LEU B 2266 23.44 -20.74 30.71
C LEU B 2266 22.48 -20.15 31.75
N MET B 2267 21.19 -20.46 31.66
CA MET B 2267 20.14 -19.75 32.40
C MET B 2267 19.48 -20.76 33.32
N THR B 2268 19.76 -20.64 34.62
CA THR B 2268 19.45 -21.65 35.61
C THR B 2268 17.97 -21.58 36.00
N PHE B 2269 17.58 -22.44 36.95
CA PHE B 2269 16.21 -22.45 37.44
C PHE B 2269 15.91 -21.30 38.39
N ASN B 2270 16.88 -20.90 39.22
CA ASN B 2270 16.67 -19.76 40.11
C ASN B 2270 16.52 -18.47 39.30
N THR B 2271 17.45 -18.22 38.38
CA THR B 2271 17.31 -17.06 37.51
C THR B 2271 16.10 -17.19 36.61
N LEU B 2272 15.72 -18.43 36.28
CA LEU B 2272 14.50 -18.64 35.51
C LEU B 2272 13.28 -18.09 36.25
N ARG B 2273 13.18 -18.37 37.55
CA ARG B 2273 12.02 -17.94 38.31
C ARG B 2273 12.03 -16.44 38.56
N SER B 2274 13.20 -15.79 38.51
CA SER B 2274 13.28 -14.35 38.74
C SER B 2274 12.72 -13.58 37.55
N MET B 2275 13.00 -14.04 36.33
CA MET B 2275 12.61 -13.28 35.14
C MET B 2275 11.09 -13.15 35.04
N VAL B 2276 10.36 -14.24 35.32
CA VAL B 2276 8.90 -14.20 35.15
C VAL B 2276 8.29 -13.16 36.08
N LYS B 2277 8.75 -13.11 37.34
CA LYS B 2277 8.19 -12.15 38.28
C LYS B 2277 8.45 -10.72 37.84
N GLY B 2278 9.65 -10.44 37.33
CA GLY B 2278 9.98 -9.12 36.87
C GLY B 2278 9.18 -8.69 35.66
PA NDP C . 42.79 31.60 -21.58
O1A NDP C . 42.78 33.08 -21.48
O2A NDP C . 41.78 30.76 -20.85
O5B NDP C . 44.29 31.04 -21.28
C5B NDP C . 44.99 31.25 -22.47
C4B NDP C . 46.45 30.97 -22.21
O4B NDP C . 47.24 31.77 -23.04
C3B NDP C . 46.76 31.33 -20.75
O3B NDP C . 46.88 30.18 -19.99
C2B NDP C . 48.16 32.01 -20.86
O2B NDP C . 49.09 31.43 -20.11
C1B NDP C . 48.49 31.80 -22.38
N9A NDP C . 49.28 32.91 -22.92
C8A NDP C . 48.86 34.22 -23.18
N7A NDP C . 49.84 35.00 -23.66
C5A NDP C . 50.95 34.15 -23.71
C6A NDP C . 52.28 34.37 -24.11
N6A NDP C . 52.68 35.60 -24.57
N1A NDP C . 53.20 33.37 -24.06
C2A NDP C . 52.73 32.16 -23.59
N3A NDP C . 51.51 31.81 -23.18
C4A NDP C . 50.61 32.85 -23.25
O3 NDP C . 42.46 31.40 -23.18
PN NDP C . 41.98 29.91 -23.38
O1N NDP C . 42.75 29.04 -22.47
O2N NDP C . 40.49 29.75 -23.62
O5D NDP C . 42.62 29.35 -24.92
C5D NDP C . 41.68 29.67 -25.87
C4D NDP C . 42.32 29.53 -27.23
O4D NDP C . 41.30 29.22 -28.20
C3D NDP C . 42.91 30.88 -27.64
O3D NDP C . 43.91 30.66 -28.58
C2D NDP C . 41.72 31.58 -28.28
O2D NDP C . 42.08 32.46 -29.29
C1D NDP C . 40.96 30.40 -28.92
N1N NDP C . 39.52 30.62 -28.78
C2N NDP C . 38.91 30.35 -27.60
C3N NDP C . 37.64 30.77 -27.36
C7N NDP C . 37.09 30.43 -26.06
O7N NDP C . 35.89 30.24 -25.84
N7N NDP C . 37.97 30.33 -25.00
C4N NDP C . 36.85 31.52 -28.35
C5N NDP C . 37.50 31.52 -29.68
C6N NDP C . 38.76 31.10 -29.86
P2B NDP C . 49.61 32.52 -18.75
O1X NDP C . 48.24 32.98 -18.35
O2X NDP C . 50.52 33.55 -19.43
O3X NDP C . 50.26 31.48 -17.89
H51A NDP C . 44.84 32.13 -22.83
H52A NDP C . 44.67 30.61 -23.13
H4B NDP C . 46.65 30.04 -22.41
H3B NDP C . 46.13 31.96 -20.37
HO3A NDP C . 47.71 29.97 -20.02
H2B NDP C . 48.02 32.96 -20.72
H1B NDP C . 48.98 30.98 -22.54
H8A NDP C . 47.97 34.49 -23.04
H61A NDP C . 53.48 35.71 -24.84
H62A NDP C . 52.11 36.25 -24.59
H2A NDP C . 53.38 31.49 -23.57
H51N NDP C . 41.39 30.58 -25.77
H52N NDP C . 40.88 29.13 -25.78
H4D NDP C . 42.98 28.82 -27.21
H3D NDP C . 43.23 31.37 -26.87
HO3N NDP C . 43.71 31.15 -29.25
H2D NDP C . 41.18 32.01 -27.60
HO2N NDP C . 41.46 32.42 -29.87
H1D NDP C . 41.18 30.27 -29.86
H2N NDP C . 39.39 29.89 -26.95
H71N NDP C . 37.68 30.14 -24.22
H72N NDP C . 38.82 30.46 -25.10
H41N NDP C . 36.72 32.43 -28.06
H42N NDP C . 35.96 31.13 -28.42
H5N NDP C . 37.02 31.85 -30.41
H6N NDP C . 39.17 31.11 -30.69
P24 6VG D . 21.80 -1.02 -20.18
O26 6VG D . 23.17 -1.52 -20.57
O23 6VG D . 20.82 -1.94 -19.51
O27 6VG D . 21.97 0.30 -19.27
C28 6VG D . 22.06 0.16 -17.82
C29 6VG D . 21.89 1.56 -17.22
C30 6VG D . 23.14 2.38 -17.53
C31 6VG D . 20.68 2.22 -17.88
C32 6VG D . 21.67 1.48 -15.71
O33 6VG D . 22.62 0.59 -15.13
C34 6VG D . 21.78 2.86 -15.06
O35 6VG D . 21.10 3.78 -15.49
N36 6VG D . 22.61 3.00 -14.03
C37 6VG D . 22.99 4.31 -13.54
C38 6VG D . 22.44 4.64 -12.17
C39 6VG D . 22.85 6.06 -11.84
O40 6VG D . 22.39 7.00 -12.48
N41 6VG D . 23.71 6.24 -10.84
C42 6VG D . 24.36 7.51 -10.56
C43 6VG D . 23.39 8.66 -10.40
S1 6VG D . 23.68 9.97 -11.61
C1 6VG D . 25.23 10.66 -11.40
O1 6VG D . 25.20 11.79 -11.73
C2 6VG D . 26.58 10.01 -11.11
H2 6VG D . 22.94 -0.20 -17.57
H3 6VG D . 21.36 -0.43 -17.49
H4 6VG D . 23.90 2.00 -17.08
H5 6VG D . 23.30 2.38 -18.49
H6 6VG D . 23.01 3.30 -17.23
H7 6VG D . 19.87 1.74 -17.66
H8 6VG D . 20.59 3.14 -17.57
H9 6VG D . 20.80 2.23 -18.85
H10 6VG D . 20.76 1.13 -15.54
H11 6VG D . 23.40 0.86 -15.29
H12 6VG D . 22.91 2.29 -13.63
H13 6VG D . 22.69 4.99 -14.17
H14 6VG D . 23.97 4.36 -13.50
H15 6VG D . 21.47 4.56 -12.17
H16 6VG D . 22.81 4.03 -11.50
H17 6VG D . 23.89 5.56 -10.32
H18 6VG D . 24.90 7.43 -9.74
H19 6VG D . 24.97 7.72 -11.30
H20 6VG D . 22.48 8.32 -10.50
H21 6VG D . 23.49 9.03 -9.51
H22 6VG D . 26.54 9.53 -10.27
H23 6VG D . 26.80 9.40 -11.82
H24 6VG D . 27.26 10.70 -11.05
PA NDP E . 3.67 -60.85 16.52
O1A NDP E . 2.38 -61.58 16.67
O2A NDP E . 3.71 -59.39 16.18
O5B NDP E . 4.65 -61.67 15.49
C5B NDP E . 4.76 -62.93 16.06
C4B NDP E . 5.44 -63.82 15.06
O4B NDP E . 5.57 -65.12 15.58
C3B NDP E . 4.54 -63.89 13.81
O3B NDP E . 5.10 -63.13 12.79
C2B NDP E . 4.61 -65.39 13.42
O2B NDP E . 5.03 -65.60 12.18
C1B NDP E . 5.69 -65.94 14.43
N9A NDP E . 5.42 -67.32 14.83
C8A NDP E . 4.35 -67.82 15.59
N7A NDP E . 4.41 -69.15 15.77
C5A NDP E . 5.57 -69.54 15.09
C6A NDP E . 6.19 -70.78 14.90
N6A NDP E . 5.63 -71.92 15.44
N1A NDP E . 7.35 -70.91 14.19
C2A NDP E . 7.85 -69.73 13.69
N3A NDP E . 7.39 -68.47 13.77
C4A NDP E . 6.21 -68.40 14.50
O3 NDP E . 4.28 -60.97 18.03
PN NDP E . 5.23 -59.73 18.27
O1N NDP E . 6.37 -59.84 17.35
O2N NDP E . 4.49 -58.42 18.52
O5D NDP E . 6.01 -59.94 19.81
C5D NDP E . 6.98 -60.88 19.62
C4D NDP E . 7.41 -61.41 20.97
O4D NDP E . 7.33 -60.34 21.91
C3D NDP E . 6.37 -62.48 21.38
O3D NDP E . 7.05 -63.65 21.67
C2D NDP E . 5.72 -61.89 22.65
O2D NDP E . 5.60 -62.83 23.67
C1D NDP E . 6.75 -60.84 23.10
N1N NDP E . 6.04 -59.73 23.75
C2N NDP E . 5.43 -58.78 22.97
C3N NDP E . 4.57 -57.90 23.50
C7N NDP E . 3.97 -56.95 22.59
O7N NDP E . 4.39 -56.74 21.43
N7N NDP E . 2.88 -56.24 23.04
C4N NDP E . 4.24 -57.90 24.96
C5N NDP E . 5.16 -58.76 25.73
C6N NDP E . 6.00 -59.62 25.14
P2B NDP E . 3.64 -66.06 11.09
O1X NDP E . 2.81 -64.84 11.34
O2X NDP E . 3.14 -67.39 11.67
O3X NDP E . 4.41 -66.12 9.80
H51A NDP E . 3.91 -63.29 16.35
H52A NDP E . 5.31 -62.88 16.85
H4B NDP E . 6.32 -63.48 14.86
H3B NDP E . 3.62 -63.64 14.00
HO3A NDP E . 5.75 -63.58 12.50
H2B NDP E . 3.76 -65.79 13.66
H1B NDP E . 6.58 -65.90 14.06
H8A NDP E . 3.68 -67.26 15.91
H61A NDP E . 5.99 -72.68 15.27
H62A NDP E . 4.92 -71.85 15.93
H2A NDP E . 8.64 -69.84 13.20
H51N NDP E . 7.76 -60.46 19.21
H52N NDP E . 6.72 -61.58 19.00
H4D NDP E . 8.30 -61.76 20.91
H3D NDP E . 5.71 -62.59 20.68
HO3N NDP E . 6.75 -63.91 22.43
H2D NDP E . 4.87 -61.48 22.45
HO2N NDP E . 5.35 -62.39 24.35
H1D NDP E . 7.44 -61.18 23.69
H2N NDP E . 5.63 -58.78 22.06
H71N NDP E . 2.59 -56.37 23.83
H72N NDP E . 2.49 -55.66 22.55
H41N NDP E . 3.33 -58.20 25.10
H42N NDP E . 4.29 -56.99 25.30
H5N NDP E . 5.14 -58.70 26.66
H6N NDP E . 6.58 -60.16 25.62
P24 6VG F . 19.75 -27.42 16.53
O26 6VG F . 20.33 -28.67 15.93
O23 6VG F . 20.46 -26.11 16.39
O27 6VG F . 18.24 -27.25 15.98
C28 6VG F . 18.00 -26.81 14.63
C29 6VG F . 16.52 -27.01 14.33
C30 6VG F . 16.22 -28.51 14.40
C31 6VG F . 15.70 -26.31 15.43
C32 6VG F . 16.12 -26.45 12.96
O33 6VG F . 17.25 -26.39 12.10
C34 6VG F . 15.02 -27.27 12.31
O35 6VG F . 15.26 -27.94 11.31
N36 6VG F . 13.82 -27.22 12.87
C37 6VG F . 12.70 -28.07 12.48
C38 6VG F . 12.14 -27.75 11.11
C39 6VG F . 10.69 -28.17 11.05
O40 6VG F . 9.79 -27.32 11.09
N41 6VG F . 10.41 -29.47 10.98
C42 6VG F . 9.07 -30.02 11.17
C43 6VG F . 8.34 -30.27 9.88
S1 6VG F . 8.90 -31.73 8.96
C1 6VG F . 8.58 -33.17 9.81
O1 6VG F . 8.85 -33.01 10.96
C2 6VG F . 8.65 -34.57 9.22
H2 6VG F . 18.55 -27.32 13.99
H3 6VG F . 18.23 -25.86 14.53
H4 6VG F . 15.26 -28.66 14.39
H5 6VG F . 16.63 -28.95 13.63
H6 6VG F . 16.60 -28.88 15.22
H7 6VG F . 15.97 -26.64 16.30
H8 6VG F . 15.86 -25.35 15.38
H9 6VG F . 14.76 -26.49 15.30
H10 6VG F . 15.78 -25.54 13.09
H11 6VG F . 17.55 -27.17 11.98
H12 6VG F . 13.68 -26.64 13.50
H13 6VG F . 11.98 -27.98 13.14
H14 6VG F . 13.00 -29.01 12.49
H15 6VG F . 12.22 -26.79 10.94
H16 6VG F . 12.64 -28.22 10.43
H17 6VG F . 11.06 -30.02 10.79
H18 6VG F . 9.14 -30.86 11.67
H19 6VG F . 8.55 -29.39 11.71
H20 6VG F . 7.40 -30.39 10.08
H21 6VG F . 8.44 -29.49 9.31
H22 6VG F . 8.44 -34.53 8.27
H23 6VG F . 9.54 -34.93 9.34
H24 6VG F . 8.00 -35.14 9.67
#